data_8I8E
#
_entry.id   8I8E
#
_cell.length_a   1.00
_cell.length_b   1.00
_cell.length_c   1.00
_cell.angle_alpha   90.00
_cell.angle_beta   90.00
_cell.angle_gamma   90.00
#
_symmetry.space_group_name_H-M   'P 1'
#
loop_
_entity.id
_entity.type
_entity.pdbx_description
1 polymer 'Acyl carrier protein'
2 polymer 'Acyl-acyl carrier protein synthetase'
3 non-polymer 'ADENOSINE MONOPHOSPHATE'
4 non-polymer 'OLEIC ACID'
#
loop_
_entity_poly.entity_id
_entity_poly.type
_entity_poly.pdbx_seq_one_letter_code
_entity_poly.pdbx_strand_id
1 'polypeptide(L)'
;MSTIEERVKKIIGEQLGVKQEEVTNNASFVEDLGAD(4HH)LDTVELVMALEEEFDTEIPDEEAEKITTVQAAIDYINGH
QA
;
f,a,b,c,d,e
2 'polypeptide(L)'
;MNQYVNDPSNYQLLIKNLLFSPVAFNPEQEIVYANHRRHSYKTFHDRVRQFANALTKMGVKKGDTVAVMDYDSHRYLECY
FAIPMIGAKLHMINVRLSPEQILYTIDHAEDDIILIHEEFLPILDQIKGRIDTVTRYVVLRDDEECEYERLLEQESTEYN
FPDFDENTVATTFYTTGTTGFPKGVFFTHRQLVLHTMGILSTIGTNASQGRLHQGDIYMPITPMFHVHAWGLPYMATMLG
VKQVYPGKYVPDVLLNLIEQEKVTFSHCVPTILHLLLSSPKSKAMDFSGWKVVIGGAALPKALCKSALERDIDVFAGYGM
SETGPILSIVQLTPEQLELDVDQQAEYRSKTGKKVALVEAYIVDEDMNKLPHDGETAGEIVVRAPWLTPNYYKDNKNSKA
LWRGGYLHTGDVAHIDDEGFIKITDRVKDMIKISGEWVSSLELEDILHQHQSVSEVAVIGMPHNKWGEVPLALVTLKEDA
QVTEKELLGFAKDFINKGILAREALLLKVKIVDEIAKTSVGKVDKKELRKLHL
;
D,A,F,B,C,E
#
loop_
_chem_comp.id
_chem_comp.type
_chem_comp.name
_chem_comp.formula
AMP non-polymer 'ADENOSINE MONOPHOSPHATE' 'C10 H14 N5 O7 P'
OLA non-polymer 'OLEIC ACID' 'C18 H34 O2'
#
# COMPACT_ATOMS: atom_id res chain seq x y z
N SER A 2 55.73 66.54 26.58
CA SER A 2 56.77 66.65 25.56
C SER A 2 57.16 65.28 25.02
N THR A 3 57.54 64.38 25.91
CA THR A 3 57.92 63.02 25.54
C THR A 3 56.90 61.98 25.96
N ILE A 4 56.19 62.21 27.07
CA ILE A 4 55.18 61.25 27.53
C ILE A 4 54.06 61.14 26.51
N GLU A 5 53.52 62.28 26.09
CA GLU A 5 52.40 62.28 25.13
C GLU A 5 52.82 61.69 23.79
N GLU A 6 54.10 61.82 23.44
CA GLU A 6 54.57 61.29 22.17
C GLU A 6 54.43 59.77 22.11
N ARG A 7 54.80 59.08 23.19
CA ARG A 7 54.84 57.63 23.21
C ARG A 7 53.48 56.98 23.45
N VAL A 8 52.48 57.73 23.92
CA VAL A 8 51.12 57.19 23.94
C VAL A 8 50.57 57.06 22.53
N LYS A 9 50.96 57.96 21.64
CA LYS A 9 50.64 57.80 20.23
C LYS A 9 51.37 56.61 19.61
N LYS A 10 52.36 56.07 20.33
CA LYS A 10 53.12 54.93 19.82
C LYS A 10 52.42 53.62 20.12
N ILE A 11 51.97 53.44 21.37
CA ILE A 11 51.41 52.17 21.84
C ILE A 11 50.21 51.76 21.00
N ILE A 12 49.20 52.63 20.94
CA ILE A 12 47.97 52.28 20.24
C ILE A 12 48.23 52.13 18.75
N GLY A 13 49.35 52.68 18.27
CA GLY A 13 49.73 52.49 16.88
C GLY A 13 50.49 51.21 16.62
N GLU A 14 51.10 50.63 17.66
CA GLU A 14 51.90 49.42 17.50
C GLU A 14 51.05 48.21 17.12
N GLN A 15 50.11 47.84 17.98
CA GLN A 15 49.37 46.60 17.78
C GLN A 15 48.45 46.68 16.57
N LEU A 16 47.95 47.86 16.24
CA LEU A 16 47.02 48.02 15.12
C LEU A 16 47.72 48.41 13.82
N GLY A 17 49.04 48.51 13.83
CA GLY A 17 49.80 48.76 12.60
C GLY A 17 49.46 50.06 11.91
N VAL A 18 49.38 51.15 12.67
CA VAL A 18 49.02 52.45 12.13
C VAL A 18 50.09 53.46 12.51
N LYS A 19 50.43 54.33 11.56
CA LYS A 19 51.53 55.26 11.74
C LYS A 19 51.20 56.32 12.78
N GLN A 20 52.26 56.94 13.31
CA GLN A 20 52.17 57.89 14.41
C GLN A 20 51.76 59.29 13.98
N GLU A 21 51.90 59.64 12.70
CA GLU A 21 51.48 60.96 12.26
C GLU A 21 49.96 61.09 12.29
N GLU A 22 49.25 60.11 11.75
CA GLU A 22 47.79 60.11 11.78
C GLU A 22 47.28 59.82 13.19
N VAL A 23 47.95 58.93 13.91
CA VAL A 23 47.52 58.51 15.24
C VAL A 23 48.07 59.51 16.25
N THR A 24 47.18 60.29 16.86
CA THR A 24 47.59 61.35 17.77
C THR A 24 46.67 61.41 18.98
N ASN A 25 46.75 62.50 19.74
CA ASN A 25 45.87 62.69 20.88
C ASN A 25 44.41 62.74 20.45
N ASN A 26 44.13 63.47 19.36
CA ASN A 26 42.76 63.61 18.88
C ASN A 26 42.19 62.28 18.40
N ALA A 27 43.04 61.44 17.79
CA ALA A 27 42.59 60.15 17.29
C ALA A 27 42.09 59.27 18.42
N SER A 28 40.82 58.87 18.33
CA SER A 28 40.17 58.14 19.42
C SER A 28 40.63 56.68 19.46
N PHE A 29 40.11 55.95 20.46
CA PHE A 29 40.40 54.53 20.58
C PHE A 29 39.81 53.72 19.43
N VAL A 30 38.85 54.28 18.69
CA VAL A 30 38.07 53.54 17.71
C VAL A 30 38.09 54.25 16.36
N GLU A 31 37.27 53.77 15.43
CA GLU A 31 37.18 54.18 14.03
C GLU A 31 38.54 54.16 13.34
N ASP A 32 39.23 55.31 13.25
CA ASP A 32 40.43 55.47 12.43
C ASP A 32 41.47 54.37 12.64
N LEU A 33 41.52 53.82 13.87
CA LEU A 33 42.45 52.72 14.12
C LEU A 33 41.97 51.41 13.54
N GLY A 34 40.66 51.19 13.51
CA GLY A 34 40.12 49.93 13.05
C GLY A 34 40.16 48.86 14.12
N ALA A 35 39.67 49.20 15.31
CA ALA A 35 39.72 48.31 16.46
C ALA A 35 38.32 47.92 16.88
N ASP A 36 38.17 46.66 17.29
CA ASP A 36 36.90 46.15 17.79
C ASP A 36 36.83 46.38 19.29
O 4HH A 37 37.56 45.85 22.92
C 4HH A 37 36.94 45.22 22.06
CA 4HH A 37 35.72 45.83 21.38
N 4HH A 37 35.83 45.75 19.93
CB 4HH A 37 34.44 45.15 21.85
OG 4HH A 37 33.29 45.76 21.31
CJ 4HH A 37 30.00 45.00 20.73
CK 4HH A 37 29.35 46.13 21.54
CL1 4HH A 37 29.09 47.32 20.63
CL2 4HH A 37 30.28 46.54 22.68
CL3 4HH A 37 27.06 46.75 22.39
CM 4HH A 37 28.03 45.62 22.13
OM 4HH A 37 28.28 44.92 23.32
NN 4HH A 37 25.84 46.87 21.61
ON 4HH A 37 27.29 47.56 23.24
P 4HH A 37 32.56 44.48 20.81
O1P 4HH A 37 32.30 43.92 22.19
O2P 4HH A 37 32.72 43.34 19.82
O3P 4HH A 37 31.28 45.41 20.37
CO 4HH A 37 25.54 45.91 20.57
CP 4HH A 37 24.43 44.98 21.05
CQ 4HH A 37 23.52 44.33 20.01
CS 4HH A 37 22.12 42.37 19.26
CT 4HH A 37 20.97 41.65 19.96
NR 4HH A 37 22.99 43.00 20.24
OR 4HH A 37 23.23 44.92 19.01
SU 4HH A 37 21.33 39.88 20.10
N LEU A 38 37.30 44.00 21.66
CA LEU A 38 38.45 43.32 22.26
C LEU A 38 39.76 44.07 21.96
N ASP A 39 39.92 44.57 20.75
CA ASP A 39 41.12 45.33 20.41
C ASP A 39 41.20 46.60 21.26
N THR A 40 40.07 47.29 21.43
CA THR A 40 40.07 48.51 22.25
C THR A 40 40.41 48.21 23.70
N VAL A 41 39.82 47.16 24.29
CA VAL A 41 40.11 46.90 25.70
C VAL A 41 41.55 46.44 25.86
N GLU A 42 42.08 45.69 24.89
CA GLU A 42 43.48 45.27 25.01
C GLU A 42 44.44 46.43 24.80
N LEU A 43 44.09 47.42 23.97
CA LEU A 43 44.89 48.63 23.89
C LEU A 43 44.86 49.39 25.22
N VAL A 44 43.68 49.48 25.83
CA VAL A 44 43.56 50.12 27.14
C VAL A 44 44.41 49.39 28.17
N MET A 45 44.48 48.06 28.09
CA MET A 45 45.32 47.29 29.00
C MET A 45 46.80 47.55 28.72
N ALA A 46 47.22 47.48 27.46
CA ALA A 46 48.61 47.73 27.10
C ALA A 46 49.08 49.12 27.53
N LEU A 47 48.17 50.09 27.58
CA LEU A 47 48.51 51.39 28.16
C LEU A 47 49.12 51.24 29.55
N GLU A 48 48.51 50.43 30.42
CA GLU A 48 49.02 50.21 31.76
C GLU A 48 50.13 49.17 31.82
N GLU A 49 50.17 48.24 30.86
CA GLU A 49 51.31 47.32 30.77
C GLU A 49 52.59 48.01 30.32
N GLU A 50 52.50 49.21 29.75
CA GLU A 50 53.70 49.96 29.42
C GLU A 50 53.95 51.11 30.40
N PHE A 51 53.00 52.02 30.58
CA PHE A 51 53.23 53.14 31.48
C PHE A 51 52.97 52.81 32.95
N ASP A 52 52.61 51.57 33.26
CA ASP A 52 52.47 51.10 34.64
C ASP A 52 51.40 51.87 35.40
N THR A 53 50.25 52.08 34.74
CA THR A 53 49.06 52.55 35.44
C THR A 53 48.25 51.33 35.85
N GLU A 54 47.03 51.55 36.37
CA GLU A 54 46.24 50.42 36.86
C GLU A 54 44.78 50.54 36.40
N ILE A 55 44.53 50.74 35.11
CA ILE A 55 43.21 51.10 34.59
C ILE A 55 42.14 50.14 35.06
N PRO A 56 40.99 50.65 35.55
CA PRO A 56 39.93 49.78 36.07
C PRO A 56 38.82 49.49 35.06
N ASP A 57 38.94 50.05 33.86
CA ASP A 57 37.91 50.03 32.81
C ASP A 57 36.72 50.92 33.21
N GLU A 58 36.72 51.42 34.44
CA GLU A 58 35.68 52.33 34.88
C GLU A 58 35.97 53.76 34.44
N GLU A 59 37.25 54.12 34.32
CA GLU A 59 37.61 55.32 33.58
C GLU A 59 37.47 55.12 32.07
N ALA A 60 37.62 53.89 31.60
CA ALA A 60 37.48 53.58 30.17
C ALA A 60 36.02 53.59 29.72
N GLU A 61 35.07 53.43 30.64
CA GLU A 61 33.66 53.58 30.30
C GLU A 61 33.31 55.01 29.87
N LYS A 62 34.16 55.99 30.18
CA LYS A 62 33.86 57.38 29.84
C LYS A 62 34.87 58.03 28.92
N ILE A 63 35.99 57.38 28.61
CA ILE A 63 36.99 57.95 27.71
C ILE A 63 36.82 57.33 26.33
N THR A 64 36.68 58.18 25.30
CA THR A 64 36.50 57.70 23.94
C THR A 64 37.28 58.57 22.95
N THR A 65 38.39 59.16 23.39
CA THR A 65 39.18 60.04 22.54
C THR A 65 40.68 59.83 22.63
N VAL A 66 41.17 58.86 23.41
CA VAL A 66 42.59 58.61 23.64
C VAL A 66 43.21 59.77 24.40
N GLN A 67 42.97 61.00 23.93
CA GLN A 67 43.48 62.22 24.56
C GLN A 67 43.16 62.24 26.05
N ALA A 68 41.97 61.77 26.42
CA ALA A 68 41.58 61.71 27.82
C ALA A 68 42.54 60.84 28.62
N ALA A 69 42.89 59.68 28.07
CA ALA A 69 43.85 58.80 28.74
C ALA A 69 45.25 59.40 28.74
N ILE A 70 45.66 60.02 27.63
CA ILE A 70 47.01 60.55 27.52
C ILE A 70 47.23 61.57 28.59
N ASP A 71 46.25 62.44 28.78
CA ASP A 71 46.37 63.47 29.79
C ASP A 71 46.16 62.88 31.17
N TYR A 72 45.35 61.82 31.26
CA TYR A 72 45.11 61.15 32.55
C TYR A 72 46.41 60.69 33.15
N ILE A 73 47.38 60.29 32.32
CA ILE A 73 48.64 59.74 32.81
C ILE A 73 49.35 60.74 33.71
N TYR B 4 -14.45 0.14 -14.96
CA TYR B 4 -14.44 -1.20 -14.39
C TYR B 4 -13.65 -2.15 -15.29
N VAL B 5 -12.77 -2.94 -14.68
CA VAL B 5 -12.02 -3.95 -15.42
C VAL B 5 -12.91 -5.21 -15.53
N ASN B 6 -13.24 -5.58 -16.76
CA ASN B 6 -14.26 -6.61 -16.96
C ASN B 6 -13.74 -7.99 -16.57
N ASP B 7 -12.56 -8.36 -17.07
CA ASP B 7 -12.03 -9.72 -16.87
C ASP B 7 -13.07 -10.75 -17.31
N PRO B 8 -13.25 -10.96 -18.62
CA PRO B 8 -14.40 -11.74 -19.09
C PRO B 8 -14.49 -13.14 -18.51
N SER B 9 -13.39 -13.75 -18.09
CA SER B 9 -13.46 -15.05 -17.45
C SER B 9 -14.11 -14.96 -16.07
N ASN B 10 -14.02 -13.80 -15.42
CA ASN B 10 -14.62 -13.59 -14.12
C ASN B 10 -16.06 -13.14 -14.30
N TYR B 11 -17.00 -13.99 -13.90
CA TYR B 11 -18.41 -13.76 -14.14
C TYR B 11 -19.03 -12.97 -12.99
N GLN B 12 -19.79 -11.93 -13.32
CA GLN B 12 -20.54 -11.15 -12.35
C GLN B 12 -22.02 -11.46 -12.49
N LEU B 13 -22.69 -11.61 -11.35
CA LEU B 13 -24.12 -11.95 -11.32
C LEU B 13 -24.92 -10.65 -11.34
N LEU B 14 -25.45 -10.30 -12.50
CA LEU B 14 -26.18 -9.05 -12.70
C LEU B 14 -27.61 -9.33 -13.14
N ILE B 15 -28.46 -8.31 -13.03
CA ILE B 15 -29.86 -8.42 -13.39
C ILE B 15 -30.03 -8.50 -14.91
N LYS B 16 -29.14 -7.86 -15.66
CA LYS B 16 -29.20 -7.95 -17.12
C LYS B 16 -29.03 -9.39 -17.58
N ASN B 17 -28.33 -10.21 -16.81
CA ASN B 17 -28.25 -11.64 -17.11
C ASN B 17 -29.57 -12.34 -16.84
N LEU B 18 -30.32 -11.88 -15.84
CA LEU B 18 -31.67 -12.41 -15.65
C LEU B 18 -32.55 -12.09 -16.85
N LEU B 19 -32.41 -10.88 -17.41
CA LEU B 19 -33.27 -10.52 -18.53
C LEU B 19 -32.84 -11.18 -19.84
N PHE B 20 -31.55 -11.20 -20.13
CA PHE B 20 -31.05 -11.59 -21.44
C PHE B 20 -30.50 -13.00 -21.50
N SER B 21 -30.42 -13.69 -20.36
CA SER B 21 -30.04 -15.11 -20.32
C SER B 21 -31.06 -15.85 -19.47
N PRO B 22 -32.31 -15.92 -19.92
CA PRO B 22 -33.36 -16.51 -19.10
C PRO B 22 -33.37 -18.03 -19.22
N VAL B 23 -34.23 -18.65 -18.41
CA VAL B 23 -34.48 -20.07 -18.57
C VAL B 23 -35.17 -20.34 -19.89
N ALA B 24 -36.17 -19.53 -20.24
CA ALA B 24 -36.88 -19.65 -21.50
C ALA B 24 -37.25 -18.27 -22.00
N PHE B 25 -37.17 -18.08 -23.32
CA PHE B 25 -37.53 -16.81 -23.94
C PHE B 25 -38.42 -17.09 -25.15
N ASN B 26 -39.68 -16.70 -25.05
CA ASN B 26 -40.61 -16.75 -26.17
C ASN B 26 -40.88 -15.33 -26.63
N PRO B 27 -40.36 -14.91 -27.79
CA PRO B 27 -40.56 -13.51 -28.21
C PRO B 27 -42.02 -13.14 -28.45
N GLU B 28 -42.90 -14.11 -28.67
CA GLU B 28 -44.31 -13.86 -28.91
C GLU B 28 -45.18 -14.02 -27.68
N GLN B 29 -44.58 -14.30 -26.52
CA GLN B 29 -45.33 -14.30 -25.27
C GLN B 29 -45.71 -12.87 -24.89
N GLU B 30 -46.89 -12.73 -24.30
CA GLU B 30 -47.49 -11.42 -24.09
C GLU B 30 -47.23 -10.89 -22.69
N ILE B 31 -47.29 -9.56 -22.58
CA ILE B 31 -47.30 -8.86 -21.31
C ILE B 31 -48.56 -8.00 -21.32
N VAL B 32 -49.46 -8.23 -20.36
CA VAL B 32 -50.80 -7.66 -20.42
C VAL B 32 -50.96 -6.68 -19.25
N TYR B 33 -51.28 -5.43 -19.57
CA TYR B 33 -51.74 -4.45 -18.61
C TYR B 33 -53.26 -4.37 -18.70
N ALA B 34 -53.93 -4.54 -17.56
CA ALA B 34 -55.36 -4.85 -17.54
C ALA B 34 -56.20 -3.95 -18.42
N ASN B 35 -56.76 -4.51 -19.48
CA ASN B 35 -57.67 -3.82 -20.40
C ASN B 35 -57.09 -2.53 -20.96
N HIS B 36 -55.78 -2.31 -20.84
CA HIS B 36 -55.14 -1.08 -21.31
C HIS B 36 -54.22 -1.33 -22.48
N ARG B 37 -53.21 -2.19 -22.32
CA ARG B 37 -52.22 -2.44 -23.35
C ARG B 37 -51.85 -3.92 -23.35
N ARG B 38 -51.33 -4.37 -24.49
CA ARG B 38 -50.76 -5.70 -24.66
C ARG B 38 -49.56 -5.58 -25.58
N HIS B 39 -48.46 -6.25 -25.23
CA HIS B 39 -47.33 -6.33 -26.13
C HIS B 39 -46.55 -7.59 -25.79
N SER B 40 -45.61 -7.94 -26.67
CA SER B 40 -44.88 -9.19 -26.54
C SER B 40 -43.57 -8.96 -25.79
N TYR B 41 -42.84 -10.04 -25.55
CA TYR B 41 -41.57 -9.95 -24.84
C TYR B 41 -40.52 -9.21 -25.68
N LYS B 42 -40.62 -9.29 -27.00
CA LYS B 42 -39.74 -8.51 -27.87
C LYS B 42 -39.96 -7.02 -27.70
N THR B 43 -41.23 -6.61 -27.67
CA THR B 43 -41.55 -5.20 -27.39
C THR B 43 -41.09 -4.81 -26.00
N PHE B 44 -41.20 -5.71 -25.03
CA PHE B 44 -40.75 -5.42 -23.67
C PHE B 44 -39.25 -5.16 -23.63
N HIS B 45 -38.48 -5.99 -24.32
CA HIS B 45 -37.03 -5.85 -24.39
C HIS B 45 -36.64 -4.60 -25.15
N ASP B 46 -37.38 -4.16 -26.18
CA ASP B 46 -37.18 -2.90 -26.87
C ASP B 46 -37.49 -1.71 -25.98
N ARG B 47 -38.58 -1.78 -25.23
CA ARG B 47 -38.97 -0.68 -24.35
C ARG B 47 -38.00 -0.53 -23.18
N VAL B 48 -37.43 -1.64 -22.70
CA VAL B 48 -36.41 -1.53 -21.66
C VAL B 48 -35.19 -0.78 -22.18
N ARG B 49 -34.76 -1.10 -23.41
CA ARG B 49 -33.62 -0.37 -23.99
C ARG B 49 -33.95 1.09 -24.23
N GLN B 50 -35.19 1.38 -24.67
CA GLN B 50 -35.63 2.76 -24.84
C GLN B 50 -35.62 3.52 -23.52
N PHE B 51 -36.08 2.88 -22.43
CA PHE B 51 -36.07 3.51 -21.13
C PHE B 51 -34.64 3.78 -20.67
N ALA B 52 -33.73 2.86 -20.98
CA ALA B 52 -32.32 3.10 -20.69
C ALA B 52 -31.81 4.33 -21.42
N ASN B 53 -32.16 4.46 -22.70
CA ASN B 53 -31.75 5.62 -23.47
C ASN B 53 -32.31 6.92 -22.87
N ALA B 54 -33.59 6.91 -22.50
CA ALA B 54 -34.20 8.11 -21.92
C ALA B 54 -33.56 8.47 -20.59
N LEU B 55 -33.30 7.48 -19.74
CA LEU B 55 -32.66 7.76 -18.46
C LEU B 55 -31.26 8.33 -18.65
N THR B 56 -30.51 7.80 -19.63
CA THR B 56 -29.21 8.38 -19.93
C THR B 56 -29.35 9.81 -20.42
N LYS B 57 -30.38 10.09 -21.22
CA LYS B 57 -30.59 11.46 -21.70
C LYS B 57 -30.88 12.42 -20.56
N MET B 58 -31.71 12.01 -19.59
CA MET B 58 -32.04 12.90 -18.48
C MET B 58 -30.87 13.14 -17.54
N GLY B 59 -29.78 12.39 -17.66
CA GLY B 59 -28.62 12.58 -16.83
C GLY B 59 -28.51 11.68 -15.62
N VAL B 60 -28.96 10.43 -15.72
CA VAL B 60 -28.84 9.49 -14.62
C VAL B 60 -27.50 8.78 -14.74
N LYS B 61 -26.69 8.88 -13.70
CA LYS B 61 -25.36 8.29 -13.67
C LYS B 61 -25.44 6.91 -13.02
N LYS B 62 -24.27 6.36 -12.70
CA LYS B 62 -24.15 5.03 -12.09
C LYS B 62 -24.32 5.05 -10.58
N GLY B 63 -24.72 6.17 -9.99
CA GLY B 63 -24.94 6.21 -8.57
C GLY B 63 -26.21 6.97 -8.19
N ASP B 64 -26.96 7.39 -9.20
CA ASP B 64 -28.16 8.18 -8.97
C ASP B 64 -29.29 7.31 -8.43
N THR B 65 -30.35 7.97 -7.99
CA THR B 65 -31.53 7.29 -7.44
C THR B 65 -32.76 7.76 -8.20
N VAL B 66 -33.56 6.80 -8.66
CA VAL B 66 -34.82 7.08 -9.32
C VAL B 66 -35.94 6.50 -8.47
N ALA B 67 -36.90 7.34 -8.09
CA ALA B 67 -38.01 6.94 -7.24
C ALA B 67 -39.27 6.76 -8.07
N VAL B 68 -40.09 5.79 -7.70
CA VAL B 68 -41.29 5.43 -8.44
C VAL B 68 -42.48 5.41 -7.49
N MET B 69 -43.56 6.08 -7.90
CA MET B 69 -44.85 6.05 -7.20
C MET B 69 -45.89 5.61 -8.22
N ASP B 70 -46.17 4.31 -8.28
CA ASP B 70 -47.01 3.77 -9.33
C ASP B 70 -47.83 2.61 -8.77
N TYR B 71 -48.74 2.10 -9.60
CA TYR B 71 -49.50 0.89 -9.32
C TYR B 71 -48.78 -0.32 -9.93
N ASP B 72 -49.43 -1.47 -9.93
CA ASP B 72 -48.90 -2.66 -10.59
C ASP B 72 -49.19 -2.55 -12.08
N SER B 73 -48.14 -2.36 -12.88
CA SER B 73 -48.32 -2.16 -14.32
C SER B 73 -47.07 -2.62 -15.04
N HIS B 74 -47.11 -2.52 -16.37
CA HIS B 74 -45.95 -2.82 -17.19
C HIS B 74 -44.83 -1.80 -16.97
N ARG B 75 -45.18 -0.56 -16.62
CA ARG B 75 -44.17 0.46 -16.37
C ARG B 75 -43.32 0.09 -15.17
N TYR B 76 -43.94 -0.44 -14.12
CA TYR B 76 -43.18 -0.86 -12.95
C TYR B 76 -42.26 -2.03 -13.28
N LEU B 77 -42.74 -2.95 -14.13
CA LEU B 77 -41.90 -4.07 -14.56
C LEU B 77 -40.71 -3.57 -15.38
N GLU B 78 -40.92 -2.54 -16.19
CA GLU B 78 -39.83 -1.95 -16.96
C GLU B 78 -38.83 -1.26 -16.04
N CYS B 79 -39.31 -0.58 -15.00
CA CYS B 79 -38.43 0.06 -14.04
C CYS B 79 -37.65 -0.96 -13.21
N TYR B 80 -38.25 -2.12 -12.96
CA TYR B 80 -37.58 -3.18 -12.21
C TYR B 80 -36.32 -3.66 -12.91
N PHE B 81 -36.19 -3.43 -14.21
CA PHE B 81 -35.03 -3.85 -14.98
C PHE B 81 -34.18 -2.69 -15.43
N ALA B 82 -34.75 -1.70 -16.10
CA ALA B 82 -33.95 -0.69 -16.78
C ALA B 82 -33.09 0.11 -15.81
N ILE B 83 -33.65 0.54 -14.69
CA ILE B 83 -32.89 1.37 -13.76
C ILE B 83 -31.71 0.62 -13.14
N PRO B 84 -31.86 -0.61 -12.64
CA PRO B 84 -30.67 -1.32 -12.14
C PRO B 84 -29.59 -1.58 -13.19
N MET B 85 -29.97 -1.88 -14.44
CA MET B 85 -28.96 -2.20 -15.45
C MET B 85 -28.09 -1.00 -15.79
N ILE B 86 -28.67 0.20 -15.75
CA ILE B 86 -27.90 1.42 -15.98
C ILE B 86 -26.86 1.61 -14.88
N GLY B 87 -27.14 1.13 -13.68
CA GLY B 87 -26.27 1.33 -12.53
C GLY B 87 -26.85 2.17 -11.43
N ALA B 88 -28.07 2.69 -11.60
CA ALA B 88 -28.73 3.47 -10.58
C ALA B 88 -29.50 2.57 -9.62
N LYS B 89 -29.89 3.14 -8.49
CA LYS B 89 -30.69 2.43 -7.50
C LYS B 89 -32.16 2.78 -7.69
N LEU B 90 -33.01 1.76 -7.62
CA LEU B 90 -34.44 1.94 -7.69
C LEU B 90 -34.99 2.08 -6.27
N HIS B 91 -35.61 3.21 -5.99
CA HIS B 91 -36.24 3.45 -4.70
C HIS B 91 -37.74 3.27 -4.85
N MET B 92 -38.28 2.26 -4.19
CA MET B 92 -39.70 1.97 -4.24
C MET B 92 -40.41 2.71 -3.11
N ILE B 93 -41.34 3.59 -3.47
CA ILE B 93 -42.03 4.43 -2.50
C ILE B 93 -43.33 3.74 -2.09
N ASN B 94 -43.53 3.60 -0.79
CA ASN B 94 -44.76 3.03 -0.24
C ASN B 94 -45.83 4.12 -0.25
N VAL B 95 -46.81 3.99 -1.14
CA VAL B 95 -47.85 5.00 -1.27
C VAL B 95 -48.88 4.93 -0.15
N ARG B 96 -48.80 3.91 0.71
CA ARG B 96 -49.72 3.79 1.83
C ARG B 96 -49.26 4.55 3.07
N LEU B 97 -48.02 5.03 3.08
CA LEU B 97 -47.53 5.80 4.20
C LEU B 97 -48.15 7.19 4.21
N SER B 98 -48.03 7.86 5.36
CA SER B 98 -48.48 9.25 5.45
C SER B 98 -47.55 10.14 4.64
N PRO B 99 -48.04 11.30 4.19
CA PRO B 99 -47.19 12.18 3.39
C PRO B 99 -45.92 12.63 4.10
N GLU B 100 -45.96 12.78 5.43
CA GLU B 100 -44.75 13.15 6.16
C GLU B 100 -43.70 12.04 6.10
N GLN B 101 -44.13 10.79 6.25
CA GLN B 101 -43.20 9.67 6.14
C GLN B 101 -42.66 9.53 4.72
N ILE B 102 -43.50 9.74 3.72
CA ILE B 102 -43.04 9.68 2.33
C ILE B 102 -42.01 10.77 2.08
N LEU B 103 -42.26 11.98 2.58
CA LEU B 103 -41.31 13.06 2.45
C LEU B 103 -40.00 12.74 3.15
N TYR B 104 -40.09 12.14 4.34
CA TYR B 104 -38.87 11.75 5.04
C TYR B 104 -38.06 10.77 4.23
N THR B 105 -38.71 9.76 3.63
CA THR B 105 -37.98 8.75 2.87
C THR B 105 -37.37 9.36 1.61
N ILE B 106 -38.08 10.30 0.97
CA ILE B 106 -37.54 10.96 -0.21
C ILE B 106 -36.30 11.78 0.16
N ASP B 107 -36.36 12.52 1.27
CA ASP B 107 -35.22 13.29 1.72
C ASP B 107 -34.05 12.39 2.10
N HIS B 108 -34.35 11.26 2.76
CA HIS B 108 -33.30 10.35 3.22
C HIS B 108 -32.60 9.66 2.05
N ALA B 109 -33.36 9.16 1.08
CA ALA B 109 -32.75 8.46 -0.04
C ALA B 109 -32.06 9.39 -1.03
N GLU B 110 -32.43 10.68 -1.04
CA GLU B 110 -31.86 11.67 -1.94
C GLU B 110 -32.10 11.29 -3.40
N ASP B 111 -33.37 11.23 -3.77
CA ASP B 111 -33.74 10.86 -5.13
C ASP B 111 -33.47 12.00 -6.09
N ASP B 112 -33.24 11.65 -7.35
CA ASP B 112 -33.00 12.60 -8.41
C ASP B 112 -34.18 12.79 -9.35
N ILE B 113 -34.80 11.70 -9.78
CA ILE B 113 -35.98 11.73 -10.64
C ILE B 113 -37.08 10.95 -9.96
N ILE B 114 -38.30 11.48 -10.01
CA ILE B 114 -39.47 10.83 -9.43
C ILE B 114 -40.45 10.51 -10.54
N LEU B 115 -40.80 9.24 -10.67
CA LEU B 115 -41.85 8.79 -11.58
C LEU B 115 -43.11 8.57 -10.75
N ILE B 116 -44.12 9.40 -10.98
CA ILE B 116 -45.30 9.43 -10.13
C ILE B 116 -46.54 9.31 -10.99
N HIS B 117 -47.50 8.50 -10.54
CA HIS B 117 -48.77 8.40 -11.22
C HIS B 117 -49.62 9.64 -10.93
N GLU B 118 -50.48 9.99 -11.89
CA GLU B 118 -51.27 11.20 -11.77
C GLU B 118 -52.29 11.12 -10.63
N GLU B 119 -52.61 9.93 -10.14
CA GLU B 119 -53.54 9.79 -9.02
C GLU B 119 -52.87 9.99 -7.67
N PHE B 120 -51.55 9.98 -7.61
CA PHE B 120 -50.81 10.30 -6.40
C PHE B 120 -50.38 11.76 -6.36
N LEU B 121 -50.77 12.55 -7.35
CA LEU B 121 -50.41 13.97 -7.36
C LEU B 121 -50.89 14.74 -6.13
N PRO B 122 -52.11 14.52 -5.60
CA PRO B 122 -52.47 15.20 -4.34
C PRO B 122 -51.53 14.91 -3.20
N ILE B 123 -50.96 13.70 -3.12
CA ILE B 123 -49.98 13.41 -2.08
C ILE B 123 -48.74 14.28 -2.27
N LEU B 124 -48.28 14.41 -3.52
CA LEU B 124 -47.12 15.25 -3.80
C LEU B 124 -47.41 16.73 -3.60
N ASP B 125 -48.68 17.13 -3.66
CA ASP B 125 -49.03 18.54 -3.57
C ASP B 125 -48.63 19.12 -2.21
N GLN B 126 -48.77 18.35 -1.15
CA GLN B 126 -48.53 18.86 0.20
C GLN B 126 -47.10 18.68 0.67
N ILE B 127 -46.22 18.08 -0.13
CA ILE B 127 -44.83 17.88 0.28
C ILE B 127 -43.88 18.35 -0.81
N LYS B 128 -44.41 18.92 -1.89
CA LYS B 128 -43.57 19.29 -3.01
C LYS B 128 -42.60 20.41 -2.66
N GLY B 129 -43.00 21.33 -1.77
CA GLY B 129 -42.13 22.45 -1.43
C GLY B 129 -40.87 22.01 -0.69
N ARG B 130 -41.01 21.10 0.26
CA ARG B 130 -39.91 20.70 1.13
C ARG B 130 -39.15 19.47 0.63
N ILE B 131 -38.69 19.44 -0.61
CA ILE B 131 -38.04 18.26 -1.17
C ILE B 131 -36.56 18.52 -1.47
N ASP B 132 -36.28 19.49 -2.35
CA ASP B 132 -34.94 20.05 -2.50
C ASP B 132 -33.94 19.11 -3.16
N THR B 133 -34.29 17.84 -3.38
CA THR B 133 -33.37 16.95 -4.08
C THR B 133 -33.83 16.63 -5.51
N VAL B 134 -35.13 16.54 -5.74
CA VAL B 134 -35.63 16.07 -7.03
C VAL B 134 -35.56 17.20 -8.05
N THR B 135 -35.03 16.89 -9.22
CA THR B 135 -34.93 17.85 -10.31
C THR B 135 -36.05 17.71 -11.35
N ARG B 136 -36.52 16.48 -11.60
CA ARG B 136 -37.54 16.24 -12.60
C ARG B 136 -38.63 15.35 -12.05
N TYR B 137 -39.86 15.62 -12.46
CA TYR B 137 -41.02 14.79 -12.15
C TYR B 137 -41.61 14.27 -13.44
N VAL B 138 -41.88 12.97 -13.50
CA VAL B 138 -42.48 12.34 -14.67
C VAL B 138 -43.84 11.83 -14.25
N VAL B 139 -44.89 12.30 -14.90
CA VAL B 139 -46.27 11.95 -14.56
C VAL B 139 -46.69 10.78 -15.44
N LEU B 140 -47.13 9.70 -14.79
CA LEU B 140 -47.59 8.50 -15.49
C LEU B 140 -49.11 8.53 -15.59
N ARG B 141 -49.62 8.22 -16.76
CA ARG B 141 -51.06 8.19 -17.01
C ARG B 141 -51.42 6.87 -17.69
N ASP B 142 -52.71 6.56 -17.69
CA ASP B 142 -53.20 5.34 -18.29
C ASP B 142 -53.67 5.54 -19.73
N ASP B 143 -53.40 6.70 -20.33
CA ASP B 143 -53.76 6.97 -21.71
C ASP B 143 -52.54 7.44 -22.50
N GLU B 144 -52.76 7.94 -23.71
CA GLU B 144 -51.68 8.40 -24.56
C GLU B 144 -51.02 9.68 -24.05
N GLU B 145 -51.60 10.32 -23.05
CA GLU B 145 -51.03 11.55 -22.50
C GLU B 145 -49.90 11.30 -21.52
N CYS B 146 -49.55 10.04 -21.26
CA CYS B 146 -48.48 9.73 -20.33
C CYS B 146 -47.17 10.32 -20.80
N GLU B 147 -46.45 10.96 -19.89
CA GLU B 147 -45.14 11.52 -20.21
C GLU B 147 -44.07 10.44 -20.29
N TYR B 148 -44.26 9.34 -19.56
CA TYR B 148 -43.36 8.20 -19.69
C TYR B 148 -43.39 7.63 -21.10
N GLU B 149 -44.59 7.46 -21.67
CA GLU B 149 -44.70 6.96 -23.02
C GLU B 149 -44.11 7.94 -24.03
N ARG B 150 -44.34 9.24 -23.83
CA ARG B 150 -43.80 10.23 -24.73
C ARG B 150 -42.27 10.28 -24.68
N LEU B 151 -41.70 10.12 -23.50
CA LEU B 151 -40.25 10.05 -23.37
C LEU B 151 -39.70 8.76 -23.98
N LEU B 152 -40.40 7.65 -23.97
CA LEU B 152 -39.80 6.43 -24.51
C LEU B 152 -39.92 6.44 -26.00
N GLU B 153 -41.05 6.90 -26.55
CA GLU B 153 -41.18 6.83 -28.00
C GLU B 153 -40.37 7.89 -28.72
N GLN B 154 -39.39 8.49 -28.05
CA GLN B 154 -38.48 9.45 -28.64
C GLN B 154 -37.04 8.96 -28.65
N GLU B 155 -36.83 7.66 -28.42
CA GLU B 155 -35.50 7.10 -28.28
C GLU B 155 -35.36 5.86 -29.16
N SER B 156 -34.10 5.44 -29.34
CA SER B 156 -33.82 4.24 -30.12
C SER B 156 -33.87 3.01 -29.24
N THR B 157 -34.18 1.86 -29.86
CA THR B 157 -34.28 0.60 -29.15
C THR B 157 -32.96 -0.16 -29.11
N GLU B 158 -31.83 0.54 -29.20
CA GLU B 158 -30.51 -0.08 -29.12
C GLU B 158 -29.75 0.53 -27.96
N TYR B 159 -29.11 -0.31 -27.16
CA TYR B 159 -28.38 0.13 -25.98
C TYR B 159 -27.44 -0.98 -25.55
N ASN B 160 -26.22 -0.60 -25.16
CA ASN B 160 -25.22 -1.53 -24.67
C ASN B 160 -25.11 -1.36 -23.17
N PHE B 161 -25.64 -2.31 -22.42
CA PHE B 161 -25.68 -2.20 -20.97
C PHE B 161 -24.31 -2.47 -20.38
N PRO B 162 -23.89 -1.68 -19.40
CA PRO B 162 -22.52 -1.80 -18.88
C PRO B 162 -22.34 -3.04 -18.01
N ASP B 163 -21.07 -3.31 -17.72
CA ASP B 163 -20.75 -4.42 -16.83
C ASP B 163 -20.03 -3.78 -15.65
N PHE B 164 -20.48 -4.07 -14.45
CA PHE B 164 -19.91 -3.53 -13.23
C PHE B 164 -19.85 -4.63 -12.18
N ASP B 165 -19.42 -4.25 -10.98
CA ASP B 165 -19.37 -5.18 -9.86
C ASP B 165 -20.77 -5.69 -9.52
N GLU B 166 -20.85 -6.96 -9.13
CA GLU B 166 -22.14 -7.52 -8.74
C GLU B 166 -22.60 -7.03 -7.38
N ASN B 167 -21.74 -6.33 -6.64
CA ASN B 167 -22.08 -5.84 -5.31
C ASN B 167 -22.57 -4.40 -5.32
N THR B 168 -22.79 -3.81 -6.49
CA THR B 168 -23.38 -2.48 -6.54
C THR B 168 -24.86 -2.57 -6.20
N VAL B 169 -25.35 -1.57 -5.46
CA VAL B 169 -26.71 -1.60 -4.95
C VAL B 169 -27.70 -1.44 -6.09
N ALA B 170 -28.75 -2.26 -6.08
CA ALA B 170 -29.75 -2.28 -7.14
C ALA B 170 -31.06 -1.64 -6.72
N THR B 171 -31.59 -1.99 -5.55
CA THR B 171 -32.89 -1.51 -5.10
C THR B 171 -32.80 -1.09 -3.64
N THR B 172 -33.74 -0.23 -3.24
CA THR B 172 -33.87 0.17 -1.85
C THR B 172 -35.32 0.53 -1.57
N PHE B 173 -35.77 0.23 -0.35
CA PHE B 173 -37.09 0.66 0.10
C PHE B 173 -37.06 0.76 1.60
N TYR B 174 -38.08 1.41 2.15
CA TYR B 174 -38.11 1.76 3.57
C TYR B 174 -39.21 0.99 4.28
N THR B 175 -38.86 0.35 5.39
CA THR B 175 -39.78 -0.43 6.19
C THR B 175 -40.21 0.37 7.41
N THR B 176 -41.51 0.32 7.72
CA THR B 176 -42.11 1.12 8.78
C THR B 176 -42.41 0.30 10.02
N GLY B 177 -41.50 -0.60 10.40
CA GLY B 177 -41.70 -1.43 11.57
C GLY B 177 -41.65 -0.68 12.89
N THR B 178 -41.36 -1.40 13.97
CA THR B 178 -41.37 -0.81 15.32
C THR B 178 -40.07 -0.02 15.51
N THR B 179 -40.13 1.26 15.14
CA THR B 179 -39.00 2.16 15.28
C THR B 179 -39.51 3.58 15.07
N GLY B 180 -38.68 4.55 15.46
CA GLY B 180 -39.13 5.94 15.41
C GLY B 180 -39.37 6.46 14.00
N PHE B 181 -38.45 6.15 13.09
CA PHE B 181 -38.51 6.60 11.71
C PHE B 181 -38.40 5.39 10.79
N PRO B 182 -38.84 5.50 9.54
CA PRO B 182 -38.68 4.39 8.61
C PRO B 182 -37.21 4.04 8.39
N LYS B 183 -36.95 2.74 8.22
CA LYS B 183 -35.60 2.21 8.06
C LYS B 183 -35.41 1.76 6.62
N GLY B 184 -34.26 2.08 6.04
CA GLY B 184 -33.99 1.79 4.66
C GLY B 184 -33.18 0.52 4.48
N VAL B 185 -33.75 -0.44 3.77
CA VAL B 185 -33.07 -1.66 3.40
C VAL B 185 -32.69 -1.56 1.93
N PHE B 186 -31.65 -2.31 1.54
CA PHE B 186 -31.14 -2.25 0.18
C PHE B 186 -30.54 -3.58 -0.20
N PHE B 187 -30.47 -3.82 -1.51
CA PHE B 187 -29.99 -5.08 -2.05
C PHE B 187 -29.13 -4.83 -3.28
N THR B 188 -28.23 -5.76 -3.54
CA THR B 188 -27.33 -5.68 -4.69
C THR B 188 -27.85 -6.57 -5.82
N HIS B 189 -27.16 -6.48 -6.96
CA HIS B 189 -27.52 -7.31 -8.12
C HIS B 189 -27.35 -8.79 -7.80
N ARG B 190 -26.24 -9.13 -7.14
CA ARG B 190 -25.95 -10.52 -6.83
C ARG B 190 -27.01 -11.11 -5.92
N GLN B 191 -27.47 -10.34 -4.92
CA GLN B 191 -28.47 -10.84 -4.00
C GLN B 191 -29.80 -11.12 -4.70
N LEU B 192 -30.21 -10.24 -5.60
CA LEU B 192 -31.47 -10.44 -6.32
C LEU B 192 -31.38 -11.63 -7.26
N VAL B 193 -30.27 -11.77 -7.98
CA VAL B 193 -30.09 -12.90 -8.88
C VAL B 193 -30.09 -14.21 -8.09
N LEU B 194 -29.41 -14.22 -6.94
CA LEU B 194 -29.36 -15.42 -6.12
C LEU B 194 -30.72 -15.74 -5.51
N HIS B 195 -31.48 -14.72 -5.14
CA HIS B 195 -32.83 -14.95 -4.61
C HIS B 195 -33.70 -15.59 -5.68
N THR B 196 -33.63 -15.09 -6.91
CA THR B 196 -34.38 -15.70 -8.00
C THR B 196 -33.99 -17.16 -8.21
N MET B 197 -32.69 -17.42 -8.29
CA MET B 197 -32.21 -18.78 -8.51
C MET B 197 -32.64 -19.71 -7.38
N GLY B 198 -32.48 -19.27 -6.14
CA GLY B 198 -32.80 -20.13 -5.01
C GLY B 198 -34.26 -20.45 -4.89
N ILE B 199 -35.14 -19.45 -5.06
CA ILE B 199 -36.55 -19.73 -4.95
C ILE B 199 -37.03 -20.58 -6.13
N LEU B 200 -36.46 -20.36 -7.32
CA LEU B 200 -36.82 -21.20 -8.45
C LEU B 200 -36.41 -22.65 -8.20
N SER B 201 -35.21 -22.88 -7.65
CA SER B 201 -34.79 -24.22 -7.32
C SER B 201 -35.66 -24.85 -6.24
N THR B 202 -36.17 -24.04 -5.30
CA THR B 202 -36.96 -24.61 -4.22
C THR B 202 -38.38 -24.94 -4.66
N ILE B 203 -39.09 -24.00 -5.29
CA ILE B 203 -40.50 -24.20 -5.60
C ILE B 203 -40.75 -24.71 -7.02
N GLY B 204 -39.72 -24.84 -7.84
CA GLY B 204 -39.91 -25.41 -9.16
C GLY B 204 -39.76 -26.91 -9.17
N THR B 205 -38.98 -27.43 -8.22
CA THR B 205 -38.67 -28.85 -8.15
C THR B 205 -39.67 -29.64 -7.33
N ASN B 206 -40.75 -29.00 -6.87
CA ASN B 206 -41.78 -29.73 -6.15
C ASN B 206 -42.44 -30.74 -7.07
N ALA B 207 -42.84 -31.88 -6.50
CA ALA B 207 -43.38 -32.97 -7.28
C ALA B 207 -44.66 -32.57 -8.01
N SER B 208 -45.72 -32.26 -7.27
CA SER B 208 -47.00 -31.98 -7.91
C SER B 208 -47.84 -30.89 -7.27
N GLN B 209 -47.37 -30.24 -6.21
CA GLN B 209 -48.18 -29.27 -5.48
C GLN B 209 -47.44 -27.96 -5.34
N GLY B 210 -48.12 -26.86 -5.65
CA GLY B 210 -47.58 -25.54 -5.38
C GLY B 210 -46.29 -25.22 -6.10
N ARG B 211 -46.18 -25.61 -7.37
CA ARG B 211 -44.97 -25.38 -8.14
C ARG B 211 -45.22 -24.33 -9.20
N LEU B 212 -44.25 -23.45 -9.40
CA LEU B 212 -44.28 -22.45 -10.45
C LEU B 212 -43.39 -22.93 -11.60
N HIS B 213 -44.00 -23.16 -12.76
CA HIS B 213 -43.24 -23.67 -13.88
C HIS B 213 -43.43 -22.82 -15.13
N GLN B 214 -42.93 -23.30 -16.26
CA GLN B 214 -42.87 -22.52 -17.49
C GLN B 214 -44.19 -22.43 -18.23
N GLY B 215 -45.23 -23.13 -17.78
CA GLY B 215 -46.54 -23.03 -18.37
C GLY B 215 -47.54 -22.20 -17.59
N ASP B 216 -47.13 -21.53 -16.54
CA ASP B 216 -48.04 -20.78 -15.68
C ASP B 216 -48.31 -19.39 -16.25
N ILE B 217 -49.35 -18.76 -15.74
CA ILE B 217 -49.71 -17.38 -16.06
C ILE B 217 -49.74 -16.61 -14.75
N TYR B 218 -48.88 -15.61 -14.63
CA TYR B 218 -48.63 -14.93 -13.37
C TYR B 218 -49.35 -13.59 -13.33
N MET B 219 -50.02 -13.32 -12.22
CA MET B 219 -50.59 -11.99 -12.00
C MET B 219 -50.45 -11.60 -10.53
N PRO B 220 -49.68 -10.55 -10.23
CA PRO B 220 -49.50 -10.15 -8.83
C PRO B 220 -50.76 -9.52 -8.24
N ILE B 221 -50.96 -9.78 -6.95
CA ILE B 221 -51.98 -9.10 -6.17
C ILE B 221 -51.32 -8.52 -4.92
N THR B 222 -50.01 -8.31 -5.00
CA THR B 222 -49.20 -7.66 -3.97
C THR B 222 -48.65 -6.36 -4.54
N PRO B 223 -48.71 -5.26 -3.80
CA PRO B 223 -48.56 -3.92 -4.41
C PRO B 223 -47.22 -3.59 -5.06
N MET B 224 -46.27 -4.52 -5.08
CA MET B 224 -45.11 -4.43 -5.97
C MET B 224 -44.12 -3.36 -5.54
N PHE B 225 -44.45 -2.55 -4.54
CA PHE B 225 -43.49 -1.62 -3.96
C PHE B 225 -43.09 -2.03 -2.55
N HIS B 226 -43.42 -3.25 -2.12
CA HIS B 226 -43.17 -3.63 -0.73
C HIS B 226 -41.83 -4.36 -0.58
N VAL B 227 -41.71 -5.54 -1.18
CA VAL B 227 -40.51 -6.35 -1.03
C VAL B 227 -40.03 -6.89 -2.37
N HIS B 228 -40.22 -6.10 -3.43
CA HIS B 228 -40.01 -6.49 -4.82
C HIS B 228 -41.13 -7.40 -5.29
N ALA B 229 -42.32 -7.25 -4.71
CA ALA B 229 -43.44 -8.17 -4.96
C ALA B 229 -43.02 -9.61 -4.73
N TRP B 230 -42.25 -9.83 -3.65
CA TRP B 230 -41.72 -11.13 -3.26
C TRP B 230 -40.76 -11.71 -4.30
N GLY B 231 -40.15 -10.84 -5.12
CA GLY B 231 -39.24 -11.29 -6.15
C GLY B 231 -39.87 -12.06 -7.28
N LEU B 232 -41.19 -12.06 -7.37
CA LEU B 232 -41.94 -12.87 -8.31
C LEU B 232 -41.91 -12.31 -9.74
N PRO B 233 -41.96 -10.99 -9.96
CA PRO B 233 -41.77 -10.50 -11.34
C PRO B 233 -40.45 -10.91 -11.95
N TYR B 234 -39.37 -10.92 -11.18
CA TYR B 234 -38.08 -11.40 -11.68
C TYR B 234 -38.16 -12.87 -12.08
N MET B 235 -38.77 -13.70 -11.23
CA MET B 235 -38.87 -15.12 -11.51
C MET B 235 -39.73 -15.38 -12.73
N ALA B 236 -40.84 -14.64 -12.86
CA ALA B 236 -41.73 -14.81 -13.99
C ALA B 236 -41.07 -14.36 -15.29
N THR B 237 -40.28 -13.29 -15.25
CA THR B 237 -39.55 -12.89 -16.44
C THR B 237 -38.48 -13.91 -16.79
N MET B 238 -37.82 -14.47 -15.79
CA MET B 238 -36.82 -15.51 -16.04
C MET B 238 -37.46 -16.74 -16.69
N LEU B 239 -38.66 -17.11 -16.24
CA LEU B 239 -39.34 -18.24 -16.85
C LEU B 239 -39.94 -17.91 -18.21
N GLY B 240 -40.10 -16.63 -18.53
CA GLY B 240 -40.70 -16.23 -19.79
C GLY B 240 -42.17 -16.56 -19.91
N VAL B 241 -42.91 -16.47 -18.82
CA VAL B 241 -44.32 -16.81 -18.81
C VAL B 241 -45.16 -15.57 -19.10
N LYS B 242 -46.42 -15.81 -19.43
CA LYS B 242 -47.36 -14.71 -19.62
C LYS B 242 -47.61 -13.99 -18.30
N GLN B 243 -47.54 -12.66 -18.33
CA GLN B 243 -47.69 -11.83 -17.15
C GLN B 243 -48.88 -10.90 -17.32
N VAL B 244 -49.70 -10.80 -16.29
CA VAL B 244 -50.89 -9.96 -16.31
C VAL B 244 -50.82 -9.00 -15.12
N TYR B 245 -50.96 -7.71 -15.40
CA TYR B 245 -50.91 -6.69 -14.36
C TYR B 245 -52.27 -6.02 -14.24
N PRO B 246 -52.87 -6.01 -13.06
CA PRO B 246 -54.25 -5.52 -12.93
C PRO B 246 -54.37 -4.01 -12.72
N GLY B 247 -53.31 -3.40 -12.21
CA GLY B 247 -53.39 -2.00 -11.83
C GLY B 247 -53.91 -1.87 -10.41
N LYS B 248 -54.87 -0.97 -10.21
CA LYS B 248 -55.52 -0.84 -8.91
C LYS B 248 -56.34 -2.09 -8.61
N TYR B 249 -56.32 -2.53 -7.36
CA TYR B 249 -56.94 -3.79 -6.97
C TYR B 249 -58.43 -3.56 -6.69
N VAL B 250 -59.28 -4.06 -7.58
CA VAL B 250 -60.71 -4.07 -7.40
C VAL B 250 -61.18 -5.52 -7.55
N PRO B 251 -61.91 -6.07 -6.58
CA PRO B 251 -62.22 -7.51 -6.62
C PRO B 251 -62.88 -7.97 -7.92
N ASP B 252 -63.82 -7.20 -8.45
CA ASP B 252 -64.50 -7.62 -9.67
C ASP B 252 -63.56 -7.59 -10.87
N VAL B 253 -62.71 -6.56 -10.95
CA VAL B 253 -61.73 -6.49 -12.02
C VAL B 253 -60.74 -7.65 -11.92
N LEU B 254 -60.29 -7.97 -10.71
CA LEU B 254 -59.38 -9.08 -10.52
C LEU B 254 -60.02 -10.40 -10.92
N LEU B 255 -61.28 -10.61 -10.55
CA LEU B 255 -61.95 -11.85 -10.92
C LEU B 255 -62.14 -11.95 -12.43
N ASN B 256 -62.47 -10.83 -13.08
CA ASN B 256 -62.58 -10.83 -14.53
C ASN B 256 -61.25 -11.14 -15.19
N LEU B 257 -60.16 -10.60 -14.65
CA LEU B 257 -58.84 -10.88 -15.21
C LEU B 257 -58.46 -12.34 -15.02
N ILE B 258 -58.78 -12.92 -13.86
CA ILE B 258 -58.49 -14.33 -13.62
C ILE B 258 -59.27 -15.21 -14.59
N GLU B 259 -60.54 -14.87 -14.83
CA GLU B 259 -61.33 -15.63 -15.81
C GLU B 259 -60.78 -15.48 -17.22
N GLN B 260 -60.61 -14.25 -17.71
CA GLN B 260 -60.21 -14.03 -19.10
C GLN B 260 -58.81 -14.41 -19.46
N GLU B 261 -57.86 -14.14 -18.59
CA GLU B 261 -56.47 -14.39 -18.91
C GLU B 261 -56.03 -15.80 -18.53
N LYS B 262 -56.88 -16.58 -17.88
CA LYS B 262 -56.55 -17.93 -17.42
C LYS B 262 -55.35 -17.91 -16.49
N VAL B 263 -55.38 -17.00 -15.51
CA VAL B 263 -54.28 -16.88 -14.56
C VAL B 263 -54.19 -18.13 -13.71
N THR B 264 -52.96 -18.60 -13.47
CA THR B 264 -52.73 -19.79 -12.67
C THR B 264 -51.94 -19.54 -11.39
N PHE B 265 -51.06 -18.54 -11.36
CA PHE B 265 -50.21 -18.28 -10.21
C PHE B 265 -50.40 -16.84 -9.75
N SER B 266 -50.62 -16.66 -8.45
CA SER B 266 -50.77 -15.34 -7.87
C SER B 266 -50.20 -15.34 -6.46
N HIS B 267 -50.05 -14.14 -5.91
CA HIS B 267 -49.69 -13.96 -4.51
C HIS B 267 -50.46 -12.77 -3.96
N CYS B 268 -51.00 -12.92 -2.76
CA CYS B 268 -51.78 -11.84 -2.15
C CYS B 268 -51.67 -11.96 -0.63
N VAL B 269 -52.54 -11.22 0.05
CA VAL B 269 -52.60 -11.21 1.51
C VAL B 269 -53.97 -11.74 1.92
N PRO B 270 -54.14 -12.17 3.17
CA PRO B 270 -55.42 -12.77 3.57
C PRO B 270 -56.64 -11.88 3.35
N THR B 271 -56.50 -10.56 3.51
CA THR B 271 -57.65 -9.67 3.35
C THR B 271 -58.12 -9.65 1.90
N ILE B 272 -57.20 -9.54 0.94
CA ILE B 272 -57.58 -9.54 -0.46
C ILE B 272 -58.20 -10.87 -0.86
N LEU B 273 -57.64 -11.98 -0.37
CA LEU B 273 -58.19 -13.29 -0.69
C LEU B 273 -59.59 -13.45 -0.12
N HIS B 274 -59.81 -12.98 1.11
CA HIS B 274 -61.15 -13.03 1.68
C HIS B 274 -62.13 -12.19 0.88
N LEU B 275 -61.70 -11.01 0.43
CA LEU B 275 -62.56 -10.17 -0.39
C LEU B 275 -62.90 -10.85 -1.71
N LEU B 276 -61.93 -11.51 -2.33
CA LEU B 276 -62.19 -12.18 -3.60
C LEU B 276 -63.11 -13.37 -3.42
N LEU B 277 -62.95 -14.13 -2.33
CA LEU B 277 -63.79 -15.30 -2.11
C LEU B 277 -65.20 -14.91 -1.68
N SER B 278 -65.35 -13.77 -1.01
CA SER B 278 -66.66 -13.31 -0.57
C SER B 278 -67.40 -12.49 -1.62
N SER B 279 -66.76 -12.15 -2.73
CA SER B 279 -67.41 -11.36 -3.75
C SER B 279 -68.53 -12.17 -4.41
N PRO B 280 -69.70 -11.55 -4.66
CA PRO B 280 -70.79 -12.30 -5.30
C PRO B 280 -70.48 -12.77 -6.70
N LYS B 281 -69.52 -12.14 -7.38
CA LYS B 281 -69.14 -12.53 -8.73
C LYS B 281 -68.32 -13.81 -8.77
N SER B 282 -67.78 -14.24 -7.64
CA SER B 282 -66.87 -15.37 -7.58
C SER B 282 -67.57 -16.71 -7.32
N LYS B 283 -68.88 -16.71 -7.08
CA LYS B 283 -69.55 -17.96 -6.72
C LYS B 283 -69.67 -18.90 -7.91
N ALA B 284 -69.82 -18.37 -9.11
CA ALA B 284 -69.99 -19.18 -10.31
C ALA B 284 -68.72 -19.28 -11.14
N MET B 285 -67.60 -18.80 -10.63
CA MET B 285 -66.38 -18.71 -11.43
C MET B 285 -65.47 -19.88 -11.09
N ASP B 286 -64.82 -20.43 -12.10
CA ASP B 286 -63.96 -21.60 -11.92
C ASP B 286 -62.66 -21.20 -11.24
N PHE B 287 -62.23 -22.01 -10.27
CA PHE B 287 -61.04 -21.71 -9.49
C PHE B 287 -60.03 -22.85 -9.45
N SER B 288 -60.33 -24.00 -10.06
CA SER B 288 -59.48 -25.17 -9.87
C SER B 288 -58.29 -25.18 -10.82
N GLY B 289 -57.59 -24.06 -10.93
CA GLY B 289 -56.31 -24.02 -11.60
C GLY B 289 -55.40 -22.99 -10.96
N TRP B 290 -55.85 -22.41 -9.85
CA TRP B 290 -55.23 -21.25 -9.24
C TRP B 290 -54.35 -21.67 -8.08
N LYS B 291 -53.24 -20.96 -7.90
CA LYS B 291 -52.15 -21.34 -6.99
C LYS B 291 -51.68 -20.15 -6.18
N VAL B 292 -52.61 -19.48 -5.48
CA VAL B 292 -52.24 -18.36 -4.61
C VAL B 292 -51.27 -18.82 -3.54
N VAL B 293 -50.32 -17.95 -3.22
CA VAL B 293 -49.46 -18.10 -2.05
C VAL B 293 -49.71 -16.90 -1.13
N ILE B 294 -50.04 -17.19 0.12
CA ILE B 294 -50.40 -16.17 1.10
C ILE B 294 -49.19 -15.92 1.99
N GLY B 295 -48.66 -14.70 1.94
CA GLY B 295 -47.44 -14.43 2.65
C GLY B 295 -47.43 -13.12 3.41
N GLY B 296 -48.54 -12.38 3.37
CA GLY B 296 -48.61 -11.13 4.07
C GLY B 296 -48.40 -11.28 5.57
N ALA B 297 -49.38 -11.89 6.24
CA ALA B 297 -49.23 -12.24 7.65
C ALA B 297 -50.30 -13.21 8.12
N ALA B 298 -49.89 -14.39 8.58
CA ALA B 298 -50.73 -15.26 9.41
C ALA B 298 -52.04 -15.62 8.70
N LEU B 299 -51.92 -16.41 7.65
CA LEU B 299 -53.09 -16.95 6.97
C LEU B 299 -53.95 -17.74 7.93
N PRO B 300 -55.20 -17.33 8.17
CA PRO B 300 -56.04 -18.07 9.12
C PRO B 300 -56.47 -19.41 8.58
N LYS B 301 -56.82 -20.30 9.52
CA LYS B 301 -57.23 -21.65 9.17
C LYS B 301 -58.59 -21.69 8.49
N ALA B 302 -59.51 -20.81 8.89
CA ALA B 302 -60.85 -20.83 8.32
C ALA B 302 -60.85 -20.34 6.87
N LEU B 303 -60.10 -19.27 6.58
CA LEU B 303 -59.98 -18.82 5.20
C LEU B 303 -59.31 -19.88 4.33
N CYS B 304 -58.28 -20.53 4.86
CA CYS B 304 -57.64 -21.62 4.13
C CYS B 304 -58.62 -22.74 3.85
N LYS B 305 -59.44 -23.10 4.83
CA LYS B 305 -60.42 -24.16 4.63
C LYS B 305 -61.44 -23.79 3.56
N SER B 306 -61.91 -22.54 3.59
CA SER B 306 -62.86 -22.11 2.56
C SER B 306 -62.24 -22.11 1.17
N ALA B 307 -60.98 -21.63 1.07
CA ALA B 307 -60.30 -21.63 -0.23
C ALA B 307 -60.10 -23.05 -0.74
N LEU B 308 -59.74 -23.98 0.15
CA LEU B 308 -59.59 -25.37 -0.27
C LEU B 308 -60.94 -25.96 -0.71
N GLU B 309 -62.02 -25.58 -0.04
CA GLU B 309 -63.34 -26.04 -0.47
C GLU B 309 -63.71 -25.46 -1.83
N ARG B 310 -63.19 -24.29 -2.18
CA ARG B 310 -63.33 -23.76 -3.53
C ARG B 310 -62.31 -24.34 -4.50
N ASP B 311 -61.51 -25.32 -4.06
CA ASP B 311 -60.57 -26.05 -4.91
C ASP B 311 -59.45 -25.14 -5.41
N ILE B 312 -58.80 -24.45 -4.48
CA ILE B 312 -57.68 -23.58 -4.78
C ILE B 312 -56.43 -24.14 -4.10
N ASP B 313 -55.33 -24.21 -4.84
CA ASP B 313 -54.03 -24.57 -4.29
C ASP B 313 -53.50 -23.36 -3.53
N VAL B 314 -53.86 -23.26 -2.26
CA VAL B 314 -53.49 -22.13 -1.42
C VAL B 314 -52.48 -22.61 -0.39
N PHE B 315 -51.39 -21.87 -0.25
CA PHE B 315 -50.33 -22.23 0.69
C PHE B 315 -49.65 -20.96 1.16
N ALA B 316 -48.89 -21.07 2.23
CA ALA B 316 -48.34 -19.92 2.92
C ALA B 316 -46.84 -19.78 2.69
N GLY B 317 -46.34 -18.60 3.03
CA GLY B 317 -44.92 -18.31 2.94
C GLY B 317 -44.57 -17.19 3.87
N TYR B 318 -43.29 -17.10 4.20
CA TYR B 318 -42.82 -16.19 5.25
C TYR B 318 -41.66 -15.35 4.74
N GLY B 319 -41.68 -14.07 5.11
CA GLY B 319 -40.60 -13.17 4.75
C GLY B 319 -40.83 -11.80 5.35
N MET B 320 -39.86 -10.92 5.16
CA MET B 320 -39.97 -9.54 5.60
C MET B 320 -39.06 -8.67 4.74
N SER B 321 -39.04 -7.38 5.04
CA SER B 321 -38.31 -6.42 4.22
C SER B 321 -36.81 -6.69 4.23
N GLU B 322 -36.27 -7.09 5.37
CA GLU B 322 -34.83 -7.27 5.52
C GLU B 322 -34.32 -8.59 4.95
N THR B 323 -35.20 -9.48 4.52
CA THR B 323 -34.80 -10.87 4.27
C THR B 323 -34.95 -11.34 2.82
N GLY B 324 -35.16 -10.44 1.87
CA GLY B 324 -35.09 -10.84 0.48
C GLY B 324 -36.31 -10.71 -0.41
N PRO B 325 -37.53 -11.07 0.06
CA PRO B 325 -37.98 -11.45 1.40
C PRO B 325 -38.06 -12.93 1.72
N ILE B 326 -38.17 -13.83 0.74
CA ILE B 326 -38.66 -15.19 1.01
C ILE B 326 -37.64 -15.95 1.84
N LEU B 327 -38.08 -16.46 2.98
CA LEU B 327 -37.29 -17.31 3.86
C LEU B 327 -37.84 -18.70 4.01
N SER B 328 -39.15 -18.89 3.85
CA SER B 328 -39.80 -20.16 4.11
C SER B 328 -41.07 -20.27 3.30
N ILE B 329 -41.38 -21.48 2.84
CA ILE B 329 -42.57 -21.76 2.04
C ILE B 329 -43.18 -23.07 2.53
N VAL B 330 -44.50 -23.16 2.51
CA VAL B 330 -45.19 -24.41 2.84
C VAL B 330 -45.11 -25.35 1.64
N GLN B 331 -44.43 -26.47 1.81
CA GLN B 331 -44.38 -27.54 0.82
C GLN B 331 -44.89 -28.83 1.45
N LEU B 332 -45.81 -29.51 0.77
CA LEU B 332 -46.45 -30.70 1.28
C LEU B 332 -45.89 -31.94 0.60
N THR B 333 -45.43 -32.90 1.40
CA THR B 333 -44.99 -34.18 0.88
C THR B 333 -46.19 -34.92 0.28
N PRO B 334 -45.96 -35.86 -0.65
CA PRO B 334 -47.09 -36.41 -1.39
C PRO B 334 -47.97 -37.34 -0.57
N GLU B 335 -47.59 -37.69 0.66
CA GLU B 335 -48.51 -38.36 1.57
C GLU B 335 -49.49 -37.41 2.22
N GLN B 336 -49.19 -36.11 2.23
CA GLN B 336 -50.04 -35.14 2.90
C GLN B 336 -51.17 -34.60 2.01
N LEU B 337 -51.14 -34.90 0.72
CA LEU B 337 -52.28 -34.53 -0.12
C LEU B 337 -53.42 -35.53 -0.05
N GLU B 338 -53.27 -36.64 0.69
CA GLU B 338 -54.36 -37.57 0.91
C GLU B 338 -55.15 -37.24 2.18
N LEU B 339 -54.71 -36.28 2.98
CA LEU B 339 -55.44 -35.92 4.17
C LEU B 339 -56.71 -35.15 3.80
N ASP B 340 -57.66 -35.14 4.73
CA ASP B 340 -58.92 -34.44 4.50
C ASP B 340 -58.69 -32.93 4.54
N VAL B 341 -59.79 -32.19 4.37
CA VAL B 341 -59.70 -30.74 4.19
C VAL B 341 -59.19 -30.07 5.47
N ASP B 342 -59.58 -30.58 6.63
CA ASP B 342 -59.21 -29.92 7.88
C ASP B 342 -57.72 -30.06 8.17
N GLN B 343 -57.18 -31.27 8.06
CA GLN B 343 -55.76 -31.47 8.32
C GLN B 343 -54.90 -30.81 7.26
N GLN B 344 -55.36 -30.83 6.00
CA GLN B 344 -54.67 -30.08 4.96
C GLN B 344 -54.67 -28.59 5.24
N ALA B 345 -55.79 -28.06 5.73
CA ALA B 345 -55.87 -26.64 6.07
C ALA B 345 -54.91 -26.31 7.20
N GLU B 346 -54.81 -27.21 8.19
CA GLU B 346 -53.85 -26.99 9.26
C GLU B 346 -52.41 -27.00 8.73
N TYR B 347 -52.11 -27.91 7.80
CA TYR B 347 -50.75 -27.99 7.27
C TYR B 347 -50.41 -26.77 6.42
N ARG B 348 -51.36 -26.29 5.62
CA ARG B 348 -51.11 -25.20 4.68
C ARG B 348 -51.08 -23.83 5.34
N SER B 349 -51.50 -23.72 6.60
CA SER B 349 -51.50 -22.45 7.30
C SER B 349 -50.21 -22.18 8.05
N LYS B 350 -49.31 -23.15 8.13
CA LYS B 350 -48.07 -22.99 8.89
C LYS B 350 -47.13 -22.02 8.18
N THR B 351 -46.06 -21.66 8.89
CA THR B 351 -45.04 -20.80 8.29
C THR B 351 -44.29 -21.52 7.18
N GLY B 352 -44.03 -22.80 7.35
CA GLY B 352 -43.39 -23.62 6.34
C GLY B 352 -41.97 -23.97 6.71
N LYS B 353 -41.32 -24.69 5.79
CA LYS B 353 -39.92 -25.05 5.95
C LYS B 353 -39.05 -24.04 5.22
N LYS B 354 -37.82 -23.88 5.72
CA LYS B 354 -36.91 -22.91 5.14
C LYS B 354 -36.49 -23.35 3.74
N VAL B 355 -36.29 -22.36 2.86
CA VAL B 355 -35.96 -22.59 1.47
C VAL B 355 -34.47 -22.84 1.32
N ALA B 356 -34.03 -23.24 0.12
CA ALA B 356 -32.65 -23.61 -0.10
C ALA B 356 -31.70 -22.47 0.25
N LEU B 357 -30.58 -22.83 0.88
CA LEU B 357 -29.50 -21.92 1.27
C LEU B 357 -29.87 -21.01 2.42
N VAL B 358 -30.84 -21.40 3.23
CA VAL B 358 -31.30 -20.61 4.37
C VAL B 358 -31.05 -21.40 5.64
N GLU B 359 -30.38 -20.78 6.60
CA GLU B 359 -30.16 -21.36 7.92
C GLU B 359 -31.00 -20.60 8.94
N ALA B 360 -31.87 -21.30 9.66
CA ALA B 360 -32.77 -20.67 10.60
C ALA B 360 -32.74 -21.43 11.92
N TYR B 361 -32.55 -20.69 13.02
CA TYR B 361 -32.62 -21.24 14.37
C TYR B 361 -33.54 -20.39 15.22
N ILE B 362 -33.93 -20.95 16.36
CA ILE B 362 -34.65 -20.21 17.39
C ILE B 362 -33.75 -20.12 18.61
N VAL B 363 -33.62 -18.90 19.15
CA VAL B 363 -32.70 -18.62 20.24
C VAL B 363 -33.43 -17.90 21.36
N ASP B 364 -32.76 -17.77 22.49
CA ASP B 364 -33.23 -16.97 23.61
C ASP B 364 -32.50 -15.63 23.62
N GLU B 365 -32.72 -14.83 24.65
CA GLU B 365 -32.04 -13.54 24.74
C GLU B 365 -30.54 -13.70 24.92
N ASP B 366 -30.08 -14.88 25.34
CA ASP B 366 -28.66 -15.18 25.42
C ASP B 366 -28.13 -15.88 24.18
N MET B 367 -28.98 -16.11 23.18
CA MET B 367 -28.59 -16.75 21.92
C MET B 367 -28.03 -18.15 22.15
N ASN B 368 -28.89 -19.02 22.66
CA ASN B 368 -28.48 -20.36 23.06
C ASN B 368 -29.06 -21.47 22.20
N LYS B 369 -29.79 -21.15 21.13
CA LYS B 369 -30.23 -22.12 20.14
C LYS B 369 -31.07 -23.24 20.77
N LEU B 370 -32.25 -22.84 21.23
CA LEU B 370 -33.26 -23.72 21.80
C LEU B 370 -33.52 -24.94 20.91
N PRO B 371 -33.97 -26.06 21.47
CA PRO B 371 -34.20 -27.26 20.66
C PRO B 371 -35.42 -27.12 19.76
N HIS B 372 -35.43 -27.92 18.70
CA HIS B 372 -36.55 -27.99 17.75
C HIS B 372 -37.41 -29.18 18.15
N ASP B 373 -38.37 -28.95 19.04
CA ASP B 373 -39.26 -29.99 19.52
C ASP B 373 -40.73 -29.73 19.23
N GLY B 374 -41.08 -28.58 18.69
CA GLY B 374 -42.46 -28.24 18.45
C GLY B 374 -43.18 -27.54 19.59
N GLU B 375 -42.52 -27.36 20.73
CA GLU B 375 -43.09 -26.66 21.87
C GLU B 375 -42.25 -25.50 22.37
N THR B 376 -40.93 -25.66 22.39
CA THR B 376 -40.05 -24.58 22.85
C THR B 376 -40.07 -23.42 21.86
N ALA B 377 -40.25 -22.21 22.38
CA ALA B 377 -40.41 -21.03 21.54
C ALA B 377 -39.29 -20.02 21.81
N GLY B 378 -38.73 -19.50 20.73
CA GLY B 378 -37.71 -18.48 20.81
C GLY B 378 -37.76 -17.63 19.56
N GLU B 379 -36.86 -16.66 19.48
CA GLU B 379 -36.82 -15.78 18.33
C GLU B 379 -36.06 -16.41 17.17
N ILE B 380 -36.62 -16.26 15.97
CA ILE B 380 -35.98 -16.78 14.77
C ILE B 380 -34.81 -15.88 14.38
N VAL B 381 -33.67 -16.50 14.11
CA VAL B 381 -32.49 -15.81 13.61
C VAL B 381 -31.98 -16.57 12.39
N VAL B 382 -31.65 -15.85 11.32
CA VAL B 382 -31.44 -16.47 10.03
C VAL B 382 -30.11 -16.05 9.42
N ARG B 383 -29.64 -16.87 8.49
CA ARG B 383 -28.55 -16.55 7.58
C ARG B 383 -28.98 -16.96 6.18
N ALA B 384 -28.73 -16.11 5.20
CA ALA B 384 -29.18 -16.34 3.84
C ALA B 384 -28.33 -15.51 2.91
N PRO B 385 -28.28 -15.86 1.62
CA PRO B 385 -27.49 -15.07 0.66
C PRO B 385 -28.13 -13.76 0.23
N TRP B 386 -29.30 -13.40 0.75
CA TRP B 386 -30.03 -12.23 0.27
C TRP B 386 -30.58 -11.40 1.42
N LEU B 387 -29.79 -11.20 2.47
CA LEU B 387 -30.18 -10.38 3.60
C LEU B 387 -29.49 -9.03 3.51
N THR B 388 -30.19 -7.98 3.94
CA THR B 388 -29.59 -6.67 3.97
C THR B 388 -28.51 -6.61 5.05
N PRO B 389 -27.34 -6.06 4.75
CA PRO B 389 -26.26 -6.09 5.75
C PRO B 389 -26.45 -5.12 6.89
N ASN B 390 -27.20 -4.05 6.68
CA ASN B 390 -27.48 -3.07 7.72
C ASN B 390 -28.64 -2.21 7.23
N TYR B 391 -28.99 -1.21 8.05
CA TYR B 391 -29.92 -0.17 7.64
C TYR B 391 -29.15 0.99 7.05
N TYR B 392 -29.69 1.60 6.01
CA TYR B 392 -29.01 2.69 5.33
C TYR B 392 -28.87 3.89 6.26
N LYS B 393 -27.65 4.42 6.36
CA LYS B 393 -27.34 5.59 7.19
C LYS B 393 -27.73 5.36 8.65
N ASP B 394 -27.44 4.17 9.16
CA ASP B 394 -27.80 3.81 10.52
C ASP B 394 -26.72 2.92 11.11
N ASN B 395 -26.45 3.10 12.40
CA ASN B 395 -25.43 2.33 13.10
C ASN B 395 -25.99 1.49 14.23
N LYS B 396 -26.74 2.08 15.15
CA LYS B 396 -27.17 1.36 16.35
C LYS B 396 -28.24 0.33 16.03
N ASN B 397 -29.23 0.72 15.22
CA ASN B 397 -30.24 -0.25 14.79
C ASN B 397 -29.62 -1.33 13.91
N SER B 398 -28.64 -0.95 13.10
CA SER B 398 -27.91 -1.92 12.30
C SER B 398 -27.16 -2.91 13.18
N LYS B 399 -26.54 -2.42 14.25
CA LYS B 399 -25.85 -3.30 15.19
C LYS B 399 -26.81 -4.23 15.90
N ALA B 400 -27.99 -3.72 16.26
CA ALA B 400 -28.98 -4.56 16.93
C ALA B 400 -29.59 -5.58 15.98
N LEU B 401 -29.59 -5.29 14.68
CA LEU B 401 -30.18 -6.22 13.71
C LEU B 401 -29.33 -7.47 13.55
N TRP B 402 -28.01 -7.33 13.55
CA TRP B 402 -27.10 -8.44 13.31
C TRP B 402 -26.37 -8.87 14.58
N ARG B 403 -27.07 -8.86 15.71
CA ARG B 403 -26.48 -9.24 16.98
C ARG B 403 -26.06 -10.70 16.97
N GLY B 404 -24.82 -10.97 17.38
CA GLY B 404 -24.36 -12.33 17.51
C GLY B 404 -24.05 -13.04 16.22
N GLY B 405 -24.01 -12.33 15.09
CA GLY B 405 -23.72 -12.92 13.81
C GLY B 405 -24.91 -13.48 13.06
N TYR B 406 -26.13 -13.22 13.53
CA TYR B 406 -27.33 -13.65 12.84
C TYR B 406 -28.29 -12.47 12.72
N LEU B 407 -29.18 -12.54 11.74
CA LEU B 407 -30.18 -11.50 11.54
C LEU B 407 -31.42 -11.83 12.36
N HIS B 408 -31.78 -10.91 13.25
CA HIS B 408 -32.93 -11.10 14.14
C HIS B 408 -34.19 -10.63 13.44
N THR B 409 -35.14 -11.53 13.23
CA THR B 409 -36.36 -11.19 12.52
C THR B 409 -37.44 -10.59 13.43
N GLY B 410 -37.25 -10.62 14.75
CA GLY B 410 -38.24 -10.10 15.65
C GLY B 410 -39.49 -10.93 15.78
N ASP B 411 -39.44 -12.21 15.44
CA ASP B 411 -40.58 -13.10 15.51
C ASP B 411 -40.26 -14.30 16.40
N VAL B 412 -41.25 -14.75 17.14
CA VAL B 412 -41.10 -15.86 18.08
C VAL B 412 -41.83 -17.06 17.51
N ALA B 413 -41.15 -18.21 17.43
CA ALA B 413 -41.70 -19.39 16.79
C ALA B 413 -41.15 -20.64 17.45
N HIS B 414 -41.86 -21.74 17.24
CA HIS B 414 -41.37 -23.07 17.59
C HIS B 414 -41.28 -23.90 16.31
N ILE B 415 -40.21 -24.68 16.19
CA ILE B 415 -39.91 -25.45 14.99
C ILE B 415 -40.15 -26.92 15.28
N ASP B 416 -40.87 -27.58 14.38
CA ASP B 416 -41.17 -28.99 14.53
C ASP B 416 -39.91 -29.84 14.44
N ASP B 417 -40.07 -31.13 14.75
CA ASP B 417 -38.95 -32.05 14.60
C ASP B 417 -38.62 -32.29 13.13
N GLU B 418 -39.63 -32.22 12.27
CA GLU B 418 -39.45 -32.40 10.83
C GLU B 418 -39.13 -31.11 10.09
N GLY B 419 -39.17 -29.96 10.77
CA GLY B 419 -38.75 -28.70 10.18
C GLY B 419 -39.84 -27.69 9.97
N PHE B 420 -41.09 -28.00 10.31
CA PHE B 420 -42.19 -27.07 10.08
C PHE B 420 -42.17 -25.98 11.15
N ILE B 421 -42.06 -24.73 10.72
CA ILE B 421 -41.99 -23.58 11.62
C ILE B 421 -43.40 -23.07 11.88
N LYS B 422 -43.66 -22.67 13.12
CA LYS B 422 -44.95 -22.13 13.52
C LYS B 422 -44.71 -20.83 14.30
N ILE B 423 -44.99 -19.69 13.66
CA ILE B 423 -44.75 -18.40 14.29
C ILE B 423 -45.86 -18.10 15.30
N THR B 424 -45.46 -17.70 16.50
CA THR B 424 -46.42 -17.45 17.57
C THR B 424 -46.84 -15.97 17.61
N ASP B 425 -45.88 -15.06 17.81
CA ASP B 425 -46.14 -13.62 17.72
C ASP B 425 -44.80 -12.90 17.70
N ARG B 426 -44.86 -11.57 17.74
CA ARG B 426 -43.67 -10.73 17.67
C ARG B 426 -42.90 -10.74 18.99
N VAL B 427 -41.64 -10.32 18.91
CA VAL B 427 -40.80 -10.21 20.11
C VAL B 427 -41.28 -9.06 20.99
N LYS B 428 -41.62 -7.93 20.38
CA LYS B 428 -42.04 -6.76 21.13
C LYS B 428 -43.45 -6.87 21.68
N ASP B 429 -44.23 -7.86 21.25
CA ASP B 429 -45.57 -8.09 21.76
C ASP B 429 -45.58 -9.08 22.92
N MET B 430 -44.42 -9.50 23.39
CA MET B 430 -44.33 -10.55 24.40
C MET B 430 -44.98 -10.12 25.71
N ILE B 431 -45.50 -11.10 26.45
CA ILE B 431 -46.10 -10.87 27.76
C ILE B 431 -45.25 -11.60 28.79
N LYS B 432 -44.50 -10.84 29.58
CA LYS B 432 -43.60 -11.38 30.60
C LYS B 432 -44.26 -11.25 31.97
N ILE B 433 -44.80 -12.35 32.47
CA ILE B 433 -45.38 -12.41 33.80
C ILE B 433 -44.38 -13.12 34.71
N SER B 434 -43.89 -12.42 35.72
CA SER B 434 -42.93 -12.99 36.66
C SER B 434 -41.73 -13.59 35.94
N GLY B 435 -41.75 -14.91 35.74
CA GLY B 435 -40.68 -15.59 35.03
C GLY B 435 -41.14 -16.52 33.95
N GLU B 436 -42.28 -16.21 33.32
CA GLU B 436 -42.81 -17.04 32.25
C GLU B 436 -43.14 -16.15 31.05
N TRP B 437 -43.28 -16.78 29.89
CA TRP B 437 -43.30 -16.08 28.62
C TRP B 437 -44.50 -16.57 27.81
N VAL B 438 -45.47 -15.69 27.58
CA VAL B 438 -46.67 -16.07 26.84
C VAL B 438 -46.94 -15.05 25.73
N SER B 439 -47.69 -15.49 24.73
CA SER B 439 -48.03 -14.69 23.57
C SER B 439 -49.32 -13.91 23.81
N SER B 440 -49.59 -12.96 22.91
CA SER B 440 -50.83 -12.22 22.96
C SER B 440 -51.83 -12.64 21.89
N LEU B 441 -51.36 -13.25 20.80
CA LEU B 441 -52.24 -13.56 19.68
C LEU B 441 -53.23 -14.66 20.02
N GLU B 442 -52.79 -15.69 20.75
CA GLU B 442 -53.69 -16.76 21.12
C GLU B 442 -54.75 -16.28 22.10
N LEU B 443 -54.37 -15.40 23.04
CA LEU B 443 -55.35 -14.80 23.93
C LEU B 443 -56.33 -13.92 23.16
N GLU B 444 -55.82 -13.17 22.18
CA GLU B 444 -56.70 -12.35 21.35
C GLU B 444 -57.72 -13.21 20.61
N ASP B 445 -57.26 -14.33 20.03
CA ASP B 445 -58.19 -15.21 19.32
C ASP B 445 -59.20 -15.86 20.27
N ILE B 446 -58.74 -16.27 21.46
CA ILE B 446 -59.65 -16.89 22.43
C ILE B 446 -60.73 -15.90 22.84
N LEU B 447 -60.34 -14.66 23.13
CA LEU B 447 -61.34 -13.65 23.49
C LEU B 447 -62.20 -13.26 22.30
N HIS B 448 -61.65 -13.31 21.09
CA HIS B 448 -62.42 -13.04 19.88
C HIS B 448 -63.44 -14.13 19.61
N GLN B 449 -63.23 -15.35 20.13
CA GLN B 449 -64.23 -16.39 19.99
C GLN B 449 -65.51 -16.08 20.75
N HIS B 450 -65.48 -15.10 21.66
CA HIS B 450 -66.69 -14.66 22.33
C HIS B 450 -67.67 -14.08 21.33
N GLN B 451 -68.96 -14.19 21.64
CA GLN B 451 -70.00 -13.74 20.74
C GLN B 451 -70.32 -12.26 20.91
N SER B 452 -69.52 -11.51 21.66
CA SER B 452 -69.76 -10.09 21.92
C SER B 452 -68.48 -9.29 21.77
N VAL B 453 -67.73 -9.55 20.69
CA VAL B 453 -66.48 -8.84 20.42
C VAL B 453 -66.31 -8.70 18.91
N SER B 454 -65.81 -7.55 18.48
CA SER B 454 -65.49 -7.32 17.07
C SER B 454 -63.99 -7.43 16.81
N GLU B 455 -63.18 -6.63 17.51
CA GLU B 455 -61.72 -6.69 17.41
C GLU B 455 -61.13 -6.71 18.80
N VAL B 456 -60.08 -7.52 18.98
CA VAL B 456 -59.48 -7.77 20.28
C VAL B 456 -58.03 -7.31 20.23
N ALA B 457 -57.62 -6.54 21.24
CA ALA B 457 -56.24 -6.10 21.39
C ALA B 457 -55.78 -6.44 22.81
N VAL B 458 -54.66 -7.16 22.90
CA VAL B 458 -54.13 -7.61 24.18
C VAL B 458 -52.72 -7.04 24.35
N ILE B 459 -52.53 -6.24 25.40
CA ILE B 459 -51.25 -5.62 25.69
C ILE B 459 -50.94 -5.78 27.17
N GLY B 460 -49.69 -5.50 27.54
CA GLY B 460 -49.22 -5.73 28.88
C GLY B 460 -49.29 -4.51 29.79
N MET B 461 -49.33 -4.80 31.10
CA MET B 461 -49.43 -3.76 32.11
C MET B 461 -48.50 -4.12 33.31
N PRO B 462 -47.40 -3.33 33.62
CA PRO B 462 -46.44 -3.70 34.67
C PRO B 462 -47.10 -3.84 36.04
N HIS B 463 -46.57 -4.79 36.82
CA HIS B 463 -46.99 -5.01 38.19
C HIS B 463 -45.76 -5.27 39.05
N ASN B 464 -45.95 -5.20 40.36
CA ASN B 464 -44.81 -5.29 41.29
C ASN B 464 -44.27 -6.72 41.36
N LYS B 465 -45.10 -7.67 41.77
CA LYS B 465 -44.61 -9.02 42.06
C LYS B 465 -44.50 -9.85 40.78
N TRP B 466 -45.57 -9.90 39.99
CA TRP B 466 -45.62 -10.76 38.81
C TRP B 466 -45.08 -10.08 37.56
N GLY B 467 -44.51 -8.88 37.70
CA GLY B 467 -44.05 -8.17 36.52
C GLY B 467 -45.22 -7.72 35.66
N GLU B 468 -44.95 -7.58 34.37
CA GLU B 468 -46.00 -7.15 33.45
C GLU B 468 -47.09 -8.21 33.36
N VAL B 469 -48.34 -7.75 33.34
CA VAL B 469 -49.48 -8.66 33.27
C VAL B 469 -50.29 -8.30 32.02
N PRO B 470 -51.02 -9.26 31.43
CA PRO B 470 -51.78 -8.94 30.22
C PRO B 470 -52.99 -8.08 30.52
N LEU B 471 -53.39 -7.31 29.52
CA LEU B 471 -54.63 -6.54 29.56
C LEU B 471 -55.28 -6.60 28.19
N ALA B 472 -56.61 -6.76 28.18
CA ALA B 472 -57.37 -6.97 26.95
C ALA B 472 -58.19 -5.73 26.63
N LEU B 473 -58.11 -5.28 25.38
CA LEU B 473 -58.90 -4.17 24.87
C LEU B 473 -59.73 -4.67 23.70
N VAL B 474 -61.06 -4.63 23.84
CA VAL B 474 -61.97 -5.15 22.83
C VAL B 474 -63.08 -4.14 22.61
N THR B 475 -63.91 -4.42 21.60
CA THR B 475 -65.13 -3.68 21.32
C THR B 475 -66.30 -4.65 21.31
N LEU B 476 -67.38 -4.30 22.02
CA LEU B 476 -68.46 -5.23 22.28
C LEU B 476 -69.38 -5.36 21.07
N LYS B 477 -70.46 -6.12 21.21
CA LYS B 477 -71.41 -6.38 20.13
C LYS B 477 -72.78 -5.82 20.48
N GLU B 478 -73.76 -6.11 19.63
CA GLU B 478 -75.08 -5.46 19.69
C GLU B 478 -75.85 -5.91 20.93
N ASP B 479 -76.41 -4.92 21.64
CA ASP B 479 -77.24 -5.13 22.83
C ASP B 479 -76.55 -6.01 23.87
N ALA B 480 -75.22 -6.06 23.83
CA ALA B 480 -74.43 -6.86 24.76
C ALA B 480 -73.52 -5.90 25.54
N GLN B 481 -74.05 -5.33 26.61
CA GLN B 481 -73.25 -4.47 27.50
C GLN B 481 -72.47 -5.31 28.49
N VAL B 482 -71.71 -6.27 27.97
CA VAL B 482 -70.99 -7.23 28.80
C VAL B 482 -69.74 -6.55 29.35
N THR B 483 -69.68 -6.42 30.67
CA THR B 483 -68.60 -5.70 31.33
C THR B 483 -67.36 -6.59 31.40
N GLU B 484 -66.35 -6.13 32.15
CA GLU B 484 -65.11 -6.90 32.27
C GLU B 484 -65.32 -8.24 32.96
N LYS B 485 -66.32 -8.32 33.85
CA LYS B 485 -66.57 -9.57 34.57
C LYS B 485 -67.00 -10.68 33.62
N GLU B 486 -67.85 -10.36 32.63
CA GLU B 486 -68.30 -11.38 31.69
C GLU B 486 -67.15 -11.89 30.83
N LEU B 487 -66.29 -10.98 30.35
CA LEU B 487 -65.13 -11.40 29.56
C LEU B 487 -64.16 -12.22 30.41
N LEU B 488 -63.98 -11.83 31.67
CA LEU B 488 -63.15 -12.62 32.57
C LEU B 488 -63.70 -14.03 32.73
N GLY B 489 -65.01 -14.14 32.95
CA GLY B 489 -65.62 -15.46 33.08
C GLY B 489 -65.50 -16.29 31.82
N PHE B 490 -65.68 -15.66 30.66
CA PHE B 490 -65.52 -16.37 29.39
C PHE B 490 -64.09 -16.88 29.23
N ALA B 491 -63.10 -16.06 29.58
CA ALA B 491 -61.72 -16.52 29.53
C ALA B 491 -61.50 -17.68 30.49
N LYS B 492 -62.07 -17.61 31.69
CA LYS B 492 -61.94 -18.70 32.64
C LYS B 492 -62.61 -19.97 32.14
N ASP B 493 -63.63 -19.84 31.29
CA ASP B 493 -64.35 -20.99 30.79
C ASP B 493 -63.51 -21.88 29.88
N PHE B 494 -62.38 -21.36 29.43
CA PHE B 494 -61.52 -22.14 28.57
C PHE B 494 -60.64 -23.13 29.31
N ILE B 495 -59.78 -23.83 28.60
CA ILE B 495 -58.85 -24.78 29.19
C ILE B 495 -57.51 -24.65 28.47
N ASN B 496 -56.57 -25.54 28.83
CA ASN B 496 -55.27 -25.68 28.18
C ASN B 496 -54.45 -24.40 28.29
N LYS B 497 -54.14 -24.03 29.54
CA LYS B 497 -53.28 -22.89 29.80
C LYS B 497 -52.39 -23.21 31.00
N GLY B 498 -51.21 -22.61 31.01
CA GLY B 498 -50.23 -22.80 32.07
C GLY B 498 -50.24 -21.66 33.08
N ILE B 499 -49.07 -21.41 33.66
CA ILE B 499 -48.87 -20.33 34.64
C ILE B 499 -49.85 -20.52 35.79
N LEU B 500 -50.36 -19.42 36.34
CA LEU B 500 -51.27 -19.47 37.48
C LEU B 500 -52.59 -20.12 37.11
N ALA B 501 -52.80 -21.36 37.57
CA ALA B 501 -53.99 -22.13 37.24
C ALA B 501 -54.18 -22.20 35.73
N ARG B 502 -55.01 -21.30 35.19
CA ARG B 502 -55.22 -21.18 33.76
C ARG B 502 -54.68 -19.84 33.25
N GLU B 503 -53.59 -19.38 33.86
CA GLU B 503 -52.94 -18.10 33.56
C GLU B 503 -53.91 -16.91 33.60
N ALA B 504 -55.05 -17.09 34.26
CA ALA B 504 -56.07 -16.04 34.35
C ALA B 504 -56.21 -15.63 35.82
N LEU B 505 -55.36 -14.69 36.25
CA LEU B 505 -55.49 -14.08 37.56
C LEU B 505 -55.28 -12.58 37.57
N LEU B 506 -54.73 -11.99 36.51
CA LEU B 506 -54.49 -10.54 36.46
C LEU B 506 -54.86 -9.98 35.10
N LEU B 507 -55.89 -10.54 34.46
CA LEU B 507 -56.24 -10.13 33.10
C LEU B 507 -56.66 -8.66 33.04
N LYS B 508 -57.53 -8.24 33.96
CA LYS B 508 -58.00 -6.86 34.04
C LYS B 508 -58.51 -6.35 32.69
N VAL B 509 -59.38 -7.16 32.07
CA VAL B 509 -59.88 -6.84 30.74
C VAL B 509 -60.66 -5.54 30.77
N LYS B 510 -60.49 -4.73 29.73
CA LYS B 510 -61.21 -3.47 29.56
C LYS B 510 -61.88 -3.45 28.20
N ILE B 511 -62.63 -2.38 27.95
CA ILE B 511 -63.32 -2.17 26.68
C ILE B 511 -63.14 -0.71 26.30
N VAL B 512 -62.28 -0.43 25.33
CA VAL B 512 -62.11 0.91 24.78
C VAL B 512 -62.72 0.94 23.38
N ASP B 513 -63.47 2.00 23.10
CA ASP B 513 -64.24 2.10 21.87
C ASP B 513 -63.36 2.04 20.62
N GLU B 514 -62.49 3.02 20.44
CA GLU B 514 -61.70 3.15 19.21
C GLU B 514 -60.30 2.61 19.43
N ILE B 515 -59.85 1.76 18.52
CA ILE B 515 -58.50 1.21 18.54
C ILE B 515 -57.72 1.84 17.39
N ALA B 516 -56.61 2.50 17.72
CA ALA B 516 -55.81 3.15 16.70
C ALA B 516 -55.21 2.12 15.74
N LYS B 517 -55.25 2.43 14.45
CA LYS B 517 -54.76 1.54 13.41
C LYS B 517 -53.75 2.28 12.55
N THR B 518 -52.60 1.65 12.32
CA THR B 518 -51.53 2.25 11.53
C THR B 518 -51.94 2.38 10.07
N SER B 519 -51.04 2.96 9.27
CA SER B 519 -51.28 3.10 7.84
C SER B 519 -51.25 1.76 7.12
N VAL B 520 -50.70 0.71 7.74
CA VAL B 520 -50.70 -0.62 7.15
C VAL B 520 -51.92 -1.43 7.55
N GLY B 521 -52.88 -0.83 8.24
CA GLY B 521 -54.07 -1.52 8.66
C GLY B 521 -53.96 -2.23 10.01
N LYS B 522 -52.76 -2.31 10.57
CA LYS B 522 -52.55 -2.98 11.84
C LYS B 522 -52.70 -1.99 12.99
N VAL B 523 -53.04 -2.51 14.17
CA VAL B 523 -53.23 -1.66 15.34
C VAL B 523 -51.87 -1.24 15.89
N ASP B 524 -51.77 0.02 16.30
CA ASP B 524 -50.53 0.56 16.84
C ASP B 524 -50.48 0.26 18.33
N LYS B 525 -49.82 -0.85 18.69
CA LYS B 525 -49.78 -1.27 20.08
C LYS B 525 -48.96 -0.30 20.93
N LYS B 526 -47.89 0.26 20.37
CA LYS B 526 -47.10 1.23 21.11
C LYS B 526 -47.90 2.49 21.42
N GLU B 527 -48.67 2.98 20.45
CA GLU B 527 -49.52 4.14 20.69
C GLU B 527 -50.60 3.84 21.71
N LEU B 528 -51.16 2.62 21.67
CA LEU B 528 -52.14 2.22 22.66
C LEU B 528 -51.53 2.19 24.06
N ARG B 529 -50.31 1.69 24.17
CA ARG B 529 -49.60 1.72 25.46
C ARG B 529 -49.38 3.15 25.93
N LYS B 530 -48.98 4.03 25.01
CA LYS B 530 -48.73 5.42 25.39
C LYS B 530 -50.01 6.10 25.87
N LEU B 531 -51.13 5.83 25.20
CA LEU B 531 -52.40 6.44 25.60
C LEU B 531 -52.92 5.86 26.90
N HIS B 532 -52.73 4.56 27.12
CA HIS B 532 -53.27 3.91 28.32
C HIS B 532 -52.34 3.98 29.51
N LEU B 533 -51.03 3.94 29.30
CA LEU B 533 -50.11 3.87 30.43
C LEU B 533 -48.81 4.63 30.24
N TYR C 4 15.65 -9.06 10.27
CA TYR C 4 15.84 -9.34 8.85
C TYR C 4 15.39 -10.75 8.50
N VAL C 5 14.62 -10.88 7.43
CA VAL C 5 14.19 -12.18 6.93
C VAL C 5 15.32 -12.77 6.08
N ASN C 6 15.87 -13.90 6.51
CA ASN C 6 17.10 -14.41 5.91
C ASN C 6 16.84 -14.95 4.51
N ASP C 7 15.82 -15.80 4.35
CA ASP C 7 15.56 -16.49 3.09
C ASP C 7 16.83 -17.19 2.60
N PRO C 8 17.20 -18.33 3.20
CA PRO C 8 18.54 -18.89 2.96
C PRO C 8 18.85 -19.16 1.50
N SER C 9 17.86 -19.40 0.66
CA SER C 9 18.13 -19.56 -0.77
C SER C 9 18.59 -18.26 -1.41
N ASN C 10 18.19 -17.12 -0.85
CA ASN C 10 18.59 -15.82 -1.36
C ASN C 10 19.92 -15.41 -0.73
N TYR C 11 20.96 -15.36 -1.55
CA TYR C 11 22.32 -15.13 -1.06
C TYR C 11 22.62 -13.64 -1.01
N GLN C 12 23.17 -13.20 0.11
CA GLN C 12 23.63 -11.82 0.28
C GLN C 12 25.15 -11.79 0.25
N LEU C 13 25.71 -10.80 -0.44
CA LEU C 13 27.17 -10.66 -0.57
C LEU C 13 27.68 -9.80 0.58
N LEU C 14 28.24 -10.46 1.59
CA LEU C 14 28.71 -9.78 2.79
C LEU C 14 30.21 -9.99 2.97
N ILE C 15 30.81 -9.16 3.83
CA ILE C 15 32.24 -9.23 4.11
C ILE C 15 32.59 -10.47 4.94
N LYS C 16 31.67 -10.92 5.79
CA LYS C 16 31.91 -12.14 6.54
C LYS C 16 32.09 -13.34 5.62
N ASN C 17 31.49 -13.30 4.43
CA ASN C 17 31.75 -14.34 3.45
C ASN C 17 33.15 -14.23 2.86
N LEU C 18 33.68 -13.01 2.75
CA LEU C 18 35.07 -12.85 2.37
C LEU C 18 35.99 -13.47 3.40
N LEU C 19 35.68 -13.30 4.68
CA LEU C 19 36.55 -13.83 5.72
C LEU C 19 36.42 -15.34 5.87
N PHE C 20 35.19 -15.86 5.89
CA PHE C 20 34.94 -17.24 6.27
C PHE C 20 34.71 -18.17 5.09
N SER C 21 34.65 -17.64 3.87
CA SER C 21 34.57 -18.46 2.66
C SER C 21 35.63 -17.96 1.68
N PRO C 22 36.90 -18.10 2.02
CA PRO C 22 37.96 -17.53 1.18
C PRO C 22 38.30 -18.45 0.02
N VAL C 23 39.18 -17.95 -0.85
CA VAL C 23 39.73 -18.80 -1.90
C VAL C 23 40.61 -19.89 -1.27
N ALA C 24 41.44 -19.51 -0.31
CA ALA C 24 42.29 -20.46 0.39
C ALA C 24 42.42 -20.03 1.84
N PHE C 25 42.45 -21.02 2.74
CA PHE C 25 42.61 -20.77 4.17
C PHE C 25 43.66 -21.71 4.72
N ASN C 26 44.79 -21.15 5.14
CA ASN C 26 45.83 -21.90 5.83
C ASN C 26 45.85 -21.44 7.28
N PRO C 27 45.39 -22.26 8.23
CA PRO C 27 45.34 -21.81 9.63
C PRO C 27 46.69 -21.49 10.22
N GLU C 28 47.78 -22.02 9.65
CA GLU C 28 49.12 -21.79 10.16
C GLU C 28 49.86 -20.68 9.42
N GLN C 29 49.22 -20.02 8.46
CA GLN C 29 49.81 -18.86 7.83
C GLN C 29 49.84 -17.69 8.81
N GLU C 30 50.88 -16.88 8.72
CA GLU C 30 51.18 -15.87 9.73
C GLU C 30 50.65 -14.50 9.34
N ILE C 31 50.42 -13.67 10.36
CA ILE C 31 50.14 -12.25 10.20
C ILE C 31 51.18 -11.53 11.04
N VAL C 32 52.01 -10.70 10.41
CA VAL C 32 53.19 -10.14 11.05
C VAL C 32 53.03 -8.64 11.20
N TYR C 33 53.10 -8.16 12.43
CA TYR C 33 53.23 -6.74 12.73
C TYR C 33 54.70 -6.46 13.02
N ALA C 34 55.27 -5.48 12.30
CA ALA C 34 56.72 -5.32 12.18
C ALA C 34 57.45 -5.37 13.52
N ASN C 35 58.22 -6.44 13.72
CA ASN C 35 59.07 -6.61 14.91
C ASN C 35 58.29 -6.48 16.22
N HIS C 36 56.96 -6.54 16.18
CA HIS C 36 56.15 -6.39 17.38
C HIS C 36 55.42 -7.68 17.75
N ARG C 37 54.61 -8.21 16.84
CA ARG C 37 53.81 -9.40 17.12
C ARG C 37 53.76 -10.28 15.89
N ARG C 38 53.48 -11.56 16.12
CA ARG C 38 53.22 -12.54 15.06
C ARG C 38 52.13 -13.48 15.56
N HIS C 39 51.16 -13.78 14.70
CA HIS C 39 50.18 -14.79 15.01
C HIS C 39 49.63 -15.36 13.71
N SER C 40 48.91 -16.47 13.83
CA SER C 40 48.43 -17.19 12.66
C SER C 40 47.03 -16.73 12.28
N TYR C 41 46.52 -17.28 11.16
CA TYR C 41 45.19 -16.92 10.71
C TYR C 41 44.11 -17.41 11.67
N LYS C 42 44.37 -18.51 12.38
CA LYS C 42 43.45 -18.98 13.40
C LYS C 42 43.33 -17.98 14.54
N THR C 43 44.47 -17.46 15.01
CA THR C 43 44.46 -16.42 16.01
C THR C 43 43.77 -15.16 15.49
N PHE C 44 43.98 -14.85 14.21
CA PHE C 44 43.32 -13.68 13.62
C PHE C 44 41.81 -13.82 13.64
N HIS C 45 41.31 -14.99 13.29
CA HIS C 45 39.87 -15.28 13.29
C HIS C 45 39.32 -15.29 14.70
N ASP C 46 40.07 -15.73 15.71
CA ASP C 46 39.68 -15.66 17.12
C ASP C 46 39.62 -14.21 17.60
N ARG C 47 40.63 -13.41 17.24
CA ARG C 47 40.67 -12.02 17.67
C ARG C 47 39.58 -11.20 17.02
N VAL C 48 39.20 -11.52 15.78
CA VAL C 48 38.07 -10.83 15.16
C VAL C 48 36.79 -11.10 15.93
N ARG C 49 36.57 -12.36 16.33
CA ARG C 49 35.38 -12.68 17.12
C ARG C 49 35.42 -12.01 18.49
N GLN C 50 36.60 -11.96 19.11
CA GLN C 50 36.76 -11.25 20.38
C GLN C 50 36.45 -9.76 20.23
N PHE C 51 36.91 -9.14 19.15
CA PHE C 51 36.62 -7.73 18.92
C PHE C 51 35.13 -7.51 18.71
N ALA C 52 34.47 -8.45 18.05
CA ALA C 52 33.02 -8.39 17.91
C ALA C 52 32.34 -8.42 19.28
N ASN C 53 32.80 -9.31 20.15
CA ASN C 53 32.25 -9.39 21.51
C ASN C 53 32.46 -8.09 22.26
N ALA C 54 33.65 -7.52 22.18
CA ALA C 54 33.93 -6.27 22.90
C ALA C 54 33.08 -5.12 22.37
N LEU C 55 32.95 -5.02 21.04
CA LEU C 55 32.13 -3.96 20.46
C LEU C 55 30.67 -4.11 20.88
N THR C 56 30.16 -5.34 20.94
CA THR C 56 28.81 -5.55 21.43
C THR C 56 28.70 -5.14 22.89
N LYS C 57 29.73 -5.41 23.70
CA LYS C 57 29.70 -5.02 25.10
C LYS C 57 29.65 -3.50 25.27
N MET C 58 30.45 -2.77 24.47
CA MET C 58 30.45 -1.32 24.58
C MET C 58 29.16 -0.67 24.12
N GLY C 59 28.28 -1.40 23.46
CA GLY C 59 27.02 -0.87 23.00
C GLY C 59 26.97 -0.39 21.58
N VAL C 60 27.68 -1.05 20.66
CA VAL C 60 27.63 -0.70 19.25
C VAL C 60 26.50 -1.46 18.60
N LYS C 61 25.57 -0.73 18.00
CA LYS C 61 24.40 -1.31 17.35
C LYS C 61 24.69 -1.52 15.87
N LYS C 62 23.64 -1.80 15.09
CA LYS C 62 23.74 -2.05 13.67
C LYS C 62 23.73 -0.78 12.84
N GLY C 63 23.82 0.39 13.46
CA GLY C 63 23.87 1.62 12.70
C GLY C 63 24.89 2.60 13.24
N ASP C 64 25.66 2.17 14.23
CA ASP C 64 26.63 3.04 14.89
C ASP C 64 27.85 3.24 13.99
N THR C 65 28.70 4.18 14.39
CA THR C 65 29.92 4.51 13.66
C THR C 65 31.10 4.39 14.61
N VAL C 66 32.13 3.67 14.18
CA VAL C 66 33.38 3.55 14.92
C VAL C 66 34.48 4.15 14.09
N ALA C 67 35.20 5.12 14.65
CA ALA C 67 36.26 5.83 13.97
C ALA C 67 37.62 5.32 14.44
N VAL C 68 38.58 5.27 13.52
CA VAL C 68 39.90 4.71 13.79
C VAL C 68 40.95 5.73 13.36
N MET C 69 41.92 5.99 14.26
CA MET C 69 43.10 6.81 13.98
C MET C 69 44.31 5.96 14.32
N ASP C 70 44.86 5.26 13.33
CA ASP C 70 45.91 4.28 13.58
C ASP C 70 46.89 4.28 12.41
N TYR C 71 47.97 3.52 12.56
CA TYR C 71 48.92 3.25 11.50
C TYR C 71 48.55 1.95 10.80
N ASP C 72 49.42 1.45 9.93
CA ASP C 72 49.22 0.15 9.28
C ASP C 72 49.64 -0.93 10.26
N SER C 73 48.68 -1.69 10.75
CA SER C 73 48.96 -2.71 11.76
C SER C 73 47.93 -3.82 11.65
N HIS C 74 48.10 -4.84 12.50
CA HIS C 74 47.12 -5.90 12.60
C HIS C 74 45.79 -5.42 13.19
N ARG C 75 45.84 -4.38 14.03
CA ARG C 75 44.61 -3.83 14.60
C ARG C 75 43.73 -3.23 13.52
N TYR C 76 44.32 -2.54 12.56
CA TYR C 76 43.54 -1.97 11.47
C TYR C 76 42.94 -3.08 10.59
N LEU C 77 43.69 -4.16 10.39
CA LEU C 77 43.15 -5.30 9.64
C LEU C 77 41.99 -5.93 10.38
N GLU C 78 42.07 -6.00 11.71
CA GLU C 78 40.96 -6.52 12.50
C GLU C 78 39.75 -5.62 12.43
N CYS C 79 39.96 -4.30 12.44
CA CYS C 79 38.85 -3.35 12.31
C CYS C 79 38.23 -3.39 10.93
N TYR C 80 39.02 -3.70 9.90
CA TYR C 80 38.51 -3.82 8.54
C TYR C 80 37.47 -4.90 8.41
N PHE C 81 37.45 -5.86 9.32
CA PHE C 81 36.49 -6.96 9.29
C PHE C 81 35.45 -6.87 10.40
N ALA C 82 35.88 -6.75 11.66
CA ALA C 82 34.96 -6.93 12.78
C ALA C 82 33.86 -5.89 12.79
N ILE C 83 34.19 -4.62 12.55
CA ILE C 83 33.17 -3.57 12.61
C ILE C 83 32.12 -3.72 11.51
N PRO C 84 32.45 -3.95 10.24
CA PRO C 84 31.40 -4.18 9.25
C PRO C 84 30.52 -5.40 9.52
N MET C 85 31.09 -6.50 10.04
CA MET C 85 30.29 -7.71 10.24
C MET C 85 29.23 -7.51 11.32
N ILE C 86 29.54 -6.71 12.33
CA ILE C 86 28.56 -6.39 13.37
C ILE C 86 27.39 -5.61 12.78
N GLY C 87 27.63 -4.83 11.74
CA GLY C 87 26.61 -3.98 11.14
C GLY C 87 26.89 -2.51 11.27
N ALA C 88 27.97 -2.11 11.93
CA ALA C 88 28.34 -0.71 12.04
C ALA C 88 29.17 -0.26 10.84
N LYS C 89 29.30 1.05 10.70
CA LYS C 89 30.13 1.63 9.65
C LYS C 89 31.50 1.97 10.20
N LEU C 90 32.53 1.65 9.43
CA LEU C 90 33.90 2.00 9.77
C LEU C 90 34.24 3.34 9.13
N HIS C 91 34.58 4.31 9.96
CA HIS C 91 34.99 5.63 9.49
C HIS C 91 36.51 5.71 9.59
N MET C 92 37.18 5.81 8.45
CA MET C 92 38.63 5.92 8.40
C MET C 92 39.02 7.39 8.44
N ILE C 93 39.79 7.77 9.45
CA ILE C 93 40.17 9.16 9.64
C ILE C 93 41.53 9.38 9.01
N ASN C 94 41.62 10.41 8.17
CA ASN C 94 42.87 10.81 7.53
C ASN C 94 43.68 11.61 8.54
N VAL C 95 44.77 11.02 9.05
CA VAL C 95 45.57 11.68 10.06
C VAL C 95 46.47 12.77 9.48
N ARG C 96 46.52 12.90 8.15
CA ARG C 96 47.31 13.94 7.51
C ARG C 96 46.56 15.26 7.37
N LEU C 97 45.26 15.27 7.61
CA LEU C 97 44.49 16.50 7.54
C LEU C 97 44.80 17.40 8.74
N SER C 98 44.42 18.66 8.61
CA SER C 98 44.55 19.58 9.72
C SER C 98 43.56 19.23 10.82
N PRO C 99 43.85 19.58 12.08
CA PRO C 99 42.92 19.24 13.17
C PRO C 99 41.52 19.80 12.98
N GLU C 100 41.37 20.95 12.35
CA GLU C 100 40.04 21.50 12.10
C GLU C 100 39.26 20.64 11.11
N GLN C 101 39.92 20.16 10.05
CA GLN C 101 39.26 19.27 9.11
C GLN C 101 38.92 17.93 9.73
N ILE C 102 39.81 17.40 10.58
CA ILE C 102 39.53 16.16 11.28
C ILE C 102 38.32 16.32 12.19
N LEU C 103 38.27 17.44 12.90
CA LEU C 103 37.13 17.72 13.77
C LEU C 103 35.84 17.85 12.96
N TYR C 104 35.92 18.50 11.80
CA TYR C 104 34.74 18.60 10.94
C TYR C 104 34.24 17.23 10.51
N THR C 105 35.16 16.35 10.11
CA THR C 105 34.74 15.02 9.66
C THR C 105 34.17 14.20 10.80
N ILE C 106 34.73 14.35 12.01
CA ILE C 106 34.19 13.64 13.16
C ILE C 106 32.78 14.12 13.47
N ASP C 107 32.57 15.43 13.46
CA ASP C 107 31.23 15.97 13.70
C ASP C 107 30.25 15.56 12.61
N HIS C 108 30.70 15.53 11.35
CA HIS C 108 29.83 15.19 10.24
C HIS C 108 29.41 13.73 10.26
N ALA C 109 30.36 12.83 10.51
CA ALA C 109 30.04 11.40 10.50
C ALA C 109 29.30 10.96 11.75
N GLU C 110 29.39 11.73 12.84
CA GLU C 110 28.72 11.42 14.10
C GLU C 110 29.19 10.08 14.66
N ASP C 111 30.48 10.01 14.95
CA ASP C 111 31.07 8.78 15.48
C ASP C 111 30.68 8.56 16.93
N ASP C 112 30.66 7.31 17.33
CA ASP C 112 30.33 6.90 18.69
C ASP C 112 31.55 6.49 19.50
N ILE C 113 32.44 5.68 18.94
CA ILE C 113 33.65 5.24 19.59
C ILE C 113 34.82 5.60 18.68
N ILE C 114 35.91 6.11 19.27
CA ILE C 114 37.11 6.47 18.54
C ILE C 114 38.25 5.60 19.03
N LEU C 115 38.88 4.87 18.11
CA LEU C 115 40.09 4.10 18.38
C LEU C 115 41.27 4.92 17.87
N ILE C 116 42.10 5.39 18.78
CA ILE C 116 43.15 6.35 18.44
C ILE C 116 44.47 5.85 18.98
N HIS C 117 45.52 5.98 18.17
CA HIS C 117 46.85 5.63 18.62
C HIS C 117 47.39 6.72 19.55
N GLU C 118 48.26 6.31 20.47
CA GLU C 118 48.76 7.24 21.48
C GLU C 118 49.64 8.33 20.88
N GLU C 119 50.15 8.14 19.66
CA GLU C 119 50.96 9.17 19.01
C GLU C 119 50.12 10.24 18.33
N PHE C 120 48.83 10.01 18.14
CA PHE C 120 47.92 11.02 17.63
C PHE C 120 47.18 11.75 18.74
N LEU C 121 47.51 11.46 20.00
CA LEU C 121 46.86 12.15 21.12
C LEU C 121 47.04 13.66 21.09
N PRO C 122 48.20 14.23 20.74
CA PRO C 122 48.28 15.69 20.61
C PRO C 122 47.29 16.27 19.62
N ILE C 123 46.99 15.56 18.53
CA ILE C 123 45.97 16.05 17.59
C ILE C 123 44.60 16.10 18.28
N LEU C 124 44.27 15.06 19.03
CA LEU C 124 43.00 15.04 19.76
C LEU C 124 42.96 16.07 20.87
N ASP C 125 44.11 16.51 21.38
CA ASP C 125 44.14 17.43 22.51
C ASP C 125 43.49 18.76 22.17
N GLN C 126 43.67 19.23 20.94
CA GLN C 126 43.18 20.55 20.56
C GLN C 126 41.77 20.54 19.98
N ILE C 127 41.13 19.38 19.87
CA ILE C 127 39.79 19.30 19.31
C ILE C 127 38.88 18.48 20.21
N LYS C 128 39.40 18.04 21.35
CA LYS C 128 38.62 17.15 22.21
C LYS C 128 37.40 17.84 22.80
N GLY C 129 37.51 19.14 23.09
CA GLY C 129 36.38 19.84 23.70
C GLY C 129 35.17 19.95 22.79
N ARG C 130 35.39 20.24 21.51
CA ARG C 130 34.31 20.52 20.57
C ARG C 130 33.89 19.28 19.78
N ILE C 131 33.58 18.15 20.41
CA ILE C 131 33.25 16.92 19.70
C ILE C 131 31.80 16.50 19.93
N ASP C 132 31.42 16.26 21.18
CA ASP C 132 30.03 16.16 21.58
C ASP C 132 29.32 14.91 21.08
N THR C 133 29.95 14.12 20.21
CA THR C 133 29.32 12.86 19.78
C THR C 133 29.98 11.64 20.39
N VAL C 134 31.30 11.66 20.59
CA VAL C 134 32.02 10.46 21.00
C VAL C 134 31.83 10.24 22.50
N THR C 135 31.51 9.00 22.87
CA THR C 135 31.33 8.62 24.26
C THR C 135 32.56 7.93 24.85
N ARG C 136 33.30 7.16 24.06
CA ARG C 136 34.45 6.43 24.55
C ARG C 136 35.64 6.61 23.62
N TYR C 137 36.83 6.70 24.21
CA TYR C 137 38.10 6.74 23.49
C TYR C 137 38.92 5.53 23.88
N VAL C 138 39.45 4.82 22.88
CA VAL C 138 40.30 3.66 23.10
C VAL C 138 41.69 4.01 22.58
N VAL C 139 42.68 3.96 23.47
CA VAL C 139 44.05 4.32 23.14
C VAL C 139 44.81 3.08 22.73
N LEU C 140 45.39 3.10 21.53
CA LEU C 140 46.16 1.98 21.01
C LEU C 140 47.63 2.24 21.26
N ARG C 141 48.33 1.21 21.73
CA ARG C 141 49.76 1.29 22.01
C ARG C 141 50.46 0.10 21.37
N ASP C 142 51.78 0.21 21.26
CA ASP C 142 52.58 -0.86 20.67
C ASP C 142 53.16 -1.82 21.70
N ASP C 143 52.71 -1.71 22.96
CA ASP C 143 53.16 -2.62 24.00
C ASP C 143 51.96 -3.26 24.70
N GLU C 144 52.21 -3.93 25.83
CA GLU C 144 51.14 -4.61 26.56
C GLU C 144 50.19 -3.63 27.24
N GLU C 145 50.50 -2.35 27.26
CA GLU C 145 49.64 -1.34 27.88
C GLU C 145 48.48 -0.92 26.98
N CYS C 146 48.38 -1.46 25.78
CA CYS C 146 47.30 -1.11 24.88
C CYS C 146 45.95 -1.44 25.49
N GLU C 147 45.01 -0.50 25.40
CA GLU C 147 43.66 -0.73 25.89
C GLU C 147 42.86 -1.60 24.95
N TYR C 148 43.20 -1.58 23.65
CA TYR C 148 42.56 -2.48 22.71
C TYR C 148 42.87 -3.94 23.05
N GLU C 149 44.14 -4.24 23.37
CA GLU C 149 44.50 -5.59 23.75
C GLU C 149 43.84 -6.00 25.06
N ARG C 150 43.76 -5.07 26.01
CA ARG C 150 43.12 -5.38 27.29
C ARG C 150 41.64 -5.65 27.12
N LEU C 151 40.97 -4.88 26.26
CA LEU C 151 39.57 -5.13 25.97
C LEU C 151 39.37 -6.43 25.21
N LEU C 152 40.28 -6.88 24.38
CA LEU C 152 40.02 -8.11 23.63
C LEU C 152 40.29 -9.29 24.51
N GLU C 153 41.35 -9.25 25.32
CA GLU C 153 41.66 -10.45 26.10
C GLU C 153 40.73 -10.62 27.29
N GLN C 154 39.58 -9.95 27.29
CA GLN C 154 38.56 -10.10 28.31
C GLN C 154 37.26 -10.68 27.75
N GLU C 155 37.30 -11.24 26.55
CA GLU C 155 36.12 -11.71 25.85
C GLU C 155 36.32 -13.13 25.34
N SER C 156 35.22 -13.77 24.97
CA SER C 156 35.27 -15.12 24.41
C SER C 156 35.48 -15.06 22.90
N THR C 157 36.09 -16.11 22.36
CA THR C 157 36.38 -16.22 20.94
C THR C 157 35.26 -16.86 20.15
N GLU C 158 34.02 -16.80 20.65
CA GLU C 158 32.86 -17.34 19.96
C GLU C 158 31.86 -16.21 19.71
N TYR C 159 31.33 -16.16 18.49
CA TYR C 159 30.40 -15.12 18.11
C TYR C 159 29.66 -15.56 16.85
N ASN C 160 28.36 -15.30 16.80
CA ASN C 160 27.52 -15.62 15.66
C ASN C 160 27.22 -14.32 14.92
N PHE C 161 27.85 -14.13 13.78
CA PHE C 161 27.71 -12.89 13.05
C PHE C 161 26.36 -12.84 12.33
N PRO C 162 25.68 -11.70 12.36
CA PRO C 162 24.32 -11.63 11.82
C PRO C 162 24.31 -11.63 10.30
N ASP C 163 23.10 -11.81 9.76
CA ASP C 163 22.93 -11.75 8.32
C ASP C 163 21.96 -10.60 8.08
N PHE C 164 22.33 -9.68 7.21
CA PHE C 164 21.52 -8.52 6.89
C PHE C 164 21.58 -8.27 5.39
N ASP C 165 20.96 -7.18 4.96
CA ASP C 165 20.98 -6.80 3.56
C ASP C 165 22.41 -6.50 3.11
N GLU C 166 22.71 -6.85 1.87
CA GLU C 166 24.03 -6.58 1.33
C GLU C 166 24.23 -5.10 1.00
N ASN C 167 23.17 -4.29 1.05
CA ASN C 167 23.24 -2.88 0.73
C ASN C 167 23.43 -2.00 1.95
N THR C 168 23.64 -2.59 3.12
CA THR C 168 23.95 -1.78 4.30
C THR C 168 25.37 -1.25 4.21
N VAL C 169 25.54 0.00 4.64
CA VAL C 169 26.82 0.69 4.48
C VAL C 169 27.87 0.05 5.36
N ALA C 170 29.06 -0.17 4.81
CA ALA C 170 30.15 -0.83 5.51
C ALA C 170 31.25 0.13 5.93
N THR C 171 31.71 1.00 5.04
CA THR C 171 32.81 1.91 5.32
C THR C 171 32.50 3.30 4.81
N THR C 172 33.18 4.29 5.37
CA THR C 172 33.07 5.66 4.93
C THR C 172 34.38 6.39 5.22
N PHE C 173 34.73 7.31 4.33
CA PHE C 173 35.88 8.17 4.56
C PHE C 173 35.67 9.46 3.78
N TYR C 174 36.46 10.47 4.11
CA TYR C 174 36.26 11.82 3.60
C TYR C 174 37.41 12.20 2.68
N THR C 175 37.08 12.69 1.49
CA THR C 175 38.06 13.11 0.50
C THR C 175 38.17 14.63 0.48
N THR C 176 39.40 15.11 0.42
CA THR C 176 39.70 16.54 0.53
C THR C 176 40.02 17.17 -0.82
N GLY C 177 39.30 16.80 -1.86
CA GLY C 177 39.54 17.34 -3.20
C GLY C 177 39.18 18.80 -3.34
N THR C 178 38.93 19.24 -4.57
CA THR C 178 38.67 20.65 -4.86
C THR C 178 37.23 20.96 -4.48
N THR C 179 37.05 21.36 -3.22
CA THR C 179 35.74 21.74 -2.69
C THR C 179 35.97 22.45 -1.36
N GLY C 180 34.93 23.12 -0.88
CA GLY C 180 35.07 23.93 0.32
C GLY C 180 35.35 23.12 1.57
N PHE C 181 34.64 22.02 1.74
CA PHE C 181 34.74 21.14 2.91
C PHE C 181 34.97 19.72 2.43
N PRO C 182 35.53 18.86 3.29
CA PRO C 182 35.71 17.46 2.90
C PRO C 182 34.37 16.79 2.57
N LYS C 183 34.41 15.89 1.60
CA LYS C 183 33.23 15.19 1.11
C LYS C 183 33.30 13.74 1.54
N GLY C 184 32.17 13.20 2.02
CA GLY C 184 32.12 11.85 2.53
C GLY C 184 31.62 10.85 1.51
N VAL C 185 32.46 9.87 1.20
CA VAL C 185 32.10 8.75 0.35
C VAL C 185 31.85 7.54 1.23
N PHE C 186 31.06 6.60 0.73
CA PHE C 186 30.70 5.43 1.51
C PHE C 186 30.43 4.26 0.57
N PHE C 187 30.55 3.06 1.12
CA PHE C 187 30.42 1.83 0.35
C PHE C 187 29.67 0.79 1.17
N THR C 188 29.01 -0.12 0.45
CA THR C 188 28.25 -1.19 1.07
C THR C 188 29.06 -2.49 1.06
N HIS C 189 28.49 -3.52 1.70
CA HIS C 189 29.15 -4.83 1.73
C HIS C 189 29.26 -5.41 0.33
N ARG C 190 28.18 -5.29 -0.44
CA ARG C 190 28.15 -5.85 -1.79
C ARG C 190 29.21 -5.22 -2.67
N GLN C 191 29.38 -3.89 -2.56
CA GLN C 191 30.36 -3.20 -3.39
C GLN C 191 31.78 -3.64 -3.07
N LEU C 192 32.09 -3.81 -1.78
CA LEU C 192 33.44 -4.24 -1.41
C LEU C 192 33.72 -5.67 -1.84
N VAL C 193 32.73 -6.56 -1.66
CA VAL C 193 32.91 -7.95 -2.10
C VAL C 193 33.09 -8.01 -3.61
N LEU C 194 32.30 -7.23 -4.35
CA LEU C 194 32.40 -7.23 -5.80
C LEU C 194 33.73 -6.62 -6.26
N HIS C 195 34.21 -5.60 -5.55
CA HIS C 195 35.52 -5.03 -5.89
C HIS C 195 36.62 -6.06 -5.72
N THR C 196 36.58 -6.81 -4.61
CA THR C 196 37.56 -7.86 -4.40
C THR C 196 37.50 -8.91 -5.50
N MET C 197 36.30 -9.39 -5.81
CA MET C 197 36.15 -10.41 -6.86
C MET C 197 36.64 -9.90 -8.20
N GLY C 198 36.25 -8.68 -8.58
CA GLY C 198 36.62 -8.17 -9.89
C GLY C 198 38.10 -7.94 -10.05
N ILE C 199 38.74 -7.35 -9.04
CA ILE C 199 40.18 -7.12 -9.17
C ILE C 199 40.94 -8.44 -9.14
N LEU C 200 40.47 -9.41 -8.34
CA LEU C 200 41.13 -10.71 -8.35
C LEU C 200 41.00 -11.37 -9.71
N SER C 201 39.83 -11.31 -10.33
CA SER C 201 39.65 -11.86 -11.67
C SER C 201 40.52 -11.14 -12.70
N THR C 202 40.74 -9.83 -12.52
CA THR C 202 41.51 -9.09 -13.51
C THR C 202 43.02 -9.34 -13.38
N ILE C 203 43.56 -9.20 -12.17
CA ILE C 203 45.01 -9.25 -12.01
C ILE C 203 45.52 -10.63 -11.57
N GLY C 204 44.64 -11.58 -11.32
CA GLY C 204 45.09 -12.92 -11.01
C GLY C 204 45.26 -13.77 -12.25
N THR C 205 44.49 -13.46 -13.30
CA THR C 205 44.49 -14.25 -14.52
C THR C 205 45.54 -13.78 -15.53
N ASN C 206 46.40 -12.85 -15.16
CA ASN C 206 47.47 -12.43 -16.04
C ASN C 206 48.43 -13.60 -16.28
N ALA C 207 48.99 -13.66 -17.48
CA ALA C 207 49.83 -14.79 -17.86
C ALA C 207 51.07 -14.90 -16.97
N SER C 208 51.96 -13.91 -17.02
CA SER C 208 53.21 -14.01 -16.29
C SER C 208 53.73 -12.71 -15.67
N GLN C 209 53.02 -11.59 -15.80
CA GLN C 209 53.53 -10.31 -15.34
C GLN C 209 52.52 -9.63 -14.44
N GLY C 210 52.98 -9.14 -13.30
CA GLY C 210 52.15 -8.32 -12.43
C GLY C 210 50.91 -9.00 -11.91
N ARG C 211 51.02 -10.27 -11.52
CA ARG C 211 49.89 -11.03 -11.02
C ARG C 211 50.03 -11.26 -9.52
N LEU C 212 48.92 -11.16 -8.82
CA LEU C 212 48.85 -11.46 -7.39
C LEU C 212 48.22 -12.83 -7.22
N HIS C 213 48.99 -13.78 -6.69
CA HIS C 213 48.48 -15.13 -6.53
C HIS C 213 48.64 -15.64 -5.11
N GLN C 214 48.37 -16.92 -4.90
CA GLN C 214 48.27 -17.50 -3.57
C GLN C 214 49.63 -17.78 -2.93
N GLY C 215 50.72 -17.58 -3.64
CA GLY C 215 52.05 -17.73 -3.08
C GLY C 215 52.77 -16.45 -2.74
N ASP C 216 52.10 -15.30 -2.84
CA ASP C 216 52.73 -14.01 -2.63
C ASP C 216 52.78 -13.67 -1.14
N ILE C 217 53.60 -12.68 -0.81
CA ILE C 217 53.68 -12.12 0.53
C ILE C 217 53.41 -10.62 0.42
N TYR C 218 52.36 -10.17 1.07
CA TYR C 218 51.83 -8.82 0.87
C TYR C 218 52.23 -7.92 2.02
N MET C 219 52.73 -6.72 1.68
CA MET C 219 52.97 -5.70 2.69
C MET C 219 52.58 -4.32 2.15
N PRO C 220 51.59 -3.67 2.75
CA PRO C 220 51.18 -2.35 2.27
C PRO C 220 52.21 -1.28 2.56
N ILE C 221 52.31 -0.32 1.64
CA ILE C 221 53.08 0.90 1.86
C ILE C 221 52.18 2.08 1.53
N THR C 222 50.87 1.87 1.62
CA THR C 222 49.83 2.88 1.46
C THR C 222 49.08 3.01 2.78
N PRO C 223 48.83 4.24 3.27
CA PRO C 223 48.49 4.42 4.67
C PRO C 223 47.19 3.80 5.17
N MET C 224 46.45 3.08 4.33
CA MET C 224 45.41 2.16 4.78
C MET C 224 44.16 2.88 5.30
N PHE C 225 44.22 4.20 5.42
CA PHE C 225 43.03 4.99 5.74
C PHE C 225 42.56 5.82 4.56
N HIS C 226 43.09 5.58 3.36
CA HIS C 226 42.77 6.45 2.22
C HIS C 226 41.61 5.89 1.40
N VAL C 227 41.81 4.74 0.76
CA VAL C 227 40.80 4.17 -0.12
C VAL C 227 40.58 2.69 0.17
N HIS C 228 40.72 2.30 1.44
CA HIS C 228 40.75 0.91 1.89
C HIS C 228 42.08 0.26 1.54
N ALA C 229 43.15 1.06 1.46
CA ALA C 229 44.45 0.60 0.98
C ALA C 229 44.31 -0.09 -0.37
N TRP C 230 43.50 0.50 -1.24
CA TRP C 230 43.21 0.01 -2.59
C TRP C 230 42.51 -1.35 -2.56
N GLY C 231 41.82 -1.67 -1.46
CA GLY C 231 41.15 -2.94 -1.34
C GLY C 231 42.06 -4.15 -1.25
N LEU C 232 43.35 -3.94 -1.05
CA LEU C 232 44.34 -5.00 -1.08
C LEU C 232 44.35 -5.86 0.18
N PRO C 233 44.15 -5.31 1.39
CA PRO C 233 44.02 -6.20 2.55
C PRO C 233 42.88 -7.21 2.42
N TYR C 234 41.75 -6.81 1.85
CA TYR C 234 40.66 -7.75 1.61
C TYR C 234 41.09 -8.85 0.65
N MET C 235 41.77 -8.48 -0.44
CA MET C 235 42.18 -9.45 -1.43
C MET C 235 43.22 -10.42 -0.84
N ALA C 236 44.14 -9.89 -0.04
CA ALA C 236 45.17 -10.71 0.57
C ALA C 236 44.58 -11.66 1.59
N THR C 237 43.59 -11.21 2.36
CA THR C 237 42.92 -12.11 3.29
C THR C 237 42.13 -13.18 2.54
N MET C 238 41.50 -12.80 1.43
CA MET C 238 40.77 -13.78 0.62
C MET C 238 41.72 -14.84 0.06
N LEU C 239 42.92 -14.44 -0.36
CA LEU C 239 43.88 -15.41 -0.85
C LEU C 239 44.54 -16.21 0.26
N GLY C 240 44.46 -15.74 1.51
CA GLY C 240 45.10 -16.42 2.62
C GLY C 240 46.61 -16.39 2.58
N VAL C 241 47.19 -15.29 2.11
CA VAL C 241 48.64 -15.17 1.97
C VAL C 241 49.22 -14.57 3.24
N LYS C 242 50.53 -14.69 3.39
CA LYS C 242 51.24 -14.05 4.49
C LYS C 242 51.18 -12.54 4.34
N GLN C 243 50.84 -11.86 5.43
CA GLN C 243 50.69 -10.41 5.45
C GLN C 243 51.66 -9.80 6.43
N VAL C 244 52.34 -8.72 6.02
CA VAL C 244 53.32 -8.03 6.84
C VAL C 244 52.92 -6.57 6.93
N TYR C 245 52.82 -6.06 8.16
CA TYR C 245 52.43 -4.68 8.39
C TYR C 245 53.59 -3.93 9.00
N PRO C 246 54.06 -2.84 8.40
CA PRO C 246 55.28 -2.18 8.88
C PRO C 246 55.06 -1.17 10.00
N GLY C 247 53.85 -0.63 10.10
CA GLY C 247 53.58 0.45 11.02
C GLY C 247 53.90 1.78 10.37
N LYS C 248 54.63 2.64 11.09
CA LYS C 248 55.09 3.90 10.53
C LYS C 248 56.12 3.64 9.43
N TYR C 249 56.05 4.41 8.36
CA TYR C 249 56.88 4.17 7.18
C TYR C 249 58.24 4.83 7.37
N VAL C 250 59.27 4.01 7.57
CA VAL C 250 60.66 4.46 7.60
C VAL C 250 61.41 3.65 6.57
N PRO C 251 62.14 4.29 5.65
CA PRO C 251 62.74 3.52 4.53
C PRO C 251 63.62 2.37 4.97
N ASP C 252 64.44 2.56 6.01
CA ASP C 252 65.32 1.47 6.44
C ASP C 252 64.53 0.32 7.05
N VAL C 253 63.50 0.63 7.83
CA VAL C 253 62.64 -0.40 8.40
C VAL C 253 61.92 -1.16 7.29
N LEU C 254 61.42 -0.43 6.29
CA LEU C 254 60.73 -1.08 5.17
C LEU C 254 61.67 -2.00 4.40
N LEU C 255 62.92 -1.54 4.16
CA LEU C 255 63.87 -2.38 3.44
C LEU C 255 64.23 -3.62 4.24
N ASN C 256 64.39 -3.46 5.56
CA ASN C 256 64.66 -4.62 6.40
C ASN C 256 63.51 -5.61 6.38
N LEU C 257 62.27 -5.10 6.39
CA LEU C 257 61.11 -5.98 6.34
C LEU C 257 61.03 -6.71 5.00
N ILE C 258 61.33 -6.01 3.90
CA ILE C 258 61.32 -6.64 2.59
C ILE C 258 62.37 -7.74 2.52
N GLU C 259 63.55 -7.50 3.08
CA GLU C 259 64.58 -8.53 3.09
C GLU C 259 64.18 -9.71 3.96
N GLN C 260 63.81 -9.47 5.22
CA GLN C 260 63.52 -10.57 6.15
C GLN C 260 62.28 -11.37 5.90
N GLU C 261 61.21 -10.71 5.53
CA GLU C 261 59.95 -11.40 5.34
C GLU C 261 59.76 -11.94 3.93
N LYS C 262 60.70 -11.66 3.02
CA LYS C 262 60.61 -12.10 1.63
C LYS C 262 59.32 -11.58 0.97
N VAL C 263 59.06 -10.29 1.15
CA VAL C 263 57.87 -9.68 0.60
C VAL C 263 57.94 -9.68 -0.93
N THR C 264 56.83 -9.99 -1.57
CA THR C 264 56.75 -10.04 -3.03
C THR C 264 55.79 -9.03 -3.64
N PHE C 265 54.73 -8.64 -2.95
CA PHE C 265 53.72 -7.75 -3.49
C PHE C 265 53.55 -6.55 -2.55
N SER C 266 53.59 -5.35 -3.13
CA SER C 266 53.39 -4.13 -2.37
C SER C 266 52.68 -3.10 -3.25
N HIS C 267 52.22 -2.04 -2.60
CA HIS C 267 51.69 -0.88 -3.29
C HIS C 267 52.13 0.37 -2.56
N CYS C 268 52.54 1.39 -3.30
CA CYS C 268 53.00 2.63 -2.69
C CYS C 268 52.77 3.78 -3.66
N VAL C 269 53.39 4.91 -3.37
CA VAL C 269 53.28 6.12 -4.18
C VAL C 269 54.67 6.45 -4.70
N PRO C 270 54.79 7.27 -5.75
CA PRO C 270 56.12 7.54 -6.32
C PRO C 270 57.13 8.10 -5.33
N THR C 271 56.71 8.91 -4.37
CA THR C 271 57.65 9.50 -3.43
C THR C 271 58.28 8.43 -2.53
N ILE C 272 57.46 7.53 -2.00
CA ILE C 272 57.98 6.46 -1.14
C ILE C 272 58.91 5.55 -1.94
N LEU C 273 58.54 5.22 -3.17
CA LEU C 273 59.39 4.37 -4.00
C LEU C 273 60.71 5.03 -4.30
N HIS C 274 60.69 6.34 -4.60
CA HIS C 274 61.94 7.05 -4.82
C HIS C 274 62.81 7.07 -3.57
N LEU C 275 62.18 7.26 -2.40
CA LEU C 275 62.95 7.23 -1.16
C LEU C 275 63.57 5.86 -0.92
N LEU C 276 62.82 4.79 -1.20
CA LEU C 276 63.35 3.44 -1.00
C LEU C 276 64.49 3.14 -1.96
N LEU C 277 64.36 3.57 -3.22
CA LEU C 277 65.40 3.30 -4.20
C LEU C 277 66.63 4.15 -3.98
N SER C 278 66.48 5.34 -3.40
CA SER C 278 67.60 6.22 -3.15
C SER C 278 68.28 5.97 -1.81
N SER C 279 67.70 5.12 -0.96
CA SER C 279 68.29 4.85 0.34
C SER C 279 69.61 4.12 0.18
N PRO C 280 70.64 4.49 0.94
CA PRO C 280 71.94 3.80 0.82
C PRO C 280 71.87 2.33 1.21
N LYS C 281 70.89 1.92 2.00
CA LYS C 281 70.75 0.54 2.43
C LYS C 281 70.23 -0.37 1.31
N SER C 282 69.66 0.21 0.25
CA SER C 282 69.02 -0.55 -0.80
C SER C 282 69.94 -0.92 -1.95
N LYS C 283 71.19 -0.45 -1.95
CA LYS C 283 72.06 -0.70 -3.10
C LYS C 283 72.50 -2.15 -3.17
N ALA C 284 72.68 -2.80 -2.03
CA ALA C 284 73.14 -4.19 -1.99
C ALA C 284 72.02 -5.18 -1.73
N MET C 285 70.76 -4.75 -1.75
CA MET C 285 69.66 -5.59 -1.35
C MET C 285 68.97 -6.14 -2.61
N ASP C 286 68.58 -7.40 -2.55
CA ASP C 286 67.96 -8.07 -3.70
C ASP C 286 66.54 -7.57 -3.90
N PHE C 287 66.18 -7.31 -5.16
CA PHE C 287 64.88 -6.76 -5.50
C PHE C 287 64.13 -7.57 -6.55
N SER C 288 64.73 -8.62 -7.10
CA SER C 288 64.13 -9.28 -8.26
C SER C 288 63.09 -10.31 -7.86
N GLY C 289 62.19 -9.94 -6.95
CA GLY C 289 61.00 -10.72 -6.68
C GLY C 289 59.83 -9.84 -6.31
N TRP C 290 60.03 -8.53 -6.42
CA TRP C 290 59.11 -7.53 -5.90
C TRP C 290 58.21 -7.00 -7.00
N LYS C 291 56.97 -6.70 -6.65
CA LYS C 291 55.89 -6.40 -7.60
C LYS C 291 55.10 -5.17 -7.15
N VAL C 292 55.78 -4.06 -6.90
CA VAL C 292 55.09 -2.84 -6.53
C VAL C 292 54.13 -2.39 -7.63
N VAL C 293 52.98 -1.87 -7.21
CA VAL C 293 52.05 -1.17 -8.09
C VAL C 293 51.94 0.27 -7.62
N ILE C 294 52.19 1.20 -8.53
CA ILE C 294 52.22 2.63 -8.22
C ILE C 294 50.89 3.24 -8.66
N GLY C 295 50.13 3.75 -7.70
CA GLY C 295 48.81 4.22 -8.02
C GLY C 295 48.44 5.55 -7.39
N GLY C 296 49.37 6.14 -6.65
CA GLY C 296 49.10 7.42 -6.02
C GLY C 296 48.77 8.49 -7.03
N ALA C 297 49.76 8.92 -7.80
CA ALA C 297 49.53 9.84 -8.91
C ALA C 297 50.73 9.92 -9.84
N ALA C 298 50.53 9.57 -11.11
CA ALA C 298 51.44 9.95 -12.20
C ALA C 298 52.87 9.45 -11.94
N LEU C 299 53.02 8.14 -12.00
CA LEU C 299 54.35 7.53 -11.91
C LEU C 299 55.24 8.07 -13.02
N PRO C 300 56.35 8.74 -12.69
CA PRO C 300 57.21 9.30 -13.72
C PRO C 300 57.97 8.22 -14.47
N LYS C 301 58.40 8.57 -15.69
CA LYS C 301 59.11 7.63 -16.54
C LYS C 301 60.52 7.35 -16.03
N ALA C 302 61.19 8.34 -15.45
CA ALA C 302 62.56 8.15 -14.99
C ALA C 302 62.62 7.23 -13.76
N LEU C 303 61.70 7.43 -12.81
CA LEU C 303 61.62 6.53 -11.67
C LEU C 303 61.29 5.11 -12.09
N CYS C 304 60.38 4.96 -13.06
CA CYS C 304 60.06 3.65 -13.59
C CYS C 304 61.28 3.01 -14.24
N LYS C 305 62.04 3.78 -15.00
CA LYS C 305 63.24 3.25 -15.64
C LYS C 305 64.26 2.80 -14.61
N SER C 306 64.47 3.58 -13.56
CA SER C 306 65.41 3.19 -12.52
C SER C 306 64.95 1.93 -11.79
N ALA C 307 63.66 1.85 -11.48
CA ALA C 307 63.14 0.65 -10.81
C ALA C 307 63.29 -0.59 -11.69
N LEU C 308 63.03 -0.45 -13.00
CA LEU C 308 63.24 -1.56 -13.90
C LEU C 308 64.70 -1.97 -13.98
N GLU C 309 65.60 -0.98 -13.93
CA GLU C 309 67.03 -1.31 -13.92
C GLU C 309 67.43 -2.02 -12.63
N ARG C 310 66.70 -1.78 -11.53
CA ARG C 310 66.88 -2.56 -10.32
C ARG C 310 66.11 -3.87 -10.34
N ASP C 311 65.50 -4.22 -11.48
CA ASP C 311 64.83 -5.50 -11.69
C ASP C 311 63.60 -5.66 -10.79
N ILE C 312 62.72 -4.66 -10.84
CA ILE C 312 61.47 -4.65 -10.07
C ILE C 312 60.32 -4.67 -11.06
N ASP C 313 59.34 -5.53 -10.81
CA ASP C 313 58.09 -5.55 -11.57
C ASP C 313 57.24 -4.40 -11.07
N VAL C 314 57.44 -3.23 -11.67
CA VAL C 314 56.75 -2.01 -11.28
C VAL C 314 55.75 -1.65 -12.38
N PHE C 315 54.51 -1.37 -11.98
CA PHE C 315 53.46 -1.02 -12.91
C PHE C 315 52.49 -0.08 -12.23
N ALA C 316 51.65 0.57 -13.02
CA ALA C 316 50.80 1.64 -12.54
C ALA C 316 49.34 1.22 -12.46
N GLY C 317 48.56 2.03 -11.75
CA GLY C 317 47.14 1.80 -11.61
C GLY C 317 46.46 3.12 -11.27
N TYR C 318 45.15 3.16 -11.53
CA TYR C 318 44.40 4.40 -11.44
C TYR C 318 43.16 4.21 -10.60
N GLY C 319 42.87 5.21 -9.77
CA GLY C 319 41.66 5.18 -8.95
C GLY C 319 41.55 6.46 -8.16
N MET C 320 40.44 6.58 -7.44
CA MET C 320 40.20 7.71 -6.56
C MET C 320 39.24 7.29 -5.46
N SER C 321 38.91 8.24 -4.58
CA SER C 321 38.09 7.94 -3.41
C SER C 321 36.69 7.48 -3.80
N GLU C 322 36.12 8.09 -4.84
CA GLU C 322 34.74 7.80 -5.23
C GLU C 322 34.59 6.52 -6.03
N THR C 323 35.67 5.86 -6.42
CA THR C 323 35.60 4.83 -7.44
C THR C 323 36.00 3.43 -6.98
N GLY C 324 36.13 3.19 -5.68
CA GLY C 324 36.29 1.82 -5.22
C GLY C 324 37.56 1.42 -4.47
N PRO C 325 38.76 1.86 -4.90
CA PRO C 325 39.13 2.85 -5.92
C PRO C 325 39.48 2.31 -7.30
N ILE C 326 39.88 1.05 -7.46
CA ILE C 326 40.61 0.63 -8.65
C ILE C 326 39.69 0.68 -9.87
N LEU C 327 40.11 1.43 -10.89
CA LEU C 327 39.41 1.51 -12.16
C LEU C 327 40.23 1.00 -13.33
N SER C 328 41.56 1.03 -13.24
CA SER C 328 42.42 0.69 -14.36
C SER C 328 43.78 0.24 -13.83
N ILE C 329 44.39 -0.73 -14.53
CA ILE C 329 45.68 -1.29 -14.16
C ILE C 329 46.48 -1.48 -15.44
N VAL C 330 47.80 -1.26 -15.36
CA VAL C 330 48.68 -1.53 -16.49
C VAL C 330 48.94 -3.03 -16.56
N GLN C 331 48.50 -3.64 -17.66
CA GLN C 331 48.78 -5.04 -17.97
C GLN C 331 49.48 -5.12 -19.31
N LEU C 332 50.58 -5.85 -19.37
CA LEU C 332 51.40 -5.95 -20.58
C LEU C 332 51.19 -7.30 -21.24
N THR C 333 50.85 -7.27 -22.53
CA THR C 333 50.75 -8.48 -23.33
C THR C 333 52.14 -9.12 -23.46
N PRO C 334 52.22 -10.42 -23.71
CA PRO C 334 53.51 -11.09 -23.61
C PRO C 334 54.47 -10.76 -24.74
N GLU C 335 54.04 -10.02 -25.77
CA GLU C 335 54.97 -9.45 -26.74
C GLU C 335 55.66 -8.21 -26.22
N GLN C 336 55.09 -7.55 -25.21
CA GLN C 336 55.64 -6.30 -24.70
C GLN C 336 56.71 -6.49 -23.65
N LEU C 337 56.90 -7.70 -23.14
CA LEU C 337 58.02 -7.96 -22.24
C LEU C 337 59.33 -8.20 -22.97
N GLU C 338 59.32 -8.24 -24.30
CA GLU C 338 60.56 -8.33 -25.06
C GLU C 338 61.13 -6.96 -25.44
N LEU C 339 60.41 -5.88 -25.16
CA LEU C 339 60.91 -4.56 -25.47
C LEU C 339 62.02 -4.18 -24.50
N ASP C 340 62.84 -3.21 -24.91
CA ASP C 340 63.93 -2.77 -24.08
C ASP C 340 63.41 -1.95 -22.89
N VAL C 341 64.34 -1.47 -22.07
CA VAL C 341 63.97 -0.84 -20.82
C VAL C 341 63.19 0.46 -21.05
N ASP C 342 63.55 1.22 -22.09
CA ASP C 342 62.91 2.51 -22.31
C ASP C 342 61.46 2.36 -22.75
N GLN C 343 61.21 1.49 -23.72
CA GLN C 343 59.83 1.30 -24.20
C GLN C 343 58.98 0.61 -23.14
N GLN C 344 59.57 -0.31 -22.39
CA GLN C 344 58.85 -0.92 -21.26
C GLN C 344 58.51 0.13 -20.22
N ALA C 345 59.43 1.05 -19.94
CA ALA C 345 59.17 2.12 -18.98
C ALA C 345 58.05 3.02 -19.45
N GLU C 346 58.03 3.31 -20.76
CA GLU C 346 56.93 4.09 -21.32
C GLU C 346 55.60 3.36 -21.17
N TYR C 347 55.60 2.05 -21.41
CA TYR C 347 54.35 1.29 -21.32
C TYR C 347 53.86 1.18 -19.88
N ARG C 348 54.78 0.99 -18.93
CA ARG C 348 54.41 0.77 -17.53
C ARG C 348 54.02 2.05 -16.81
N SER C 349 54.27 3.23 -17.38
CA SER C 349 53.92 4.48 -16.75
C SER C 349 52.52 4.96 -17.09
N LYS C 350 51.84 4.31 -18.03
CA LYS C 350 50.53 4.76 -18.47
C LYS C 350 49.49 4.52 -17.38
N THR C 351 48.30 5.06 -17.61
CA THR C 351 47.19 4.84 -16.68
C THR C 351 46.73 3.38 -16.72
N GLY C 352 46.73 2.77 -17.89
CA GLY C 352 46.39 1.37 -18.05
C GLY C 352 45.05 1.18 -18.71
N LYS C 353 44.67 -0.09 -18.84
CA LYS C 353 43.37 -0.45 -19.36
C LYS C 353 42.38 -0.67 -18.23
N LYS C 354 41.10 -0.44 -18.52
CA LYS C 354 40.08 -0.58 -17.50
C LYS C 354 39.91 -2.04 -17.10
N VAL C 355 39.62 -2.25 -15.82
CA VAL C 355 39.49 -3.58 -15.23
C VAL C 355 38.10 -4.15 -15.53
N ALA C 356 37.91 -5.43 -15.22
CA ALA C 356 36.66 -6.11 -15.53
C ALA C 356 35.46 -5.39 -14.92
N LEU C 357 34.38 -5.31 -15.68
CA LEU C 357 33.10 -4.74 -15.30
C LEU C 357 33.13 -3.22 -15.17
N VAL C 358 34.07 -2.56 -15.84
CA VAL C 358 34.23 -1.12 -15.80
C VAL C 358 34.02 -0.57 -17.20
N GLU C 359 33.13 0.41 -17.33
CA GLU C 359 32.89 1.12 -18.58
C GLU C 359 33.43 2.53 -18.43
N ALA C 360 34.34 2.92 -19.32
CA ALA C 360 34.99 4.22 -19.26
C ALA C 360 34.96 4.87 -20.63
N TYR C 361 34.51 6.12 -20.68
CA TYR C 361 34.54 6.93 -21.89
C TYR C 361 35.16 8.28 -21.59
N ILE C 362 35.53 8.99 -22.65
CA ILE C 362 35.97 10.38 -22.56
C ILE C 362 34.93 11.23 -23.27
N VAL C 363 34.49 12.30 -22.62
CA VAL C 363 33.42 13.15 -23.11
C VAL C 363 33.87 14.61 -23.08
N ASP C 364 33.06 15.45 -23.70
CA ASP C 364 33.23 16.89 -23.65
C ASP C 364 32.23 17.47 -22.64
N GLU C 365 32.17 18.80 -22.55
CA GLU C 365 31.22 19.43 -21.63
C GLU C 365 29.77 19.18 -22.03
N ASP C 366 29.54 18.79 -23.28
CA ASP C 366 28.21 18.39 -23.73
C ASP C 366 27.98 16.89 -23.64
N MET C 367 28.96 16.12 -23.16
CA MET C 367 28.86 14.67 -23.00
C MET C 367 28.58 13.99 -24.34
N ASN C 368 29.55 14.10 -25.25
CA ASN C 368 29.39 13.62 -26.61
C ASN C 368 30.27 12.43 -26.95
N LYS C 369 31.03 11.89 -25.99
CA LYS C 369 31.77 10.65 -26.17
C LYS C 369 32.75 10.73 -27.35
N LEU C 370 33.76 11.57 -27.16
CA LEU C 370 34.87 11.76 -28.09
C LEU C 370 35.48 10.43 -28.53
N PRO C 371 36.07 10.37 -29.73
CA PRO C 371 36.65 9.11 -30.21
C PRO C 371 37.90 8.71 -29.44
N HIS C 372 38.19 7.41 -29.49
CA HIS C 372 39.40 6.84 -28.88
C HIS C 372 40.44 6.69 -29.98
N ASP C 373 41.22 7.75 -30.19
CA ASP C 373 42.25 7.75 -31.22
C ASP C 373 43.65 7.97 -30.68
N GLY C 374 43.82 8.23 -29.39
CA GLY C 374 45.12 8.51 -28.83
C GLY C 374 45.54 9.96 -28.85
N GLU C 375 44.73 10.84 -29.42
CA GLU C 375 45.02 12.27 -29.44
C GLU C 375 43.91 13.13 -28.87
N THR C 376 42.65 12.80 -29.15
CA THR C 376 41.53 13.57 -28.65
C THR C 376 41.41 13.39 -27.14
N ALA C 377 41.28 14.51 -26.43
CA ALA C 377 41.28 14.51 -24.97
C ALA C 377 39.95 15.04 -24.43
N GLY C 378 39.42 14.34 -23.44
CA GLY C 378 38.20 14.74 -22.76
C GLY C 378 38.21 14.19 -21.36
N GLU C 379 37.15 14.47 -20.62
CA GLU C 379 37.05 14.01 -19.25
C GLU C 379 36.57 12.56 -19.19
N ILE C 380 37.21 11.78 -18.32
CA ILE C 380 36.84 10.39 -18.12
C ILE C 380 35.55 10.32 -17.31
N VAL C 381 34.60 9.52 -17.77
CA VAL C 381 33.36 9.24 -17.05
C VAL C 381 33.17 7.73 -17.03
N VAL C 382 32.81 7.19 -15.88
CA VAL C 382 32.88 5.75 -15.67
C VAL C 382 31.57 5.21 -15.12
N ARG C 383 31.38 3.91 -15.30
CA ARG C 383 30.35 3.12 -14.64
C ARG C 383 31.01 1.85 -14.13
N ALA C 384 30.70 1.47 -12.90
CA ALA C 384 31.34 0.32 -12.27
C ALA C 384 30.43 -0.16 -11.15
N PRO C 385 30.60 -1.41 -10.69
CA PRO C 385 29.78 -1.92 -9.60
C PRO C 385 30.17 -1.42 -8.22
N TRP C 386 31.17 -0.55 -8.09
CA TRP C 386 31.69 -0.16 -6.78
C TRP C 386 31.93 1.33 -6.72
N LEU C 387 31.00 2.13 -7.24
CA LEU C 387 31.09 3.58 -7.17
C LEU C 387 30.15 4.11 -6.10
N THR C 388 30.57 5.16 -5.41
CA THR C 388 29.69 5.78 -4.43
C THR C 388 28.52 6.46 -5.13
N PRO C 389 27.30 6.27 -4.63
CA PRO C 389 26.14 6.84 -5.35
C PRO C 389 26.00 8.34 -5.19
N ASN C 390 26.53 8.90 -4.12
CA ASN C 390 26.49 10.34 -3.88
C ASN C 390 27.48 10.66 -2.78
N TYR C 391 27.53 11.93 -2.40
CA TYR C 391 28.26 12.37 -1.21
C TYR C 391 27.32 12.35 -0.02
N TYR C 392 27.84 11.95 1.13
CA TYR C 392 27.02 11.86 2.33
C TYR C 392 26.54 13.23 2.75
N LYS C 393 25.23 13.35 3.00
CA LYS C 393 24.60 14.59 3.43
C LYS C 393 24.86 15.73 2.46
N ASP C 394 24.77 15.44 1.17
CA ASP C 394 25.05 16.42 0.14
C ASP C 394 24.12 16.19 -1.04
N ASN C 395 23.68 17.29 -1.66
CA ASN C 395 22.77 17.22 -2.80
C ASN C 395 23.36 17.80 -4.07
N LYS C 396 23.86 19.03 -4.03
CA LYS C 396 24.29 19.70 -5.25
C LYS C 396 25.59 19.10 -5.79
N ASN C 397 26.56 18.86 -4.91
CA ASN C 397 27.79 18.19 -5.33
C ASN C 397 27.51 16.77 -5.78
N SER C 398 26.57 16.11 -5.11
CA SER C 398 26.15 14.77 -5.53
C SER C 398 25.53 14.80 -6.91
N LYS C 399 24.71 15.81 -7.20
CA LYS C 399 24.12 15.94 -8.53
C LYS C 399 25.18 16.22 -9.59
N ALA C 400 26.17 17.04 -9.24
CA ALA C 400 27.22 17.33 -10.21
C ALA C 400 28.15 16.13 -10.43
N LEU C 401 28.23 15.23 -9.44
CA LEU C 401 29.09 14.06 -9.57
C LEU C 401 28.56 13.07 -10.60
N TRP C 402 27.24 12.88 -10.63
CA TRP C 402 26.62 11.88 -11.49
C TRP C 402 25.86 12.53 -12.64
N ARG C 403 26.42 13.60 -13.20
CA ARG C 403 25.78 14.30 -14.30
C ARG C 403 25.68 13.41 -15.53
N GLY C 404 24.48 13.34 -16.12
CA GLY C 404 24.31 12.61 -17.35
C GLY C 404 24.30 11.10 -17.22
N GLY C 405 24.23 10.57 -16.01
CA GLY C 405 24.22 9.14 -15.80
C GLY C 405 25.57 8.49 -15.69
N TYR C 406 26.65 9.25 -15.61
CA TYR C 406 27.98 8.72 -15.43
C TYR C 406 28.68 9.46 -14.30
N LEU C 407 29.66 8.82 -13.70
CA LEU C 407 30.44 9.42 -12.63
C LEU C 407 31.62 10.17 -13.22
N HIS C 408 31.70 11.46 -12.95
CA HIS C 408 32.74 12.32 -13.49
C HIS C 408 33.95 12.28 -12.56
N THR C 409 35.08 11.82 -13.07
CA THR C 409 36.29 11.68 -12.26
C THR C 409 37.09 12.97 -12.16
N GLY C 410 36.78 13.99 -12.97
CA GLY C 410 37.53 15.21 -12.95
C GLY C 410 38.92 15.13 -13.56
N ASP C 411 39.15 14.14 -14.42
CA ASP C 411 40.45 13.95 -15.06
C ASP C 411 40.28 13.96 -16.56
N VAL C 412 41.26 14.52 -17.26
CA VAL C 412 41.25 14.65 -18.70
C VAL C 412 42.28 13.69 -19.28
N ALA C 413 41.85 12.86 -20.24
CA ALA C 413 42.72 11.82 -20.77
C ALA C 413 42.37 11.55 -22.23
N HIS C 414 43.31 10.92 -22.93
CA HIS C 414 43.07 10.38 -24.26
C HIS C 414 43.30 8.88 -24.22
N ILE C 415 42.43 8.14 -24.90
CA ILE C 415 42.44 6.68 -24.86
C ILE C 415 42.94 6.17 -26.20
N ASP C 416 43.88 5.22 -26.14
CA ASP C 416 44.46 4.63 -27.34
C ASP C 416 43.42 3.84 -28.11
N ASP C 417 43.81 3.44 -29.33
CA ASP C 417 42.93 2.57 -30.11
C ASP C 417 42.82 1.18 -29.50
N GLU C 418 43.88 0.72 -28.84
CA GLU C 418 43.90 -0.58 -28.19
C GLU C 418 43.41 -0.54 -26.75
N GLY C 419 43.12 0.63 -26.20
CA GLY C 419 42.52 0.76 -24.89
C GLY C 419 43.40 1.36 -23.82
N PHE C 420 44.64 1.73 -24.13
CA PHE C 420 45.53 2.29 -23.12
C PHE C 420 45.17 3.75 -22.85
N ILE C 421 44.84 4.05 -21.60
CA ILE C 421 44.44 5.38 -21.20
C ILE C 421 45.68 6.17 -20.77
N LYS C 422 45.70 7.45 -21.12
CA LYS C 422 46.80 8.35 -20.76
C LYS C 422 46.21 9.63 -20.19
N ILE C 423 46.31 9.79 -18.87
CA ILE C 423 45.74 10.95 -18.21
C ILE C 423 46.65 12.16 -18.42
N THR C 424 46.05 13.28 -18.82
CA THR C 424 46.80 14.49 -19.11
C THR C 424 46.90 15.41 -17.90
N ASP C 425 45.76 15.86 -17.38
CA ASP C 425 45.72 16.63 -16.13
C ASP C 425 44.27 16.72 -15.68
N ARG C 426 44.04 17.49 -14.62
CA ARG C 426 42.72 17.65 -14.02
C ARG C 426 41.82 18.55 -14.87
N VAL C 427 40.52 18.46 -14.62
CA VAL C 427 39.55 19.31 -15.31
C VAL C 427 39.68 20.75 -14.82
N LYS C 428 39.84 20.94 -13.52
CA LYS C 428 39.92 22.29 -12.96
C LYS C 428 41.26 22.96 -13.20
N ASP C 429 42.26 22.23 -13.67
CA ASP C 429 43.55 22.81 -14.02
C ASP C 429 43.66 23.21 -15.48
N MET C 430 42.56 23.13 -16.22
CA MET C 430 42.58 23.36 -17.65
C MET C 430 42.97 24.80 -17.99
N ILE C 431 43.61 24.97 -19.14
CA ILE C 431 44.01 26.28 -19.64
C ILE C 431 43.21 26.55 -20.92
N LYS C 432 42.24 27.45 -20.84
CA LYS C 432 41.36 27.78 -21.95
C LYS C 432 41.83 29.11 -22.55
N ILE C 433 42.53 29.03 -23.68
CA ILE C 433 42.96 30.21 -24.42
C ILE C 433 42.04 30.34 -25.63
N SER C 434 41.29 31.44 -25.71
CA SER C 434 40.38 31.70 -26.81
C SER C 434 39.41 30.53 -27.01
N GLY C 435 39.73 29.65 -27.96
CA GLY C 435 38.91 28.50 -28.24
C GLY C 435 39.68 27.20 -28.32
N GLU C 436 40.79 27.09 -27.59
CA GLU C 436 41.60 25.89 -27.58
C GLU C 436 41.87 25.47 -26.14
N TRP C 437 42.27 24.20 -25.98
CA TRP C 437 42.28 23.56 -24.68
C TRP C 437 43.63 22.88 -24.47
N VAL C 438 44.42 23.38 -23.52
CA VAL C 438 45.75 22.84 -23.27
C VAL C 438 45.91 22.54 -21.79
N SER C 439 46.84 21.64 -21.48
CA SER C 439 47.13 21.20 -20.13
C SER C 439 48.20 22.08 -19.50
N SER C 440 48.36 21.93 -18.18
CA SER C 440 49.41 22.64 -17.47
C SER C 440 50.59 21.74 -17.09
N LEU C 441 50.38 20.43 -17.01
CA LEU C 441 51.42 19.54 -16.52
C LEU C 441 52.57 19.41 -17.51
N GLU C 442 52.27 19.36 -18.82
CA GLU C 442 53.34 19.26 -19.79
C GLU C 442 54.16 20.55 -19.85
N LEU C 443 53.51 21.70 -19.71
CA LEU C 443 54.23 22.96 -19.63
C LEU C 443 55.09 23.02 -18.36
N GLU C 444 54.54 22.53 -17.24
CA GLU C 444 55.31 22.48 -16.01
C GLU C 444 56.56 21.62 -16.17
N ASP C 445 56.43 20.46 -16.80
CA ASP C 445 57.58 19.59 -17.01
C ASP C 445 58.59 20.22 -17.97
N ILE C 446 58.11 20.86 -19.03
CA ILE C 446 59.01 21.50 -19.99
C ILE C 446 59.81 22.60 -19.31
N LEU C 447 59.14 23.43 -18.50
CA LEU C 447 59.86 24.49 -17.78
C LEU C 447 60.75 23.91 -16.68
N HIS C 448 60.35 22.78 -16.10
CA HIS C 448 61.18 22.11 -15.10
C HIS C 448 62.43 21.50 -15.72
N GLN C 449 62.42 21.23 -17.02
CA GLN C 449 63.62 20.74 -17.68
C GLN C 449 64.72 21.81 -17.72
N HIS C 450 64.39 23.07 -17.45
CA HIS C 450 65.39 24.11 -17.34
C HIS C 450 66.34 23.82 -16.19
N GLN C 451 67.57 24.28 -16.33
CA GLN C 451 68.59 24.01 -15.32
C GLN C 451 68.58 25.01 -14.18
N SER C 452 67.56 25.87 -14.10
CA SER C 452 67.47 26.91 -13.06
C SER C 452 66.07 26.95 -12.47
N VAL C 453 65.51 25.78 -12.15
CA VAL C 453 64.19 25.68 -11.54
C VAL C 453 64.16 24.50 -10.58
N SER C 454 63.48 24.67 -9.45
CA SER C 454 63.27 23.58 -8.50
C SER C 454 61.86 22.99 -8.61
N GLU C 455 60.83 23.82 -8.45
CA GLU C 455 59.44 23.41 -8.59
C GLU C 455 58.72 24.41 -9.48
N VAL C 456 57.86 23.89 -10.36
CA VAL C 456 57.17 24.68 -11.36
C VAL C 456 55.67 24.59 -11.12
N ALA C 457 55.01 25.75 -11.12
CA ALA C 457 53.55 25.81 -11.00
C ALA C 457 53.02 26.68 -12.14
N VAL C 458 52.08 26.14 -12.91
CA VAL C 458 51.51 26.82 -14.06
C VAL C 458 50.02 26.98 -13.84
N ILE C 459 49.54 28.22 -13.82
CA ILE C 459 48.13 28.52 -13.62
C ILE C 459 47.70 29.58 -14.63
N GLY C 460 46.40 29.77 -14.75
CA GLY C 460 45.83 30.64 -15.76
C GLY C 460 45.55 32.05 -15.29
N MET C 461 45.49 32.97 -16.25
CA MET C 461 45.27 34.38 -15.98
C MET C 461 44.30 34.97 -17.07
N PRO C 462 43.04 35.41 -16.72
CA PRO C 462 42.06 35.86 -17.73
C PRO C 462 42.59 37.03 -18.56
N HIS C 463 42.19 37.05 -19.83
CA HIS C 463 42.49 38.14 -20.74
C HIS C 463 41.26 38.42 -21.58
N ASN C 464 41.28 39.57 -22.26
CA ASN C 464 40.10 40.03 -22.99
C ASN C 464 39.86 39.21 -24.25
N LYS C 465 40.82 39.21 -25.17
CA LYS C 465 40.59 38.59 -26.48
C LYS C 465 40.80 37.09 -26.44
N TRP C 466 41.93 36.64 -25.91
CA TRP C 466 42.29 35.22 -25.92
C TRP C 466 41.76 34.47 -24.71
N GLY C 467 40.94 35.11 -23.88
CA GLY C 467 40.47 34.43 -22.69
C GLY C 467 41.62 34.23 -21.70
N GLU C 468 41.46 33.20 -20.87
CA GLU C 468 42.49 32.90 -19.88
C GLU C 468 43.78 32.48 -20.57
N VAL C 469 44.91 32.98 -20.06
CA VAL C 469 46.22 32.66 -20.62
C VAL C 469 47.06 32.02 -19.53
N PRO C 470 48.04 31.18 -19.89
CA PRO C 470 48.84 30.52 -18.86
C PRO C 470 49.80 31.48 -18.19
N LEU C 471 50.15 31.16 -16.95
CA LEU C 471 51.18 31.88 -16.21
C LEU C 471 51.99 30.87 -15.40
N ALA C 472 53.31 31.05 -15.39
CA ALA C 472 54.22 30.10 -14.77
C ALA C 472 54.80 30.68 -13.49
N LEU C 473 54.76 29.89 -12.41
CA LEU C 473 55.36 30.25 -11.13
C LEU C 473 56.40 29.19 -10.78
N VAL C 474 57.66 29.61 -10.68
CA VAL C 474 58.77 28.71 -10.43
C VAL C 474 59.66 29.30 -9.35
N THR C 475 60.64 28.50 -8.92
CA THR C 475 61.70 28.94 -8.01
C THR C 475 63.04 28.64 -8.66
N LEU C 476 63.93 29.63 -8.68
CA LEU C 476 65.15 29.57 -9.47
C LEU C 476 66.19 28.70 -8.77
N LYS C 477 67.40 28.63 -9.34
CA LYS C 477 68.49 27.81 -8.84
C LYS C 477 69.67 28.70 -8.44
N GLU C 478 70.78 28.05 -8.07
CA GLU C 478 71.91 28.72 -7.45
C GLU C 478 72.62 29.65 -8.42
N ASP C 479 72.87 30.88 -7.98
CA ASP C 479 73.59 31.91 -8.73
C ASP C 479 72.99 32.13 -10.11
N ALA C 480 71.72 31.80 -10.28
CA ALA C 480 71.02 31.95 -11.54
C ALA C 480 69.84 32.90 -11.31
N GLN C 481 70.12 34.20 -11.41
CA GLN C 481 69.08 35.22 -11.30
C GLN C 481 68.37 35.41 -12.63
N VAL C 482 67.90 34.31 -13.20
CA VAL C 482 67.30 34.31 -14.53
C VAL C 482 65.90 34.87 -14.44
N THR C 483 65.66 36.00 -15.10
CA THR C 483 64.39 36.70 -15.01
C THR C 483 63.36 36.01 -15.90
N GLU C 484 62.21 36.66 -16.08
CA GLU C 484 61.14 36.08 -16.90
C GLU C 484 61.55 35.96 -18.36
N LYS C 485 62.45 36.84 -18.83
CA LYS C 485 62.87 36.80 -20.22
C LYS C 485 63.62 35.51 -20.54
N GLU C 486 64.49 35.07 -19.63
CA GLU C 486 65.24 33.84 -19.86
C GLU C 486 64.32 32.62 -19.91
N LEU C 487 63.35 32.54 -18.99
CA LEU C 487 62.41 31.44 -19.00
C LEU C 487 61.54 31.48 -20.26
N LEU C 488 61.14 32.67 -20.70
CA LEU C 488 60.40 32.81 -21.94
C LEU C 488 61.22 32.28 -23.12
N GLY C 489 62.49 32.66 -23.19
CA GLY C 489 63.34 32.18 -24.27
C GLY C 489 63.54 30.69 -24.23
N PHE C 490 63.70 30.12 -23.03
CA PHE C 490 63.83 28.68 -22.90
C PHE C 490 62.57 27.96 -23.38
N ALA C 491 61.40 28.49 -23.03
CA ALA C 491 60.16 27.91 -23.53
C ALA C 491 60.08 28.01 -25.04
N LYS C 492 60.49 29.15 -25.61
CA LYS C 492 60.49 29.30 -27.06
C LYS C 492 61.47 28.34 -27.73
N ASP C 493 62.51 27.94 -27.01
CA ASP C 493 63.53 27.05 -27.59
C ASP C 493 62.99 25.66 -27.89
N PHE C 494 61.82 25.34 -27.33
CA PHE C 494 61.25 24.04 -27.56
C PHE C 494 60.52 23.92 -28.89
N ILE C 495 59.91 22.77 -29.14
CA ILE C 495 59.13 22.54 -30.36
C ILE C 495 57.88 21.75 -30.00
N ASN C 496 57.12 21.37 -31.03
CA ASN C 496 55.96 20.48 -30.90
C ASN C 496 54.88 21.10 -30.02
N LYS C 497 54.37 22.24 -30.46
CA LYS C 497 53.26 22.90 -29.79
C LYS C 497 52.34 23.52 -30.83
N GLY C 498 51.06 23.61 -30.48
CA GLY C 498 50.04 24.16 -31.35
C GLY C 498 49.70 25.59 -31.00
N ILE C 499 48.43 25.96 -31.25
CA ILE C 499 47.92 27.30 -30.96
C ILE C 499 48.77 28.34 -31.67
N LEU C 500 48.99 29.50 -31.03
CA LEU C 500 49.75 30.58 -31.62
C LEU C 500 51.21 30.20 -31.80
N ALA C 501 51.62 29.95 -33.04
CA ALA C 501 52.98 29.51 -33.35
C ALA C 501 53.34 28.29 -32.52
N ARG C 502 54.02 28.51 -31.40
CA ARG C 502 54.35 27.45 -30.45
C ARG C 502 53.61 27.66 -29.13
N GLU C 503 52.38 28.18 -29.22
CA GLU C 503 51.51 28.49 -28.08
C GLU C 503 52.21 29.37 -27.03
N ALA C 504 53.28 30.06 -27.43
CA ALA C 504 54.04 30.91 -26.52
C ALA C 504 53.93 32.35 -27.00
N LEU C 505 52.86 33.03 -26.58
CA LEU C 505 52.72 34.46 -26.83
C LEU C 505 52.20 35.25 -25.63
N LEU C 506 51.66 34.59 -24.60
CA LEU C 506 51.12 35.28 -23.44
C LEU C 506 51.52 34.56 -22.15
N LEU C 507 52.71 33.96 -22.12
CA LEU C 507 53.11 33.14 -20.98
C LEU C 507 53.22 33.98 -19.71
N LYS C 508 53.88 35.13 -19.80
CA LYS C 508 54.03 36.05 -18.66
C LYS C 508 54.57 35.33 -17.43
N VAL C 509 55.65 34.57 -17.63
CA VAL C 509 56.22 33.77 -16.55
C VAL C 509 56.70 34.68 -15.43
N LYS C 510 56.48 34.22 -14.19
CA LYS C 510 56.92 34.93 -13.00
C LYS C 510 57.72 33.97 -12.12
N ILE C 511 58.27 34.51 -11.03
CA ILE C 511 59.03 33.73 -10.06
C ILE C 511 58.59 34.19 -8.67
N VAL C 512 57.81 33.36 -7.99
CA VAL C 512 57.42 33.60 -6.61
C VAL C 512 58.16 32.62 -5.71
N ASP C 513 58.70 33.12 -4.60
CA ASP C 513 59.56 32.33 -3.73
C ASP C 513 58.86 31.10 -3.17
N GLU C 514 57.83 31.31 -2.35
CA GLU C 514 57.16 30.22 -1.64
C GLU C 514 55.88 29.81 -2.36
N ILE C 515 55.73 28.51 -2.57
CA ILE C 515 54.54 27.94 -3.18
C ILE C 515 53.77 27.20 -2.09
N ALA C 516 52.53 27.59 -1.88
CA ALA C 516 51.72 26.95 -0.85
C ALA C 516 51.46 25.49 -1.21
N LYS C 517 51.58 24.62 -0.21
CA LYS C 517 51.40 23.18 -0.39
C LYS C 517 50.35 22.67 0.59
N THR C 518 49.40 21.89 0.08
CA THR C 518 48.32 21.36 0.90
C THR C 518 48.85 20.32 1.89
N SER C 519 47.94 19.81 2.72
CA SER C 519 48.31 18.77 3.68
C SER C 519 48.65 17.45 3.00
N VAL C 520 48.25 17.28 1.74
CA VAL C 520 48.58 16.07 0.99
C VAL C 520 49.90 16.21 0.23
N GLY C 521 50.64 17.29 0.43
CA GLY C 521 51.89 17.52 -0.25
C GLY C 521 51.78 18.19 -1.59
N LYS C 522 50.57 18.36 -2.11
CA LYS C 522 50.38 18.98 -3.41
C LYS C 522 50.17 20.49 -3.25
N VAL C 523 50.50 21.23 -4.30
CA VAL C 523 50.37 22.68 -4.27
C VAL C 523 48.90 23.07 -4.39
N ASP C 524 48.50 24.07 -3.61
CA ASP C 524 47.11 24.54 -3.62
C ASP C 524 46.96 25.59 -4.72
N LYS C 525 46.51 25.13 -5.89
CA LYS C 525 46.41 26.02 -7.04
C LYS C 525 45.32 27.08 -6.83
N LYS C 526 44.22 26.70 -6.16
CA LYS C 526 43.17 27.67 -5.89
C LYS C 526 43.66 28.77 -4.95
N GLU C 527 44.40 28.40 -3.92
CA GLU C 527 44.96 29.41 -3.02
C GLU C 527 45.97 30.30 -3.73
N LEU C 528 46.77 29.72 -4.63
CA LEU C 528 47.70 30.52 -5.43
C LEU C 528 46.95 31.51 -6.31
N ARG C 529 45.85 31.07 -6.92
CA ARG C 529 45.03 31.99 -7.70
C ARG C 529 44.45 33.10 -6.83
N LYS C 530 43.97 32.75 -5.64
CA LYS C 530 43.41 33.76 -4.75
C LYS C 530 44.46 34.79 -4.34
N LEU C 531 45.68 34.33 -4.05
CA LEU C 531 46.74 35.24 -3.64
C LEU C 531 47.22 36.11 -4.81
N HIS C 532 47.28 35.53 -6.01
CA HIS C 532 47.81 36.27 -7.15
C HIS C 532 46.76 37.09 -7.87
N LEU C 533 45.53 36.62 -7.94
CA LEU C 533 44.52 37.31 -8.75
C LEU C 533 43.12 37.29 -8.16
N TYR D 4 -0.06 19.94 -5.84
CA TYR D 4 -0.76 19.86 -4.56
C TYR D 4 -2.28 19.90 -4.78
N VAL D 5 -2.99 18.99 -4.11
CA VAL D 5 -4.45 18.98 -4.16
C VAL D 5 -4.96 19.98 -3.13
N ASN D 6 -5.66 21.02 -3.61
CA ASN D 6 -6.00 22.13 -2.75
C ASN D 6 -7.06 21.77 -1.72
N ASP D 7 -8.16 21.14 -2.17
CA ASP D 7 -9.30 20.85 -1.30
C ASP D 7 -9.75 22.12 -0.58
N PRO D 8 -10.44 23.03 -1.28
CA PRO D 8 -10.67 24.37 -0.73
C PRO D 8 -11.35 24.39 0.63
N SER D 9 -12.13 23.38 0.98
CA SER D 9 -12.72 23.33 2.31
C SER D 9 -11.67 23.08 3.39
N ASN D 10 -10.56 22.43 3.02
CA ASN D 10 -9.47 22.17 3.95
C ASN D 10 -8.53 23.36 3.97
N TYR D 11 -8.48 24.07 5.09
CA TYR D 11 -7.73 25.31 5.21
C TYR D 11 -6.30 25.03 5.65
N GLN D 12 -5.34 25.65 4.96
CA GLN D 12 -3.94 25.57 5.32
C GLN D 12 -3.49 26.91 5.89
N LEU D 13 -2.71 26.87 6.97
CA LEU D 13 -2.24 28.07 7.65
C LEU D 13 -0.92 28.49 7.02
N LEU D 14 -0.97 29.50 6.14
CA LEU D 14 0.18 29.97 5.41
C LEU D 14 0.47 31.43 5.73
N ILE D 15 1.69 31.87 5.38
CA ILE D 15 2.12 33.24 5.64
C ILE D 15 1.41 34.22 4.71
N LYS D 16 1.07 33.79 3.50
CA LYS D 16 0.32 34.65 2.60
C LYS D 16 -1.03 35.03 3.19
N ASN D 17 -1.59 34.19 4.05
CA ASN D 17 -2.81 34.55 4.77
C ASN D 17 -2.53 35.61 5.82
N LEU D 18 -1.34 35.60 6.42
CA LEU D 18 -0.96 36.69 7.32
C LEU D 18 -0.88 38.00 6.56
N LEU D 19 -0.35 37.97 5.34
CA LEU D 19 -0.21 39.22 4.58
C LEU D 19 -1.55 39.71 4.03
N PHE D 20 -2.33 38.81 3.43
CA PHE D 20 -3.49 39.20 2.65
C PHE D 20 -4.82 39.05 3.40
N SER D 21 -4.80 38.48 4.59
CA SER D 21 -5.99 38.42 5.46
C SER D 21 -5.61 38.93 6.84
N PRO D 22 -5.26 40.21 6.96
CA PRO D 22 -4.76 40.72 8.23
C PRO D 22 -5.91 41.08 9.18
N VAL D 23 -5.53 41.45 10.40
CA VAL D 23 -6.52 42.00 11.31
C VAL D 23 -7.02 43.34 10.80
N ALA D 24 -6.11 44.20 10.33
CA ALA D 24 -6.47 45.49 9.78
C ALA D 24 -5.54 45.81 8.62
N PHE D 25 -6.08 46.43 7.58
CA PHE D 25 -5.29 46.83 6.41
C PHE D 25 -5.64 48.27 6.05
N ASN D 26 -4.69 49.18 6.24
CA ASN D 26 -4.81 50.55 5.80
C ASN D 26 -3.88 50.77 4.62
N PRO D 27 -4.39 50.90 3.40
CA PRO D 27 -3.50 51.04 2.24
C PRO D 27 -2.63 52.29 2.28
N GLU D 28 -3.00 53.30 3.04
CA GLU D 28 -2.24 54.53 3.13
C GLU D 28 -1.32 54.59 4.34
N GLN D 29 -1.26 53.52 5.14
CA GLN D 29 -0.29 53.45 6.22
C GLN D 29 1.12 53.28 5.64
N GLU D 30 2.09 53.89 6.30
CA GLU D 30 3.44 54.03 5.75
C GLU D 30 4.38 52.95 6.26
N ILE D 31 5.41 52.69 5.47
CA ILE D 31 6.55 51.87 5.87
C ILE D 31 7.78 52.73 5.67
N VAL D 32 8.52 53.00 6.75
CA VAL D 32 9.57 54.01 6.75
C VAL D 32 10.91 53.32 6.93
N TYR D 33 11.82 53.52 5.97
CA TYR D 33 13.23 53.18 6.12
C TYR D 33 13.98 54.45 6.45
N ALA D 34 14.75 54.42 7.55
CA ALA D 34 15.24 55.62 8.21
C ALA D 34 15.88 56.62 7.27
N ASN D 35 15.22 57.77 7.09
CA ASN D 35 15.72 58.89 6.28
C ASN D 35 16.10 58.48 4.86
N HIS D 36 15.67 57.30 4.40
CA HIS D 36 16.01 56.82 3.08
C HIS D 36 14.80 56.75 2.15
N ARG D 37 13.77 56.00 2.53
CA ARG D 37 12.59 55.80 1.71
C ARG D 37 11.35 55.78 2.57
N ARG D 38 10.21 56.07 1.94
CA ARG D 38 8.89 55.93 2.55
C ARG D 38 7.93 55.46 1.47
N HIS D 39 7.09 54.48 1.81
CA HIS D 39 6.03 54.06 0.92
C HIS D 39 4.90 53.47 1.75
N SER D 40 3.76 53.27 1.10
CA SER D 40 2.56 52.82 1.80
C SER D 40 2.45 51.30 1.76
N TYR D 41 1.42 50.77 2.42
CA TYR D 41 1.20 49.33 2.45
C TYR D 41 0.82 48.81 1.07
N LYS D 42 0.17 49.63 0.26
CA LYS D 42 -0.14 49.25 -1.12
C LYS D 42 1.13 49.05 -1.93
N THR D 43 2.07 49.99 -1.80
CA THR D 43 3.37 49.84 -2.45
C THR D 43 4.12 48.63 -1.91
N PHE D 44 3.99 48.36 -0.61
CA PHE D 44 4.64 47.19 -0.02
C PHE D 44 4.10 45.89 -0.63
N HIS D 45 2.79 45.80 -0.78
CA HIS D 45 2.15 44.63 -1.37
C HIS D 45 2.48 44.50 -2.84
N ASP D 46 2.67 45.59 -3.60
CA ASP D 46 3.13 45.57 -4.97
C ASP D 46 4.58 45.10 -5.07
N ARG D 47 5.44 45.60 -4.18
CA ARG D 47 6.84 45.22 -4.20
C ARG D 47 7.05 43.77 -3.79
N VAL D 48 6.21 43.25 -2.90
CA VAL D 48 6.28 41.83 -2.58
C VAL D 48 5.97 40.97 -3.81
N ARG D 49 4.93 41.36 -4.56
CA ARG D 49 4.60 40.61 -5.78
C ARG D 49 5.71 40.75 -6.83
N GLN D 50 6.30 41.94 -6.95
CA GLN D 50 7.44 42.13 -7.84
C GLN D 50 8.63 41.25 -7.46
N PHE D 51 8.92 41.16 -6.15
CA PHE D 51 10.01 40.32 -5.69
C PHE D 51 9.72 38.85 -6.00
N ALA D 52 8.46 38.45 -5.87
CA ALA D 52 8.07 37.09 -6.26
C ALA D 52 8.35 36.85 -7.74
N ASN D 53 8.00 37.82 -8.58
CA ASN D 53 8.26 37.69 -10.01
C ASN D 53 9.75 37.58 -10.30
N ALA D 54 10.57 38.40 -9.64
CA ALA D 54 12.01 38.37 -9.87
C ALA D 54 12.61 37.05 -9.41
N LEU D 55 12.18 36.55 -8.24
CA LEU D 55 12.69 35.28 -7.75
C LEU D 55 12.31 34.14 -8.69
N THR D 56 11.10 34.17 -9.23
CA THR D 56 10.72 33.17 -10.22
C THR D 56 11.58 33.28 -11.48
N LYS D 57 11.91 34.50 -11.88
CA LYS D 57 12.76 34.69 -13.06
C LYS D 57 14.15 34.11 -12.83
N MET D 58 14.73 34.34 -11.66
CA MET D 58 16.07 33.83 -11.39
C MET D 58 16.13 32.31 -11.27
N GLY D 59 15.00 31.63 -11.18
CA GLY D 59 14.97 30.20 -11.10
C GLY D 59 14.86 29.62 -9.72
N VAL D 60 14.13 30.26 -8.81
CA VAL D 60 13.92 29.74 -7.46
C VAL D 60 12.69 28.85 -7.48
N LYS D 61 12.87 27.59 -7.09
CA LYS D 61 11.81 26.60 -7.08
C LYS D 61 11.17 26.57 -5.69
N LYS D 62 10.34 25.54 -5.46
CA LYS D 62 9.63 25.36 -4.20
C LYS D 62 10.47 24.67 -3.13
N GLY D 63 11.76 24.46 -3.37
CA GLY D 63 12.60 23.86 -2.36
C GLY D 63 13.95 24.54 -2.22
N ASP D 64 14.13 25.63 -2.95
CA ASP D 64 15.40 26.33 -2.96
C ASP D 64 15.60 27.12 -1.68
N THR D 65 16.81 27.62 -1.49
CA THR D 65 17.17 28.40 -0.32
C THR D 65 17.74 29.73 -0.75
N VAL D 66 17.22 30.81 -0.18
CA VAL D 66 17.72 32.16 -0.44
C VAL D 66 18.26 32.71 0.87
N ALA D 67 19.53 33.13 0.86
CA ALA D 67 20.21 33.63 2.04
C ALA D 67 20.29 35.15 1.98
N VAL D 68 20.18 35.80 3.14
CA VAL D 68 20.15 37.24 3.23
C VAL D 68 21.18 37.70 4.25
N MET D 69 22.00 38.68 3.86
CA MET D 69 22.97 39.35 4.74
C MET D 69 22.66 40.85 4.66
N ASP D 70 21.83 41.34 5.58
CA ASP D 70 21.33 42.71 5.48
C ASP D 70 21.18 43.29 6.89
N TYR D 71 20.85 44.57 6.94
CA TYR D 71 20.50 45.26 8.18
C TYR D 71 18.97 45.24 8.34
N ASP D 72 18.46 45.99 9.32
CA ASP D 72 17.02 46.13 9.49
C ASP D 72 16.52 47.17 8.50
N SER D 73 15.75 46.73 7.51
CA SER D 73 15.28 47.61 6.45
C SER D 73 13.97 47.08 5.90
N HIS D 74 13.42 47.83 4.94
CA HIS D 74 12.24 47.37 4.22
C HIS D 74 12.52 46.17 3.34
N ARG D 75 13.76 46.03 2.87
CA ARG D 75 14.12 44.87 2.05
C ARG D 75 14.02 43.58 2.85
N TYR D 76 14.46 43.62 4.11
CA TYR D 76 14.35 42.43 4.95
C TYR D 76 12.90 42.09 5.23
N LEU D 77 12.05 43.12 5.41
CA LEU D 77 10.63 42.87 5.61
C LEU D 77 10.00 42.26 4.36
N GLU D 78 10.45 42.69 3.18
CA GLU D 78 9.96 42.11 1.94
C GLU D 78 10.41 40.66 1.79
N CYS D 79 11.65 40.36 2.19
CA CYS D 79 12.14 38.98 2.14
C CYS D 79 11.43 38.09 3.15
N TYR D 80 11.01 38.66 4.29
CA TYR D 80 10.27 37.90 5.29
C TYR D 80 8.97 37.34 4.75
N PHE D 81 8.43 37.92 3.68
CA PHE D 81 7.19 37.47 3.10
C PHE D 81 7.38 36.80 1.74
N ALA D 82 8.05 37.45 0.80
CA ALA D 82 8.05 36.98 -0.58
C ALA D 82 8.67 35.61 -0.72
N ILE D 83 9.81 35.36 -0.07
CA ILE D 83 10.49 34.08 -0.22
C ILE D 83 9.67 32.92 0.33
N PRO D 84 9.10 32.98 1.55
CA PRO D 84 8.24 31.87 1.99
C PRO D 84 7.01 31.63 1.13
N MET D 85 6.38 32.67 0.59
CA MET D 85 5.15 32.47 -0.18
C MET D 85 5.43 31.72 -1.48
N ILE D 86 6.60 31.95 -2.08
CA ILE D 86 6.98 31.22 -3.28
C ILE D 86 7.15 29.73 -2.99
N GLY D 87 7.53 29.39 -1.76
CA GLY D 87 7.79 28.02 -1.39
C GLY D 87 9.23 27.74 -1.02
N ALA D 88 10.12 28.71 -1.12
CA ALA D 88 11.51 28.55 -0.75
C ALA D 88 11.70 28.82 0.74
N LYS D 89 12.86 28.41 1.25
CA LYS D 89 13.21 28.66 2.64
C LYS D 89 14.10 29.89 2.72
N LEU D 90 13.82 30.74 3.71
CA LEU D 90 14.63 31.91 3.98
C LEU D 90 15.68 31.55 5.03
N HIS D 91 16.95 31.68 4.66
CA HIS D 91 18.07 31.44 5.55
C HIS D 91 18.60 32.79 6.03
N MET D 92 18.46 33.06 7.32
CA MET D 92 18.92 34.30 7.91
C MET D 92 20.36 34.12 8.39
N ILE D 93 21.27 34.89 7.85
CA ILE D 93 22.69 34.78 8.17
C ILE D 93 23.03 35.74 9.29
N ASN D 94 23.66 35.22 10.34
CA ASN D 94 24.13 36.02 11.46
C ASN D 94 25.44 36.69 11.05
N VAL D 95 25.38 38.01 10.82
CA VAL D 95 26.57 38.74 10.39
C VAL D 95 27.58 38.97 11.51
N ARG D 96 27.22 38.64 12.75
CA ARG D 96 28.13 38.80 13.87
C ARG D 96 29.06 37.59 14.06
N LEU D 97 28.80 36.49 13.37
CA LEU D 97 29.66 35.32 13.47
C LEU D 97 30.98 35.57 12.74
N SER D 98 31.95 34.72 13.03
CA SER D 98 33.22 34.77 12.32
C SER D 98 33.02 34.29 10.88
N PRO D 99 33.87 34.73 9.94
CA PRO D 99 33.70 34.30 8.55
C PRO D 99 33.74 32.80 8.35
N GLU D 100 34.51 32.07 9.16
CA GLU D 100 34.53 30.62 9.03
C GLU D 100 33.19 30.01 9.43
N GLN D 101 32.57 30.50 10.49
CA GLN D 101 31.26 30.01 10.88
C GLN D 101 30.19 30.37 9.85
N ILE D 102 30.27 31.58 9.28
CA ILE D 102 29.33 31.97 8.24
C ILE D 102 29.48 31.07 7.03
N LEU D 103 30.73 30.77 6.64
CA LEU D 103 30.96 29.87 5.53
C LEU D 103 30.43 28.47 5.83
N TYR D 104 30.62 28.01 7.06
CA TYR D 104 30.08 26.70 7.43
C TYR D 104 28.57 26.66 7.28
N THR D 105 27.89 27.72 7.75
CA THR D 105 26.43 27.73 7.68
C THR D 105 25.95 27.81 6.24
N ILE D 106 26.67 28.56 5.40
CA ILE D 106 26.30 28.65 3.98
C ILE D 106 26.46 27.29 3.31
N ASP D 107 27.57 26.60 3.59
CA ASP D 107 27.77 25.26 3.03
C ASP D 107 26.74 24.27 3.55
N HIS D 108 26.39 24.36 4.83
CA HIS D 108 25.45 23.43 5.42
C HIS D 108 24.04 23.62 4.89
N ALA D 109 23.57 24.86 4.79
CA ALA D 109 22.22 25.11 4.31
C ALA D 109 22.07 24.93 2.81
N GLU D 110 23.18 25.00 2.05
CA GLU D 110 23.17 24.83 0.61
C GLU D 110 22.29 25.90 -0.06
N ASP D 111 22.70 27.15 0.11
CA ASP D 111 21.95 28.27 -0.45
C ASP D 111 22.18 28.36 -1.95
N ASP D 112 21.20 28.93 -2.63
CA ASP D 112 21.25 29.14 -4.07
C ASP D 112 21.50 30.58 -4.46
N ILE D 113 20.81 31.53 -3.84
CA ILE D 113 20.99 32.95 -4.09
C ILE D 113 21.31 33.63 -2.76
N ILE D 114 22.27 34.55 -2.78
CA ILE D 114 22.66 35.30 -1.60
C ILE D 114 22.37 36.77 -1.84
N LEU D 115 21.57 37.37 -0.97
CA LEU D 115 21.31 38.81 -0.97
C LEU D 115 22.18 39.42 0.11
N ILE D 116 23.16 40.21 -0.27
CA ILE D 116 24.19 40.70 0.64
C ILE D 116 24.29 42.21 0.51
N HIS D 117 24.39 42.88 1.65
CA HIS D 117 24.62 44.32 1.63
C HIS D 117 26.07 44.62 1.27
N GLU D 118 26.28 45.78 0.66
CA GLU D 118 27.60 46.13 0.17
C GLU D 118 28.61 46.36 1.29
N GLU D 119 28.14 46.57 2.52
CA GLU D 119 29.04 46.75 3.66
C GLU D 119 29.52 45.43 4.24
N PHE D 120 28.89 44.31 3.88
CA PHE D 120 29.35 42.99 4.26
C PHE D 120 30.20 42.34 3.19
N LEU D 121 30.49 43.06 2.10
CA LEU D 121 31.32 42.50 1.04
C LEU D 121 32.72 42.09 1.51
N PRO D 122 33.41 42.82 2.39
CA PRO D 122 34.70 42.30 2.90
C PRO D 122 34.58 40.94 3.58
N ILE D 123 33.48 40.67 4.27
CA ILE D 123 33.29 39.35 4.87
C ILE D 123 33.20 38.28 3.78
N LEU D 124 32.46 38.57 2.71
CA LEU D 124 32.36 37.63 1.60
C LEU D 124 33.67 37.48 0.84
N ASP D 125 34.55 38.47 0.92
CA ASP D 125 35.79 38.44 0.15
C ASP D 125 36.67 37.27 0.55
N GLN D 126 36.70 36.94 1.84
CA GLN D 126 37.61 35.92 2.33
C GLN D 126 37.00 34.51 2.34
N ILE D 127 35.74 34.35 1.92
CA ILE D 127 35.12 33.03 1.92
C ILE D 127 34.45 32.77 0.57
N LYS D 128 34.61 33.69 -0.37
CA LYS D 128 33.91 33.56 -1.65
C LYS D 128 34.41 32.35 -2.45
N GLY D 129 35.70 32.02 -2.34
CA GLY D 129 36.23 30.92 -3.12
C GLY D 129 35.67 29.57 -2.71
N ARG D 130 35.54 29.33 -1.41
CA ARG D 130 35.14 28.03 -0.89
C ARG D 130 33.64 27.91 -0.64
N ILE D 131 32.78 28.22 -1.60
CA ILE D 131 31.34 28.22 -1.39
C ILE D 131 30.65 27.14 -2.22
N ASP D 132 30.78 27.21 -3.55
CA ASP D 132 30.46 26.10 -4.44
C ASP D 132 28.96 25.82 -4.56
N THR D 133 28.11 26.46 -3.75
CA THR D 133 26.67 26.25 -3.92
C THR D 133 25.97 27.47 -4.53
N VAL D 134 26.43 28.68 -4.24
CA VAL D 134 25.71 29.88 -4.63
C VAL D 134 25.99 30.18 -6.10
N THR D 135 24.94 30.45 -6.86
CA THR D 135 25.06 30.79 -8.28
C THR D 135 24.99 32.28 -8.54
N ARG D 136 24.22 33.04 -7.75
CA ARG D 136 24.06 34.46 -7.96
C ARG D 136 24.22 35.22 -6.65
N TYR D 137 24.83 36.40 -6.74
CA TYR D 137 24.95 37.32 -5.62
C TYR D 137 24.24 38.61 -5.97
N VAL D 138 23.40 39.10 -5.07
CA VAL D 138 22.68 40.35 -5.24
C VAL D 138 23.19 41.34 -4.20
N VAL D 139 23.72 42.46 -4.65
CA VAL D 139 24.31 43.45 -3.76
C VAL D 139 23.26 44.50 -3.44
N LEU D 140 23.01 44.71 -2.15
CA LEU D 140 22.04 45.68 -1.69
C LEU D 140 22.76 46.96 -1.31
N ARG D 141 22.20 48.10 -1.74
CA ARG D 141 22.78 49.40 -1.45
C ARG D 141 21.67 50.31 -0.93
N ASP D 142 22.08 51.42 -0.33
CA ASP D 142 21.15 52.39 0.23
C ASP D 142 20.82 53.52 -0.74
N ASP D 143 21.24 53.40 -1.99
CA ASP D 143 20.94 54.42 -3.00
C ASP D 143 20.30 53.76 -4.22
N GLU D 144 20.17 54.51 -5.31
CA GLU D 144 19.55 54.02 -6.53
C GLU D 144 20.38 52.96 -7.24
N GLU D 145 21.63 52.76 -6.82
CA GLU D 145 22.52 51.77 -7.42
C GLU D 145 22.25 50.35 -6.94
N CYS D 146 21.30 50.16 -6.03
CA CYS D 146 20.99 48.83 -5.52
C CYS D 146 20.54 47.92 -6.64
N GLU D 147 21.10 46.70 -6.66
CA GLU D 147 20.70 45.72 -7.66
C GLU D 147 19.36 45.09 -7.31
N TYR D 148 19.01 45.05 -6.03
CA TYR D 148 17.68 44.59 -5.62
C TYR D 148 16.59 45.49 -6.19
N GLU D 149 16.80 46.81 -6.10
CA GLU D 149 15.82 47.74 -6.65
C GLU D 149 15.74 47.64 -8.16
N ARG D 150 16.90 47.47 -8.83
CA ARG D 150 16.92 47.34 -10.28
C ARG D 150 16.20 46.07 -10.72
N LEU D 151 16.40 44.97 -10.00
CA LEU D 151 15.68 43.74 -10.31
C LEU D 151 14.20 43.86 -10.03
N LEU D 152 13.74 44.63 -9.07
CA LEU D 152 12.30 44.68 -8.80
C LEU D 152 11.65 45.58 -9.79
N GLU D 153 12.26 46.72 -10.12
CA GLU D 153 11.56 47.63 -11.01
C GLU D 153 11.58 47.17 -12.46
N GLN D 154 11.86 45.90 -12.70
CA GLN D 154 11.82 45.30 -14.03
C GLN D 154 10.74 44.23 -14.14
N GLU D 155 9.82 44.17 -13.18
CA GLU D 155 8.82 43.11 -13.11
C GLU D 155 7.43 43.71 -12.93
N SER D 156 6.42 42.87 -13.16
CA SER D 156 5.04 43.29 -12.97
C SER D 156 4.60 43.07 -11.52
N THR D 157 3.63 43.86 -11.09
CA THR D 157 3.11 43.81 -9.74
C THR D 157 1.93 42.84 -9.61
N GLU D 158 1.83 41.85 -10.48
CA GLU D 158 0.79 40.84 -10.41
C GLU D 158 1.42 39.47 -10.27
N TYR D 159 0.88 38.67 -9.35
CA TYR D 159 1.42 37.34 -9.08
C TYR D 159 0.37 36.54 -8.33
N ASN D 160 0.23 35.26 -8.69
CA ASN D 160 -0.70 34.36 -8.04
C ASN D 160 0.10 33.40 -7.16
N PHE D 161 0.04 33.61 -5.87
CA PHE D 161 0.85 32.83 -4.95
C PHE D 161 0.26 31.43 -4.78
N PRO D 162 1.10 30.40 -4.76
CA PRO D 162 0.60 29.02 -4.75
C PRO D 162 0.03 28.64 -3.39
N ASP D 163 -0.64 27.49 -3.39
CA ASP D 163 -1.16 26.95 -2.14
C ASP D 163 -0.48 25.60 -1.99
N PHE D 164 0.12 25.35 -0.84
CA PHE D 164 0.82 24.11 -0.55
C PHE D 164 0.52 23.70 0.88
N ASP D 165 1.16 22.62 1.31
CA ASP D 165 1.00 22.14 2.68
C ASP D 165 1.51 23.18 3.67
N GLU D 166 0.82 23.28 4.80
CA GLU D 166 1.23 24.22 5.84
C GLU D 166 2.48 23.75 6.58
N ASN D 167 2.92 22.52 6.35
CA ASN D 167 4.09 21.97 7.02
C ASN D 167 5.36 22.11 6.22
N THR D 168 5.33 22.82 5.10
CA THR D 168 6.55 23.08 4.35
C THR D 168 7.39 24.13 5.08
N VAL D 169 8.70 23.92 5.08
CA VAL D 169 9.61 24.76 5.86
C VAL D 169 9.64 26.16 5.27
N ALA D 170 9.57 27.17 6.14
CA ALA D 170 9.55 28.56 5.75
C ALA D 170 10.85 29.29 6.01
N THR D 171 11.43 29.14 7.20
CA THR D 171 12.64 29.85 7.58
C THR D 171 13.61 28.91 8.27
N THR D 172 14.88 29.30 8.25
CA THR D 172 15.91 28.57 8.96
C THR D 172 17.03 29.53 9.35
N PHE D 173 17.63 29.28 10.51
CA PHE D 173 18.80 30.03 10.94
C PHE D 173 19.60 29.16 11.88
N TYR D 174 20.84 29.56 12.13
CA TYR D 174 21.80 28.75 12.87
C TYR D 174 22.13 29.41 14.19
N THR D 175 22.04 28.61 15.27
CA THR D 175 22.32 29.09 16.62
C THR D 175 23.70 28.61 17.05
N THR D 176 24.44 29.51 17.69
CA THR D 176 25.85 29.26 18.05
C THR D 176 26.01 28.98 19.54
N GLY D 177 25.10 28.20 20.12
CA GLY D 177 25.17 27.88 21.53
C GLY D 177 26.32 26.97 21.91
N THR D 178 26.19 26.27 23.03
CA THR D 178 27.27 25.43 23.55
C THR D 178 27.31 24.13 22.77
N THR D 179 28.06 24.14 21.67
CA THR D 179 28.23 22.97 20.82
C THR D 179 29.40 23.24 19.89
N GLY D 180 29.89 22.18 19.26
CA GLY D 180 31.09 22.30 18.43
C GLY D 180 30.89 23.16 17.20
N PHE D 181 29.76 22.99 16.51
CA PHE D 181 29.45 23.70 15.28
C PHE D 181 28.07 24.34 15.44
N PRO D 182 27.76 25.37 14.65
CA PRO D 182 26.42 25.95 14.71
C PRO D 182 25.35 24.95 14.35
N LYS D 183 24.20 25.07 15.02
CA LYS D 183 23.08 24.16 14.85
C LYS D 183 21.96 24.87 14.12
N GLY D 184 21.34 24.19 13.15
CA GLY D 184 20.31 24.79 12.33
C GLY D 184 18.91 24.46 12.81
N VAL D 185 18.16 25.50 13.15
CA VAL D 185 16.75 25.38 13.50
C VAL D 185 15.92 25.84 12.31
N PHE D 186 14.69 25.35 12.25
CA PHE D 186 13.82 25.68 11.12
C PHE D 186 12.37 25.64 11.56
N PHE D 187 11.53 26.35 10.82
CA PHE D 187 10.13 26.49 11.15
C PHE D 187 9.29 26.42 9.89
N THR D 188 8.03 26.00 10.05
CA THR D 188 7.09 25.89 8.95
C THR D 188 6.17 27.10 8.92
N HIS D 189 5.31 27.14 7.88
CA HIS D 189 4.34 28.21 7.77
C HIS D 189 3.35 28.18 8.91
N ARG D 190 2.87 26.98 9.25
CA ARG D 190 1.88 26.83 10.30
C ARG D 190 2.42 27.31 11.64
N GLN D 191 3.68 26.99 11.94
CA GLN D 191 4.28 27.39 13.21
C GLN D 191 4.39 28.90 13.33
N LEU D 192 4.79 29.57 12.25
CA LEU D 192 4.91 31.03 12.28
C LEU D 192 3.55 31.70 12.40
N VAL D 193 2.55 31.21 11.68
CA VAL D 193 1.21 31.77 11.77
C VAL D 193 0.65 31.58 13.17
N LEU D 194 0.87 30.40 13.75
CA LEU D 194 0.38 30.12 15.10
C LEU D 194 1.11 30.95 16.14
N HIS D 195 2.41 31.19 15.95
CA HIS D 195 3.16 32.04 16.86
C HIS D 195 2.62 33.47 16.84
N THR D 196 2.33 33.98 15.65
CA THR D 196 1.74 35.31 15.54
C THR D 196 0.40 35.38 16.25
N MET D 197 -0.48 34.41 15.97
CA MET D 197 -1.81 34.39 16.60
C MET D 197 -1.71 34.30 18.11
N GLY D 198 -0.86 33.40 18.62
CA GLY D 198 -0.78 33.20 20.05
C GLY D 198 -0.23 34.40 20.79
N ILE D 199 0.83 35.00 20.27
CA ILE D 199 1.39 36.16 20.96
C ILE D 199 0.44 37.35 20.87
N LEU D 200 -0.26 37.50 19.75
CA LEU D 200 -1.26 38.56 19.66
C LEU D 200 -2.37 38.36 20.67
N SER D 201 -2.85 37.13 20.82
CA SER D 201 -3.88 36.85 21.82
C SER D 201 -3.37 37.09 23.23
N THR D 202 -2.08 36.84 23.49
CA THR D 202 -1.57 37.00 24.84
C THR D 202 -1.32 38.46 25.20
N ILE D 203 -0.61 39.20 24.35
CA ILE D 203 -0.22 40.56 24.71
C ILE D 203 -1.14 41.63 24.16
N GLY D 204 -2.14 41.27 23.38
CA GLY D 204 -3.10 42.26 22.92
C GLY D 204 -4.26 42.41 23.87
N THR D 205 -4.56 41.36 24.62
CA THR D 205 -5.71 41.34 25.53
C THR D 205 -5.37 41.85 26.91
N ASN D 206 -4.17 42.35 27.13
CA ASN D 206 -3.83 42.93 28.42
C ASN D 206 -4.68 44.17 28.68
N ALA D 207 -5.02 44.38 29.94
CA ALA D 207 -5.93 45.46 30.31
C ALA D 207 -5.37 46.83 29.94
N SER D 208 -4.25 47.24 30.54
CA SER D 208 -3.74 48.58 30.32
C SER D 208 -2.23 48.70 30.28
N GLN D 209 -1.47 47.61 30.41
CA GLN D 209 -0.02 47.69 30.52
C GLN D 209 0.64 46.77 29.51
N GLY D 210 1.61 47.29 28.78
CA GLY D 210 2.43 46.46 27.90
C GLY D 210 1.67 45.74 26.81
N ARG D 211 0.72 46.41 26.18
CA ARG D 211 -0.09 45.81 25.13
C ARG D 211 0.27 46.41 23.79
N LEU D 212 0.32 45.56 22.77
CA LEU D 212 0.55 45.97 21.40
C LEU D 212 -0.79 45.97 20.67
N HIS D 213 -1.23 47.15 20.23
CA HIS D 213 -2.52 47.24 19.56
C HIS D 213 -2.41 47.93 18.22
N GLN D 214 -3.56 48.23 17.61
CA GLN D 214 -3.62 48.70 16.24
C GLN D 214 -3.26 50.18 16.08
N GLY D 215 -3.05 50.90 17.16
CA GLY D 215 -2.61 52.27 17.09
C GLY D 215 -1.14 52.51 17.38
N ASP D 216 -0.34 51.46 17.52
CA ASP D 216 1.05 51.60 17.88
C ASP D 216 1.91 51.88 16.64
N ILE D 217 3.14 52.33 16.90
CA ILE D 217 4.15 52.54 15.87
C ILE D 217 5.36 51.71 16.25
N TYR D 218 5.71 50.74 15.40
CA TYR D 218 6.69 49.73 15.72
C TYR D 218 8.03 50.03 15.07
N MET D 219 9.11 49.93 15.85
CA MET D 219 10.45 50.02 15.29
C MET D 219 11.37 49.03 15.98
N PRO D 220 11.90 48.04 15.25
CA PRO D 220 12.79 47.06 15.87
C PRO D 220 14.14 47.64 16.25
N ILE D 221 14.68 47.14 17.36
CA ILE D 221 16.06 47.42 17.74
C ILE D 221 16.76 46.09 18.01
N THR D 222 16.23 45.03 17.40
CA THR D 222 16.79 43.69 17.42
C THR D 222 17.17 43.29 16.00
N PRO D 223 18.37 42.73 15.79
CA PRO D 223 18.96 42.71 14.43
C PRO D 223 18.22 41.91 13.37
N MET D 224 17.07 41.32 13.68
CA MET D 224 16.13 40.84 12.66
C MET D 224 16.62 39.59 11.93
N PHE D 225 17.86 39.17 12.17
CA PHE D 225 18.34 37.90 11.66
C PHE D 225 18.53 36.87 12.76
N HIS D 226 18.04 37.14 13.96
CA HIS D 226 18.31 36.24 15.09
C HIS D 226 17.20 35.20 15.28
N VAL D 227 16.00 35.65 15.62
CA VAL D 227 14.89 34.74 15.90
C VAL D 227 13.62 35.19 15.19
N HIS D 228 13.76 35.77 14.01
CA HIS D 228 12.70 36.44 13.26
C HIS D 228 12.36 37.78 13.90
N ALA D 229 13.33 38.40 14.55
CA ALA D 229 13.11 39.62 15.33
C ALA D 229 11.97 39.42 16.32
N TRP D 230 11.96 38.25 16.96
CA TRP D 230 10.95 37.83 17.94
C TRP D 230 9.56 37.73 17.32
N GLY D 231 9.48 37.51 16.00
CA GLY D 231 8.21 37.43 15.33
C GLY D 231 7.41 38.71 15.27
N LEU D 232 8.03 39.84 15.61
CA LEU D 232 7.35 41.11 15.74
C LEU D 232 7.04 41.77 14.39
N PRO D 233 7.91 41.68 13.37
CA PRO D 233 7.50 42.19 12.05
C PRO D 233 6.24 41.53 11.50
N TYR D 234 6.09 40.23 11.71
CA TYR D 234 4.86 39.55 11.30
C TYR D 234 3.65 40.10 12.02
N MET D 235 3.77 40.29 13.34
CA MET D 235 2.66 40.78 14.14
C MET D 235 2.29 42.21 13.75
N ALA D 236 3.31 43.03 13.50
CA ALA D 236 3.09 44.42 13.12
C ALA D 236 2.43 44.51 11.74
N THR D 237 2.84 43.65 10.81
CA THR D 237 2.19 43.62 9.50
C THR D 237 0.76 43.15 9.63
N MET D 238 0.51 42.15 10.48
CA MET D 238 -0.85 41.68 10.70
C MET D 238 -1.74 42.78 11.27
N LEU D 239 -1.19 43.59 12.19
CA LEU D 239 -1.97 44.69 12.74
C LEU D 239 -2.10 45.85 11.77
N GLY D 240 -1.26 45.92 10.75
CA GLY D 240 -1.28 47.02 9.81
C GLY D 240 -0.86 48.35 10.40
N VAL D 241 0.11 48.34 11.31
CA VAL D 241 0.56 49.55 11.98
C VAL D 241 1.72 50.16 11.20
N LYS D 242 2.02 51.41 11.51
CA LYS D 242 3.18 52.08 10.94
C LYS D 242 4.46 51.42 11.43
N GLN D 243 5.37 51.14 10.51
CA GLN D 243 6.62 50.46 10.80
C GLN D 243 7.79 51.35 10.43
N VAL D 244 8.78 51.43 11.31
CA VAL D 244 9.97 52.25 11.10
C VAL D 244 11.19 51.37 11.25
N TYR D 245 12.06 51.40 10.24
CA TYR D 245 13.28 50.59 10.23
C TYR D 245 14.48 51.51 10.29
N PRO D 246 15.37 51.35 11.27
CA PRO D 246 16.46 52.32 11.44
C PRO D 246 17.70 52.01 10.63
N GLY D 247 17.88 50.77 10.23
CA GLY D 247 19.12 50.35 9.58
C GLY D 247 20.15 49.96 10.62
N LYS D 248 21.37 50.47 10.45
CA LYS D 248 22.41 50.27 11.44
C LYS D 248 22.08 51.01 12.73
N TYR D 249 22.35 50.38 13.87
CA TYR D 249 21.94 50.91 15.16
C TYR D 249 22.96 51.93 15.65
N VAL D 250 22.59 53.21 15.64
CA VAL D 250 23.39 54.28 16.22
C VAL D 250 22.50 55.00 17.22
N PRO D 251 22.94 55.17 18.47
CA PRO D 251 22.03 55.71 19.49
C PRO D 251 21.39 57.05 19.12
N ASP D 252 22.16 57.97 18.53
CA ASP D 252 21.59 59.27 18.19
C ASP D 252 20.56 59.15 17.08
N VAL D 253 20.84 58.31 16.07
CA VAL D 253 19.89 58.09 14.99
C VAL D 253 18.62 57.45 15.54
N LEU D 254 18.76 56.47 16.43
CA LEU D 254 17.60 55.83 17.03
C LEU D 254 16.76 56.82 17.83
N LEU D 255 17.41 57.68 18.61
CA LEU D 255 16.67 58.67 19.39
C LEU D 255 15.95 59.66 18.49
N ASN D 256 16.61 60.07 17.40
CA ASN D 256 15.96 60.97 16.44
C ASN D 256 14.76 60.31 15.80
N LEU D 257 14.87 59.02 15.48
CA LEU D 257 13.75 58.30 14.89
C LEU D 257 12.60 58.17 15.87
N ILE D 258 12.90 57.89 17.13
CA ILE D 258 11.87 57.79 18.15
C ILE D 258 11.14 59.12 18.32
N GLU D 259 11.90 60.22 18.31
CA GLU D 259 11.26 61.54 18.40
C GLU D 259 10.41 61.85 17.18
N GLN D 260 10.97 61.75 15.98
CA GLN D 260 10.26 62.14 14.76
C GLN D 260 9.12 61.27 14.34
N GLU D 261 9.28 59.96 14.45
CA GLU D 261 8.25 59.06 13.99
C GLU D 261 7.20 58.74 15.05
N LYS D 262 7.38 59.24 16.27
CA LYS D 262 6.46 58.97 17.39
C LYS D 262 6.33 57.46 17.65
N VAL D 263 7.48 56.79 17.71
CA VAL D 263 7.49 55.35 17.93
C VAL D 263 6.96 55.04 19.33
N THR D 264 6.14 54.00 19.42
CA THR D 264 5.56 53.58 20.69
C THR D 264 5.96 52.19 21.15
N PHE D 265 6.27 51.28 20.24
CA PHE D 265 6.60 49.90 20.59
C PHE D 265 7.95 49.53 19.99
N SER D 266 8.83 48.97 20.83
CA SER D 266 10.14 48.52 20.38
C SER D 266 10.54 47.28 21.17
N HIS D 267 11.60 46.63 20.69
CA HIS D 267 12.23 45.54 21.41
C HIS D 267 13.73 45.66 21.22
N CYS D 268 14.48 45.46 22.30
CA CYS D 268 15.94 45.55 22.24
C CYS D 268 16.55 44.67 23.31
N VAL D 269 17.83 44.86 23.56
CA VAL D 269 18.59 44.10 24.56
C VAL D 269 19.08 45.10 25.60
N PRO D 270 19.47 44.62 26.79
CA PRO D 270 19.86 45.56 27.85
C PRO D 270 21.00 46.50 27.47
N THR D 271 21.95 46.06 26.67
CA THR D 271 23.07 46.92 26.31
C THR D 271 22.62 48.11 25.45
N ILE D 272 21.78 47.85 24.45
CA ILE D 272 21.28 48.93 23.61
C ILE D 272 20.44 49.90 24.43
N LEU D 273 19.60 49.39 25.32
CA LEU D 273 18.77 50.25 26.15
C LEU D 273 19.61 51.11 27.07
N HIS D 274 20.67 50.52 27.65
CA HIS D 274 21.57 51.31 28.50
C HIS D 274 22.27 52.39 27.68
N LEU D 275 22.69 52.07 26.46
CA LEU D 275 23.32 53.07 25.60
C LEU D 275 22.36 54.20 25.27
N LEU D 276 21.10 53.87 24.98
CA LEU D 276 20.12 54.90 24.65
C LEU D 276 19.81 55.77 25.85
N LEU D 277 19.71 55.19 27.04
CA LEU D 277 19.39 55.96 28.24
C LEU D 277 20.57 56.81 28.69
N SER D 278 21.80 56.35 28.43
CA SER D 278 22.99 57.10 28.83
C SER D 278 23.43 58.13 27.80
N SER D 279 22.82 58.14 26.61
CA SER D 279 23.21 59.10 25.59
C SER D 279 22.86 60.51 26.03
N PRO D 280 23.76 61.49 25.81
CA PRO D 280 23.45 62.86 26.21
C PRO D 280 22.27 63.46 25.47
N LYS D 281 21.92 62.93 24.30
CA LYS D 281 20.80 63.45 23.52
C LYS D 281 19.45 63.05 24.11
N SER D 282 19.43 62.06 24.99
CA SER D 282 18.19 61.49 25.51
C SER D 282 17.70 62.17 26.79
N LYS D 283 18.45 63.11 27.36
CA LYS D 283 18.06 63.68 28.63
C LYS D 283 16.86 64.61 28.50
N ALA D 284 16.74 65.30 27.37
CA ALA D 284 15.65 66.24 27.15
C ALA D 284 14.55 65.68 26.26
N MET D 285 14.59 64.39 25.94
CA MET D 285 13.66 63.83 24.98
C MET D 285 12.55 63.11 25.71
N ASP D 286 11.33 63.25 25.20
CA ASP D 286 10.15 62.66 25.83
C ASP D 286 10.13 61.16 25.63
N PHE D 287 9.81 60.42 26.70
CA PHE D 287 9.82 58.97 26.67
C PHE D 287 8.52 58.33 27.14
N SER D 288 7.54 59.13 27.59
CA SER D 288 6.37 58.56 28.24
C SER D 288 5.31 58.12 27.24
N GLY D 289 5.73 57.39 26.21
CA GLY D 289 4.79 56.71 25.34
C GLY D 289 5.40 55.43 24.80
N TRP D 290 6.57 55.07 25.30
CA TRP D 290 7.40 54.02 24.75
C TRP D 290 7.23 52.73 25.56
N LYS D 291 7.28 51.60 24.87
CA LYS D 291 6.92 50.29 25.40
C LYS D 291 7.94 49.23 25.02
N VAL D 292 9.23 49.49 25.33
CA VAL D 292 10.26 48.50 25.06
C VAL D 292 9.99 47.20 25.80
N VAL D 293 10.30 46.08 25.15
CA VAL D 293 10.34 44.77 25.77
C VAL D 293 11.77 44.26 25.68
N ILE D 294 12.34 43.89 26.82
CA ILE D 294 13.73 43.46 26.92
C ILE D 294 13.75 41.94 26.98
N GLY D 295 14.34 41.31 25.97
CA GLY D 295 14.28 39.86 25.90
C GLY D 295 15.59 39.20 25.54
N GLY D 296 16.64 39.99 25.36
CA GLY D 296 17.94 39.43 25.01
C GLY D 296 18.44 38.47 26.07
N ALA D 297 18.82 39.00 27.24
CA ALA D 297 19.17 38.17 28.39
C ALA D 297 19.24 38.97 29.66
N ALA D 298 18.40 38.60 30.65
CA ALA D 298 18.60 39.00 32.05
C ALA D 298 18.65 40.53 32.21
N LEU D 299 17.49 41.14 31.98
CA LEU D 299 17.35 42.57 32.23
C LEU D 299 17.68 42.88 33.69
N PRO D 300 18.70 43.70 33.95
CA PRO D 300 19.06 44.00 35.34
C PRO D 300 18.03 44.90 36.02
N LYS D 301 18.03 44.84 37.35
CA LYS D 301 17.07 45.61 38.13
C LYS D 301 17.39 47.10 38.12
N ALA D 302 18.67 47.47 38.07
CA ALA D 302 19.04 48.88 38.11
C ALA D 302 18.69 49.58 36.80
N LEU D 303 18.95 48.94 35.67
CA LEU D 303 18.54 49.50 34.39
C LEU D 303 17.03 49.64 34.30
N CYS D 304 16.30 48.62 34.79
CA CYS D 304 14.84 48.71 34.82
C CYS D 304 14.38 49.87 35.67
N LYS D 305 15.01 50.06 36.83
CA LYS D 305 14.63 51.17 37.71
C LYS D 305 14.87 52.52 37.04
N SER D 306 16.01 52.67 36.37
CA SER D 306 16.30 53.91 35.67
C SER D 306 15.31 54.17 34.54
N ALA D 307 14.99 53.12 33.76
CA ALA D 307 14.03 53.28 32.68
C ALA D 307 12.66 53.65 33.21
N LEU D 308 12.24 53.05 34.33
CA LEU D 308 10.97 53.42 34.93
C LEU D 308 10.99 54.86 35.43
N GLU D 309 12.12 55.30 35.97
CA GLU D 309 12.23 56.70 36.38
C GLU D 309 12.17 57.64 35.19
N ARG D 310 12.58 57.19 34.01
CA ARG D 310 12.37 57.95 32.78
C ARG D 310 10.98 57.75 32.19
N ASP D 311 10.09 57.05 32.91
CA ASP D 311 8.69 56.88 32.52
C ASP D 311 8.54 56.07 31.24
N ILE D 312 9.18 54.90 31.22
CA ILE D 312 9.11 53.98 30.08
C ILE D 312 8.42 52.71 30.55
N ASP D 313 7.47 52.23 29.74
CA ASP D 313 6.84 50.93 29.98
C ASP D 313 7.82 49.86 29.51
N VAL D 314 8.69 49.44 30.41
CA VAL D 314 9.73 48.47 30.12
C VAL D 314 9.38 47.18 30.84
N PHE D 315 9.44 46.06 30.11
CA PHE D 315 9.12 44.76 30.66
C PHE D 315 9.94 43.71 29.93
N ALA D 316 10.01 42.52 30.50
CA ALA D 316 10.91 41.47 30.03
C ALA D 316 10.15 40.35 29.32
N GLY D 317 10.92 39.54 28.60
CA GLY D 317 10.37 38.39 27.91
C GLY D 317 11.48 37.38 27.70
N TYR D 318 11.07 36.12 27.47
CA TYR D 318 12.00 35.00 27.44
C TYR D 318 11.79 34.18 26.18
N GLY D 319 12.89 33.76 25.58
CA GLY D 319 12.84 32.90 24.40
C GLY D 319 14.24 32.52 23.97
N MET D 320 14.29 31.66 22.95
CA MET D 320 15.56 31.24 22.36
C MET D 320 15.31 30.82 20.92
N SER D 321 16.39 30.40 20.26
CA SER D 321 16.32 30.08 18.84
C SER D 321 15.39 28.90 18.57
N GLU D 322 15.39 27.91 19.45
CA GLU D 322 14.62 26.69 19.23
C GLU D 322 13.14 26.83 19.56
N THR D 323 12.71 27.95 20.14
CA THR D 323 11.41 28.02 20.77
C THR D 323 10.44 29.02 20.14
N GLY D 324 10.72 29.55 18.96
CA GLY D 324 9.71 30.33 18.27
C GLY D 324 9.98 31.79 17.94
N PRO D 325 10.55 32.58 18.87
CA PRO D 325 11.16 32.30 20.18
C PRO D 325 10.28 32.46 21.41
N ILE D 326 9.21 33.24 21.38
CA ILE D 326 8.61 33.75 22.61
C ILE D 326 7.96 32.60 23.38
N LEU D 327 8.37 32.45 24.63
CA LEU D 327 7.79 31.47 25.55
C LEU D 327 7.13 32.10 26.76
N SER D 328 7.56 33.29 27.17
CA SER D 328 7.09 33.91 28.40
C SER D 328 7.25 35.42 28.29
N ILE D 329 6.31 36.15 28.90
CA ILE D 329 6.30 37.61 28.91
C ILE D 329 5.89 38.07 30.30
N VAL D 330 6.47 39.18 30.74
CA VAL D 330 6.06 39.79 32.02
C VAL D 330 4.77 40.56 31.79
N GLN D 331 3.70 40.12 32.46
CA GLN D 331 2.43 40.82 32.48
C GLN D 331 2.07 41.13 33.93
N LEU D 332 1.70 42.37 34.20
CA LEU D 332 1.40 42.84 35.54
C LEU D 332 -0.10 42.99 35.72
N THR D 333 -0.63 42.36 36.77
CA THR D 333 -2.03 42.53 37.15
C THR D 333 -2.26 43.96 37.60
N PRO D 334 -3.50 44.47 37.52
CA PRO D 334 -3.70 45.90 37.74
C PRO D 334 -3.54 46.34 39.18
N GLU D 335 -3.39 45.42 40.13
CA GLU D 335 -2.98 45.78 41.48
C GLU D 335 -1.48 46.06 41.58
N GLN D 336 -0.68 45.56 40.63
CA GLN D 336 0.76 45.70 40.69
C GLN D 336 1.27 47.00 40.08
N LEU D 337 0.41 47.76 39.39
CA LEU D 337 0.82 49.08 38.92
C LEU D 337 0.71 50.15 39.99
N GLU D 338 0.19 49.82 41.17
CA GLU D 338 0.17 50.77 42.28
C GLU D 338 1.41 50.66 43.17
N LEU D 339 2.27 49.68 42.93
CA LEU D 339 3.48 49.56 43.72
C LEU D 339 4.47 50.65 43.35
N ASP D 340 5.41 50.91 44.26
CA ASP D 340 6.41 51.93 44.02
C ASP D 340 7.41 51.45 42.97
N VAL D 341 8.40 52.30 42.70
CA VAL D 341 9.32 52.06 41.58
C VAL D 341 10.17 50.81 41.85
N ASP D 342 10.57 50.58 43.10
CA ASP D 342 11.47 49.47 43.39
C ASP D 342 10.78 48.12 43.23
N GLN D 343 9.58 47.97 43.79
CA GLN D 343 8.87 46.71 43.67
C GLN D 343 8.40 46.47 42.25
N GLN D 344 8.00 47.53 41.55
CA GLN D 344 7.68 47.42 40.13
C GLN D 344 8.90 46.97 39.32
N ALA D 345 10.08 47.52 39.65
CA ALA D 345 11.29 47.13 38.95
C ALA D 345 11.62 45.67 39.20
N GLU D 346 11.40 45.21 40.44
CA GLU D 346 11.61 43.79 40.74
C GLU D 346 10.63 42.92 39.95
N TYR D 347 9.38 43.36 39.83
CA TYR D 347 8.39 42.56 39.11
C TYR D 347 8.68 42.52 37.61
N ARG D 348 9.11 43.64 37.03
CA ARG D 348 9.32 43.75 35.59
C ARG D 348 10.61 43.10 35.12
N SER D 349 11.51 42.75 36.03
CA SER D 349 12.77 42.11 35.65
C SER D 349 12.68 40.60 35.58
N LYS D 350 11.59 40.01 36.01
CA LYS D 350 11.47 38.56 36.04
C LYS D 350 11.35 37.99 34.63
N THR D 351 11.43 36.68 34.54
CA THR D 351 11.26 36.01 33.25
C THR D 351 9.83 36.13 32.75
N GLY D 352 8.86 36.07 33.65
CA GLY D 352 7.46 36.26 33.31
C GLY D 352 6.68 34.96 33.37
N LYS D 353 5.40 35.07 33.03
CA LYS D 353 4.53 33.92 32.95
C LYS D 353 4.48 33.41 31.51
N LYS D 354 4.23 32.11 31.36
CA LYS D 354 4.19 31.50 30.05
C LYS D 354 2.98 32.00 29.26
N VAL D 355 3.16 32.15 27.95
CA VAL D 355 2.16 32.68 27.05
C VAL D 355 1.18 31.59 26.66
N ALA D 356 0.09 31.97 25.99
CA ALA D 356 -0.97 31.03 25.65
C ALA D 356 -0.44 29.86 24.84
N LEU D 357 -0.95 28.66 25.17
CA LEU D 357 -0.65 27.40 24.51
C LEU D 357 0.77 26.90 24.79
N VAL D 358 1.37 27.32 25.90
CA VAL D 358 2.72 26.93 26.28
C VAL D 358 2.63 26.17 27.60
N GLU D 359 3.22 24.98 27.64
CA GLU D 359 3.34 24.18 28.84
C GLU D 359 4.79 24.17 29.28
N ALA D 360 5.07 24.61 30.50
CA ALA D 360 6.43 24.71 31.01
C ALA D 360 6.51 24.10 32.39
N TYR D 361 7.48 23.21 32.59
CA TYR D 361 7.77 22.63 33.89
C TYR D 361 9.26 22.75 34.18
N ILE D 362 9.61 22.55 35.44
CA ILE D 362 10.99 22.44 35.88
C ILE D 362 11.21 21.00 36.36
N VAL D 363 12.29 20.38 35.88
CA VAL D 363 12.57 18.97 36.16
C VAL D 363 14.00 18.83 36.65
N ASP D 364 14.31 17.64 37.12
CA ASP D 364 15.66 17.25 37.50
C ASP D 364 16.27 16.41 36.38
N GLU D 365 17.46 15.88 36.62
CA GLU D 365 18.10 15.03 35.61
C GLU D 365 17.33 13.73 35.38
N ASP D 366 16.46 13.34 36.31
CA ASP D 366 15.58 12.20 36.14
C ASP D 366 14.20 12.59 35.60
N MET D 367 13.97 13.87 35.33
CA MET D 367 12.71 14.37 34.78
C MET D 367 11.53 14.04 35.71
N ASN D 368 11.58 14.62 36.91
CA ASN D 368 10.61 14.32 37.96
C ASN D 368 9.67 15.47 38.27
N LYS D 369 9.74 16.59 37.56
CA LYS D 369 8.78 17.68 37.67
C LYS D 369 8.69 18.22 39.10
N LEU D 370 9.79 18.85 39.50
CA LEU D 370 9.93 19.53 40.79
C LEU D 370 8.75 20.46 41.08
N PRO D 371 8.44 20.72 42.34
CA PRO D 371 7.29 21.59 42.66
C PRO D 371 7.56 23.04 42.33
N HIS D 372 6.46 23.78 42.14
CA HIS D 372 6.50 25.22 41.89
C HIS D 372 6.26 25.93 43.22
N ASP D 373 7.34 26.18 43.96
CA ASP D 373 7.25 26.84 45.25
C ASP D 373 8.03 28.14 45.33
N GLY D 374 8.78 28.51 44.29
CA GLY D 374 9.57 29.71 44.33
C GLY D 374 10.98 29.54 44.87
N GLU D 375 11.34 28.33 45.31
CA GLU D 375 12.69 28.05 45.80
C GLU D 375 13.35 26.88 45.10
N THR D 376 12.60 25.81 44.82
CA THR D 376 13.17 24.65 44.15
C THR D 376 13.53 24.99 42.71
N ALA D 377 14.75 24.63 42.30
CA ALA D 377 15.27 25.00 41.00
C ALA D 377 15.57 23.76 40.17
N GLY D 378 15.15 23.79 38.91
CA GLY D 378 15.43 22.72 37.97
C GLY D 378 15.44 23.30 36.58
N GLU D 379 15.67 22.43 35.59
CA GLU D 379 15.72 22.86 34.21
C GLU D 379 14.32 22.99 33.62
N ILE D 380 14.12 24.07 32.87
CA ILE D 380 12.84 24.32 32.21
C ILE D 380 12.73 23.42 30.99
N VAL D 381 11.58 22.74 30.87
CA VAL D 381 11.25 21.92 29.70
C VAL D 381 9.86 22.32 29.24
N VAL D 382 9.70 22.51 27.93
CA VAL D 382 8.51 23.17 27.40
C VAL D 382 7.87 22.33 26.30
N ARG D 383 6.59 22.62 26.08
CA ARG D 383 5.85 22.17 24.91
C ARG D 383 5.08 23.36 24.37
N ALA D 384 5.10 23.54 23.05
CA ALA D 384 4.47 24.69 22.42
C ALA D 384 4.20 24.36 20.97
N PRO D 385 3.30 25.09 20.31
CA PRO D 385 3.02 24.83 18.90
C PRO D 385 4.06 25.34 17.93
N TRP D 386 5.15 25.94 18.40
CA TRP D 386 6.12 26.58 17.51
C TRP D 386 7.55 26.24 17.91
N LEU D 387 7.81 24.99 18.24
CA LEU D 387 9.15 24.53 18.58
C LEU D 387 9.75 23.76 17.41
N THR D 388 11.05 23.91 17.21
CA THR D 388 11.71 23.15 16.17
C THR D 388 11.75 21.67 16.55
N PRO D 389 11.43 20.77 15.62
CA PRO D 389 11.35 19.35 15.98
C PRO D 389 12.71 18.70 16.16
N ASN D 390 13.75 19.23 15.54
CA ASN D 390 15.10 18.71 15.68
C ASN D 390 16.06 19.76 15.12
N TYR D 391 17.34 19.42 15.11
CA TYR D 391 18.35 20.20 14.42
C TYR D 391 18.51 19.67 13.01
N TYR D 392 18.72 20.58 12.07
CA TYR D 392 18.83 20.19 10.67
C TYR D 392 20.08 19.34 10.46
N LYS D 393 19.92 18.19 9.80
CA LYS D 393 21.01 17.27 9.49
C LYS D 393 21.75 16.83 10.75
N ASP D 394 21.00 16.53 11.80
CA ASP D 394 21.58 16.16 13.08
C ASP D 394 20.70 15.11 13.74
N ASN D 395 21.32 14.16 14.42
CA ASN D 395 20.60 13.09 15.09
C ASN D 395 20.82 13.07 16.60
N LYS D 396 22.08 13.07 17.05
CA LYS D 396 22.34 12.89 18.48
C LYS D 396 21.98 14.14 19.27
N ASN D 397 22.34 15.31 18.77
CA ASN D 397 21.93 16.55 19.43
C ASN D 397 20.43 16.73 19.36
N SER D 398 19.82 16.30 18.25
CA SER D 398 18.36 16.33 18.14
C SER D 398 17.71 15.42 19.18
N LYS D 399 18.29 14.24 19.40
CA LYS D 399 17.76 13.32 20.40
C LYS D 399 17.92 13.89 21.80
N ALA D 400 19.05 14.55 22.07
CA ALA D 400 19.24 15.14 23.39
C ALA D 400 18.35 16.35 23.61
N LEU D 401 17.93 17.02 22.53
CA LEU D 401 17.08 18.20 22.66
C LEU D 401 15.69 17.84 23.14
N TRP D 402 15.14 16.73 22.64
CA TRP D 402 13.77 16.33 22.94
C TRP D 402 13.71 15.12 23.87
N ARG D 403 14.62 15.07 24.83
CA ARG D 403 14.67 13.95 25.78
C ARG D 403 13.41 13.89 26.62
N GLY D 404 12.81 12.72 26.69
CA GLY D 404 11.66 12.51 27.55
C GLY D 404 10.37 13.11 27.05
N GLY D 405 10.32 13.55 25.80
CA GLY D 405 9.11 14.13 25.25
C GLY D 405 8.94 15.61 25.48
N TYR D 406 9.94 16.31 25.98
CA TYR D 406 9.89 17.74 26.17
C TYR D 406 11.16 18.36 25.60
N LEU D 407 11.07 19.65 25.25
CA LEU D 407 12.21 20.39 24.72
C LEU D 407 12.99 20.99 25.87
N HIS D 408 14.26 20.63 25.98
CA HIS D 408 15.12 21.12 27.06
C HIS D 408 15.75 22.44 26.65
N THR D 409 15.47 23.49 27.40
CA THR D 409 15.97 24.82 27.07
C THR D 409 17.36 25.09 27.61
N GLY D 410 17.89 24.22 28.47
CA GLY D 410 19.20 24.43 29.03
C GLY D 410 19.29 25.54 30.06
N ASP D 411 18.17 25.91 30.66
CA ASP D 411 18.12 26.97 31.66
C ASP D 411 17.54 26.45 32.95
N VAL D 412 18.06 26.93 34.07
CA VAL D 412 17.63 26.50 35.40
C VAL D 412 16.85 27.64 36.04
N ALA D 413 15.67 27.33 36.54
CA ALA D 413 14.78 28.36 37.07
C ALA D 413 13.92 27.78 38.18
N HIS D 414 13.36 28.67 38.99
CA HIS D 414 12.34 28.33 39.96
C HIS D 414 11.08 29.11 39.63
N ILE D 415 9.93 28.44 39.74
CA ILE D 415 8.64 29.01 39.34
C ILE D 415 7.84 29.32 40.60
N ASP D 416 7.29 30.52 40.65
CA ASP D 416 6.49 30.96 41.78
C ASP D 416 5.21 30.13 41.91
N ASP D 417 4.51 30.32 43.02
CA ASP D 417 3.22 29.67 43.20
C ASP D 417 2.18 30.25 42.25
N GLU D 418 2.29 31.54 41.92
CA GLU D 418 1.38 32.21 41.02
C GLU D 418 1.78 32.11 39.56
N GLY D 419 2.97 31.56 39.27
CA GLY D 419 3.38 31.31 37.90
C GLY D 419 4.55 32.13 37.41
N PHE D 420 5.10 33.02 38.23
CA PHE D 420 6.20 33.86 37.79
C PHE D 420 7.51 33.06 37.78
N ILE D 421 8.14 32.97 36.63
CA ILE D 421 9.37 32.21 36.45
C ILE D 421 10.56 33.12 36.71
N LYS D 422 11.58 32.57 37.36
CA LYS D 422 12.81 33.31 37.66
C LYS D 422 14.00 32.45 37.26
N ILE D 423 14.64 32.80 36.15
CA ILE D 423 15.76 32.03 35.63
C ILE D 423 17.01 32.32 36.45
N THR D 424 17.70 31.27 36.89
CA THR D 424 18.88 31.40 37.73
C THR D 424 20.17 31.46 36.90
N ASP D 425 20.44 30.40 36.14
CA ASP D 425 21.57 30.39 35.21
C ASP D 425 21.41 29.18 34.30
N ARG D 426 22.42 28.94 33.46
CA ARG D 426 22.41 27.86 32.48
C ARG D 426 22.67 26.52 33.14
N VAL D 427 22.31 25.45 32.43
CA VAL D 427 22.56 24.10 32.92
C VAL D 427 24.05 23.79 32.89
N LYS D 428 24.74 24.19 31.81
CA LYS D 428 26.15 23.89 31.68
C LYS D 428 27.04 24.77 32.55
N ASP D 429 26.50 25.82 33.16
CA ASP D 429 27.25 26.67 34.07
C ASP D 429 27.10 26.24 35.53
N MET D 430 26.45 25.10 35.78
CA MET D 430 26.15 24.67 37.13
C MET D 430 27.42 24.40 37.93
N ILE D 431 27.34 24.61 39.24
CA ILE D 431 28.43 24.34 40.17
C ILE D 431 27.99 23.22 41.09
N LYS D 432 28.55 22.03 40.90
CA LYS D 432 28.21 20.83 41.67
C LYS D 432 29.30 20.60 42.71
N ILE D 433 29.02 20.97 43.96
CA ILE D 433 29.91 20.71 45.08
C ILE D 433 29.34 19.54 45.86
N SER D 434 30.10 18.45 45.93
CA SER D 434 29.67 17.25 46.66
C SER D 434 28.29 16.78 46.21
N GLY D 435 27.27 17.17 46.95
CA GLY D 435 25.90 16.80 46.60
C GLY D 435 24.93 17.95 46.62
N GLU D 436 25.40 19.16 46.35
CA GLU D 436 24.55 20.34 46.33
C GLU D 436 24.77 21.10 45.03
N TRP D 437 23.81 21.97 44.71
CA TRP D 437 23.71 22.55 43.38
C TRP D 437 23.55 24.07 43.52
N VAL D 438 24.56 24.82 43.06
CA VAL D 438 24.52 26.28 43.19
C VAL D 438 24.84 26.90 41.84
N SER D 439 24.41 28.15 41.68
CA SER D 439 24.59 28.91 40.46
C SER D 439 25.89 29.69 40.49
N SER D 440 26.28 30.22 39.33
CA SER D 440 27.45 31.08 39.25
C SER D 440 27.11 32.55 39.11
N LEU D 441 25.91 32.88 38.64
CA LEU D 441 25.59 34.28 38.35
C LEU D 441 25.43 35.10 39.62
N GLU D 442 24.83 34.52 40.66
CA GLU D 442 24.68 35.27 41.90
C GLU D 442 26.04 35.50 42.57
N LEU D 443 26.94 34.51 42.50
CA LEU D 443 28.28 34.71 43.02
C LEU D 443 29.03 35.76 42.19
N GLU D 444 28.85 35.75 40.87
CA GLU D 444 29.45 36.77 40.03
C GLU D 444 28.98 38.16 40.41
N ASP D 445 27.68 38.32 40.63
CA ASP D 445 27.14 39.63 41.02
C ASP D 445 27.64 40.04 42.40
N ILE D 446 27.69 39.10 43.34
CA ILE D 446 28.17 39.42 44.69
C ILE D 446 29.62 39.89 44.64
N LEU D 447 30.46 39.19 43.89
CA LEU D 447 31.85 39.62 43.76
C LEU D 447 31.98 40.89 42.96
N HIS D 448 31.08 41.12 42.01
CA HIS D 448 31.06 42.36 41.24
C HIS D 448 30.64 43.55 42.09
N GLN D 449 29.92 43.32 43.18
CA GLN D 449 29.60 44.41 44.10
C GLN D 449 30.82 44.97 44.79
N HIS D 450 31.95 44.26 44.74
CA HIS D 450 33.20 44.80 45.28
C HIS D 450 33.61 46.04 44.51
N GLN D 451 34.31 46.94 45.20
CA GLN D 451 34.73 48.20 44.60
C GLN D 451 36.02 48.10 43.81
N SER D 452 36.54 46.89 43.59
CA SER D 452 37.80 46.68 42.90
C SER D 452 37.68 45.56 41.87
N VAL D 453 36.60 45.59 41.08
CA VAL D 453 36.36 44.60 40.03
C VAL D 453 35.64 45.26 38.87
N SER D 454 36.01 44.87 37.65
CA SER D 454 35.33 45.33 36.44
C SER D 454 34.38 44.27 35.89
N GLU D 455 34.90 43.09 35.58
CA GLU D 455 34.10 41.97 35.10
C GLU D 455 34.47 40.72 35.89
N VAL D 456 33.45 39.93 36.23
CA VAL D 456 33.61 38.77 37.09
C VAL D 456 33.21 37.52 36.31
N ALA D 457 34.05 36.49 36.35
CA ALA D 457 33.76 35.21 35.74
C ALA D 457 33.97 34.11 36.79
N VAL D 458 32.95 33.28 37.00
CA VAL D 458 32.98 32.23 38.00
C VAL D 458 32.79 30.90 37.31
N ILE D 459 33.78 30.01 37.43
CA ILE D 459 33.73 28.69 36.82
C ILE D 459 34.20 27.66 37.84
N GLY D 460 33.97 26.38 37.52
CA GLY D 460 34.22 25.30 38.45
C GLY D 460 35.57 24.64 38.27
N MET D 461 36.03 24.00 39.35
CA MET D 461 37.32 23.34 39.38
C MET D 461 37.18 21.98 40.16
N PRO D 462 37.36 20.78 39.50
CA PRO D 462 37.13 19.49 40.18
C PRO D 462 38.01 19.29 41.39
N HIS D 463 37.46 18.62 42.40
CA HIS D 463 38.19 18.25 43.60
C HIS D 463 37.80 16.83 43.98
N ASN D 464 38.58 16.24 44.89
CA ASN D 464 38.40 14.83 45.23
C ASN D 464 37.15 14.60 46.07
N LYS D 465 37.08 15.23 47.24
CA LYS D 465 36.00 14.93 48.17
C LYS D 465 34.72 15.70 47.84
N TRP D 466 34.83 17.00 47.65
CA TRP D 466 33.66 17.85 47.45
C TRP D 466 33.28 17.97 45.97
N GLY D 467 33.92 17.21 45.09
CA GLY D 467 33.63 17.35 43.68
C GLY D 467 34.11 18.69 43.16
N GLU D 468 33.45 19.16 42.10
CA GLU D 468 33.83 20.44 41.50
C GLU D 468 33.57 21.57 42.49
N VAL D 469 34.50 22.51 42.56
CA VAL D 469 34.37 23.66 43.45
C VAL D 469 34.42 24.94 42.62
N PRO D 470 33.81 26.02 43.08
CA PRO D 470 33.82 27.25 42.28
C PRO D 470 35.18 27.92 42.27
N LEU D 471 35.45 28.65 41.20
CA LEU D 471 36.63 29.50 41.09
C LEU D 471 36.24 30.79 40.41
N ALA D 472 36.77 31.91 40.91
CA ALA D 472 36.40 33.23 40.45
C ALA D 472 37.54 33.86 39.65
N LEU D 473 37.21 34.38 38.47
CA LEU D 473 38.15 35.10 37.63
C LEU D 473 37.62 36.52 37.42
N VAL D 474 38.38 37.51 37.90
CA VAL D 474 37.97 38.91 37.85
C VAL D 474 39.14 39.75 37.35
N THR D 475 38.85 41.03 37.11
CA THR D 475 39.86 42.03 36.79
C THR D 475 39.72 43.18 37.79
N LEU D 476 40.84 43.59 38.37
CA LEU D 476 40.84 44.51 39.49
C LEU D 476 40.60 45.95 39.02
N LYS D 477 40.67 46.90 39.97
CA LYS D 477 40.41 48.31 39.70
C LYS D 477 41.68 49.13 39.98
N GLU D 478 41.53 50.46 39.89
CA GLU D 478 42.68 51.36 39.91
C GLU D 478 43.34 51.40 41.28
N ASP D 479 44.67 51.28 41.28
CA ASP D 479 45.50 51.34 42.48
C ASP D 479 45.04 50.38 43.56
N ALA D 480 44.33 49.33 43.16
CA ALA D 480 43.82 48.32 44.08
C ALA D 480 44.43 46.97 43.70
N GLN D 481 45.64 46.71 44.21
CA GLN D 481 46.29 45.42 43.99
C GLN D 481 45.79 44.39 44.98
N VAL D 482 44.47 44.24 45.04
CA VAL D 482 43.83 43.37 46.02
C VAL D 482 43.97 41.93 45.57
N THR D 483 44.67 41.12 46.36
CA THR D 483 44.99 39.75 46.00
C THR D 483 43.76 38.86 46.26
N GLU D 484 43.96 37.55 46.16
CA GLU D 484 42.86 36.61 46.37
C GLU D 484 42.34 36.65 47.80
N LYS D 485 43.20 37.00 48.77
CA LYS D 485 42.77 37.04 50.16
C LYS D 485 41.72 38.12 50.38
N GLU D 486 41.89 39.28 49.76
CA GLU D 486 40.92 40.36 49.93
C GLU D 486 39.56 39.99 49.34
N LEU D 487 39.56 39.39 48.15
CA LEU D 487 38.31 38.96 47.55
C LEU D 487 37.65 37.86 48.37
N LEU D 488 38.45 36.93 48.91
CA LEU D 488 37.92 35.91 49.80
C LEU D 488 37.25 36.54 51.02
N GLY D 489 37.92 37.51 51.64
CA GLY D 489 37.34 38.18 52.79
C GLY D 489 36.06 38.92 52.45
N PHE D 490 36.04 39.60 51.29
CA PHE D 490 34.83 40.29 50.86
C PHE D 490 33.68 39.31 50.66
N ALA D 491 33.95 38.15 50.05
CA ALA D 491 32.92 37.14 49.91
C ALA D 491 32.44 36.65 51.26
N LYS D 492 33.36 36.45 52.20
CA LYS D 492 32.97 36.02 53.54
C LYS D 492 32.15 37.08 54.25
N ASP D 493 32.32 38.35 53.89
CA ASP D 493 31.61 39.43 54.55
C ASP D 493 30.11 39.40 54.27
N PHE D 494 29.71 38.63 53.27
CA PHE D 494 28.30 38.55 52.94
C PHE D 494 27.53 37.60 53.83
N ILE D 495 26.24 37.43 53.56
CA ILE D 495 25.37 36.52 54.31
C ILE D 495 24.46 35.80 53.33
N ASN D 496 23.54 35.02 53.89
CA ASN D 496 22.48 34.33 53.13
C ASN D 496 23.06 33.36 52.10
N LYS D 497 23.77 32.36 52.61
CA LYS D 497 24.30 31.29 51.77
C LYS D 497 24.22 29.98 52.53
N GLY D 498 24.07 28.89 51.78
CA GLY D 498 23.97 27.55 52.33
C GLY D 498 25.28 26.80 52.24
N ILE D 499 25.17 25.47 52.12
CA ILE D 499 26.32 24.59 52.00
C ILE D 499 27.23 24.78 53.21
N LEU D 500 28.55 24.69 53.00
CA LEU D 500 29.52 24.81 54.09
C LEU D 500 29.51 26.21 54.68
N ALA D 501 28.95 26.36 55.88
CA ALA D 501 28.83 27.66 56.53
C ALA D 501 28.14 28.65 55.61
N ARG D 502 28.92 29.45 54.90
CA ARG D 502 28.41 30.39 53.90
C ARG D 502 28.87 29.99 52.50
N GLU D 503 28.96 28.67 52.27
CA GLU D 503 29.41 28.07 51.01
C GLU D 503 30.77 28.61 50.55
N ALA D 504 31.53 29.22 51.46
CA ALA D 504 32.82 29.80 51.13
C ALA D 504 33.91 29.04 51.90
N LEU D 505 34.37 27.94 51.30
CA LEU D 505 35.52 27.21 51.83
C LEU D 505 36.51 26.76 50.77
N LEU D 506 36.15 26.77 49.48
CA LEU D 506 37.03 26.34 48.42
C LEU D 506 36.96 27.28 47.22
N LEU D 507 36.76 28.57 47.47
CA LEU D 507 36.57 29.53 46.38
C LEU D 507 37.80 29.63 45.50
N LYS D 508 38.97 29.76 46.10
CA LYS D 508 40.24 29.84 45.38
C LYS D 508 40.20 30.90 44.28
N VAL D 509 39.75 32.10 44.66
CA VAL D 509 39.57 33.18 43.70
C VAL D 509 40.91 33.55 43.08
N LYS D 510 40.91 33.83 41.78
CA LYS D 510 42.08 34.27 41.05
C LYS D 510 41.77 35.56 40.32
N ILE D 511 42.78 36.12 39.66
CA ILE D 511 42.65 37.34 38.87
C ILE D 511 43.44 37.13 37.58
N VAL D 512 42.73 36.92 36.48
CA VAL D 512 43.35 36.82 35.15
C VAL D 512 42.99 38.09 34.38
N ASP D 513 43.98 38.65 33.70
CA ASP D 513 43.84 39.94 33.03
C ASP D 513 42.76 39.92 31.95
N GLU D 514 42.95 39.12 30.91
CA GLU D 514 42.05 39.12 29.75
C GLU D 514 41.08 37.96 29.83
N ILE D 515 39.80 38.25 29.64
CA ILE D 515 38.74 37.25 29.61
C ILE D 515 38.26 37.13 28.18
N ALA D 516 38.35 35.93 27.62
CA ALA D 516 37.93 35.70 26.25
C ALA D 516 36.43 35.93 26.11
N LYS D 517 36.04 36.62 25.04
CA LYS D 517 34.64 36.96 24.77
C LYS D 517 34.25 36.47 23.39
N THR D 518 33.12 35.78 23.30
CA THR D 518 32.65 35.22 22.04
C THR D 518 32.22 36.34 21.09
N SER D 519 31.81 35.93 19.88
CA SER D 519 31.34 36.90 18.89
C SER D 519 30.00 37.52 19.29
N VAL D 520 29.28 36.91 20.24
CA VAL D 520 28.04 37.48 20.73
C VAL D 520 28.24 38.41 21.92
N GLY D 521 29.48 38.71 22.27
CA GLY D 521 29.79 39.57 23.39
C GLY D 521 29.87 38.88 24.73
N LYS D 522 29.50 37.61 24.80
CA LYS D 522 29.54 36.86 26.05
C LYS D 522 30.87 36.16 26.22
N VAL D 523 31.25 35.90 27.47
CA VAL D 523 32.51 35.25 27.75
C VAL D 523 32.42 33.76 27.43
N ASP D 524 33.47 33.22 26.84
CA ASP D 524 33.52 31.80 26.46
C ASP D 524 34.00 31.00 27.67
N LYS D 525 33.06 30.48 28.44
CA LYS D 525 33.41 29.75 29.66
C LYS D 525 34.12 28.45 29.34
N LYS D 526 33.73 27.78 28.26
CA LYS D 526 34.40 26.54 27.87
C LYS D 526 35.85 26.79 27.49
N GLU D 527 36.11 27.87 26.73
CA GLU D 527 37.49 28.20 26.38
C GLU D 527 38.30 28.58 27.61
N LEU D 528 37.68 29.29 28.55
CA LEU D 528 38.35 29.62 29.81
C LEU D 528 38.71 28.36 30.58
N ARG D 529 37.80 27.38 30.62
CA ARG D 529 38.10 26.11 31.26
C ARG D 529 39.25 25.40 30.55
N LYS D 530 39.24 25.41 29.23
CA LYS D 530 40.31 24.74 28.47
C LYS D 530 41.65 25.40 28.74
N LEU D 531 41.69 26.73 28.81
CA LEU D 531 42.95 27.43 29.05
C LEU D 531 43.42 27.25 30.48
N HIS D 532 42.51 27.22 31.44
CA HIS D 532 42.88 27.12 32.85
C HIS D 532 43.05 25.69 33.33
N LEU D 533 42.28 24.75 32.82
CA LEU D 533 42.33 23.40 33.36
C LEU D 533 42.14 22.29 32.32
N TYR E 4 11.55 -0.47 -17.28
CA TYR E 4 12.46 -0.57 -16.16
C TYR E 4 13.14 0.76 -15.86
N VAL E 5 13.15 1.15 -14.59
CA VAL E 5 13.84 2.37 -14.17
C VAL E 5 15.33 2.04 -13.98
N ASN E 6 16.18 2.68 -14.79
CA ASN E 6 17.57 2.27 -14.85
C ASN E 6 18.33 2.64 -13.58
N ASP E 7 18.19 3.90 -13.13
CA ASP E 7 18.98 4.40 -12.01
C ASP E 7 20.46 4.14 -12.22
N PRO E 8 21.12 4.92 -13.09
CA PRO E 8 22.48 4.55 -13.54
C PRO E 8 23.48 4.35 -12.43
N SER E 9 23.31 4.99 -11.27
CA SER E 9 24.20 4.74 -10.16
C SER E 9 24.04 3.35 -9.59
N ASN E 10 22.85 2.76 -9.73
CA ASN E 10 22.57 1.41 -9.26
C ASN E 10 22.97 0.42 -10.33
N TYR E 11 24.00 -0.37 -10.05
CA TYR E 11 24.59 -1.28 -11.03
C TYR E 11 23.90 -2.64 -10.98
N GLN E 12 23.53 -3.15 -12.15
CA GLN E 12 22.96 -4.48 -12.29
C GLN E 12 23.99 -5.41 -12.93
N LEU E 13 24.09 -6.62 -12.39
CA LEU E 13 25.06 -7.61 -12.89
C LEU E 13 24.41 -8.41 -14.01
N LEU E 14 24.74 -8.08 -15.25
CA LEU E 14 24.14 -8.70 -16.42
C LEU E 14 25.21 -9.39 -17.26
N ILE E 15 24.76 -10.27 -18.16
CA ILE E 15 25.65 -11.02 -19.04
C ILE E 15 26.26 -10.12 -20.11
N LYS E 16 25.53 -9.09 -20.54
CA LYS E 16 26.08 -8.14 -21.49
C LYS E 16 27.31 -7.43 -20.94
N ASN E 17 27.39 -7.30 -19.61
CA ASN E 17 28.61 -6.77 -19.00
C ASN E 17 29.75 -7.78 -19.08
N LEU E 18 29.44 -9.07 -19.02
CA LEU E 18 30.47 -10.07 -19.26
C LEU E 18 31.02 -9.96 -20.68
N LEU E 19 30.14 -9.72 -21.65
CA LEU E 19 30.60 -9.66 -23.03
C LEU E 19 31.34 -8.36 -23.34
N PHE E 20 30.79 -7.22 -22.90
CA PHE E 20 31.27 -5.91 -23.33
C PHE E 20 32.17 -5.22 -22.33
N SER E 21 32.35 -5.79 -21.14
CA SER E 21 33.30 -5.28 -20.15
C SER E 21 34.15 -6.44 -19.67
N PRO E 22 34.95 -7.03 -20.54
CA PRO E 22 35.71 -8.23 -20.18
C PRO E 22 36.99 -7.88 -19.42
N VAL E 23 37.66 -8.92 -18.95
CA VAL E 23 39.00 -8.73 -18.40
C VAL E 23 39.96 -8.29 -19.49
N ALA E 24 39.90 -8.93 -20.65
CA ALA E 24 40.73 -8.57 -21.79
C ALA E 24 39.94 -8.77 -23.07
N PHE E 25 40.15 -7.87 -24.04
CA PHE E 25 39.49 -7.94 -25.33
C PHE E 25 40.52 -7.74 -26.42
N ASN E 26 40.78 -8.78 -27.20
CA ASN E 26 41.63 -8.69 -28.38
C ASN E 26 40.75 -8.84 -29.60
N PRO E 27 40.50 -7.78 -30.37
CA PRO E 27 39.59 -7.90 -31.52
C PRO E 27 40.09 -8.86 -32.58
N GLU E 28 41.37 -9.17 -32.63
CA GLU E 28 41.94 -10.06 -33.63
C GLU E 28 42.11 -11.48 -33.13
N GLN E 29 41.70 -11.77 -31.89
CA GLN E 29 41.69 -13.15 -31.40
C GLN E 29 40.60 -13.94 -32.11
N GLU E 30 40.87 -15.21 -32.37
CA GLU E 30 40.05 -16.04 -33.24
C GLU E 30 39.05 -16.88 -32.46
N ILE E 31 37.97 -17.23 -33.14
CA ILE E 31 37.01 -18.23 -32.66
C ILE E 31 36.93 -19.28 -33.75
N VAL E 32 37.28 -20.53 -33.42
CA VAL E 32 37.48 -21.57 -34.42
C VAL E 32 36.42 -22.65 -34.24
N TYR E 33 35.65 -22.89 -35.30
CA TYR E 33 34.78 -24.06 -35.41
C TYR E 33 35.49 -25.09 -36.26
N ALA E 34 35.62 -26.31 -35.72
CA ALA E 34 36.57 -27.29 -36.22
C ALA E 34 36.51 -27.49 -37.73
N ASN E 35 37.57 -27.07 -38.42
CA ASN E 35 37.75 -27.24 -39.86
C ASN E 35 36.57 -26.69 -40.67
N HIS E 36 35.71 -25.88 -40.06
CA HIS E 36 34.55 -25.34 -40.75
C HIS E 36 34.65 -23.83 -40.96
N ARG E 37 34.80 -23.06 -39.89
CA ARG E 37 34.83 -21.61 -39.96
C ARG E 37 35.85 -21.07 -38.98
N ARG E 38 36.32 -19.85 -39.25
CA ARG E 38 37.17 -19.08 -38.36
C ARG E 38 36.76 -17.62 -38.46
N HIS E 39 36.65 -16.94 -37.33
CA HIS E 39 36.44 -15.50 -37.33
C HIS E 39 36.97 -14.93 -36.03
N SER E 40 37.07 -13.61 -35.99
CA SER E 40 37.67 -12.93 -34.86
C SER E 40 36.62 -12.53 -33.83
N TYR E 41 37.07 -11.96 -32.71
CA TYR E 41 36.15 -11.53 -31.68
C TYR E 41 35.29 -10.36 -32.13
N LYS E 42 35.81 -9.53 -33.04
CA LYS E 42 35.01 -8.45 -33.62
C LYS E 42 33.84 -9.02 -34.43
N THR E 43 34.13 -10.03 -35.25
CA THR E 43 33.06 -10.70 -35.99
C THR E 43 32.09 -11.38 -35.05
N PHE E 44 32.59 -11.94 -33.95
CA PHE E 44 31.71 -12.56 -32.96
C PHE E 44 30.75 -11.56 -32.34
N HIS E 45 31.25 -10.39 -31.98
CA HIS E 45 30.44 -9.33 -31.42
C HIS E 45 29.46 -8.77 -32.42
N ASP E 46 29.79 -8.70 -33.72
CA ASP E 46 28.87 -8.33 -34.79
C ASP E 46 27.77 -9.36 -34.97
N ARG E 47 28.14 -10.65 -34.97
CA ARG E 47 27.17 -11.71 -35.16
C ARG E 47 26.22 -11.83 -33.97
N VAL E 48 26.69 -11.54 -32.76
CA VAL E 48 25.79 -11.50 -31.62
C VAL E 48 24.74 -10.42 -31.79
N ARG E 49 25.15 -9.23 -32.24
CA ARG E 49 24.18 -8.16 -32.47
C ARG E 49 23.22 -8.51 -33.61
N GLN E 50 23.73 -9.15 -34.66
CA GLN E 50 22.87 -9.62 -35.75
C GLN E 50 21.84 -10.64 -35.26
N PHE E 51 22.26 -11.57 -34.40
CA PHE E 51 21.34 -12.56 -33.86
C PHE E 51 20.28 -11.88 -33.00
N ALA E 52 20.67 -10.84 -32.25
CA ALA E 52 19.70 -10.06 -31.51
C ALA E 52 18.67 -9.44 -32.42
N ASN E 53 19.13 -8.86 -33.54
CA ASN E 53 18.21 -8.27 -34.51
C ASN E 53 17.25 -9.31 -35.08
N ALA E 54 17.77 -10.48 -35.43
CA ALA E 54 16.91 -11.53 -36.01
C ALA E 54 15.89 -12.03 -34.99
N LEU E 55 16.32 -12.23 -33.74
CA LEU E 55 15.38 -12.67 -32.71
C LEU E 55 14.29 -11.63 -32.48
N THR E 56 14.65 -10.35 -32.48
CA THR E 56 13.63 -9.31 -32.38
C THR E 56 12.68 -9.35 -33.56
N LYS E 57 13.21 -9.62 -34.76
CA LYS E 57 12.34 -9.70 -35.94
C LYS E 57 11.34 -10.85 -35.83
N MET E 58 11.80 -12.02 -35.36
CA MET E 58 10.90 -13.16 -35.24
C MET E 58 9.83 -13.00 -34.17
N GLY E 59 9.95 -11.99 -33.31
CA GLY E 59 8.97 -11.74 -32.29
C GLY E 59 9.28 -12.30 -30.92
N VAL E 60 10.55 -12.33 -30.51
CA VAL E 60 10.92 -12.80 -29.19
C VAL E 60 10.88 -11.63 -28.23
N LYS E 61 10.07 -11.75 -27.19
CA LYS E 61 9.90 -10.70 -26.19
C LYS E 61 10.86 -10.93 -25.02
N LYS E 62 10.64 -10.21 -23.93
CA LYS E 62 11.48 -10.28 -22.75
C LYS E 62 11.09 -11.41 -21.81
N GLY E 63 10.19 -12.30 -22.22
CA GLY E 63 9.82 -13.43 -21.39
C GLY E 63 9.72 -14.72 -22.16
N ASP E 64 10.06 -14.68 -23.44
CA ASP E 64 9.93 -15.84 -24.30
C ASP E 64 11.04 -16.85 -24.02
N THR E 65 10.89 -18.04 -24.59
CA THR E 65 11.84 -19.12 -24.42
C THR E 65 12.31 -19.59 -25.79
N VAL E 66 13.62 -19.68 -25.96
CA VAL E 66 14.23 -20.20 -27.19
C VAL E 66 14.99 -21.47 -26.83
N ALA E 67 14.66 -22.56 -27.51
CA ALA E 67 15.27 -23.86 -27.24
C ALA E 67 16.29 -24.18 -28.32
N VAL E 68 17.37 -24.84 -27.94
CA VAL E 68 18.48 -25.14 -28.83
C VAL E 68 18.79 -26.63 -28.76
N MET E 69 18.91 -27.27 -29.93
CA MET E 69 19.35 -28.66 -30.07
C MET E 69 20.54 -28.64 -31.03
N ASP E 70 21.75 -28.56 -30.49
CA ASP E 70 22.94 -28.36 -31.31
C ASP E 70 24.11 -29.12 -30.70
N TYR E 71 25.23 -29.12 -31.42
CA TYR E 71 26.50 -29.63 -30.93
C TYR E 71 27.31 -28.48 -30.35
N ASP E 72 28.58 -28.73 -30.02
CA ASP E 72 29.48 -27.69 -29.56
C ASP E 72 29.99 -26.92 -30.77
N SER E 73 29.56 -25.67 -30.92
CA SER E 73 29.92 -24.88 -32.08
C SER E 73 29.91 -23.40 -31.71
N HIS E 74 30.25 -22.57 -32.69
CA HIS E 74 30.17 -21.12 -32.52
C HIS E 74 28.72 -20.66 -32.39
N ARG E 75 27.78 -21.37 -33.01
CA ARG E 75 26.37 -21.00 -32.90
C ARG E 75 25.89 -21.13 -31.46
N TYR E 76 26.30 -22.18 -30.76
CA TYR E 76 25.91 -22.33 -29.36
C TYR E 76 26.52 -21.23 -28.50
N LEU E 77 27.76 -20.83 -28.80
CA LEU E 77 28.39 -19.73 -28.08
C LEU E 77 27.65 -18.42 -28.33
N GLU E 78 27.16 -18.22 -29.55
CA GLU E 78 26.38 -17.03 -29.86
C GLU E 78 25.04 -17.05 -29.13
N CYS E 79 24.41 -18.22 -29.03
CA CYS E 79 23.15 -18.34 -28.30
C CYS E 79 23.35 -18.15 -26.79
N TYR E 80 24.52 -18.53 -26.28
CA TYR E 80 24.83 -18.35 -24.87
C TYR E 80 24.81 -16.89 -24.46
N PHE E 81 24.96 -15.97 -25.41
CA PHE E 81 24.97 -14.54 -25.13
C PHE E 81 23.73 -13.83 -25.65
N ALA E 82 23.40 -13.99 -26.94
CA ALA E 82 22.40 -13.14 -27.56
C ALA E 82 21.03 -13.31 -26.93
N ILE E 83 20.62 -14.55 -26.68
CA ILE E 83 19.27 -14.79 -26.12
C ILE E 83 19.11 -14.21 -24.72
N PRO E 84 20.03 -14.42 -23.77
CA PRO E 84 19.88 -13.76 -22.46
C PRO E 84 19.88 -12.23 -22.51
N MET E 85 20.69 -11.62 -23.39
CA MET E 85 20.77 -10.15 -23.40
C MET E 85 19.46 -9.52 -23.87
N ILE E 86 18.76 -10.19 -24.78
CA ILE E 86 17.45 -9.71 -25.23
C ILE E 86 16.45 -9.73 -24.08
N GLY E 87 16.61 -10.66 -23.15
CA GLY E 87 15.67 -10.82 -22.04
C GLY E 87 14.94 -12.13 -22.04
N ALA E 88 15.16 -12.99 -23.03
CA ALA E 88 14.54 -14.30 -23.10
C ALA E 88 15.37 -15.32 -22.32
N LYS E 89 14.74 -16.46 -22.05
CA LYS E 89 15.42 -17.57 -21.39
C LYS E 89 15.92 -18.57 -22.42
N LEU E 90 17.15 -19.03 -22.22
CA LEU E 90 17.72 -20.06 -23.08
C LEU E 90 17.45 -21.42 -22.45
N HIS E 91 16.75 -22.27 -23.18
CA HIS E 91 16.46 -23.64 -22.74
C HIS E 91 17.40 -24.58 -23.48
N MET E 92 18.29 -25.22 -22.74
CA MET E 92 19.25 -26.16 -23.31
C MET E 92 18.63 -27.56 -23.30
N ILE E 93 18.49 -28.15 -24.47
CA ILE E 93 17.85 -29.45 -24.60
C ILE E 93 18.93 -30.54 -24.59
N ASN E 94 18.75 -31.53 -23.72
CA ASN E 94 19.64 -32.68 -23.64
C ASN E 94 19.29 -33.64 -24.76
N VAL E 95 20.15 -33.73 -25.78
CA VAL E 95 19.88 -34.58 -26.92
C VAL E 95 20.10 -36.06 -26.63
N ARG E 96 20.64 -36.39 -25.45
CA ARG E 96 20.84 -37.77 -25.06
C ARG E 96 19.61 -38.41 -24.42
N LEU E 97 18.61 -37.61 -24.07
CA LEU E 97 17.39 -38.15 -23.48
C LEU E 97 16.56 -38.87 -24.54
N SER E 98 15.61 -39.66 -24.08
CA SER E 98 14.68 -40.31 -24.98
C SER E 98 13.74 -39.26 -25.58
N PRO E 99 13.19 -39.53 -26.77
CA PRO E 99 12.28 -38.55 -27.39
C PRO E 99 11.08 -38.19 -26.52
N GLU E 100 10.56 -39.13 -25.72
CA GLU E 100 9.45 -38.82 -24.85
C GLU E 100 9.85 -37.82 -23.75
N GLN E 101 11.04 -37.99 -23.18
CA GLN E 101 11.52 -37.04 -22.18
C GLN E 101 11.80 -35.68 -22.80
N ILE E 102 12.36 -35.66 -24.02
CA ILE E 102 12.59 -34.39 -24.70
C ILE E 102 11.28 -33.68 -24.97
N LEU E 103 10.27 -34.43 -25.41
CA LEU E 103 8.95 -33.85 -25.64
C LEU E 103 8.35 -33.31 -24.34
N TYR E 104 8.53 -34.06 -23.24
CA TYR E 104 8.02 -33.57 -21.96
C TYR E 104 8.68 -32.26 -21.57
N THR E 105 10.00 -32.16 -21.76
CA THR E 105 10.69 -30.92 -21.36
C THR E 105 10.29 -29.76 -22.26
N ILE E 106 10.07 -30.02 -23.54
CA ILE E 106 9.61 -28.97 -24.46
C ILE E 106 8.23 -28.48 -24.04
N ASP E 107 7.32 -29.40 -23.73
CA ASP E 107 5.99 -29.01 -23.28
C ASP E 107 6.03 -28.27 -21.96
N HIS E 108 6.90 -28.70 -21.04
CA HIS E 108 6.98 -28.08 -19.72
C HIS E 108 7.55 -26.67 -19.79
N ALA E 109 8.62 -26.48 -20.55
CA ALA E 109 9.25 -25.15 -20.63
C ALA E 109 8.45 -24.18 -21.48
N GLU E 110 7.59 -24.68 -22.37
CA GLU E 110 6.76 -23.84 -23.25
C GLU E 110 7.63 -22.97 -24.14
N ASP E 111 8.43 -23.63 -24.98
CA ASP E 111 9.33 -22.92 -25.88
C ASP E 111 8.56 -22.30 -27.04
N ASP E 112 9.11 -21.22 -27.58
CA ASP E 112 8.53 -20.51 -28.72
C ASP E 112 9.26 -20.77 -30.03
N ILE E 113 10.59 -20.74 -30.02
CA ILE E 113 11.39 -21.02 -31.20
C ILE E 113 12.38 -22.12 -30.84
N ILE E 114 12.56 -23.07 -31.76
CA ILE E 114 13.49 -24.17 -31.58
C ILE E 114 14.56 -24.08 -32.64
N LEU E 115 15.82 -24.01 -32.20
CA LEU E 115 16.98 -24.07 -33.08
C LEU E 115 17.53 -25.50 -33.01
N ILE E 116 17.42 -26.23 -34.12
CA ILE E 116 17.72 -27.65 -34.13
C ILE E 116 18.68 -27.96 -35.25
N HIS E 117 19.68 -28.78 -34.96
CA HIS E 117 20.60 -29.23 -36.00
C HIS E 117 19.92 -30.27 -36.89
N GLU E 118 20.35 -30.32 -38.14
CA GLU E 118 19.72 -31.20 -39.11
C GLU E 118 19.94 -32.67 -38.81
N GLU E 119 20.91 -33.01 -37.98
CA GLU E 119 21.15 -34.39 -37.59
C GLU E 119 20.25 -34.86 -36.46
N PHE E 120 19.58 -33.94 -35.77
CA PHE E 120 18.58 -34.28 -34.76
C PHE E 120 17.17 -34.26 -35.32
N LEU E 121 17.02 -34.04 -36.63
CA LEU E 121 15.69 -34.03 -37.23
C LEU E 121 14.93 -35.34 -37.06
N PRO E 122 15.55 -36.53 -37.16
CA PRO E 122 14.79 -37.75 -36.86
C PRO E 122 14.20 -37.79 -35.45
N ILE E 123 14.89 -37.21 -34.47
CA ILE E 123 14.31 -37.14 -33.12
C ILE E 123 13.06 -36.28 -33.12
N LEU E 124 13.10 -35.14 -33.81
CA LEU E 124 11.94 -34.26 -33.91
C LEU E 124 10.83 -34.89 -34.72
N ASP E 125 11.14 -35.84 -35.60
CA ASP E 125 10.12 -36.41 -36.48
C ASP E 125 9.05 -37.15 -35.70
N GLN E 126 9.42 -37.82 -34.62
CA GLN E 126 8.48 -38.63 -33.87
C GLN E 126 7.77 -37.88 -32.74
N ILE E 127 8.07 -36.60 -32.54
CA ILE E 127 7.43 -35.83 -31.46
C ILE E 127 6.91 -34.51 -32.00
N LYS E 128 7.03 -34.29 -33.31
CA LYS E 128 6.65 -32.99 -33.87
C LYS E 128 5.15 -32.74 -33.76
N GLY E 129 4.34 -33.79 -33.86
CA GLY E 129 2.89 -33.59 -33.81
C GLY E 129 2.40 -33.10 -32.46
N ARG E 130 2.92 -33.67 -31.38
CA ARG E 130 2.44 -33.37 -30.03
C ARG E 130 3.22 -32.27 -29.33
N ILE E 131 3.40 -31.10 -29.94
CA ILE E 131 4.20 -30.04 -29.35
C ILE E 131 3.36 -28.83 -28.99
N ASP E 132 2.70 -28.21 -29.97
CA ASP E 132 1.63 -27.26 -29.74
C ASP E 132 2.10 -25.91 -29.17
N THR E 133 3.38 -25.79 -28.80
CA THR E 133 3.87 -24.49 -28.33
C THR E 133 4.78 -23.80 -29.35
N VAL E 134 5.57 -24.57 -30.10
CA VAL E 134 6.59 -23.98 -30.96
C VAL E 134 5.95 -23.47 -32.23
N THR E 135 6.30 -22.24 -32.60
CA THR E 135 5.79 -21.63 -33.83
C THR E 135 6.79 -21.71 -34.99
N ARG E 136 8.09 -21.65 -34.72
CA ARG E 136 9.09 -21.68 -35.77
C ARG E 136 10.20 -22.66 -35.44
N TYR E 137 10.70 -23.33 -36.47
CA TYR E 137 11.86 -24.22 -36.36
C TYR E 137 12.96 -23.69 -37.24
N VAL E 138 14.17 -23.59 -36.70
CA VAL E 138 15.34 -23.13 -37.43
C VAL E 138 16.31 -24.30 -37.54
N VAL E 139 16.63 -24.71 -38.75
CA VAL E 139 17.48 -25.86 -38.99
C VAL E 139 18.92 -25.37 -39.15
N LEU E 140 19.83 -25.91 -38.33
CA LEU E 140 21.24 -25.55 -38.38
C LEU E 140 21.98 -26.59 -39.20
N ARG E 141 22.86 -26.12 -40.08
CA ARG E 141 23.66 -26.98 -40.93
C ARG E 141 25.12 -26.55 -40.84
N ASP E 142 26.01 -27.41 -41.30
CA ASP E 142 27.43 -27.14 -41.29
C ASP E 142 27.95 -26.55 -42.60
N ASP E 143 27.03 -26.18 -43.51
CA ASP E 143 27.43 -25.57 -44.76
C ASP E 143 26.68 -24.25 -44.96
N GLU E 144 26.75 -23.69 -46.17
CA GLU E 144 26.10 -22.42 -46.47
C GLU E 144 24.58 -22.53 -46.51
N GLU E 145 24.03 -23.73 -46.47
CA GLU E 145 22.58 -23.93 -46.49
C GLU E 145 21.93 -23.72 -45.12
N CYS E 146 22.71 -23.40 -44.10
CA CYS E 146 22.15 -23.19 -42.77
C CYS E 146 21.16 -22.03 -42.78
N GLU E 147 20.00 -22.26 -42.16
CA GLU E 147 19.00 -21.19 -42.05
C GLU E 147 19.38 -20.17 -40.99
N TYR E 148 20.16 -20.59 -39.99
CA TYR E 148 20.67 -19.64 -39.00
C TYR E 148 21.58 -18.62 -39.67
N GLU E 149 22.48 -19.08 -40.54
CA GLU E 149 23.37 -18.16 -41.24
C GLU E 149 22.58 -17.24 -42.18
N ARG E 150 21.57 -17.79 -42.86
CA ARG E 150 20.76 -16.97 -43.76
C ARG E 150 19.98 -15.92 -43.01
N LEU E 151 19.45 -16.27 -41.83
CA LEU E 151 18.76 -15.29 -41.01
C LEU E 151 19.73 -14.25 -40.45
N LEU E 152 20.97 -14.55 -40.17
CA LEU E 152 21.84 -13.53 -39.58
C LEU E 152 22.33 -12.63 -40.65
N GLU E 153 22.69 -13.16 -41.82
CA GLU E 153 23.26 -12.27 -42.84
C GLU E 153 22.21 -11.40 -43.50
N GLN E 154 21.03 -11.27 -42.90
CA GLN E 154 19.99 -10.38 -43.40
C GLN E 154 19.68 -9.25 -42.42
N GLU E 155 20.56 -9.00 -41.46
CA GLU E 155 20.33 -8.04 -40.40
C GLU E 155 21.52 -7.11 -40.25
N SER E 156 21.31 -6.01 -39.54
CA SER E 156 22.38 -5.07 -39.26
C SER E 156 23.14 -5.46 -38.02
N THR E 157 24.41 -5.05 -37.96
CA THR E 157 25.29 -5.36 -36.84
C THR E 157 25.24 -4.31 -35.75
N GLU E 158 24.14 -3.56 -35.65
CA GLU E 158 23.97 -2.55 -34.61
C GLU E 158 22.73 -2.88 -33.79
N TYR E 159 22.87 -2.80 -32.46
CA TYR E 159 21.79 -3.14 -31.56
C TYR E 159 22.09 -2.54 -30.19
N ASN E 160 21.07 -2.00 -29.55
CA ASN E 160 21.18 -1.42 -28.21
C ASN E 160 20.53 -2.38 -27.22
N PHE E 161 21.34 -3.09 -26.47
CA PHE E 161 20.83 -4.10 -25.56
C PHE E 161 20.19 -3.45 -24.33
N PRO E 162 19.04 -3.96 -23.90
CA PRO E 162 18.31 -3.30 -22.81
C PRO E 162 18.96 -3.51 -21.46
N ASP E 163 18.48 -2.74 -20.48
CA ASP E 163 18.95 -2.90 -19.12
C ASP E 163 17.72 -3.29 -18.31
N PHE E 164 17.80 -4.36 -17.56
CA PHE E 164 16.70 -4.87 -16.75
C PHE E 164 17.25 -5.32 -15.40
N ASP E 165 16.37 -5.88 -14.59
CA ASP E 165 16.77 -6.41 -13.30
C ASP E 165 17.76 -7.56 -13.47
N GLU E 166 18.71 -7.64 -12.55
CA GLU E 166 19.69 -8.72 -12.60
C GLU E 166 19.10 -10.06 -12.17
N ASN E 167 17.88 -10.06 -11.64
CA ASN E 167 17.24 -11.28 -11.16
C ASN E 167 16.32 -11.91 -12.20
N THR E 168 16.30 -11.39 -13.42
CA THR E 168 15.53 -12.03 -14.48
C THR E 168 16.22 -13.31 -14.92
N VAL E 169 15.42 -14.33 -15.20
CA VAL E 169 15.96 -15.66 -15.50
C VAL E 169 16.67 -15.64 -16.85
N ALA E 170 17.85 -16.24 -16.90
CA ALA E 170 18.68 -16.26 -18.09
C ALA E 170 18.68 -17.61 -18.80
N THR E 171 18.87 -18.70 -18.07
CA THR E 171 18.97 -20.03 -18.66
C THR E 171 18.16 -21.02 -17.85
N THR E 172 17.80 -22.12 -18.51
CA THR E 172 17.10 -23.22 -17.85
C THR E 172 17.45 -24.52 -18.57
N PHE E 173 17.53 -25.59 -17.80
CA PHE E 173 17.70 -26.92 -18.37
C PHE E 173 17.15 -27.94 -17.39
N TYR E 174 16.95 -29.16 -17.87
CA TYR E 174 16.24 -30.18 -17.12
C TYR E 174 17.20 -31.31 -16.75
N THR E 175 17.21 -31.67 -15.47
CA THR E 175 18.06 -32.73 -14.96
C THR E 175 17.25 -34.01 -14.77
N THR E 176 17.83 -35.13 -15.16
CA THR E 176 17.15 -36.43 -15.17
C THR E 176 17.58 -37.32 -14.02
N GLY E 177 17.76 -36.75 -12.83
CA GLY E 177 18.18 -37.52 -11.68
C GLY E 177 17.14 -38.50 -11.17
N THR E 178 17.25 -38.88 -9.89
CA THR E 178 16.37 -39.89 -9.31
C THR E 178 15.03 -39.24 -8.98
N THR E 179 14.12 -39.26 -9.96
CA THR E 179 12.78 -38.72 -9.81
C THR E 179 11.95 -39.21 -10.98
N GLY E 180 10.63 -39.06 -10.85
CA GLY E 180 9.73 -39.60 -11.86
C GLY E 180 9.85 -38.94 -13.21
N PHE E 181 9.94 -37.61 -13.22
CA PHE E 181 10.02 -36.80 -14.43
C PHE E 181 11.22 -35.88 -14.33
N PRO E 182 11.73 -35.40 -15.46
CA PRO E 182 12.84 -34.45 -15.41
C PRO E 182 12.48 -33.18 -14.65
N LYS E 183 13.45 -32.64 -13.92
CA LYS E 183 13.27 -31.46 -13.09
C LYS E 183 13.98 -30.27 -13.72
N GLY E 184 13.32 -29.12 -13.73
CA GLY E 184 13.85 -27.94 -14.38
C GLY E 184 14.55 -27.01 -13.41
N VAL E 185 15.83 -26.77 -13.65
CA VAL E 185 16.61 -25.80 -12.89
C VAL E 185 16.78 -24.56 -13.77
N PHE E 186 17.00 -23.42 -13.11
CA PHE E 186 17.11 -22.15 -13.83
C PHE E 186 18.02 -21.21 -13.06
N PHE E 187 18.57 -20.24 -13.78
CA PHE E 187 19.53 -19.31 -13.22
C PHE E 187 19.28 -17.92 -13.78
N THR E 188 19.68 -16.91 -13.00
CA THR E 188 19.52 -15.52 -13.39
C THR E 188 20.84 -14.97 -13.93
N HIS E 189 20.78 -13.72 -14.41
CA HIS E 189 21.98 -13.06 -14.91
C HIS E 189 23.01 -12.87 -13.80
N ARG E 190 22.54 -12.45 -12.63
CA ARG E 190 23.43 -12.19 -11.51
C ARG E 190 24.17 -13.46 -11.09
N GLN E 191 23.46 -14.58 -11.05
CA GLN E 191 24.07 -15.84 -10.64
C GLN E 191 25.16 -16.27 -11.60
N LEU E 192 24.92 -16.13 -12.91
CA LEU E 192 25.93 -16.52 -13.89
C LEU E 192 27.15 -15.61 -13.84
N VAL E 193 26.93 -14.30 -13.71
CA VAL E 193 28.05 -13.37 -13.61
C VAL E 193 28.86 -13.65 -12.35
N LEU E 194 28.18 -13.92 -11.24
CA LEU E 194 28.88 -14.21 -9.99
C LEU E 194 29.64 -15.53 -10.07
N HIS E 195 29.06 -16.52 -10.75
CA HIS E 195 29.76 -17.79 -10.93
C HIS E 195 31.04 -17.61 -11.72
N THR E 196 30.97 -16.82 -12.80
CA THR E 196 32.17 -16.53 -13.58
C THR E 196 33.22 -15.83 -12.73
N MET E 197 32.82 -14.78 -12.00
CA MET E 197 33.77 -14.04 -11.16
C MET E 197 34.39 -14.93 -10.10
N GLY E 198 33.57 -15.74 -9.42
CA GLY E 198 34.07 -16.56 -8.33
C GLY E 198 35.04 -17.64 -8.80
N ILE E 199 34.69 -18.33 -9.88
CA ILE E 199 35.59 -19.38 -10.36
C ILE E 199 36.86 -18.77 -10.91
N LEU E 200 36.77 -17.61 -11.57
CA LEU E 200 37.99 -16.96 -12.04
C LEU E 200 38.89 -16.57 -10.88
N SER E 201 38.31 -16.02 -9.81
CA SER E 201 39.10 -15.68 -8.63
C SER E 201 39.72 -16.91 -7.98
N THR E 202 39.02 -18.05 -8.03
CA THR E 202 39.54 -19.25 -7.37
C THR E 202 40.65 -19.91 -8.18
N ILE E 203 40.42 -20.17 -9.47
CA ILE E 203 41.38 -20.95 -10.25
C ILE E 203 42.34 -20.09 -11.07
N GLY E 204 42.19 -18.77 -11.05
CA GLY E 204 43.15 -17.92 -11.73
C GLY E 204 44.31 -17.53 -10.84
N THR E 205 44.06 -17.50 -9.53
CA THR E 205 45.05 -17.06 -8.55
C THR E 205 45.93 -18.19 -8.05
N ASN E 206 45.80 -19.39 -8.61
CA ASN E 206 46.68 -20.48 -8.22
C ASN E 206 48.12 -20.15 -8.61
N ALA E 207 49.05 -20.61 -7.79
CA ALA E 207 50.46 -20.27 -7.99
C ALA E 207 50.99 -20.78 -9.33
N SER E 208 51.03 -22.10 -9.52
CA SER E 208 51.63 -22.64 -10.72
C SER E 208 50.95 -23.88 -11.30
N GLN E 209 49.86 -24.37 -10.71
CA GLN E 209 49.26 -25.62 -11.14
C GLN E 209 47.78 -25.43 -11.40
N GLY E 210 47.31 -25.92 -12.55
CA GLY E 210 45.88 -25.95 -12.83
C GLY E 210 45.22 -24.60 -12.86
N ARG E 211 45.86 -23.60 -13.45
CA ARG E 211 45.32 -22.26 -13.51
C ARG E 211 44.91 -21.92 -14.94
N LEU E 212 43.78 -21.26 -15.07
CA LEU E 212 43.29 -20.76 -16.35
C LEU E 212 43.60 -19.27 -16.44
N HIS E 213 44.44 -18.89 -17.39
CA HIS E 213 44.82 -17.49 -17.51
C HIS E 213 44.61 -16.97 -18.93
N GLN E 214 45.10 -15.76 -19.19
CA GLN E 214 44.79 -15.04 -20.41
C GLN E 214 45.60 -15.52 -21.62
N GLY E 215 46.54 -16.43 -21.43
CA GLY E 215 47.29 -17.00 -22.52
C GLY E 215 46.88 -18.40 -22.94
N ASP E 216 45.79 -18.93 -22.39
CA ASP E 216 45.38 -20.29 -22.65
C ASP E 216 44.56 -20.37 -23.95
N ILE E 217 44.40 -21.59 -24.44
CA ILE E 217 43.54 -21.88 -25.59
C ILE E 217 42.53 -22.92 -25.14
N TYR E 218 41.26 -22.57 -25.19
CA TYR E 218 40.19 -23.35 -24.59
C TYR E 218 39.44 -24.14 -25.64
N MET E 219 39.22 -25.43 -25.37
CA MET E 219 38.35 -26.23 -26.21
C MET E 219 37.51 -27.18 -25.36
N PRO E 220 36.19 -27.03 -25.36
CA PRO E 220 35.34 -27.91 -24.56
C PRO E 220 35.28 -29.32 -25.10
N ILE E 221 35.19 -30.28 -24.18
CA ILE E 221 34.90 -31.67 -24.52
C ILE E 221 33.73 -32.13 -23.67
N THR E 222 32.93 -31.17 -23.21
CA THR E 222 31.69 -31.39 -22.47
C THR E 222 30.54 -30.85 -23.29
N PRO E 223 29.43 -31.60 -23.42
CA PRO E 223 28.46 -31.34 -24.50
C PRO E 223 27.73 -30.00 -24.47
N MET E 224 28.02 -29.13 -23.52
CA MET E 224 27.65 -27.72 -23.60
C MET E 224 26.15 -27.47 -23.42
N PHE E 225 25.35 -28.54 -23.34
CA PHE E 225 23.95 -28.41 -22.99
C PHE E 225 23.65 -28.98 -21.61
N HIS E 226 24.67 -29.28 -20.82
CA HIS E 226 24.44 -29.96 -19.54
C HIS E 226 24.33 -28.97 -18.39
N VAL E 227 25.42 -28.26 -18.09
CA VAL E 227 25.45 -27.34 -16.94
C VAL E 227 26.05 -26.00 -17.34
N HIS E 228 25.82 -25.57 -18.59
CA HIS E 228 26.46 -24.42 -19.21
C HIS E 228 27.90 -24.74 -19.57
N ALA E 229 28.19 -26.02 -19.85
CA ALA E 229 29.56 -26.49 -20.05
C ALA E 229 30.46 -26.06 -18.89
N TRP E 230 29.93 -26.19 -17.68
CA TRP E 230 30.61 -25.82 -16.43
C TRP E 230 30.92 -24.34 -16.36
N GLY E 231 30.16 -23.51 -17.09
CA GLY E 231 30.40 -22.08 -17.10
C GLY E 231 31.68 -21.64 -17.75
N LEU E 232 32.36 -22.54 -18.46
CA LEU E 232 33.68 -22.29 -19.02
C LEU E 232 33.65 -21.42 -20.28
N PRO E 233 32.66 -21.55 -21.18
CA PRO E 233 32.59 -20.59 -22.29
C PRO E 233 32.46 -19.14 -21.84
N TYR E 234 31.70 -18.89 -20.78
CA TYR E 234 31.61 -17.54 -20.23
C TYR E 234 32.96 -17.05 -19.74
N MET E 235 33.68 -17.91 -19.01
CA MET E 235 34.97 -17.53 -18.46
C MET E 235 35.99 -17.29 -19.56
N ALA E 236 35.97 -18.13 -20.60
CA ALA E 236 36.88 -17.99 -21.72
C ALA E 236 36.60 -16.73 -22.51
N THR E 237 35.33 -16.38 -22.70
CA THR E 237 34.99 -15.13 -23.37
C THR E 237 35.41 -13.94 -22.53
N MET E 238 35.24 -14.03 -21.21
CA MET E 238 35.67 -12.95 -20.32
C MET E 238 37.18 -12.75 -20.39
N LEU E 239 37.94 -13.84 -20.48
CA LEU E 239 39.38 -13.71 -20.61
C LEU E 239 39.82 -13.30 -22.01
N GLY E 240 38.95 -13.43 -23.00
CA GLY E 240 39.30 -13.11 -24.38
C GLY E 240 40.34 -14.02 -25.00
N VAL E 241 40.29 -15.30 -24.66
CA VAL E 241 41.27 -16.27 -25.15
C VAL E 241 40.76 -16.90 -26.43
N LYS E 242 41.67 -17.55 -27.15
CA LYS E 242 41.29 -18.30 -28.34
C LYS E 242 40.43 -19.50 -27.95
N GLN E 243 39.32 -19.68 -28.67
CA GLN E 243 38.36 -20.73 -28.39
C GLN E 243 38.24 -21.64 -29.60
N VAL E 244 38.25 -22.95 -29.36
CA VAL E 244 38.15 -23.96 -30.41
C VAL E 244 36.98 -24.87 -30.10
N TYR E 245 36.08 -25.03 -31.06
CA TYR E 245 34.91 -25.87 -30.89
C TYR E 245 34.99 -27.06 -31.84
N PRO E 246 34.93 -28.29 -31.33
CA PRO E 246 35.17 -29.46 -32.19
C PRO E 246 33.93 -29.96 -32.93
N GLY E 247 32.75 -29.65 -32.42
CA GLY E 247 31.53 -30.23 -32.95
C GLY E 247 31.24 -31.57 -32.31
N LYS E 248 30.93 -32.56 -33.14
CA LYS E 248 30.75 -33.92 -32.64
C LYS E 248 32.08 -34.49 -32.16
N TYR E 249 32.04 -35.22 -31.05
CA TYR E 249 33.27 -35.70 -30.40
C TYR E 249 33.72 -36.99 -31.06
N VAL E 250 34.82 -36.92 -31.81
CA VAL E 250 35.48 -38.08 -32.37
C VAL E 250 36.93 -38.04 -31.90
N PRO E 251 37.45 -39.12 -31.30
CA PRO E 251 38.79 -39.03 -30.69
C PRO E 251 39.88 -38.56 -31.64
N ASP E 252 39.89 -39.04 -32.89
CA ASP E 252 40.93 -38.63 -33.82
C ASP E 252 40.81 -37.15 -34.18
N VAL E 253 39.58 -36.68 -34.39
CA VAL E 253 39.36 -35.26 -34.68
C VAL E 253 39.79 -34.41 -33.49
N LEU E 254 39.46 -34.85 -32.28
CA LEU E 254 39.85 -34.10 -31.09
C LEU E 254 41.37 -34.04 -30.95
N LEU E 255 42.05 -35.16 -31.20
CA LEU E 255 43.51 -35.17 -31.10
C LEU E 255 44.14 -34.27 -32.16
N ASN E 256 43.59 -34.29 -33.38
CA ASN E 256 44.09 -33.40 -34.42
C ASN E 256 43.89 -31.95 -34.05
N LEU E 257 42.74 -31.62 -33.44
CA LEU E 257 42.49 -30.24 -33.02
C LEU E 257 43.44 -29.82 -31.92
N ILE E 258 43.71 -30.72 -30.97
CA ILE E 258 44.64 -30.41 -29.89
C ILE E 258 46.03 -30.16 -30.45
N GLU E 259 46.46 -30.97 -31.42
CA GLU E 259 47.76 -30.76 -32.04
C GLU E 259 47.81 -29.45 -32.82
N GLN E 260 46.87 -29.22 -33.74
CA GLN E 260 46.91 -28.04 -34.61
C GLN E 260 46.64 -26.73 -33.97
N GLU E 261 45.69 -26.67 -33.07
CA GLU E 261 45.31 -25.41 -32.46
C GLU E 261 46.11 -25.08 -31.22
N LYS E 262 46.99 -25.99 -30.77
CA LYS E 262 47.79 -25.81 -29.55
C LYS E 262 46.89 -25.55 -28.34
N VAL E 263 45.87 -26.40 -28.19
CA VAL E 263 44.94 -26.27 -27.08
C VAL E 263 45.65 -26.54 -25.76
N THR E 264 45.35 -25.74 -24.75
CA THR E 264 45.96 -25.87 -23.44
C THR E 264 44.98 -26.21 -22.32
N PHE E 265 43.73 -25.77 -22.42
CA PHE E 265 42.74 -25.98 -21.37
C PHE E 265 41.52 -26.69 -21.93
N SER E 266 41.09 -27.76 -21.27
CA SER E 266 39.91 -28.50 -21.67
C SER E 266 39.19 -29.02 -20.43
N HIS E 267 37.98 -29.50 -20.64
CA HIS E 267 37.23 -30.21 -19.61
C HIS E 267 36.48 -31.36 -20.28
N CYS E 268 36.48 -32.52 -19.64
CA CYS E 268 35.81 -33.69 -20.19
C CYS E 268 35.39 -34.61 -19.05
N VAL E 269 35.02 -35.83 -19.41
CA VAL E 269 34.59 -36.85 -18.45
C VAL E 269 35.57 -38.00 -18.55
N PRO E 270 35.62 -38.88 -17.55
CA PRO E 270 36.62 -39.97 -17.57
C PRO E 270 36.56 -40.85 -18.80
N THR E 271 35.37 -41.11 -19.35
CA THR E 271 35.26 -41.99 -20.51
C THR E 271 35.92 -41.38 -21.74
N ILE E 272 35.67 -40.09 -21.99
CA ILE E 272 36.28 -39.42 -23.14
C ILE E 272 37.79 -39.36 -22.98
N LEU E 273 38.27 -39.07 -21.77
CA LEU E 273 39.70 -39.01 -21.53
C LEU E 273 40.35 -40.37 -21.73
N HIS E 274 39.70 -41.44 -21.26
CA HIS E 274 40.23 -42.78 -21.50
C HIS E 274 40.28 -43.10 -22.98
N LEU E 275 39.23 -42.71 -23.72
CA LEU E 275 39.22 -42.95 -25.16
C LEU E 275 40.35 -42.20 -25.86
N LEU E 276 40.59 -40.95 -25.44
CA LEU E 276 41.66 -40.16 -26.06
C LEU E 276 43.03 -40.73 -25.74
N LEU E 277 43.23 -41.19 -24.50
CA LEU E 277 44.53 -41.73 -24.12
C LEU E 277 44.77 -43.10 -24.73
N SER E 278 43.72 -43.87 -24.98
CA SER E 278 43.86 -45.20 -25.57
C SER E 278 43.89 -45.18 -27.08
N SER E 279 43.62 -44.04 -27.72
CA SER E 279 43.61 -43.98 -29.17
C SER E 279 45.03 -44.20 -29.71
N PRO E 280 45.17 -44.98 -30.78
CA PRO E 280 46.52 -45.22 -31.34
C PRO E 280 47.17 -43.95 -31.88
N LYS E 281 46.39 -42.93 -32.22
CA LYS E 281 46.93 -41.69 -32.75
C LYS E 281 47.60 -40.83 -31.67
N SER E 282 47.33 -41.11 -30.39
CA SER E 282 47.79 -40.29 -29.29
C SER E 282 49.14 -40.70 -28.73
N LYS E 283 49.71 -41.82 -29.19
CA LYS E 283 50.95 -42.31 -28.59
C LYS E 283 52.13 -41.43 -28.94
N ALA E 284 52.14 -40.84 -30.14
CA ALA E 284 53.26 -40.00 -30.58
C ALA E 284 52.96 -38.52 -30.47
N MET E 285 51.86 -38.13 -29.84
CA MET E 285 51.43 -36.75 -29.84
C MET E 285 51.83 -36.10 -28.51
N ASP E 286 52.28 -34.84 -28.59
CA ASP E 286 52.75 -34.13 -27.41
C ASP E 286 51.57 -33.72 -26.53
N PHE E 287 51.72 -33.91 -25.22
CA PHE E 287 50.65 -33.64 -24.27
C PHE E 287 51.07 -32.72 -23.13
N SER E 288 52.33 -32.31 -23.06
CA SER E 288 52.82 -31.60 -21.88
C SER E 288 52.54 -30.11 -21.94
N GLY E 289 51.31 -29.74 -22.28
CA GLY E 289 50.85 -28.38 -22.14
C GLY E 289 49.36 -28.34 -21.82
N TRP E 290 48.78 -29.52 -21.61
CA TRP E 290 47.34 -29.69 -21.53
C TRP E 290 46.89 -29.76 -20.07
N LYS E 291 45.71 -29.20 -19.80
CA LYS E 291 45.21 -28.95 -18.46
C LYS E 291 43.76 -29.38 -18.32
N VAL E 292 43.46 -30.64 -18.67
CA VAL E 292 42.11 -31.15 -18.51
C VAL E 292 41.67 -31.10 -17.05
N VAL E 293 40.40 -30.78 -16.85
CA VAL E 293 39.73 -30.92 -15.56
C VAL E 293 38.61 -31.94 -15.71
N ILE E 294 38.62 -32.96 -14.86
CA ILE E 294 37.67 -34.06 -14.94
C ILE E 294 36.59 -33.82 -13.89
N GLY E 295 35.36 -33.64 -14.33
CA GLY E 295 34.31 -33.29 -13.39
C GLY E 295 33.01 -34.03 -13.59
N GLY E 296 32.98 -34.93 -14.57
CA GLY E 296 31.77 -35.69 -14.82
C GLY E 296 31.34 -36.51 -13.62
N ALA E 297 32.11 -37.55 -13.29
CA ALA E 297 31.89 -38.32 -12.07
C ALA E 297 33.07 -39.22 -11.75
N ALA E 298 33.69 -39.02 -10.58
CA ALA E 298 34.56 -40.02 -9.96
C ALA E 298 35.71 -40.42 -10.87
N LEU E 299 36.61 -39.47 -11.10
CA LEU E 299 37.83 -39.76 -11.84
C LEU E 299 38.60 -40.89 -11.16
N PRO E 300 38.83 -42.01 -11.84
CA PRO E 300 39.54 -43.13 -11.20
C PRO E 300 41.02 -42.82 -11.03
N LYS E 301 41.63 -43.54 -10.08
CA LYS E 301 43.04 -43.34 -9.78
C LYS E 301 43.95 -43.87 -10.88
N ALA E 302 43.57 -44.96 -11.54
CA ALA E 302 44.42 -45.54 -12.58
C ALA E 302 44.46 -44.66 -13.82
N LEU E 303 43.31 -44.14 -14.24
CA LEU E 303 43.29 -43.21 -15.37
C LEU E 303 44.09 -41.95 -15.05
N CYS E 304 43.97 -41.44 -13.82
CA CYS E 304 44.75 -40.28 -13.42
C CYS E 304 46.24 -40.59 -13.47
N LYS E 305 46.64 -41.78 -12.99
CA LYS E 305 48.05 -42.15 -13.03
C LYS E 305 48.56 -42.24 -14.46
N SER E 306 47.78 -42.82 -15.36
CA SER E 306 48.20 -42.92 -16.76
C SER E 306 48.31 -41.53 -17.40
N ALA E 307 47.35 -40.65 -17.13
CA ALA E 307 47.40 -39.30 -17.66
C ALA E 307 48.62 -38.54 -17.14
N LEU E 308 48.93 -38.70 -15.85
CA LEU E 308 50.12 -38.06 -15.30
C LEU E 308 51.39 -38.62 -15.93
N GLU E 309 51.41 -39.92 -16.21
CA GLU E 309 52.56 -40.50 -16.89
C GLU E 309 52.69 -39.97 -18.32
N ARG E 310 51.59 -39.58 -18.94
CA ARG E 310 51.64 -38.88 -20.22
C ARG E 310 51.89 -37.38 -20.05
N ASP E 311 52.18 -36.92 -18.83
CA ASP E 311 52.56 -35.53 -18.55
C ASP E 311 51.42 -34.56 -18.85
N ILE E 312 50.25 -34.84 -18.27
CA ILE E 312 49.07 -34.00 -18.41
C ILE E 312 48.72 -33.46 -17.04
N ASP E 313 48.46 -32.15 -16.96
CA ASP E 313 47.94 -31.52 -15.75
C ASP E 313 46.47 -31.85 -15.65
N VAL E 314 46.18 -32.99 -15.02
CA VAL E 314 44.81 -33.50 -14.88
C VAL E 314 44.40 -33.36 -13.43
N PHE E 315 43.21 -32.80 -13.21
CA PHE E 315 42.70 -32.60 -11.86
C PHE E 315 41.18 -32.67 -11.91
N ALA E 316 40.57 -32.81 -10.74
CA ALA E 316 39.15 -33.09 -10.64
C ALA E 316 38.37 -31.88 -10.14
N GLY E 317 37.06 -31.96 -10.31
CA GLY E 317 36.15 -30.92 -9.84
C GLY E 317 34.77 -31.52 -9.66
N TYR E 318 33.97 -30.83 -8.86
CA TYR E 318 32.69 -31.36 -8.41
C TYR E 318 31.58 -30.34 -8.66
N GLY E 319 30.43 -30.83 -9.12
CA GLY E 319 29.28 -29.98 -9.32
C GLY E 319 28.09 -30.82 -9.78
N MET E 320 26.96 -30.14 -9.92
CA MET E 320 25.75 -30.77 -10.44
C MET E 320 24.86 -29.70 -11.06
N SER E 321 23.69 -30.13 -11.55
CA SER E 321 22.82 -29.23 -12.28
C SER E 321 22.29 -28.11 -11.39
N GLU E 322 22.00 -28.41 -10.12
CA GLU E 322 21.39 -27.44 -9.24
C GLU E 322 22.39 -26.44 -8.65
N THR E 323 23.69 -26.62 -8.88
CA THR E 323 24.69 -25.92 -8.10
C THR E 323 25.59 -24.96 -8.89
N GLY E 324 25.25 -24.65 -10.14
CA GLY E 324 25.97 -23.60 -10.82
C GLY E 324 26.74 -23.91 -12.10
N PRO E 325 27.48 -25.03 -12.18
CA PRO E 325 27.61 -26.18 -11.28
C PRO E 325 28.76 -26.18 -10.28
N ILE E 326 29.84 -25.44 -10.51
CA ILE E 326 31.10 -25.71 -9.82
C ILE E 326 30.97 -25.39 -8.33
N LEU E 327 31.26 -26.38 -7.50
CA LEU E 327 31.29 -26.23 -6.05
C LEU E 327 32.66 -26.48 -5.45
N SER E 328 33.51 -27.28 -6.10
CA SER E 328 34.78 -27.68 -5.53
C SER E 328 35.75 -28.04 -6.66
N ILE E 329 37.02 -27.73 -6.45
CA ILE E 329 38.08 -28.01 -7.42
C ILE E 329 39.30 -28.52 -6.66
N VAL E 330 40.03 -29.45 -7.27
CA VAL E 330 41.28 -29.93 -6.69
C VAL E 330 42.37 -28.89 -6.96
N GLN E 331 42.91 -28.31 -5.89
CA GLN E 331 44.05 -27.41 -5.95
C GLN E 331 45.17 -27.96 -5.07
N LEU E 332 46.37 -28.05 -5.61
CA LEU E 332 47.50 -28.63 -4.91
C LEU E 332 48.45 -27.53 -4.43
N THR E 333 48.76 -27.56 -3.13
CA THR E 333 49.75 -26.65 -2.56
C THR E 333 51.12 -26.97 -3.15
N PRO E 334 52.05 -26.02 -3.16
CA PRO E 334 53.29 -26.25 -3.91
C PRO E 334 54.24 -27.25 -3.28
N GLU E 335 53.96 -27.73 -2.06
CA GLU E 335 54.67 -28.87 -1.52
C GLU E 335 54.18 -30.19 -2.08
N GLN E 336 52.97 -30.23 -2.64
CA GLN E 336 52.40 -31.47 -3.13
C GLN E 336 52.78 -31.78 -4.57
N LEU E 337 53.41 -30.86 -5.29
CA LEU E 337 53.93 -31.17 -6.61
C LEU E 337 55.29 -31.87 -6.56
N GLU E 338 55.89 -32.03 -5.38
CA GLU E 338 57.11 -32.81 -5.25
C GLU E 338 56.85 -34.28 -4.96
N LEU E 339 55.61 -34.67 -4.73
CA LEU E 339 55.31 -36.07 -4.47
C LEU E 339 55.43 -36.87 -5.76
N ASP E 340 55.60 -38.19 -5.60
CA ASP E 340 55.72 -39.06 -6.74
C ASP E 340 54.37 -39.22 -7.44
N VAL E 341 54.36 -40.02 -8.50
CA VAL E 341 53.19 -40.11 -9.37
C VAL E 341 52.00 -40.73 -8.63
N ASP E 342 52.25 -41.69 -7.74
CA ASP E 342 51.15 -42.38 -7.08
C ASP E 342 50.43 -41.47 -6.08
N GLN E 343 51.19 -40.78 -5.23
CA GLN E 343 50.58 -39.89 -4.25
C GLN E 343 49.94 -38.69 -4.92
N GLN E 344 50.56 -38.18 -5.98
CA GLN E 344 49.94 -37.12 -6.76
C GLN E 344 48.63 -37.58 -7.39
N ALA E 345 48.60 -38.82 -7.90
CA ALA E 345 47.38 -39.36 -8.48
C ALA E 345 46.30 -39.50 -7.43
N GLU E 346 46.67 -39.91 -6.21
CA GLU E 346 45.69 -39.98 -5.13
C GLU E 346 45.17 -38.59 -4.79
N TYR E 347 46.03 -37.58 -4.78
CA TYR E 347 45.59 -36.23 -4.43
C TYR E 347 44.69 -35.64 -5.51
N ARG E 348 45.01 -35.88 -6.78
CA ARG E 348 44.29 -35.29 -7.89
C ARG E 348 42.95 -35.95 -8.18
N SER E 349 42.69 -37.12 -7.60
CA SER E 349 41.43 -37.82 -7.81
C SER E 349 40.35 -37.43 -6.82
N LYS E 350 40.68 -36.66 -5.80
CA LYS E 350 39.71 -36.31 -4.78
C LYS E 350 38.66 -35.34 -5.33
N THR E 351 37.63 -35.10 -4.52
CA THR E 351 36.61 -34.14 -4.90
C THR E 351 37.16 -32.71 -4.90
N GLY E 352 38.03 -32.41 -3.95
CA GLY E 352 38.69 -31.12 -3.88
C GLY E 352 38.16 -30.27 -2.73
N LYS E 353 38.71 -29.06 -2.65
CA LYS E 353 38.27 -28.09 -1.66
C LYS E 353 37.22 -27.17 -2.29
N LYS E 354 36.35 -26.63 -1.44
CA LYS E 354 35.29 -25.76 -1.92
C LYS E 354 35.86 -24.45 -2.43
N VAL E 355 35.22 -23.91 -3.46
CA VAL E 355 35.67 -22.69 -4.13
C VAL E 355 35.19 -21.47 -3.36
N ALA E 356 35.66 -20.29 -3.74
CA ALA E 356 35.35 -19.07 -3.03
C ALA E 356 33.85 -18.84 -2.95
N LEU E 357 33.39 -18.38 -1.78
CA LEU E 357 32.01 -18.03 -1.48
C LEU E 357 31.09 -19.24 -1.38
N VAL E 358 31.64 -20.41 -1.09
CA VAL E 358 30.88 -21.65 -0.98
C VAL E 358 31.02 -22.17 0.44
N GLU E 359 29.89 -22.45 1.09
CA GLU E 359 29.85 -23.05 2.41
C GLU E 359 29.33 -24.48 2.27
N ALA E 360 30.10 -25.45 2.71
CA ALA E 360 29.74 -26.86 2.58
C ALA E 360 29.95 -27.57 3.91
N TYR E 361 28.93 -28.30 4.33
CA TYR E 361 28.99 -29.14 5.52
C TYR E 361 28.49 -30.54 5.18
N ILE E 362 28.79 -31.48 6.07
CA ILE E 362 28.24 -32.82 6.02
C ILE E 362 27.33 -33.00 7.24
N VAL E 363 26.12 -33.50 7.00
CA VAL E 363 25.11 -33.61 8.04
C VAL E 363 24.55 -35.02 8.04
N ASP E 364 23.76 -35.32 9.06
CA ASP E 364 23.00 -36.55 9.16
C ASP E 364 21.54 -36.27 8.78
N GLU E 365 20.68 -37.28 8.93
CA GLU E 365 19.27 -37.09 8.63
C GLU E 365 18.60 -36.09 9.57
N ASP E 366 19.21 -35.82 10.72
CA ASP E 366 18.73 -34.80 11.63
C ASP E 366 19.42 -33.45 11.43
N MET E 367 20.32 -33.36 10.46
CA MET E 367 21.04 -32.12 10.14
C MET E 367 21.84 -31.61 11.35
N ASN E 368 22.82 -32.41 11.76
CA ASN E 368 23.59 -32.13 12.96
C ASN E 368 25.05 -31.76 12.71
N LYS E 369 25.46 -31.64 11.44
CA LYS E 369 26.77 -31.11 11.09
C LYS E 369 27.90 -31.93 11.73
N LEU E 370 28.02 -33.16 11.24
CA LEU E 370 29.07 -34.11 11.62
C LEU E 370 30.45 -33.47 11.55
N PRO E 371 31.42 -33.97 12.34
CA PRO E 371 32.76 -33.37 12.33
C PRO E 371 33.52 -33.68 11.04
N HIS E 372 34.50 -32.82 10.76
CA HIS E 372 35.39 -32.99 9.61
C HIS E 372 36.67 -33.64 10.11
N ASP E 373 36.68 -34.97 10.12
CA ASP E 373 37.83 -35.74 10.59
C ASP E 373 38.42 -36.66 9.54
N GLY E 374 37.82 -36.77 8.35
CA GLY E 374 38.30 -37.67 7.33
C GLY E 374 37.75 -39.07 7.39
N GLU E 375 36.91 -39.39 8.38
CA GLU E 375 36.29 -40.70 8.50
C GLU E 375 34.78 -40.64 8.60
N THR E 376 34.24 -39.67 9.35
CA THR E 376 32.79 -39.55 9.50
C THR E 376 32.16 -39.12 8.19
N ALA E 377 31.11 -39.82 7.77
CA ALA E 377 30.48 -39.59 6.48
C ALA E 377 29.03 -39.16 6.66
N GLY E 378 28.65 -38.13 5.91
CA GLY E 378 27.28 -37.64 5.90
C GLY E 378 27.01 -36.99 4.56
N GLU E 379 25.79 -36.48 4.42
CA GLU E 379 25.40 -35.84 3.16
C GLU E 379 25.90 -34.40 3.10
N ILE E 380 26.42 -34.03 1.93
CA ILE E 380 26.90 -32.67 1.70
C ILE E 380 25.71 -31.73 1.52
N VAL E 381 25.72 -30.61 2.23
CA VAL E 381 24.73 -29.56 2.09
C VAL E 381 25.47 -28.24 1.92
N VAL E 382 25.05 -27.42 0.97
CA VAL E 382 25.86 -26.29 0.53
C VAL E 382 25.05 -25.00 0.54
N ARG E 383 25.76 -23.89 0.58
CA ARG E 383 25.23 -22.56 0.31
C ARG E 383 26.21 -21.86 -0.61
N ALA E 384 25.68 -21.18 -1.62
CA ALA E 384 26.51 -20.56 -2.64
C ALA E 384 25.70 -19.47 -3.31
N PRO E 385 26.36 -18.51 -3.99
CA PRO E 385 25.62 -17.45 -4.68
C PRO E 385 24.99 -17.87 -6.00
N TRP E 386 25.11 -19.13 -6.41
CA TRP E 386 24.67 -19.54 -7.74
C TRP E 386 23.93 -20.87 -7.68
N LEU E 387 23.05 -21.03 -6.69
CA LEU E 387 22.22 -22.23 -6.57
C LEU E 387 20.81 -21.93 -7.04
N THR E 388 20.18 -22.91 -7.66
CA THR E 388 18.79 -22.73 -8.06
C THR E 388 17.89 -22.69 -6.83
N PRO E 389 16.95 -21.76 -6.76
CA PRO E 389 16.14 -21.63 -5.55
C PRO E 389 15.10 -22.71 -5.40
N ASN E 390 14.66 -23.32 -6.49
CA ASN E 390 13.68 -24.40 -6.46
C ASN E 390 13.69 -25.06 -7.83
N TYR E 391 12.81 -26.05 -8.00
CA TYR E 391 12.54 -26.64 -9.29
C TYR E 391 11.39 -25.90 -9.95
N TYR E 392 11.49 -25.72 -11.26
CA TYR E 392 10.46 -24.97 -11.98
C TYR E 392 9.13 -25.72 -11.95
N LYS E 393 8.07 -25.00 -11.57
CA LYS E 393 6.72 -25.55 -11.50
C LYS E 393 6.65 -26.76 -10.58
N ASP E 394 7.31 -26.67 -9.43
CA ASP E 394 7.38 -27.77 -8.50
C ASP E 394 7.40 -27.22 -7.07
N ASN E 395 6.72 -27.93 -6.17
CA ASN E 395 6.63 -27.50 -4.78
C ASN E 395 7.24 -28.51 -3.81
N LYS E 396 6.84 -29.78 -3.88
CA LYS E 396 7.28 -30.74 -2.88
C LYS E 396 8.75 -31.12 -3.05
N ASN E 397 9.17 -31.36 -4.29
CA ASN E 397 10.59 -31.62 -4.55
C ASN E 397 11.42 -30.38 -4.26
N SER E 398 10.88 -29.20 -4.54
CA SER E 398 11.56 -27.96 -4.19
C SER E 398 11.73 -27.83 -2.68
N LYS E 399 10.69 -28.20 -1.92
CA LYS E 399 10.79 -28.15 -0.47
C LYS E 399 11.80 -29.16 0.06
N ALA E 400 11.86 -30.34 -0.55
CA ALA E 400 12.82 -31.33 -0.11
C ALA E 400 14.24 -30.95 -0.49
N LEU E 401 14.41 -30.14 -1.54
CA LEU E 401 15.74 -29.75 -1.98
C LEU E 401 16.40 -28.79 -0.99
N TRP E 402 15.63 -27.87 -0.42
CA TRP E 402 16.16 -26.85 0.46
C TRP E 402 15.77 -27.09 1.91
N ARG E 403 15.76 -28.35 2.34
CA ARG E 403 15.39 -28.70 3.71
C ARG E 403 16.38 -28.13 4.70
N GLY E 404 15.86 -27.45 5.72
CA GLY E 404 16.70 -26.95 6.79
C GLY E 404 17.53 -25.73 6.45
N GLY E 405 17.26 -25.09 5.31
CA GLY E 405 18.00 -23.91 4.92
C GLY E 405 19.27 -24.17 4.13
N TYR E 406 19.51 -25.40 3.72
CA TYR E 406 20.67 -25.73 2.89
C TYR E 406 20.21 -26.56 1.70
N LEU E 407 21.01 -26.53 0.64
CA LEU E 407 20.72 -27.31 -0.56
C LEU E 407 21.34 -28.69 -0.42
N HIS E 408 20.51 -29.72 -0.49
CA HIS E 408 20.95 -31.11 -0.35
C HIS E 408 21.40 -31.64 -1.70
N THR E 409 22.67 -32.02 -1.81
CA THR E 409 23.21 -32.49 -3.06
C THR E 409 22.97 -33.97 -3.30
N GLY E 410 22.51 -34.70 -2.30
CA GLY E 410 22.29 -36.14 -2.47
C GLY E 410 23.54 -36.97 -2.53
N ASP E 411 24.67 -36.46 -2.02
CA ASP E 411 25.94 -37.16 -2.05
C ASP E 411 26.48 -37.30 -0.63
N VAL E 412 27.11 -38.43 -0.35
CA VAL E 412 27.66 -38.74 0.96
C VAL E 412 29.18 -38.67 0.87
N ALA E 413 29.78 -37.91 1.78
CA ALA E 413 31.22 -37.67 1.72
C ALA E 413 31.77 -37.47 3.13
N HIS E 414 33.08 -37.63 3.24
CA HIS E 414 33.82 -37.26 4.45
C HIS E 414 34.83 -36.19 4.09
N ILE E 415 34.97 -35.20 4.95
CA ILE E 415 35.82 -34.04 4.69
C ILE E 415 37.05 -34.13 5.59
N ASP E 416 38.22 -33.93 4.99
CA ASP E 416 39.49 -33.98 5.71
C ASP E 416 39.57 -32.85 6.74
N ASP E 417 40.61 -32.93 7.58
CA ASP E 417 40.86 -31.85 8.52
C ASP E 417 41.33 -30.59 7.82
N GLU E 418 42.04 -30.74 6.70
CA GLU E 418 42.53 -29.63 5.92
C GLU E 418 41.55 -29.14 4.86
N GLY E 419 40.43 -29.84 4.67
CA GLY E 419 39.37 -29.39 3.79
C GLY E 419 39.15 -30.22 2.55
N PHE E 420 39.91 -31.29 2.35
CA PHE E 420 39.76 -32.10 1.15
C PHE E 420 38.54 -33.01 1.28
N ILE E 421 37.60 -32.88 0.36
CA ILE E 421 36.36 -33.63 0.37
C ILE E 421 36.56 -34.91 -0.42
N LYS E 422 35.97 -36.01 0.08
CA LYS E 422 36.04 -37.32 -0.58
C LYS E 422 34.64 -37.89 -0.63
N ILE E 423 34.04 -37.88 -1.83
CA ILE E 423 32.68 -38.37 -2.00
C ILE E 423 32.68 -39.89 -2.02
N THR E 424 31.78 -40.49 -1.22
CA THR E 424 31.72 -41.94 -1.11
C THR E 424 30.72 -42.55 -2.09
N ASP E 425 29.44 -42.16 -1.99
CA ASP E 425 28.43 -42.56 -2.97
C ASP E 425 27.18 -41.71 -2.72
N ARG E 426 26.11 -42.02 -3.45
CA ARG E 426 24.87 -41.28 -3.39
C ARG E 426 24.09 -41.60 -2.11
N VAL E 427 23.14 -40.72 -1.78
CA VAL E 427 22.29 -40.93 -0.62
C VAL E 427 21.32 -42.08 -0.88
N LYS E 428 20.74 -42.13 -2.08
CA LYS E 428 19.76 -43.15 -2.42
C LYS E 428 20.39 -44.52 -2.68
N ASP E 429 21.71 -44.60 -2.80
CA ASP E 429 22.40 -45.87 -2.98
C ASP E 429 22.87 -46.47 -1.66
N MET E 430 22.48 -45.86 -0.54
CA MET E 430 22.99 -46.28 0.77
C MET E 430 22.56 -47.71 1.10
N ILE E 431 23.38 -48.39 1.89
CA ILE E 431 23.11 -49.74 2.36
C ILE E 431 22.96 -49.69 3.87
N LYS E 432 21.73 -49.81 4.36
CA LYS E 432 21.42 -49.73 5.79
C LYS E 432 21.21 -51.15 6.32
N ILE E 433 22.23 -51.67 7.00
CA ILE E 433 22.16 -52.96 7.66
C ILE E 433 21.98 -52.72 9.15
N SER E 434 20.85 -53.17 9.71
CA SER E 434 20.54 -53.00 11.13
C SER E 434 20.67 -51.54 11.54
N GLY E 435 21.81 -51.18 12.11
CA GLY E 435 22.05 -49.81 12.53
C GLY E 435 23.38 -49.24 12.08
N GLU E 436 23.88 -49.70 10.94
CA GLU E 436 25.14 -49.22 10.40
C GLU E 436 24.95 -48.82 8.94
N TRP E 437 25.88 -48.03 8.43
CA TRP E 437 25.71 -47.32 7.17
C TRP E 437 26.94 -47.55 6.30
N VAL E 438 26.77 -48.27 5.19
CA VAL E 438 27.90 -48.57 4.30
C VAL E 438 27.54 -48.21 2.87
N SER E 439 28.57 -48.00 2.07
CA SER E 439 28.44 -47.63 0.67
C SER E 439 28.37 -48.86 -0.22
N SER E 440 28.00 -48.63 -1.49
CA SER E 440 27.99 -49.70 -2.47
C SER E 440 29.15 -49.62 -3.44
N LEU E 441 29.76 -48.44 -3.62
CA LEU E 441 30.77 -48.28 -4.65
C LEU E 441 32.06 -49.01 -4.29
N GLU E 442 32.45 -48.98 -3.01
CA GLU E 442 33.67 -49.69 -2.62
C GLU E 442 33.50 -51.19 -2.73
N LEU E 443 32.31 -51.70 -2.39
CA LEU E 443 32.03 -53.12 -2.59
C LEU E 443 32.03 -53.48 -4.08
N GLU E 444 31.47 -52.60 -4.91
CA GLU E 444 31.48 -52.83 -6.35
C GLU E 444 32.91 -52.91 -6.87
N ASP E 445 33.77 -51.99 -6.43
CA ASP E 445 35.16 -52.01 -6.88
C ASP E 445 35.90 -53.26 -6.37
N ILE E 446 35.65 -53.63 -5.11
CA ILE E 446 36.30 -54.82 -4.56
C ILE E 446 35.91 -56.06 -5.35
N LEU E 447 34.61 -56.21 -5.65
CA LEU E 447 34.18 -57.36 -6.44
C LEU E 447 34.64 -57.26 -7.89
N HIS E 448 34.79 -56.04 -8.41
CA HIS E 448 35.32 -55.84 -9.76
C HIS E 448 36.79 -56.19 -9.84
N GLN E 449 37.51 -56.16 -8.72
CA GLN E 449 38.90 -56.59 -8.72
C GLN E 449 39.04 -58.09 -9.00
N HIS E 450 37.96 -58.84 -8.90
CA HIS E 450 37.99 -60.25 -9.27
C HIS E 450 38.30 -60.39 -10.76
N GLN E 451 38.94 -61.52 -11.10
CA GLN E 451 39.35 -61.75 -12.48
C GLN E 451 38.26 -62.37 -13.34
N SER E 452 37.03 -62.43 -12.84
CA SER E 452 35.91 -63.04 -13.55
C SER E 452 34.67 -62.17 -13.47
N VAL E 453 34.83 -60.87 -13.70
CA VAL E 453 33.72 -59.91 -13.68
C VAL E 453 33.99 -58.82 -14.69
N SER E 454 32.93 -58.38 -15.37
CA SER E 454 33.01 -57.25 -16.29
C SER E 454 32.45 -55.96 -15.68
N GLU E 455 31.19 -56.00 -15.25
CA GLU E 455 30.54 -54.87 -14.58
C GLU E 455 29.84 -55.38 -13.32
N VAL E 456 29.94 -54.58 -12.26
CA VAL E 456 29.44 -54.97 -10.94
C VAL E 456 28.37 -53.97 -10.52
N ALA E 457 27.23 -54.50 -10.06
CA ALA E 457 26.15 -53.68 -9.51
C ALA E 457 25.77 -54.23 -8.15
N VAL E 458 25.77 -53.36 -7.14
CA VAL E 458 25.49 -53.75 -5.76
C VAL E 458 24.29 -52.95 -5.29
N ILE E 459 23.22 -53.66 -4.92
CA ILE E 459 21.99 -53.04 -4.44
C ILE E 459 21.52 -53.79 -3.20
N GLY E 460 20.56 -53.18 -2.48
CA GLY E 460 20.11 -53.69 -1.22
C GLY E 460 18.87 -54.58 -1.30
N MET E 461 18.72 -55.42 -0.28
CA MET E 461 17.62 -56.37 -0.21
C MET E 461 17.08 -56.43 1.26
N PRO E 462 15.80 -55.99 1.58
CA PRO E 462 15.32 -55.93 2.96
C PRO E 462 15.34 -57.29 3.64
N HIS E 463 15.62 -57.25 4.94
CA HIS E 463 15.58 -58.44 5.79
C HIS E 463 14.93 -58.07 7.13
N ASN E 464 14.56 -59.10 7.88
CA ASN E 464 13.81 -58.87 9.11
C ASN E 464 14.66 -58.27 10.21
N LYS E 465 15.73 -58.97 10.61
CA LYS E 465 16.50 -58.56 11.77
C LYS E 465 17.51 -57.47 11.43
N TRP E 466 18.32 -57.70 10.40
CA TRP E 466 19.39 -56.79 10.04
C TRP E 466 18.96 -55.69 9.08
N GLY E 467 17.66 -55.59 8.79
CA GLY E 467 17.21 -54.61 7.83
C GLY E 467 17.69 -54.96 6.43
N GLU E 468 17.84 -53.93 5.60
CA GLU E 468 18.28 -54.15 4.23
C GLU E 468 19.71 -54.68 4.22
N VAL E 469 19.96 -55.66 3.35
CA VAL E 469 21.28 -56.27 3.24
C VAL E 469 21.78 -56.08 1.81
N PRO E 470 23.08 -56.03 1.58
CA PRO E 470 23.58 -55.83 0.21
C PRO E 470 23.38 -57.07 -0.65
N LEU E 471 23.26 -56.83 -1.96
CA LEU E 471 23.22 -57.89 -2.95
C LEU E 471 24.02 -57.44 -4.17
N ALA E 472 24.80 -58.36 -4.73
CA ALA E 472 25.72 -58.05 -5.82
C ALA E 472 25.22 -58.66 -7.12
N LEU E 473 25.18 -57.85 -8.17
CA LEU E 473 24.83 -58.29 -9.52
C LEU E 473 26.00 -58.01 -10.44
N VAL E 474 26.58 -59.06 -11.02
CA VAL E 474 27.77 -58.96 -11.85
C VAL E 474 27.55 -59.80 -13.12
N THR E 475 28.51 -59.67 -14.04
CA THR E 475 28.57 -60.50 -15.23
C THR E 475 29.95 -61.16 -15.28
N LEU E 476 29.98 -62.47 -15.51
CA LEU E 476 31.20 -63.26 -15.35
C LEU E 476 32.12 -63.07 -16.56
N LYS E 477 33.23 -63.82 -16.57
CA LYS E 477 34.24 -63.73 -17.62
C LYS E 477 34.35 -65.06 -18.36
N GLU E 478 35.33 -65.15 -19.25
CA GLU E 478 35.42 -66.25 -20.20
C GLU E 478 35.79 -67.55 -19.49
N ASP E 479 35.05 -68.62 -19.82
CA ASP E 479 35.27 -69.96 -19.31
C ASP E 479 35.32 -70.00 -17.79
N ALA E 480 34.73 -69.00 -17.14
CA ALA E 480 34.70 -68.91 -15.68
C ALA E 480 33.24 -68.95 -15.23
N GLN E 481 32.71 -70.16 -15.07
CA GLN E 481 31.35 -70.34 -14.56
C GLN E 481 31.34 -70.28 -13.04
N VAL E 482 31.90 -69.20 -12.50
CA VAL E 482 32.08 -69.06 -11.06
C VAL E 482 30.74 -68.65 -10.44
N THR E 483 30.20 -69.51 -9.59
CA THR E 483 28.89 -69.30 -9.01
C THR E 483 28.98 -68.29 -7.87
N GLU E 484 27.88 -68.15 -7.12
CA GLU E 484 27.85 -67.20 -6.02
C GLU E 484 28.84 -67.56 -4.92
N LYS E 485 29.13 -68.86 -4.75
CA LYS E 485 30.06 -69.28 -3.70
C LYS E 485 31.46 -68.74 -3.95
N GLU E 486 31.92 -68.77 -5.20
CA GLU E 486 33.26 -68.28 -5.50
C GLU E 486 33.36 -66.77 -5.25
N LEU E 487 32.34 -66.00 -5.66
CA LEU E 487 32.36 -64.57 -5.39
C LEU E 487 32.30 -64.28 -3.90
N LEU E 488 31.50 -65.06 -3.16
CA LEU E 488 31.46 -64.92 -1.71
C LEU E 488 32.83 -65.16 -1.11
N GLY E 489 33.50 -66.22 -1.53
CA GLY E 489 34.83 -66.51 -1.01
C GLY E 489 35.84 -65.43 -1.36
N PHE E 490 35.77 -64.90 -2.59
CA PHE E 490 36.65 -63.80 -2.97
C PHE E 490 36.42 -62.57 -2.11
N ALA E 491 35.15 -62.25 -1.84
CA ALA E 491 34.86 -61.13 -0.94
C ALA E 491 35.41 -61.39 0.46
N LYS E 492 35.26 -62.62 0.95
CA LYS E 492 35.80 -62.96 2.27
C LYS E 492 37.32 -62.88 2.29
N ASP E 493 37.97 -63.06 1.14
CA ASP E 493 39.43 -63.04 1.09
C ASP E 493 40.01 -61.66 1.36
N PHE E 494 39.15 -60.64 1.32
CA PHE E 494 39.62 -59.30 1.58
C PHE E 494 39.77 -58.98 3.06
N ILE E 495 40.15 -57.75 3.38
CA ILE E 495 40.28 -57.29 4.76
C ILE E 495 39.74 -55.87 4.85
N ASN E 496 39.89 -55.27 6.04
CA ASN E 496 39.56 -53.88 6.29
C ASN E 496 38.07 -53.60 6.08
N LYS E 497 37.24 -54.26 6.87
CA LYS E 497 35.81 -54.03 6.85
C LYS E 497 35.27 -54.14 8.27
N GLY E 498 34.20 -53.41 8.53
CA GLY E 498 33.55 -53.38 9.82
C GLY E 498 32.32 -54.27 9.88
N ILE E 499 31.35 -53.86 10.70
CA ILE E 499 30.08 -54.56 10.88
C ILE E 499 30.37 -56.01 11.28
N LEU E 500 29.56 -56.95 10.80
CA LEU E 500 29.69 -58.35 11.16
C LEU E 500 30.99 -58.93 10.63
N ALA E 501 31.96 -59.16 11.52
CA ALA E 501 33.27 -59.66 11.14
C ALA E 501 33.88 -58.78 10.06
N ARG E 502 33.72 -59.18 8.80
CA ARG E 502 34.17 -58.39 7.65
C ARG E 502 32.97 -57.92 6.83
N GLU E 503 31.86 -57.63 7.52
CA GLU E 503 30.59 -57.19 6.94
C GLU E 503 30.09 -58.14 5.85
N ALA E 504 30.59 -59.37 5.83
CA ALA E 504 30.21 -60.36 4.83
C ALA E 504 29.51 -61.52 5.53
N LEU E 505 28.19 -61.36 5.71
CA LEU E 505 27.36 -62.46 6.20
C LEU E 505 26.03 -62.59 5.49
N LEU E 506 25.59 -61.60 4.72
CA LEU E 506 24.32 -61.65 4.01
C LEU E 506 24.46 -61.11 2.59
N LEU E 507 25.60 -61.33 1.96
CA LEU E 507 25.87 -60.75 0.64
C LEU E 507 24.89 -61.28 -0.40
N LYS E 508 24.70 -62.61 -0.44
CA LYS E 508 23.78 -63.26 -1.37
C LYS E 508 24.03 -62.82 -2.81
N VAL E 509 25.31 -62.88 -3.21
CA VAL E 509 25.70 -62.42 -4.53
C VAL E 509 25.00 -63.24 -5.61
N LYS E 510 24.58 -62.57 -6.68
CA LYS E 510 23.96 -63.21 -7.83
C LYS E 510 24.69 -62.79 -9.09
N ILE E 511 24.27 -63.37 -10.23
CA ILE E 511 24.83 -63.05 -11.54
C ILE E 511 23.66 -62.94 -12.51
N VAL E 512 23.32 -61.73 -12.90
CA VAL E 512 22.30 -61.48 -13.93
C VAL E 512 23.00 -61.00 -15.19
N ASP E 513 22.58 -61.54 -16.33
CA ASP E 513 23.27 -61.30 -17.60
C ASP E 513 23.26 -59.82 -17.98
N GLU E 514 22.09 -59.26 -18.22
CA GLU E 514 21.96 -57.90 -18.74
C GLU E 514 21.64 -56.93 -17.61
N ILE E 515 22.39 -55.83 -17.54
CA ILE E 515 22.18 -54.76 -16.57
C ILE E 515 21.63 -53.57 -17.32
N ALA E 516 20.44 -53.10 -16.92
CA ALA E 516 19.82 -51.96 -17.58
C ALA E 516 20.67 -50.71 -17.37
N LYS E 517 20.83 -49.94 -18.44
CA LYS E 517 21.63 -48.72 -18.42
C LYS E 517 20.79 -47.55 -18.92
N THR E 518 20.81 -46.44 -18.17
CA THR E 518 20.03 -45.27 -18.51
C THR E 518 20.58 -44.61 -19.77
N SER E 519 19.90 -43.53 -20.19
CA SER E 519 20.34 -42.78 -21.36
C SER E 519 21.64 -42.03 -21.10
N VAL E 520 22.03 -41.86 -19.83
CA VAL E 520 23.29 -41.21 -19.50
C VAL E 520 24.44 -42.20 -19.38
N GLY E 521 24.21 -43.46 -19.71
CA GLY E 521 25.23 -44.49 -19.62
C GLY E 521 25.34 -45.17 -18.28
N LYS E 522 24.64 -44.66 -17.26
CA LYS E 522 24.70 -45.23 -15.93
C LYS E 522 23.61 -46.29 -15.76
N VAL E 523 23.86 -47.23 -14.85
CA VAL E 523 22.90 -48.30 -14.60
C VAL E 523 21.72 -47.76 -13.80
N ASP E 524 20.51 -48.20 -14.16
CA ASP E 524 19.29 -47.76 -13.49
C ASP E 524 19.06 -48.68 -12.28
N LYS E 525 19.53 -48.23 -11.12
CA LYS E 525 19.42 -49.04 -9.92
C LYS E 525 17.98 -49.21 -9.47
N LYS E 526 17.16 -48.17 -9.64
CA LYS E 526 15.76 -48.28 -9.28
C LYS E 526 15.03 -49.30 -10.15
N GLU E 527 15.31 -49.29 -11.45
CA GLU E 527 14.71 -50.28 -12.34
C GLU E 527 15.18 -51.69 -12.01
N LEU E 528 16.45 -51.84 -11.65
CA LEU E 528 16.96 -53.13 -11.23
C LEU E 528 16.26 -53.62 -9.97
N ARG E 529 16.03 -52.71 -9.02
CA ARG E 529 15.27 -53.07 -7.83
C ARG E 529 13.85 -53.49 -8.18
N LYS E 530 13.21 -52.75 -9.08
CA LYS E 530 11.84 -53.09 -9.46
C LYS E 530 11.77 -54.46 -10.13
N LEU E 531 12.75 -54.77 -10.99
CA LEU E 531 12.76 -56.06 -11.68
C LEU E 531 13.09 -57.20 -10.72
N HIS E 532 13.99 -56.96 -9.77
CA HIS E 532 14.42 -58.03 -8.87
C HIS E 532 13.53 -58.17 -7.64
N LEU E 533 12.99 -57.08 -7.12
CA LEU E 533 12.24 -57.16 -5.87
C LEU E 533 11.04 -56.24 -5.78
N TYR F 4 -9.24 -16.71 8.23
CA TYR F 4 -10.23 -16.05 7.40
C TYR F 4 -11.19 -15.21 8.24
N VAL F 5 -11.43 -13.98 7.82
CA VAL F 5 -12.40 -13.11 8.50
C VAL F 5 -13.79 -13.46 7.96
N ASN F 6 -14.67 -13.94 8.86
CA ASN F 6 -15.93 -14.51 8.40
C ASN F 6 -16.88 -13.43 7.89
N ASP F 7 -17.07 -12.35 8.67
CA ASP F 7 -18.06 -11.32 8.35
C ASP F 7 -19.42 -11.95 8.10
N PRO F 8 -20.13 -12.37 9.15
CA PRO F 8 -21.31 -13.23 8.96
C PRO F 8 -22.38 -12.64 8.05
N SER F 9 -22.46 -11.32 7.93
CA SER F 9 -23.41 -10.73 6.99
C SER F 9 -23.01 -10.99 5.55
N ASN F 10 -21.72 -11.18 5.29
CA ASN F 10 -21.22 -11.46 3.95
C ASN F 10 -21.29 -12.97 3.71
N TYR F 11 -22.16 -13.39 2.80
CA TYR F 11 -22.42 -14.80 2.56
C TYR F 11 -21.48 -15.35 1.50
N GLN F 12 -20.88 -16.51 1.79
CA GLN F 12 -20.05 -17.22 0.85
C GLN F 12 -20.77 -18.46 0.36
N LEU F 13 -20.68 -18.71 -0.95
CA LEU F 13 -21.35 -19.84 -1.57
C LEU F 13 -20.43 -21.06 -1.51
N LEU F 14 -20.68 -21.95 -0.57
CA LEU F 14 -19.85 -23.12 -0.34
C LEU F 14 -20.65 -24.41 -0.54
N ILE F 15 -19.93 -25.51 -0.68
CA ILE F 15 -20.55 -26.82 -0.89
C ILE F 15 -21.20 -27.33 0.38
N LYS F 16 -20.66 -26.96 1.55
CA LYS F 16 -21.29 -27.35 2.81
C LYS F 16 -22.69 -26.77 2.92
N ASN F 17 -22.96 -25.63 2.27
CA ASN F 17 -24.31 -25.10 2.21
C ASN F 17 -25.20 -25.94 1.32
N LEU F 18 -24.64 -26.54 0.27
CA LEU F 18 -25.40 -27.50 -0.53
C LEU F 18 -25.80 -28.70 0.31
N LEU F 19 -24.89 -29.17 1.16
CA LEU F 19 -25.21 -30.37 1.95
C LEU F 19 -26.15 -30.06 3.11
N PHE F 20 -25.91 -28.97 3.84
CA PHE F 20 -26.60 -28.71 5.10
C PHE F 20 -27.73 -27.70 4.99
N SER F 21 -27.91 -27.08 3.83
CA SER F 21 -29.06 -26.20 3.57
C SER F 21 -29.69 -26.62 2.25
N PRO F 22 -30.25 -27.82 2.18
CA PRO F 22 -30.78 -28.34 0.92
C PRO F 22 -32.18 -27.79 0.63
N VAL F 23 -32.67 -28.12 -0.56
CA VAL F 23 -34.07 -27.85 -0.87
C VAL F 23 -34.97 -28.69 0.01
N ALA F 24 -34.65 -29.97 0.16
CA ALA F 24 -35.41 -30.88 1.01
C ALA F 24 -34.46 -31.86 1.67
N PHE F 25 -34.74 -32.20 2.93
CA PHE F 25 -33.94 -33.15 3.69
C PHE F 25 -34.87 -34.14 4.36
N ASN F 26 -34.82 -35.39 3.93
CA ASN F 26 -35.54 -36.48 4.59
C ASN F 26 -34.51 -37.38 5.26
N PRO F 27 -34.41 -37.37 6.59
CA PRO F 27 -33.37 -38.18 7.25
C PRO F 27 -33.54 -39.67 7.04
N GLU F 28 -34.72 -40.14 6.66
CA GLU F 28 -34.97 -41.56 6.45
C GLU F 28 -34.90 -41.96 4.98
N GLN F 29 -34.58 -41.03 4.08
CA GLN F 29 -34.33 -41.39 2.69
C GLN F 29 -33.03 -42.16 2.58
N GLU F 30 -33.00 -43.12 1.65
CA GLU F 30 -31.93 -44.10 1.58
C GLU F 30 -30.87 -43.71 0.56
N ILE F 31 -29.67 -44.23 0.76
CA ILE F 31 -28.58 -44.19 -0.20
C ILE F 31 -28.16 -45.64 -0.43
N VAL F 32 -28.27 -46.11 -1.67
CA VAL F 32 -28.15 -47.54 -1.96
C VAL F 32 -26.91 -47.76 -2.83
N TYR F 33 -26.00 -48.58 -2.33
CA TYR F 33 -24.90 -49.12 -3.11
C TYR F 33 -25.28 -50.53 -3.56
N ALA F 34 -25.21 -50.78 -4.87
CA ALA F 34 -25.87 -51.92 -5.48
C ALA F 34 -25.61 -53.24 -4.77
N ASN F 35 -26.66 -53.79 -4.15
CA ASN F 35 -26.63 -55.10 -3.49
C ASN F 35 -25.50 -55.21 -2.45
N HIS F 36 -24.91 -54.10 -2.04
CA HIS F 36 -23.82 -54.11 -1.07
C HIS F 36 -24.22 -53.49 0.26
N ARG F 37 -24.63 -52.23 0.25
CA ARG F 37 -24.95 -51.50 1.47
C ARG F 37 -26.18 -50.62 1.23
N ARG F 38 -26.84 -50.27 2.33
CA ARG F 38 -27.93 -49.31 2.35
C ARG F 38 -27.83 -48.52 3.64
N HIS F 39 -28.00 -47.20 3.55
CA HIS F 39 -28.09 -46.38 4.75
C HIS F 39 -28.87 -45.13 4.41
N SER F 40 -29.24 -44.39 5.45
CA SER F 40 -30.10 -43.23 5.28
C SER F 40 -29.26 -41.95 5.14
N TYR F 41 -29.95 -40.83 4.92
CA TYR F 41 -29.25 -39.56 4.77
C TYR F 41 -28.61 -39.12 6.07
N LYS F 42 -29.20 -39.52 7.21
CA LYS F 42 -28.58 -39.24 8.51
C LYS F 42 -27.24 -39.96 8.64
N THR F 43 -27.20 -41.23 8.27
CA THR F 43 -25.95 -41.98 8.26
C THR F 43 -24.96 -41.37 7.28
N PHE F 44 -25.46 -40.88 6.14
CA PHE F 44 -24.58 -40.24 5.16
C PHE F 44 -23.92 -39.00 5.73
N HIS F 45 -24.69 -38.18 6.41
CA HIS F 45 -24.19 -36.95 7.04
C HIS F 45 -23.24 -37.26 8.18
N ASP F 46 -23.44 -38.36 8.94
CA ASP F 46 -22.50 -38.83 9.96
C ASP F 46 -21.21 -39.32 9.35
N ARG F 47 -21.29 -40.08 8.26
CA ARG F 47 -20.10 -40.62 7.61
C ARG F 47 -19.29 -39.51 6.94
N VAL F 48 -19.94 -38.47 6.44
CA VAL F 48 -19.19 -37.34 5.90
C VAL F 48 -18.38 -36.67 7.00
N ARG F 49 -18.98 -36.48 8.17
CA ARG F 49 -18.23 -35.88 9.28
C ARG F 49 -17.11 -36.79 9.76
N GLN F 50 -17.35 -38.11 9.78
CA GLN F 50 -16.30 -39.06 10.11
C GLN F 50 -15.15 -39.00 9.12
N PHE F 51 -15.46 -38.91 7.83
CA PHE F 51 -14.41 -38.80 6.82
C PHE F 51 -13.62 -37.52 6.99
N ALA F 52 -14.30 -36.43 7.37
CA ALA F 52 -13.60 -35.19 7.67
C ALA F 52 -12.62 -35.39 8.83
N ASN F 53 -13.07 -36.08 9.88
CA ASN F 53 -12.19 -36.35 11.02
C ASN F 53 -10.98 -37.18 10.61
N ALA F 54 -11.20 -38.21 9.80
CA ALA F 54 -10.09 -39.06 9.37
C ALA F 54 -9.11 -38.30 8.50
N LEU F 55 -9.61 -37.48 7.57
CA LEU F 55 -8.72 -36.68 6.73
C LEU F 55 -7.90 -35.71 7.55
N THR F 56 -8.52 -35.10 8.57
CA THR F 56 -7.76 -34.23 9.46
C THR F 56 -6.69 -35.01 10.21
N LYS F 57 -7.01 -36.23 10.62
CA LYS F 57 -6.03 -37.06 11.32
C LYS F 57 -4.84 -37.39 10.43
N MET F 58 -5.08 -37.73 9.17
CA MET F 58 -3.98 -38.08 8.27
C MET F 58 -3.10 -36.89 7.90
N GLY F 59 -3.52 -35.68 8.22
CA GLY F 59 -2.72 -34.50 7.95
C GLY F 59 -3.07 -33.76 6.67
N VAL F 60 -4.34 -33.71 6.28
CA VAL F 60 -4.74 -32.97 5.10
C VAL F 60 -5.05 -31.54 5.51
N LYS F 61 -4.36 -30.60 4.90
CA LYS F 61 -4.52 -29.18 5.19
C LYS F 61 -5.54 -28.55 4.24
N LYS F 62 -5.60 -27.22 4.23
CA LYS F 62 -6.52 -26.47 3.40
C LYS F 62 -6.00 -26.25 1.98
N GLY F 63 -4.90 -26.88 1.60
CA GLY F 63 -4.41 -26.74 0.25
C GLY F 63 -3.95 -28.06 -0.35
N ASP F 64 -4.15 -29.14 0.37
CA ASP F 64 -3.69 -30.45 -0.05
C ASP F 64 -4.58 -31.00 -1.17
N THR F 65 -4.12 -32.08 -1.78
CA THR F 65 -4.85 -32.73 -2.87
C THR F 65 -5.05 -34.19 -2.52
N VAL F 66 -6.28 -34.66 -2.65
CA VAL F 66 -6.63 -36.06 -2.43
C VAL F 66 -7.14 -36.61 -3.75
N ALA F 67 -6.53 -37.69 -4.22
CA ALA F 67 -6.86 -38.31 -5.48
C ALA F 67 -7.68 -39.58 -5.24
N VAL F 68 -8.63 -39.85 -6.11
CA VAL F 68 -9.55 -40.97 -5.97
C VAL F 68 -9.56 -41.78 -7.26
N MET F 69 -9.40 -43.10 -7.11
CA MET F 69 -9.52 -44.07 -8.21
C MET F 69 -10.58 -45.09 -7.79
N ASP F 70 -11.82 -44.86 -8.16
CA ASP F 70 -12.94 -45.67 -7.66
C ASP F 70 -13.98 -45.82 -8.75
N TYR F 71 -14.99 -46.64 -8.46
CA TYR F 71 -16.17 -46.79 -9.30
C TYR F 71 -17.26 -45.85 -8.79
N ASP F 72 -18.48 -46.00 -9.32
CA ASP F 72 -19.62 -45.24 -8.83
C ASP F 72 -20.15 -45.92 -7.57
N SER F 73 -19.98 -45.27 -6.43
CA SER F 73 -20.36 -45.85 -5.16
C SER F 73 -20.70 -44.75 -4.17
N HIS F 74 -21.10 -45.17 -2.97
CA HIS F 74 -21.34 -44.22 -1.88
C HIS F 74 -20.06 -43.56 -1.42
N ARG F 75 -18.91 -44.25 -1.55
CA ARG F 75 -17.63 -43.66 -1.15
C ARG F 75 -17.30 -42.46 -2.02
N TYR F 76 -17.56 -42.55 -3.32
CA TYR F 76 -17.30 -41.42 -4.20
C TYR F 76 -18.22 -40.25 -3.87
N LEU F 77 -19.47 -40.54 -3.51
CA LEU F 77 -20.39 -39.47 -3.09
C LEU F 77 -19.93 -38.82 -1.81
N GLU F 78 -19.36 -39.61 -0.90
CA GLU F 78 -18.81 -39.04 0.34
C GLU F 78 -17.59 -38.18 0.06
N CYS F 79 -16.74 -38.61 -0.89
CA CYS F 79 -15.57 -37.81 -1.26
C CYS F 79 -15.97 -36.52 -1.99
N TYR F 80 -17.09 -36.56 -2.73
CA TYR F 80 -17.58 -35.37 -3.42
C TYR F 80 -17.91 -34.25 -2.46
N PHE F 81 -18.13 -34.55 -1.19
CA PHE F 81 -18.48 -33.55 -0.19
C PHE F 81 -17.36 -33.34 0.82
N ALA F 82 -16.88 -34.40 1.46
CA ALA F 82 -16.01 -34.23 2.62
C ALA F 82 -14.70 -33.52 2.27
N ILE F 83 -14.08 -33.90 1.16
CA ILE F 83 -12.79 -33.29 0.81
C ILE F 83 -12.91 -31.81 0.50
N PRO F 84 -13.85 -31.34 -0.33
CA PRO F 84 -13.98 -29.89 -0.52
C PRO F 84 -14.30 -29.10 0.75
N MET F 85 -15.12 -29.65 1.66
CA MET F 85 -15.50 -28.88 2.84
C MET F 85 -14.31 -28.64 3.77
N ILE F 86 -13.39 -29.60 3.83
CA ILE F 86 -12.16 -29.42 4.62
C ILE F 86 -11.31 -28.29 4.06
N GLY F 87 -11.38 -28.07 2.76
CA GLY F 87 -10.56 -27.07 2.10
C GLY F 87 -9.57 -27.64 1.11
N ALA F 88 -9.50 -28.95 0.95
CA ALA F 88 -8.62 -29.59 -0.01
C ALA F 88 -9.29 -29.69 -1.37
N LYS F 89 -8.48 -29.96 -2.39
CA LYS F 89 -8.97 -30.16 -3.74
C LYS F 89 -9.14 -31.65 -4.02
N LEU F 90 -10.25 -32.00 -4.64
CA LEU F 90 -10.51 -33.37 -5.05
C LEU F 90 -10.03 -33.55 -6.49
N HIS F 91 -9.08 -34.45 -6.69
CA HIS F 91 -8.57 -34.78 -8.00
C HIS F 91 -9.21 -36.09 -8.45
N MET F 92 -10.02 -36.03 -9.49
CA MET F 92 -10.69 -37.20 -10.05
C MET F 92 -9.81 -37.82 -11.12
N ILE F 93 -9.41 -39.06 -10.92
CA ILE F 93 -8.51 -39.75 -11.83
C ILE F 93 -9.32 -40.55 -12.83
N ASN F 94 -9.05 -40.35 -14.11
CA ASN F 94 -9.67 -41.09 -15.19
C ASN F 94 -9.01 -42.46 -15.29
N VAL F 95 -9.71 -43.50 -14.88
CA VAL F 95 -9.15 -44.85 -14.88
C VAL F 95 -9.09 -45.45 -16.28
N ARG F 96 -9.67 -44.79 -17.28
CA ARG F 96 -9.62 -45.28 -18.66
C ARG F 96 -8.37 -44.84 -19.39
N LEU F 97 -7.59 -43.91 -18.84
CA LEU F 97 -6.37 -43.48 -19.48
C LEU F 97 -5.29 -44.55 -19.36
N SER F 98 -4.25 -44.42 -20.18
CA SER F 98 -3.11 -45.30 -20.07
C SER F 98 -2.35 -45.03 -18.78
N PRO F 99 -1.62 -46.01 -18.26
CA PRO F 99 -0.88 -45.79 -17.01
C PRO F 99 0.12 -44.65 -17.09
N GLU F 100 0.73 -44.40 -18.25
CA GLU F 100 1.65 -43.29 -18.37
C GLU F 100 0.93 -41.94 -18.22
N GLN F 101 -0.25 -41.81 -18.83
CA GLN F 101 -1.03 -40.59 -18.68
C GLN F 101 -1.51 -40.41 -17.24
N ILE F 102 -1.93 -41.50 -16.60
CA ILE F 102 -2.35 -41.42 -15.19
C ILE F 102 -1.18 -40.97 -14.32
N LEU F 103 0.00 -41.53 -14.56
CA LEU F 103 1.18 -41.12 -13.82
C LEU F 103 1.51 -39.66 -14.06
N TYR F 104 1.38 -39.20 -15.31
CA TYR F 104 1.61 -37.79 -15.60
C TYR F 104 0.67 -36.90 -14.82
N THR F 105 -0.62 -37.26 -14.78
CA THR F 105 -1.60 -36.43 -14.08
C THR F 105 -1.35 -36.43 -12.58
N ILE F 106 -0.93 -37.57 -12.03
CA ILE F 106 -0.61 -37.64 -10.61
C ILE F 106 0.58 -36.74 -10.29
N ASP F 107 1.63 -36.81 -11.11
CA ASP F 107 2.79 -35.96 -10.91
C ASP F 107 2.45 -34.48 -11.07
N HIS F 108 1.59 -34.15 -12.04
CA HIS F 108 1.24 -32.77 -12.31
C HIS F 108 0.40 -32.17 -11.18
N ALA F 109 -0.61 -32.91 -10.71
CA ALA F 109 -1.47 -32.38 -9.66
C ALA F 109 -0.81 -32.38 -8.29
N GLU F 110 0.23 -33.19 -8.09
CA GLU F 110 0.95 -33.28 -6.83
C GLU F 110 0.02 -33.72 -5.69
N ASP F 111 -0.52 -34.92 -5.84
CA ASP F 111 -1.44 -35.46 -4.84
C ASP F 111 -0.70 -35.89 -3.59
N ASP F 112 -1.40 -35.86 -2.47
CA ASP F 112 -0.87 -36.28 -1.18
C ASP F 112 -1.38 -37.63 -0.73
N ILE F 113 -2.67 -37.89 -0.84
CA ILE F 113 -3.27 -39.17 -0.48
C ILE F 113 -4.02 -39.69 -1.69
N ILE F 114 -3.91 -40.99 -1.96
CA ILE F 114 -4.60 -41.63 -3.06
C ILE F 114 -5.55 -42.67 -2.49
N LEU F 115 -6.83 -42.54 -2.83
CA LEU F 115 -7.85 -43.53 -2.50
C LEU F 115 -8.09 -44.36 -3.76
N ILE F 116 -7.71 -45.63 -3.71
CA ILE F 116 -7.70 -46.48 -4.89
C ILE F 116 -8.46 -47.76 -4.60
N HIS F 117 -9.29 -48.19 -5.55
CA HIS F 117 -9.97 -49.46 -5.42
C HIS F 117 -9.00 -50.60 -5.68
N GLU F 118 -9.26 -51.75 -5.04
CA GLU F 118 -8.36 -52.89 -5.14
C GLU F 118 -8.29 -53.48 -6.54
N GLU F 119 -9.27 -53.18 -7.40
CA GLU F 119 -9.24 -53.69 -8.76
C GLU F 119 -8.40 -52.82 -9.69
N PHE F 120 -8.02 -51.62 -9.27
CA PHE F 120 -7.09 -50.78 -10.01
C PHE F 120 -5.66 -50.93 -9.52
N LEU F 121 -5.41 -51.84 -8.58
CA LEU F 121 -4.06 -52.04 -8.08
C LEU F 121 -3.06 -52.46 -9.16
N PRO F 122 -3.40 -53.33 -10.13
CA PRO F 122 -2.45 -53.59 -11.21
C PRO F 122 -2.02 -52.34 -11.98
N ILE F 123 -2.92 -51.37 -12.15
CA ILE F 123 -2.53 -50.12 -12.80
C ILE F 123 -1.48 -49.39 -11.96
N LEU F 124 -1.70 -49.34 -10.64
CA LEU F 124 -0.74 -48.70 -9.76
C LEU F 124 0.58 -49.47 -9.67
N ASP F 125 0.56 -50.76 -9.98
CA ASP F 125 1.76 -51.58 -9.83
C ASP F 125 2.87 -51.11 -10.75
N GLN F 126 2.55 -50.67 -11.95
CA GLN F 126 3.55 -50.30 -12.95
C GLN F 126 3.94 -48.83 -12.91
N ILE F 127 3.36 -48.04 -12.01
CA ILE F 127 3.71 -46.63 -11.93
C ILE F 127 4.01 -46.22 -10.49
N LYS F 128 3.98 -47.20 -9.57
CA LYS F 128 4.14 -46.87 -8.17
C LYS F 128 5.53 -46.33 -7.85
N GLY F 129 6.56 -46.81 -8.56
CA GLY F 129 7.91 -46.36 -8.27
C GLY F 129 8.14 -44.90 -8.59
N ARG F 130 7.62 -44.44 -9.72
CA ARG F 130 7.89 -43.08 -10.21
C ARG F 130 6.83 -42.07 -9.80
N ILE F 131 6.47 -41.96 -8.52
CA ILE F 131 5.40 -41.08 -8.08
C ILE F 131 5.93 -39.94 -7.21
N ASP F 132 6.55 -40.27 -6.07
CA ASP F 132 7.37 -39.34 -5.32
C ASP F 132 6.57 -38.25 -4.60
N THR F 133 5.25 -38.14 -4.85
CA THR F 133 4.46 -37.15 -4.11
C THR F 133 3.54 -37.80 -3.08
N VAL F 134 3.01 -38.99 -3.35
CA VAL F 134 1.98 -39.58 -2.51
C VAL F 134 2.65 -40.21 -1.28
N THR F 135 2.09 -39.92 -0.11
CA THR F 135 2.59 -40.47 1.15
C THR F 135 1.78 -41.67 1.63
N ARG F 136 0.47 -41.68 1.38
CA ARG F 136 -0.39 -42.76 1.85
C ARG F 136 -1.30 -43.26 0.74
N TYR F 137 -1.53 -44.57 0.72
CA TYR F 137 -2.47 -45.20 -0.18
C TYR F 137 -3.58 -45.86 0.63
N VAL F 138 -4.83 -45.62 0.27
CA VAL F 138 -5.97 -46.21 0.93
C VAL F 138 -6.65 -47.13 -0.07
N VAL F 139 -6.75 -48.41 0.27
CA VAL F 139 -7.32 -49.41 -0.63
C VAL F 139 -8.80 -49.58 -0.30
N LEU F 140 -9.65 -49.39 -1.31
CA LEU F 140 -11.09 -49.53 -1.14
C LEU F 140 -11.51 -50.92 -1.60
N ARG F 141 -12.37 -51.55 -0.81
CA ARG F 141 -12.88 -52.88 -1.11
C ARG F 141 -14.39 -52.88 -0.97
N ASP F 142 -15.02 -53.92 -1.51
CA ASP F 142 -16.47 -54.05 -1.44
C ASP F 142 -16.94 -54.90 -0.28
N ASP F 143 -16.04 -55.25 0.64
CA ASP F 143 -16.40 -56.02 1.82
C ASP F 143 -15.93 -55.30 3.09
N GLU F 144 -15.98 -56.00 4.22
CA GLU F 144 -15.59 -55.41 5.50
C GLU F 144 -14.09 -55.19 5.60
N GLU F 145 -13.30 -55.70 4.66
CA GLU F 145 -11.85 -55.52 4.67
C GLU F 145 -11.41 -54.16 4.14
N CYS F 146 -12.35 -53.31 3.72
CA CYS F 146 -12.01 -52.00 3.19
C CYS F 146 -11.27 -51.18 4.24
N GLU F 147 -10.18 -50.55 3.84
CA GLU F 147 -9.44 -49.67 4.74
C GLU F 147 -10.14 -48.34 4.93
N TYR F 148 -10.91 -47.90 3.92
CA TYR F 148 -11.71 -46.70 4.08
C TYR F 148 -12.74 -46.87 5.19
N GLU F 149 -13.43 -48.02 5.21
CA GLU F 149 -14.40 -48.27 6.27
C GLU F 149 -13.73 -48.38 7.63
N ARG F 150 -12.56 -49.00 7.69
CA ARG F 150 -11.84 -49.13 8.96
C ARG F 150 -11.37 -47.78 9.47
N LEU F 151 -10.92 -46.91 8.58
CA LEU F 151 -10.54 -45.56 8.98
C LEU F 151 -11.76 -44.74 9.39
N LEU F 152 -12.94 -44.94 8.85
CA LEU F 152 -14.06 -44.09 9.24
C LEU F 152 -14.61 -44.57 10.53
N GLU F 153 -14.73 -45.89 10.74
CA GLU F 153 -15.34 -46.34 11.98
C GLU F 153 -14.44 -46.20 13.19
N GLN F 154 -13.38 -45.39 13.09
CA GLN F 154 -12.50 -45.10 14.20
C GLN F 154 -12.55 -43.63 14.60
N GLU F 155 -13.57 -42.89 14.14
CA GLU F 155 -13.64 -41.46 14.35
C GLU F 155 -15.02 -41.08 14.88
N SER F 156 -15.13 -39.86 15.39
CA SER F 156 -16.39 -39.34 15.89
C SER F 156 -17.18 -38.69 14.76
N THR F 157 -18.52 -38.69 14.92
CA THR F 157 -19.43 -38.14 13.93
C THR F 157 -19.71 -36.66 14.18
N GLU F 158 -18.82 -35.95 14.85
CA GLU F 158 -18.98 -34.52 15.09
C GLU F 158 -17.79 -33.77 14.48
N TYR F 159 -18.08 -32.68 13.78
CA TYR F 159 -17.06 -31.90 13.10
C TYR F 159 -17.63 -30.53 12.78
N ASN F 160 -16.82 -29.50 12.96
CA ASN F 160 -17.21 -28.12 12.65
C ASN F 160 -16.47 -27.71 11.38
N PHE F 161 -17.20 -27.65 10.28
CA PHE F 161 -16.59 -27.35 8.99
C PHE F 161 -16.23 -25.87 8.89
N PRO F 162 -15.06 -25.56 8.36
CA PRO F 162 -14.60 -24.15 8.35
C PRO F 162 -15.35 -23.31 7.33
N ASP F 163 -15.14 -22.00 7.46
CA ASP F 163 -15.72 -21.07 6.49
C ASP F 163 -14.53 -20.38 5.86
N PHE F 164 -14.47 -20.36 4.54
CA PHE F 164 -13.39 -19.75 3.78
C PHE F 164 -13.97 -19.02 2.59
N ASP F 165 -13.09 -18.48 1.75
CA ASP F 165 -13.50 -17.80 0.55
C ASP F 165 -14.20 -18.77 -0.40
N GLU F 166 -15.22 -18.27 -1.10
CA GLU F 166 -15.94 -19.09 -2.06
C GLU F 166 -15.14 -19.35 -3.32
N ASN F 167 -14.01 -18.67 -3.50
CA ASN F 167 -13.18 -18.82 -4.69
C ASN F 167 -12.05 -19.80 -4.50
N THR F 168 -11.99 -20.51 -3.37
CA THR F 168 -11.00 -21.56 -3.21
C THR F 168 -11.35 -22.76 -4.07
N VAL F 169 -10.34 -23.37 -4.66
CA VAL F 169 -10.55 -24.45 -5.62
C VAL F 169 -11.10 -25.68 -4.90
N ALA F 170 -12.10 -26.30 -5.50
CA ALA F 170 -12.78 -27.45 -4.92
C ALA F 170 -12.42 -28.76 -5.61
N THR F 171 -12.45 -28.80 -6.94
CA THR F 171 -12.21 -30.02 -7.69
C THR F 171 -11.29 -29.74 -8.87
N THR F 172 -10.65 -30.80 -9.35
CA THR F 172 -9.82 -30.72 -10.54
C THR F 172 -9.80 -32.07 -11.22
N PHE F 173 -9.75 -32.05 -12.55
CA PHE F 173 -9.57 -33.27 -13.32
C PHE F 173 -8.93 -32.91 -14.64
N TYR F 174 -8.42 -33.92 -15.33
CA TYR F 174 -7.60 -33.73 -16.53
C TYR F 174 -8.34 -34.24 -17.76
N THR F 175 -8.41 -33.40 -18.78
CA THR F 175 -9.07 -33.74 -20.04
C THR F 175 -8.04 -34.10 -21.10
N THR F 176 -8.33 -35.16 -21.84
CA THR F 176 -7.39 -35.73 -22.81
C THR F 176 -7.76 -35.37 -24.24
N GLY F 177 -8.17 -34.13 -24.48
CA GLY F 177 -8.55 -33.70 -25.81
C GLY F 177 -7.39 -33.60 -26.78
N THR F 178 -7.56 -32.80 -27.84
CA THR F 178 -6.55 -32.69 -28.90
C THR F 178 -5.42 -31.80 -28.41
N THR F 179 -4.43 -32.41 -27.76
CA THR F 179 -3.26 -31.71 -27.26
C THR F 179 -2.22 -32.75 -26.89
N GLY F 180 -0.98 -32.29 -26.71
CA GLY F 180 0.12 -33.22 -26.47
C GLY F 180 0.00 -33.98 -25.16
N PHE F 181 -0.36 -33.29 -24.09
CA PHE F 181 -0.47 -33.85 -22.76
C PHE F 181 -1.84 -33.52 -22.20
N PRO F 182 -2.32 -34.28 -21.21
CA PRO F 182 -3.60 -33.95 -20.59
C PRO F 182 -3.59 -32.56 -19.96
N LYS F 183 -4.74 -31.88 -20.04
CA LYS F 183 -4.90 -30.53 -19.54
C LYS F 183 -5.76 -30.55 -18.30
N GLY F 184 -5.37 -29.80 -17.27
CA GLY F 184 -6.06 -29.79 -16.01
C GLY F 184 -7.03 -28.63 -15.88
N VAL F 185 -8.30 -28.96 -15.69
CA VAL F 185 -9.34 -27.99 -15.42
C VAL F 185 -9.67 -28.05 -13.93
N PHE F 186 -10.20 -26.95 -13.40
CA PHE F 186 -10.49 -26.86 -11.98
C PHE F 186 -11.66 -25.91 -11.75
N PHE F 187 -12.32 -26.09 -10.62
CA PHE F 187 -13.51 -25.33 -10.28
C PHE F 187 -13.49 -24.97 -8.81
N THR F 188 -14.17 -23.88 -8.47
CA THR F 188 -14.27 -23.40 -7.10
C THR F 188 -15.60 -23.81 -6.49
N HIS F 189 -15.76 -23.51 -5.20
CA HIS F 189 -17.00 -23.81 -4.51
C HIS F 189 -18.16 -23.03 -5.10
N ARG F 190 -17.92 -21.74 -5.38
CA ARG F 190 -18.97 -20.88 -5.90
C ARG F 190 -19.45 -21.38 -7.25
N GLN F 191 -18.54 -21.82 -8.11
CA GLN F 191 -18.92 -22.29 -9.44
C GLN F 191 -19.78 -23.54 -9.37
N LEU F 192 -19.44 -24.48 -8.48
CA LEU F 192 -20.23 -25.70 -8.34
C LEU F 192 -21.61 -25.41 -7.76
N VAL F 193 -21.68 -24.55 -6.75
CA VAL F 193 -22.97 -24.19 -6.17
C VAL F 193 -23.85 -23.50 -7.20
N LEU F 194 -23.25 -22.59 -7.99
CA LEU F 194 -24.01 -21.89 -9.01
C LEU F 194 -24.45 -22.82 -10.13
N HIS F 195 -23.61 -23.80 -10.49
CA HIS F 195 -24.00 -24.78 -11.50
C HIS F 195 -25.20 -25.59 -11.02
N THR F 196 -25.18 -26.02 -9.76
CA THR F 196 -26.32 -26.74 -9.21
C THR F 196 -27.58 -25.89 -9.24
N MET F 197 -27.50 -24.65 -8.77
CA MET F 197 -28.65 -23.77 -8.74
C MET F 197 -29.20 -23.52 -10.15
N GLY F 198 -28.31 -23.23 -11.10
CA GLY F 198 -28.75 -22.90 -12.45
C GLY F 198 -29.40 -24.06 -13.15
N ILE F 199 -28.80 -25.25 -13.07
CA ILE F 199 -29.41 -26.39 -13.75
C ILE F 199 -30.72 -26.79 -13.07
N LEU F 200 -30.80 -26.66 -11.75
CA LEU F 200 -32.06 -26.94 -11.08
C LEU F 200 -33.15 -25.97 -11.53
N SER F 201 -32.81 -24.68 -11.63
CA SER F 201 -33.78 -23.71 -12.12
C SER F 201 -34.19 -23.99 -13.56
N THR F 202 -33.28 -24.51 -14.38
CA THR F 202 -33.61 -24.72 -15.79
C THR F 202 -34.45 -25.98 -15.99
N ILE F 203 -34.03 -27.12 -15.43
CA ILE F 203 -34.72 -28.37 -15.71
C ILE F 203 -35.74 -28.76 -14.66
N GLY F 204 -35.87 -28.00 -13.58
CA GLY F 204 -36.91 -28.30 -12.62
C GLY F 204 -38.21 -27.59 -12.93
N THR F 205 -38.12 -26.47 -13.63
CA THR F 205 -39.28 -25.64 -13.94
C THR F 205 -39.95 -26.04 -15.24
N ASN F 206 -39.51 -27.11 -15.88
CA ASN F 206 -40.19 -27.57 -17.09
C ASN F 206 -41.61 -28.01 -16.75
N ALA F 207 -42.52 -27.79 -17.71
CA ALA F 207 -43.92 -28.06 -17.47
C ALA F 207 -44.19 -29.53 -17.17
N SER F 208 -43.93 -30.41 -18.14
CA SER F 208 -44.27 -31.82 -17.96
C SER F 208 -43.28 -32.81 -18.56
N GLN F 209 -42.19 -32.37 -19.18
CA GLN F 209 -41.29 -33.28 -19.88
C GLN F 209 -39.86 -33.07 -19.41
N GLY F 210 -39.19 -34.17 -19.11
CA GLY F 210 -37.77 -34.13 -18.81
C GLY F 210 -37.39 -33.28 -17.62
N ARG F 211 -38.16 -33.35 -16.54
CA ARG F 211 -37.91 -32.56 -15.35
C ARG F 211 -37.43 -33.45 -14.22
N LEU F 212 -36.45 -32.96 -13.47
CA LEU F 212 -35.94 -33.62 -12.28
C LEU F 212 -36.54 -32.95 -11.06
N HIS F 213 -37.34 -33.69 -10.29
CA HIS F 213 -37.99 -33.11 -9.14
C HIS F 213 -37.73 -33.92 -7.88
N GLN F 214 -38.44 -33.57 -6.80
CA GLN F 214 -38.16 -34.12 -5.48
C GLN F 214 -38.71 -35.53 -5.27
N GLY F 215 -39.45 -36.07 -6.22
CA GLY F 215 -39.94 -37.43 -6.15
C GLY F 215 -39.20 -38.44 -6.99
N ASP F 216 -38.10 -38.05 -7.62
CA ASP F 216 -37.37 -38.93 -8.53
C ASP F 216 -36.43 -39.84 -7.76
N ILE F 217 -35.95 -40.88 -8.45
CA ILE F 217 -34.94 -41.79 -7.94
C ILE F 217 -33.79 -41.79 -8.93
N TYR F 218 -32.62 -41.36 -8.47
CA TYR F 218 -31.49 -41.08 -9.34
C TYR F 218 -30.48 -42.21 -9.30
N MET F 219 -30.02 -42.64 -10.47
CA MET F 219 -28.91 -43.59 -10.55
C MET F 219 -27.99 -43.24 -11.70
N PRO F 220 -26.75 -42.88 -11.43
CA PRO F 220 -25.82 -42.52 -12.53
C PRO F 220 -25.41 -43.72 -13.36
N ILE F 221 -25.22 -43.48 -14.65
CA ILE F 221 -24.60 -44.45 -15.54
C ILE F 221 -23.48 -43.76 -16.28
N THR F 222 -22.95 -42.69 -15.68
CA THR F 222 -21.79 -41.96 -16.15
C THR F 222 -20.67 -42.09 -15.11
N PRO F 223 -19.43 -42.38 -15.52
CA PRO F 223 -18.43 -42.91 -14.58
C PRO F 223 -18.00 -42.00 -13.43
N MET F 224 -18.57 -40.81 -13.30
CA MET F 224 -18.49 -40.04 -12.06
C MET F 224 -17.11 -39.44 -11.81
N PHE F 225 -16.12 -39.80 -12.63
CA PHE F 225 -14.82 -39.14 -12.57
C PHE F 225 -14.56 -38.27 -13.79
N HIS F 226 -15.58 -38.00 -14.61
CA HIS F 226 -15.36 -37.28 -15.85
C HIS F 226 -15.59 -35.79 -15.70
N VAL F 227 -16.83 -35.38 -15.42
CA VAL F 227 -17.16 -33.97 -15.32
C VAL F 227 -17.99 -33.67 -14.08
N HIS F 228 -17.72 -34.40 -12.99
CA HIS F 228 -18.52 -34.43 -11.77
C HIS F 228 -19.81 -35.20 -11.98
N ALA F 229 -19.79 -36.17 -12.90
CA ALA F 229 -21.00 -36.88 -13.30
C ALA F 229 -22.09 -35.90 -13.73
N TRP F 230 -21.69 -34.87 -14.47
CA TRP F 230 -22.55 -33.80 -14.96
C TRP F 230 -23.18 -32.99 -13.82
N GLY F 231 -22.53 -32.98 -12.65
CA GLY F 231 -23.06 -32.26 -11.51
C GLY F 231 -24.33 -32.82 -10.92
N LEU F 232 -24.72 -34.02 -11.32
CA LEU F 232 -25.99 -34.62 -10.94
C LEU F 232 -26.00 -35.17 -9.51
N PRO F 233 -24.92 -35.76 -8.99
CA PRO F 233 -24.93 -36.12 -7.57
C PRO F 233 -25.15 -34.95 -6.64
N TYR F 234 -24.58 -33.78 -6.96
CA TYR F 234 -24.84 -32.59 -6.15
C TYR F 234 -26.31 -32.20 -6.19
N MET F 235 -26.91 -32.22 -7.39
CA MET F 235 -28.31 -31.84 -7.53
C MET F 235 -29.22 -32.82 -6.82
N ALA F 236 -28.91 -34.11 -6.91
CA ALA F 236 -29.71 -35.14 -6.26
C ALA F 236 -29.61 -35.05 -4.74
N THR F 237 -28.42 -34.74 -4.22
CA THR F 237 -28.29 -34.54 -2.79
C THR F 237 -29.03 -33.29 -2.34
N MET F 238 -28.99 -32.22 -3.14
CA MET F 238 -29.74 -31.01 -2.82
C MET F 238 -31.23 -31.27 -2.78
N LEU F 239 -31.74 -32.10 -3.71
CA LEU F 239 -33.15 -32.44 -3.70
C LEU F 239 -33.52 -33.44 -2.61
N GLY F 240 -32.53 -34.14 -2.05
CA GLY F 240 -32.79 -35.14 -1.04
C GLY F 240 -33.53 -36.36 -1.54
N VAL F 241 -33.26 -36.77 -2.77
CA VAL F 241 -33.95 -37.90 -3.38
C VAL F 241 -33.18 -39.18 -3.11
N LYS F 242 -33.86 -40.31 -3.32
CA LYS F 242 -33.20 -41.61 -3.22
C LYS F 242 -32.15 -41.77 -4.31
N GLN F 243 -30.97 -42.22 -3.92
CA GLN F 243 -29.84 -42.36 -4.83
C GLN F 243 -29.40 -43.82 -4.87
N VAL F 244 -29.16 -44.33 -6.06
CA VAL F 244 -28.74 -45.72 -6.28
C VAL F 244 -27.44 -45.71 -7.07
N TYR F 245 -26.43 -46.39 -6.55
CA TYR F 245 -25.13 -46.47 -7.19
C TYR F 245 -24.86 -47.90 -7.63
N PRO F 246 -24.59 -48.15 -8.91
CA PRO F 246 -24.50 -49.53 -9.39
C PRO F 246 -23.12 -50.14 -9.24
N GLY F 247 -22.09 -49.32 -9.16
CA GLY F 247 -20.72 -49.81 -9.18
C GLY F 247 -20.23 -49.96 -10.60
N LYS F 248 -19.63 -51.10 -10.90
CA LYS F 248 -19.22 -51.40 -12.27
C LYS F 248 -20.45 -51.60 -13.16
N TYR F 249 -20.38 -51.09 -14.38
CA TYR F 249 -21.54 -51.07 -15.27
C TYR F 249 -21.64 -52.41 -16.00
N VAL F 250 -22.64 -53.21 -15.64
CA VAL F 250 -22.98 -54.44 -16.33
C VAL F 250 -24.44 -54.34 -16.73
N PRO F 251 -24.80 -54.54 -18.00
CA PRO F 251 -26.18 -54.28 -18.43
C PRO F 251 -27.23 -55.02 -17.63
N ASP F 252 -27.00 -56.29 -17.30
CA ASP F 252 -28.00 -57.04 -16.55
C ASP F 252 -28.15 -56.51 -15.12
N VAL F 253 -27.02 -56.17 -14.49
CA VAL F 253 -27.08 -55.59 -13.15
C VAL F 253 -27.81 -54.25 -13.18
N LEU F 254 -27.52 -53.42 -14.19
CA LEU F 254 -28.21 -52.14 -14.31
C LEU F 254 -29.70 -52.31 -14.51
N LEU F 255 -30.10 -53.26 -15.35
CA LEU F 255 -31.52 -53.50 -15.57
C LEU F 255 -32.20 -54.00 -14.30
N ASN F 256 -31.54 -54.88 -13.57
CA ASN F 256 -32.09 -55.35 -12.30
C ASN F 256 -32.25 -54.21 -11.31
N LEU F 257 -31.26 -53.31 -11.27
CA LEU F 257 -31.35 -52.17 -10.36
C LEU F 257 -32.49 -51.24 -10.76
N ILE F 258 -32.66 -51.00 -12.06
CA ILE F 258 -33.76 -50.16 -12.53
C ILE F 258 -35.10 -50.77 -12.17
N GLU F 259 -35.24 -52.09 -12.30
CA GLU F 259 -36.48 -52.75 -11.92
C GLU F 259 -36.71 -52.67 -10.42
N GLN F 260 -35.75 -53.10 -9.61
CA GLN F 260 -35.94 -53.18 -8.16
C GLN F 260 -36.03 -51.88 -7.42
N GLU F 261 -35.21 -50.93 -7.79
CA GLU F 261 -35.17 -49.67 -7.07
C GLU F 261 -36.16 -48.64 -7.60
N LYS F 262 -36.86 -48.95 -8.69
CA LYS F 262 -37.81 -48.03 -9.32
C LYS F 262 -37.13 -46.73 -9.72
N VAL F 263 -35.98 -46.85 -10.38
CA VAL F 263 -35.22 -45.68 -10.80
C VAL F 263 -36.00 -44.91 -11.86
N THR F 264 -35.98 -43.59 -11.75
CA THR F 264 -36.69 -42.72 -12.68
C THR F 264 -35.79 -41.79 -13.48
N PHE F 265 -34.66 -41.38 -12.93
CA PHE F 265 -33.77 -40.43 -13.60
C PHE F 265 -32.36 -41.02 -13.71
N SER F 266 -31.80 -40.96 -14.91
CA SER F 266 -30.45 -41.45 -15.15
C SER F 266 -29.79 -40.58 -16.21
N HIS F 267 -28.48 -40.76 -16.35
CA HIS F 267 -27.72 -40.15 -17.43
C HIS F 267 -26.68 -41.15 -17.90
N CYS F 268 -26.51 -41.28 -19.22
CA CYS F 268 -25.55 -42.22 -19.77
C CYS F 268 -25.07 -41.70 -21.13
N VAL F 269 -24.41 -42.58 -21.87
CA VAL F 269 -23.89 -42.27 -23.20
C VAL F 269 -24.60 -43.19 -24.19
N PRO F 270 -24.57 -42.85 -25.49
CA PRO F 270 -25.31 -43.67 -26.46
C PRO F 270 -24.93 -45.14 -26.47
N THR F 271 -23.65 -45.48 -26.23
CA THR F 271 -23.25 -46.88 -26.28
C THR F 271 -23.88 -47.68 -25.14
N ILE F 272 -23.87 -47.13 -23.92
CA ILE F 272 -24.48 -47.83 -22.79
C ILE F 272 -25.98 -47.98 -23.00
N LEU F 273 -26.64 -46.93 -23.51
CA LEU F 273 -28.08 -47.01 -23.76
C LEU F 273 -28.40 -48.06 -24.82
N HIS F 274 -27.59 -48.12 -25.88
CA HIS F 274 -27.80 -49.14 -26.89
C HIS F 274 -27.61 -50.54 -26.32
N LEU F 275 -26.60 -50.71 -25.46
CA LEU F 275 -26.39 -52.01 -24.82
C LEU F 275 -27.57 -52.40 -23.94
N LEU F 276 -28.11 -51.43 -23.19
CA LEU F 276 -29.24 -51.73 -22.32
C LEU F 276 -30.49 -52.06 -23.11
N LEU F 277 -30.72 -51.35 -24.22
CA LEU F 277 -31.91 -51.61 -25.01
C LEU F 277 -31.79 -52.89 -25.81
N SER F 278 -30.58 -53.31 -26.17
CA SER F 278 -30.39 -54.53 -26.93
C SER F 278 -30.24 -55.76 -26.05
N SER F 279 -30.15 -55.60 -24.74
CA SER F 279 -30.00 -56.74 -23.85
C SER F 279 -31.26 -57.59 -23.88
N PRO F 280 -31.13 -58.93 -23.92
CA PRO F 280 -32.32 -59.78 -23.93
C PRO F 280 -33.17 -59.67 -22.67
N LYS F 281 -32.58 -59.22 -21.56
CA LYS F 281 -33.32 -59.09 -20.31
C LYS F 281 -34.25 -57.89 -20.31
N SER F 282 -34.07 -56.95 -21.23
CA SER F 282 -34.81 -55.70 -21.24
C SER F 282 -36.10 -55.76 -22.06
N LYS F 283 -36.37 -56.86 -22.76
CA LYS F 283 -37.53 -56.89 -23.63
C LYS F 283 -38.85 -56.95 -22.85
N ALA F 284 -38.84 -57.59 -21.69
CA ALA F 284 -40.04 -57.74 -20.88
C ALA F 284 -40.08 -56.78 -19.70
N MET F 285 -39.16 -55.82 -19.63
CA MET F 285 -39.03 -54.98 -18.45
C MET F 285 -39.69 -53.64 -18.73
N ASP F 286 -40.39 -53.11 -17.72
CA ASP F 286 -41.13 -51.86 -17.87
C ASP F 286 -40.17 -50.68 -17.91
N PHE F 287 -40.41 -49.75 -18.83
CA PHE F 287 -39.54 -48.60 -19.03
C PHE F 287 -40.26 -47.26 -18.97
N SER F 288 -41.58 -47.25 -18.83
CA SER F 288 -42.34 -46.01 -18.98
C SER F 288 -42.36 -45.19 -17.71
N GLY F 289 -41.21 -45.01 -17.08
CA GLY F 289 -41.05 -44.05 -15.99
C GLY F 289 -39.66 -43.47 -15.98
N TRP F 290 -38.87 -43.80 -17.00
CA TRP F 290 -37.44 -43.54 -17.02
C TRP F 290 -37.15 -42.30 -17.86
N LYS F 291 -36.15 -41.52 -17.44
CA LYS F 291 -35.86 -40.19 -17.96
C LYS F 291 -34.37 -40.01 -18.22
N VAL F 292 -33.79 -40.92 -19.00
CA VAL F 292 -32.39 -40.78 -19.37
C VAL F 292 -32.12 -39.49 -20.11
N VAL F 293 -30.98 -38.87 -19.82
CA VAL F 293 -30.45 -37.76 -20.60
C VAL F 293 -29.13 -38.21 -21.21
N ILE F 294 -29.02 -38.08 -22.53
CA ILE F 294 -27.86 -38.53 -23.28
C ILE F 294 -26.98 -37.33 -23.57
N GLY F 295 -25.77 -37.33 -23.04
CA GLY F 295 -24.93 -36.17 -23.17
C GLY F 295 -23.49 -36.46 -23.51
N GLY F 296 -23.15 -37.74 -23.69
CA GLY F 296 -21.79 -38.09 -24.03
C GLY F 296 -21.34 -37.47 -25.34
N ALA F 297 -21.90 -37.94 -26.45
CA ALA F 297 -21.66 -37.31 -27.75
C ALA F 297 -22.65 -37.79 -28.79
N ALA F 298 -23.43 -36.87 -29.37
CA ALA F 298 -24.13 -37.09 -30.63
C ALA F 298 -25.07 -38.29 -30.56
N LEU F 299 -26.12 -38.14 -29.77
CA LEU F 299 -27.17 -39.16 -29.70
C LEU F 299 -27.75 -39.38 -31.10
N PRO F 300 -27.66 -40.58 -31.65
CA PRO F 300 -28.20 -40.83 -32.99
C PRO F 300 -29.71 -40.84 -33.02
N LYS F 301 -30.25 -40.58 -34.20
CA LYS F 301 -31.70 -40.51 -34.37
C LYS F 301 -32.36 -41.89 -34.28
N ALA F 302 -31.67 -42.94 -34.74
CA ALA F 302 -32.27 -44.28 -34.72
C ALA F 302 -32.36 -44.82 -33.29
N LEU F 303 -31.30 -44.63 -32.49
CA LEU F 303 -31.36 -45.04 -31.10
C LEU F 303 -32.43 -44.26 -30.34
N CYS F 304 -32.55 -42.97 -30.61
CA CYS F 304 -33.60 -42.17 -29.99
C CYS F 304 -34.98 -42.68 -30.38
N LYS F 305 -35.17 -43.03 -31.65
CA LYS F 305 -36.45 -43.56 -32.09
C LYS F 305 -36.79 -44.87 -31.40
N SER F 306 -35.80 -45.76 -31.27
CA SER F 306 -36.05 -47.03 -30.60
C SER F 306 -36.37 -46.82 -29.13
N ALA F 307 -35.64 -45.92 -28.46
CA ALA F 307 -35.92 -45.64 -27.05
C ALA F 307 -37.32 -45.05 -26.87
N LEU F 308 -37.73 -44.16 -27.77
CA LEU F 308 -39.08 -43.61 -27.70
C LEU F 308 -40.12 -44.68 -27.93
N GLU F 309 -39.84 -45.62 -28.84
CA GLU F 309 -40.77 -46.74 -29.04
C GLU F 309 -40.85 -47.64 -27.81
N ARG F 310 -39.79 -47.69 -27.01
CA ARG F 310 -39.84 -48.36 -25.71
C ARG F 310 -40.43 -47.48 -24.62
N ASP F 311 -40.94 -46.29 -24.98
CA ASP F 311 -41.62 -45.39 -24.05
C ASP F 311 -40.68 -44.86 -22.97
N ILE F 312 -39.56 -44.30 -23.39
CA ILE F 312 -38.57 -43.70 -22.51
C ILE F 312 -38.50 -42.22 -22.81
N ASP F 313 -38.52 -41.40 -21.76
CA ASP F 313 -38.29 -39.96 -21.88
C ASP F 313 -36.78 -39.75 -22.06
N VAL F 314 -36.33 -39.80 -23.30
CA VAL F 314 -34.93 -39.68 -23.65
C VAL F 314 -34.70 -38.33 -24.32
N PHE F 315 -33.70 -37.60 -23.86
CA PHE F 315 -33.38 -36.29 -24.42
C PHE F 315 -31.89 -36.05 -24.27
N ALA F 316 -31.40 -35.05 -24.99
CA ALA F 316 -29.97 -34.83 -25.12
C ALA F 316 -29.51 -33.61 -24.33
N GLY F 317 -28.20 -33.51 -24.16
CA GLY F 317 -27.59 -32.38 -23.49
C GLY F 317 -26.16 -32.26 -23.92
N TYR F 318 -25.60 -31.07 -23.73
CA TYR F 318 -24.29 -30.72 -24.28
C TYR F 318 -23.40 -30.14 -23.19
N GLY F 319 -22.14 -30.54 -23.20
CA GLY F 319 -21.17 -30.01 -22.26
C GLY F 319 -19.80 -30.59 -22.53
N MET F 320 -18.81 -30.10 -21.79
CA MET F 320 -17.45 -30.60 -21.88
C MET F 320 -16.75 -30.34 -20.56
N SER F 321 -15.47 -30.73 -20.49
CA SER F 321 -14.72 -30.65 -19.25
C SER F 321 -14.55 -29.21 -18.79
N GLU F 322 -14.34 -28.29 -19.72
CA GLU F 322 -14.05 -26.90 -19.37
C GLU F 322 -15.29 -26.09 -19.01
N THR F 323 -16.50 -26.65 -19.17
CA THR F 323 -17.70 -25.84 -19.15
C THR F 323 -18.67 -26.15 -18.02
N GLY F 324 -18.29 -26.93 -17.02
CA GLY F 324 -19.12 -27.06 -15.85
C GLY F 324 -19.67 -28.43 -15.45
N PRO F 325 -20.15 -29.25 -16.40
CA PRO F 325 -20.12 -29.18 -17.87
C PRO F 325 -21.36 -28.61 -18.56
N ILE F 326 -22.54 -28.61 -17.95
CA ILE F 326 -23.78 -28.47 -18.71
C ILE F 326 -23.88 -27.06 -19.28
N LEU F 327 -24.05 -26.98 -20.59
CA LEU F 327 -24.27 -25.72 -21.30
C LEU F 327 -25.61 -25.66 -22.00
N SER F 328 -26.19 -26.80 -22.37
CA SER F 328 -27.41 -26.83 -23.16
C SER F 328 -28.15 -28.13 -22.92
N ILE F 329 -29.48 -28.06 -22.93
CA ILE F 329 -30.35 -29.21 -22.71
C ILE F 329 -31.50 -29.13 -23.70
N VAL F 330 -31.96 -30.29 -24.18
CA VAL F 330 -33.14 -30.35 -25.04
C VAL F 330 -34.38 -30.22 -24.17
N GLN F 331 -35.14 -29.16 -24.37
CA GLN F 331 -36.43 -28.96 -23.73
C GLN F 331 -37.49 -28.76 -24.80
N LEU F 332 -38.59 -29.50 -24.69
CA LEU F 332 -39.65 -29.49 -25.69
C LEU F 332 -40.85 -28.69 -25.19
N THR F 333 -41.29 -27.73 -25.98
CA THR F 333 -42.50 -26.97 -25.68
C THR F 333 -43.70 -27.91 -25.76
N PRO F 334 -44.81 -27.59 -25.08
CA PRO F 334 -45.88 -28.59 -24.97
C PRO F 334 -46.66 -28.81 -26.25
N GLU F 335 -46.42 -28.03 -27.31
CA GLU F 335 -46.94 -28.36 -28.63
C GLU F 335 -46.13 -29.43 -29.32
N GLN F 336 -44.87 -29.65 -28.89
CA GLN F 336 -44.01 -30.61 -29.55
C GLN F 336 -44.15 -32.03 -29.04
N LEU F 337 -44.88 -32.24 -27.94
CA LEU F 337 -45.17 -33.59 -27.50
C LEU F 337 -46.36 -34.22 -28.23
N GLU F 338 -47.03 -33.47 -29.11
CA GLU F 338 -48.07 -34.05 -29.95
C GLU F 338 -47.55 -34.56 -31.28
N LEU F 339 -46.29 -34.31 -31.60
CA LEU F 339 -45.72 -34.81 -32.85
C LEU F 339 -45.53 -36.31 -32.78
N ASP F 340 -45.43 -36.94 -33.96
CA ASP F 340 -45.24 -38.37 -34.03
C ASP F 340 -43.82 -38.74 -33.60
N VAL F 341 -43.53 -40.04 -33.65
CA VAL F 341 -42.28 -40.55 -33.10
C VAL F 341 -41.07 -40.03 -33.88
N ASP F 342 -41.21 -39.88 -35.21
CA ASP F 342 -40.07 -39.48 -36.03
C ASP F 342 -39.68 -38.03 -35.78
N GLN F 343 -40.66 -37.13 -35.79
CA GLN F 343 -40.35 -35.72 -35.56
C GLN F 343 -39.91 -35.47 -34.14
N GLN F 344 -40.50 -36.19 -33.18
CA GLN F 344 -40.03 -36.12 -31.80
C GLN F 344 -38.60 -36.61 -31.68
N ALA F 345 -38.26 -37.69 -32.39
CA ALA F 345 -36.89 -38.20 -32.36
C ALA F 345 -35.92 -37.19 -32.96
N GLU F 346 -36.34 -36.51 -34.02
CA GLU F 346 -35.50 -35.47 -34.59
C GLU F 346 -35.30 -34.32 -33.60
N TYR F 347 -36.36 -33.95 -32.88
CA TYR F 347 -36.25 -32.84 -31.93
C TYR F 347 -35.38 -33.21 -30.74
N ARG F 348 -35.51 -34.43 -30.24
CA ARG F 348 -34.80 -34.85 -29.04
C ARG F 348 -33.33 -35.18 -29.27
N SER F 349 -32.89 -35.28 -30.52
CA SER F 349 -31.51 -35.59 -30.83
C SER F 349 -30.64 -34.34 -30.97
N LYS F 350 -31.23 -33.15 -30.96
CA LYS F 350 -30.48 -31.93 -31.15
C LYS F 350 -29.61 -31.63 -29.93
N THR F 351 -28.75 -30.64 -30.08
CA THR F 351 -27.90 -30.20 -28.97
C THR F 351 -28.75 -29.54 -27.88
N GLY F 352 -29.76 -28.78 -28.27
CA GLY F 352 -30.67 -28.16 -27.33
C GLY F 352 -30.46 -26.66 -27.24
N LYS F 353 -31.26 -26.05 -26.37
CA LYS F 353 -31.14 -24.63 -26.09
C LYS F 353 -30.26 -24.41 -24.88
N LYS F 354 -29.60 -23.26 -24.83
CA LYS F 354 -28.70 -22.95 -23.73
C LYS F 354 -29.48 -22.76 -22.44
N VAL F 355 -28.86 -23.19 -21.33
CA VAL F 355 -29.48 -23.15 -20.01
C VAL F 355 -29.34 -21.76 -19.41
N ALA F 356 -30.02 -21.54 -18.28
CA ALA F 356 -30.04 -20.22 -17.66
C ALA F 356 -28.63 -19.72 -17.36
N LEU F 357 -28.42 -18.42 -17.61
CA LEU F 357 -27.18 -17.70 -17.33
C LEU F 357 -26.05 -18.08 -18.28
N VAL F 358 -26.37 -18.60 -19.46
CA VAL F 358 -25.38 -19.02 -20.44
C VAL F 358 -25.57 -18.18 -21.70
N GLU F 359 -24.48 -17.57 -22.15
CA GLU F 359 -24.46 -16.83 -23.41
C GLU F 359 -23.64 -17.60 -24.42
N ALA F 360 -24.24 -17.93 -25.56
CA ALA F 360 -23.59 -18.73 -26.59
C ALA F 360 -23.78 -18.08 -27.94
N TYR F 361 -22.67 -17.92 -28.68
CA TYR F 361 -22.70 -17.43 -30.04
C TYR F 361 -21.88 -18.36 -30.93
N ILE F 362 -22.07 -18.21 -32.23
CA ILE F 362 -21.25 -18.86 -33.23
C ILE F 362 -20.47 -17.79 -33.98
N VAL F 363 -19.15 -17.99 -34.12
CA VAL F 363 -18.26 -17.00 -34.69
C VAL F 363 -17.41 -17.65 -35.77
N ASP F 364 -16.70 -16.81 -36.51
CA ASP F 364 -15.72 -17.25 -37.49
C ASP F 364 -14.32 -17.10 -36.88
N GLU F 365 -13.29 -17.34 -37.69
CA GLU F 365 -11.92 -17.20 -37.20
C GLU F 365 -11.59 -15.75 -36.86
N ASP F 366 -12.36 -14.80 -37.37
CA ASP F 366 -12.21 -13.39 -37.01
C ASP F 366 -13.14 -12.97 -35.87
N MET F 367 -13.94 -13.90 -35.34
CA MET F 367 -14.86 -13.63 -34.23
C MET F 367 -15.86 -12.54 -34.59
N ASN F 368 -16.70 -12.84 -35.59
CA ASN F 368 -17.64 -11.88 -36.14
C ASN F 368 -19.10 -12.19 -35.84
N LYS F 369 -19.39 -13.23 -35.07
CA LYS F 369 -20.74 -13.51 -34.58
C LYS F 369 -21.73 -13.67 -35.74
N LEU F 370 -21.53 -14.76 -36.48
CA LEU F 370 -22.40 -15.19 -37.58
C LEU F 370 -23.87 -15.19 -37.18
N PRO F 371 -24.79 -15.02 -38.13
CA PRO F 371 -26.22 -14.98 -37.78
C PRO F 371 -26.75 -16.34 -37.39
N HIS F 372 -27.85 -16.32 -36.63
CA HIS F 372 -28.56 -17.52 -36.21
C HIS F 372 -29.72 -17.74 -37.18
N ASP F 373 -29.45 -18.47 -38.26
CA ASP F 373 -30.46 -18.74 -39.27
C ASP F 373 -30.72 -20.22 -39.49
N GLY F 374 -29.98 -21.11 -38.84
CA GLY F 374 -30.16 -22.54 -39.03
C GLY F 374 -29.33 -23.14 -40.14
N GLU F 375 -28.57 -22.33 -40.88
CA GLU F 375 -27.69 -22.82 -41.93
C GLU F 375 -26.25 -22.38 -41.78
N THR F 376 -26.01 -21.14 -41.36
CA THR F 376 -24.65 -20.65 -41.19
C THR F 376 -23.98 -21.34 -40.02
N ALA F 377 -22.76 -21.84 -40.24
CA ALA F 377 -22.06 -22.64 -39.25
C ALA F 377 -20.76 -21.95 -38.84
N GLY F 378 -20.51 -21.92 -37.53
CA GLY F 378 -19.30 -21.38 -36.97
C GLY F 378 -19.02 -22.06 -35.65
N GLU F 379 -17.93 -21.65 -35.02
CA GLU F 379 -17.54 -22.24 -33.74
C GLU F 379 -18.31 -21.61 -32.59
N ILE F 380 -18.78 -22.46 -31.67
CA ILE F 380 -19.50 -22.01 -30.49
C ILE F 380 -18.52 -21.40 -29.50
N VAL F 381 -18.85 -20.21 -28.99
CA VAL F 381 -18.10 -19.55 -27.94
C VAL F 381 -19.08 -19.12 -26.87
N VAL F 382 -18.73 -19.36 -25.60
CA VAL F 382 -19.69 -19.28 -24.52
C VAL F 382 -19.17 -18.40 -23.39
N ARG F 383 -20.11 -17.91 -22.59
CA ARG F 383 -19.85 -17.29 -21.31
C ARG F 383 -20.84 -17.86 -20.31
N ALA F 384 -20.36 -18.22 -19.12
CA ALA F 384 -21.19 -18.87 -18.12
C ALA F 384 -20.55 -18.66 -16.76
N PRO F 385 -21.32 -18.81 -15.67
CA PRO F 385 -20.74 -18.64 -14.33
C PRO F 385 -19.90 -19.81 -13.85
N TRP F 386 -19.71 -20.87 -14.65
CA TRP F 386 -19.04 -22.07 -14.18
C TRP F 386 -18.05 -22.59 -15.21
N LEU F 387 -17.28 -21.70 -15.81
CA LEU F 387 -16.24 -22.07 -16.76
C LEU F 387 -14.87 -22.00 -16.09
N THR F 388 -13.99 -22.90 -16.46
CA THR F 388 -12.64 -22.85 -15.94
C THR F 388 -11.90 -21.64 -16.51
N PRO F 389 -11.18 -20.88 -15.68
CA PRO F 389 -10.57 -19.65 -16.19
C PRO F 389 -9.33 -19.90 -17.04
N ASN F 390 -8.67 -21.03 -16.85
CA ASN F 390 -7.49 -21.39 -17.63
C ASN F 390 -7.21 -22.86 -17.40
N TYR F 391 -6.14 -23.35 -18.01
CA TYR F 391 -5.61 -24.67 -17.71
C TYR F 391 -4.57 -24.56 -16.61
N TYR F 392 -4.56 -25.55 -15.72
CA TYR F 392 -3.64 -25.51 -14.59
C TYR F 392 -2.20 -25.61 -15.08
N LYS F 393 -1.36 -24.70 -14.59
CA LYS F 393 0.07 -24.65 -14.93
C LYS F 393 0.28 -24.54 -16.43
N ASP F 394 -0.51 -23.71 -17.08
CA ASP F 394 -0.44 -23.55 -18.53
C ASP F 394 -0.72 -22.11 -18.89
N ASN F 395 -0.02 -21.61 -19.90
CA ASN F 395 -0.18 -20.24 -20.35
C ASN F 395 -0.67 -20.12 -21.79
N LYS F 396 -0.01 -20.79 -22.74
CA LYS F 396 -0.34 -20.58 -24.14
C LYS F 396 -1.67 -21.24 -24.50
N ASN F 397 -1.89 -22.47 -24.04
CA ASN F 397 -3.18 -23.11 -24.26
C ASN F 397 -4.29 -22.38 -23.52
N SER F 398 -3.97 -21.85 -22.34
CA SER F 398 -4.94 -21.04 -21.61
C SER F 398 -5.29 -19.78 -22.37
N LYS F 399 -4.30 -19.14 -23.00
CA LYS F 399 -4.55 -17.95 -23.80
C LYS F 399 -5.39 -18.29 -25.04
N ALA F 400 -5.12 -19.43 -25.66
CA ALA F 400 -5.91 -19.82 -26.83
C ALA F 400 -7.33 -20.22 -26.45
N LEU F 401 -7.53 -20.66 -25.21
CA LEU F 401 -8.87 -21.08 -24.78
C LEU F 401 -9.81 -19.90 -24.65
N TRP F 402 -9.32 -18.77 -24.14
CA TRP F 402 -10.15 -17.61 -23.87
C TRP F 402 -9.88 -16.47 -24.85
N ARG F 403 -9.65 -16.82 -26.11
CA ARG F 403 -9.37 -15.82 -27.15
C ARG F 403 -10.57 -14.91 -27.36
N GLY F 404 -10.31 -13.60 -27.34
CA GLY F 404 -11.35 -12.64 -27.63
C GLY F 404 -12.37 -12.42 -26.54
N GLY F 405 -12.11 -12.94 -25.33
CA GLY F 405 -13.04 -12.77 -24.24
C GLY F 405 -14.13 -13.81 -24.14
N TYR F 406 -14.07 -14.88 -24.92
CA TYR F 406 -15.04 -15.97 -24.85
C TYR F 406 -14.28 -17.29 -24.79
N LEU F 407 -14.94 -18.30 -24.25
CA LEU F 407 -14.37 -19.64 -24.16
C LEU F 407 -14.70 -20.41 -25.44
N HIS F 408 -13.66 -20.86 -26.14
CA HIS F 408 -13.82 -21.58 -27.39
C HIS F 408 -13.99 -23.07 -27.10
N THR F 409 -15.14 -23.63 -27.49
CA THR F 409 -15.44 -25.03 -27.22
C THR F 409 -14.87 -25.97 -28.25
N GLY F 410 -14.37 -25.46 -29.38
CA GLY F 410 -13.84 -26.32 -30.42
C GLY F 410 -14.88 -27.09 -31.19
N ASP F 411 -16.13 -26.63 -31.19
CA ASP F 411 -17.22 -27.30 -31.89
C ASP F 411 -17.87 -26.34 -32.87
N VAL F 412 -18.28 -26.86 -34.02
CA VAL F 412 -18.89 -26.07 -35.08
C VAL F 412 -20.37 -26.43 -35.14
N ALA F 413 -21.22 -25.40 -35.11
CA ALA F 413 -22.65 -25.61 -35.04
C ALA F 413 -23.39 -24.48 -35.74
N HIS F 414 -24.64 -24.75 -36.09
CA HIS F 414 -25.57 -23.72 -36.56
C HIS F 414 -26.74 -23.64 -35.59
N ILE F 415 -27.18 -22.43 -35.29
CA ILE F 415 -28.22 -22.18 -34.30
C ILE F 415 -29.49 -21.76 -35.02
N ASP F 416 -30.60 -22.38 -34.64
CA ASP F 416 -31.90 -22.10 -35.24
C ASP F 416 -32.33 -20.66 -34.92
N ASP F 417 -33.41 -20.24 -35.58
CA ASP F 417 -33.99 -18.94 -35.28
C ASP F 417 -34.63 -18.93 -33.90
N GLU F 418 -35.16 -20.06 -33.46
CA GLU F 418 -35.79 -20.19 -32.15
C GLU F 418 -34.82 -20.59 -31.06
N GLY F 419 -33.57 -20.88 -31.38
CA GLY F 419 -32.54 -21.13 -30.39
C GLY F 419 -32.02 -22.55 -30.33
N PHE F 420 -32.51 -23.46 -31.17
CA PHE F 420 -32.06 -24.84 -31.13
C PHE F 420 -30.70 -24.97 -31.81
N ILE F 421 -29.72 -25.44 -31.07
CA ILE F 421 -28.35 -25.59 -31.55
C ILE F 421 -28.19 -26.98 -32.17
N LYS F 422 -27.45 -27.05 -33.28
CA LYS F 422 -27.18 -28.30 -33.97
C LYS F 422 -25.67 -28.38 -34.25
N ILE F 423 -24.97 -29.21 -33.49
CA ILE F 423 -23.53 -29.33 -33.64
C ILE F 423 -23.20 -30.17 -34.87
N THR F 424 -22.30 -29.67 -35.71
CA THR F 424 -21.94 -30.35 -36.94
C THR F 424 -20.74 -31.27 -36.77
N ASP F 425 -19.60 -30.71 -36.36
CA ASP F 425 -18.41 -31.50 -36.02
C ASP F 425 -17.40 -30.59 -35.33
N ARG F 426 -16.22 -31.12 -35.05
CA ARG F 426 -15.17 -30.40 -34.35
C ARG F 426 -14.49 -29.38 -35.26
N VAL F 427 -13.80 -28.44 -34.62
CA VAL F 427 -13.04 -27.43 -35.37
C VAL F 427 -11.83 -28.07 -36.04
N LYS F 428 -11.13 -28.95 -35.33
CA LYS F 428 -9.93 -29.58 -35.86
C LYS F 428 -10.22 -30.66 -36.89
N ASP F 429 -11.47 -31.08 -37.04
CA ASP F 429 -11.86 -32.06 -38.04
C ASP F 429 -12.34 -31.41 -39.34
N MET F 430 -12.21 -30.09 -39.46
CA MET F 430 -12.76 -29.36 -40.58
C MET F 430 -12.08 -29.77 -41.88
N ILE F 431 -12.82 -29.68 -42.99
CA ILE F 431 -12.32 -29.98 -44.32
C ILE F 431 -12.36 -28.68 -45.13
N LYS F 432 -11.20 -28.11 -45.37
CA LYS F 432 -11.06 -26.84 -46.09
C LYS F 432 -10.62 -27.13 -47.52
N ILE F 433 -11.57 -27.07 -48.45
CA ILE F 433 -11.31 -27.22 -49.87
C ILE F 433 -11.35 -25.84 -50.50
N SER F 434 -10.21 -25.40 -51.06
CA SER F 434 -10.12 -24.09 -51.70
C SER F 434 -10.59 -22.98 -50.77
N GLY F 435 -11.84 -22.56 -50.93
CA GLY F 435 -12.40 -21.52 -50.09
C GLY F 435 -13.75 -21.86 -49.51
N GLU F 436 -14.02 -23.15 -49.28
CA GLU F 436 -15.29 -23.59 -48.72
C GLU F 436 -15.03 -24.52 -47.54
N TRP F 437 -16.04 -24.69 -46.71
CA TRP F 437 -15.88 -25.30 -45.40
C TRP F 437 -16.94 -26.39 -45.22
N VAL F 438 -16.51 -27.64 -45.15
CA VAL F 438 -17.44 -28.76 -45.02
C VAL F 438 -17.00 -29.66 -43.86
N SER F 439 -17.97 -30.41 -43.34
CA SER F 439 -17.76 -31.31 -42.22
C SER F 439 -17.34 -32.69 -42.70
N SER F 440 -16.89 -33.51 -41.75
CA SER F 440 -16.55 -34.90 -42.07
C SER F 440 -17.59 -35.89 -41.57
N LEU F 441 -18.39 -35.52 -40.57
CA LEU F 441 -19.32 -36.48 -39.97
C LEU F 441 -20.45 -36.85 -40.91
N GLU F 442 -20.98 -35.88 -41.66
CA GLU F 442 -22.06 -36.19 -42.59
C GLU F 442 -21.56 -37.07 -43.74
N LEU F 443 -20.34 -36.83 -44.21
CA LEU F 443 -19.74 -37.70 -45.22
C LEU F 443 -19.51 -39.09 -44.66
N GLU F 444 -19.05 -39.18 -43.40
CA GLU F 444 -18.86 -40.47 -42.77
C GLU F 444 -20.18 -41.24 -42.69
N ASP F 445 -21.26 -40.57 -42.29
CA ASP F 445 -22.56 -41.24 -42.21
C ASP F 445 -23.07 -41.65 -43.59
N ILE F 446 -22.89 -40.79 -44.60
CA ILE F 446 -23.33 -41.12 -45.95
C ILE F 446 -22.59 -42.35 -46.46
N LEU F 447 -21.28 -42.41 -46.25
CA LEU F 447 -20.52 -43.58 -46.69
C LEU F 447 -20.83 -44.80 -45.84
N HIS F 448 -21.18 -44.59 -44.57
CA HIS F 448 -21.59 -45.69 -43.69
C HIS F 448 -22.94 -46.26 -44.08
N GLN F 449 -23.76 -45.47 -44.78
CA GLN F 449 -25.03 -46.01 -45.28
C GLN F 449 -24.83 -47.08 -46.35
N HIS F 450 -23.61 -47.19 -46.91
CA HIS F 450 -23.31 -48.25 -47.84
C HIS F 450 -23.42 -49.61 -47.14
N GLN F 451 -23.77 -50.63 -47.92
CA GLN F 451 -23.98 -51.96 -47.38
C GLN F 451 -22.69 -52.76 -47.27
N SER F 452 -21.53 -52.14 -47.47
CA SER F 452 -20.24 -52.83 -47.44
C SER F 452 -19.22 -52.01 -46.63
N VAL F 453 -19.63 -51.53 -45.46
CA VAL F 453 -18.77 -50.76 -44.58
C VAL F 453 -19.13 -51.03 -43.13
N SER F 454 -18.13 -51.13 -42.27
CA SER F 454 -18.33 -51.29 -40.83
C SER F 454 -18.12 -49.97 -40.09
N GLU F 455 -16.93 -49.38 -40.21
CA GLU F 455 -16.62 -48.09 -39.61
C GLU F 455 -15.98 -47.19 -40.66
N VAL F 456 -16.34 -45.91 -40.65
CA VAL F 456 -15.93 -44.95 -41.65
C VAL F 456 -15.14 -43.84 -40.97
N ALA F 457 -13.98 -43.51 -41.52
CA ALA F 457 -13.16 -42.41 -41.06
C ALA F 457 -12.82 -41.52 -42.24
N VAL F 458 -13.12 -40.22 -42.11
CA VAL F 458 -12.91 -39.26 -43.19
C VAL F 458 -11.96 -38.19 -42.69
N ILE F 459 -10.81 -38.04 -43.35
CA ILE F 459 -9.80 -37.06 -42.99
C ILE F 459 -9.33 -36.36 -44.26
N GLY F 460 -8.59 -35.26 -44.06
CA GLY F 460 -8.19 -34.41 -45.15
C GLY F 460 -6.80 -34.70 -45.68
N MET F 461 -6.58 -34.30 -46.95
CA MET F 461 -5.32 -34.52 -47.64
C MET F 461 -4.95 -33.25 -48.46
N PRO F 462 -3.84 -32.49 -48.14
CA PRO F 462 -3.53 -31.23 -48.84
C PRO F 462 -3.34 -31.42 -50.34
N HIS F 463 -3.76 -30.40 -51.09
CA HIS F 463 -3.57 -30.34 -52.53
C HIS F 463 -3.16 -28.93 -52.91
N ASN F 464 -2.67 -28.80 -54.15
CA ASN F 464 -2.11 -27.51 -54.59
C ASN F 464 -3.20 -26.48 -54.82
N LYS F 465 -4.13 -26.76 -55.73
CA LYS F 465 -5.09 -25.73 -56.14
C LYS F 465 -6.27 -25.64 -55.17
N TRP F 466 -6.89 -26.77 -54.86
CA TRP F 466 -8.09 -26.79 -54.04
C TRP F 466 -7.78 -26.89 -52.55
N GLY F 467 -6.52 -26.80 -52.16
CA GLY F 467 -6.18 -26.94 -50.75
C GLY F 467 -6.42 -28.37 -50.30
N GLU F 468 -6.69 -28.52 -49.00
CA GLU F 468 -6.92 -29.85 -48.45
C GLU F 468 -8.19 -30.44 -49.02
N VAL F 469 -8.14 -31.73 -49.35
CA VAL F 469 -9.28 -32.43 -49.93
C VAL F 469 -9.64 -33.60 -49.01
N PRO F 470 -10.90 -34.04 -48.98
CA PRO F 470 -11.27 -35.14 -48.09
C PRO F 470 -10.73 -36.47 -48.58
N LEU F 471 -10.52 -37.37 -47.63
CA LEU F 471 -10.14 -38.75 -47.92
C LEU F 471 -10.89 -39.66 -46.95
N ALA F 472 -11.40 -40.78 -47.45
CA ALA F 472 -12.23 -41.69 -46.68
C ALA F 472 -11.47 -42.97 -46.38
N LEU F 473 -11.50 -43.38 -45.11
CA LEU F 473 -10.90 -44.64 -44.65
C LEU F 473 -12.00 -45.48 -44.03
N VAL F 474 -12.28 -46.64 -44.63
CA VAL F 474 -13.36 -47.52 -44.19
C VAL F 474 -12.85 -48.95 -44.13
N THR F 475 -13.70 -49.83 -43.60
CA THR F 475 -13.46 -51.26 -43.60
C THR F 475 -14.65 -51.95 -44.26
N LEU F 476 -14.38 -52.85 -45.19
CA LEU F 476 -15.42 -53.41 -46.06
C LEU F 476 -16.23 -54.48 -45.32
N LYS F 477 -17.15 -55.12 -46.04
CA LYS F 477 -18.03 -56.14 -45.48
C LYS F 477 -17.78 -57.50 -46.16
N GLU F 478 -18.61 -58.48 -45.81
CA GLU F 478 -18.37 -59.86 -46.18
C GLU F 478 -18.53 -60.08 -47.68
N ASP F 479 -17.56 -60.77 -48.28
CA ASP F 479 -17.54 -61.12 -49.69
C ASP F 479 -17.75 -59.92 -50.60
N ALA F 480 -17.45 -58.73 -50.10
CA ALA F 480 -17.61 -57.48 -50.85
C ALA F 480 -16.23 -56.83 -50.98
N GLN F 481 -15.48 -57.26 -51.99
CA GLN F 481 -14.17 -56.65 -52.27
C GLN F 481 -14.34 -55.38 -53.10
N VAL F 482 -15.18 -54.48 -52.59
CA VAL F 482 -15.53 -53.27 -53.32
C VAL F 482 -14.38 -52.27 -53.19
N THR F 483 -13.78 -51.92 -54.33
CA THR F 483 -12.61 -51.07 -54.35
C THR F 483 -13.03 -49.61 -54.18
N GLU F 484 -12.08 -48.69 -54.38
CA GLU F 484 -12.37 -47.27 -54.23
C GLU F 484 -13.37 -46.78 -55.27
N LYS F 485 -13.40 -47.41 -56.45
CA LYS F 485 -14.32 -46.98 -57.50
C LYS F 485 -15.78 -47.19 -57.08
N GLU F 486 -16.08 -48.31 -56.42
CA GLU F 486 -17.45 -48.57 -55.99
C GLU F 486 -17.90 -47.56 -54.93
N LEU F 487 -17.02 -47.27 -53.97
CA LEU F 487 -17.37 -46.28 -52.95
C LEU F 487 -17.53 -44.89 -53.56
N LEU F 488 -16.68 -44.55 -54.53
CA LEU F 488 -16.82 -43.28 -55.24
C LEU F 488 -18.17 -43.21 -55.94
N GLY F 489 -18.56 -44.28 -56.63
CA GLY F 489 -19.85 -44.29 -57.31
C GLY F 489 -21.01 -44.19 -56.34
N PHE F 490 -20.91 -44.88 -55.19
CA PHE F 490 -21.96 -44.78 -54.18
C PHE F 490 -22.09 -43.36 -53.65
N ALA F 491 -20.95 -42.70 -53.41
CA ALA F 491 -21.00 -41.31 -52.99
C ALA F 491 -21.63 -40.43 -54.05
N LYS F 492 -21.29 -40.66 -55.32
CA LYS F 492 -21.88 -39.90 -56.41
C LYS F 492 -23.38 -40.15 -56.52
N ASP F 493 -23.85 -41.32 -56.07
CA ASP F 493 -25.26 -41.65 -56.19
C ASP F 493 -26.15 -40.80 -55.29
N PHE F 494 -25.53 -40.10 -54.35
CA PHE F 494 -26.29 -39.26 -53.47
C PHE F 494 -26.66 -37.91 -54.06
N ILE F 495 -27.32 -37.06 -53.28
CA ILE F 495 -27.70 -35.72 -53.72
C ILE F 495 -27.47 -34.75 -52.56
N ASN F 496 -27.88 -33.51 -52.78
CA ASN F 496 -27.88 -32.46 -51.74
C ASN F 496 -26.47 -32.17 -51.23
N LYS F 497 -25.61 -31.73 -52.14
CA LYS F 497 -24.26 -31.32 -51.78
C LYS F 497 -23.87 -30.10 -52.62
N GLY F 498 -23.01 -29.27 -52.05
CA GLY F 498 -22.52 -28.07 -52.70
C GLY F 498 -21.15 -28.24 -53.31
N ILE F 499 -20.39 -27.15 -53.35
CA ILE F 499 -19.03 -27.13 -53.88
C ILE F 499 -19.05 -27.65 -55.32
N LEU F 500 -18.01 -28.38 -55.72
CA LEU F 500 -17.88 -28.87 -57.08
C LEU F 500 -18.97 -29.90 -57.39
N ALA F 501 -19.96 -29.51 -58.19
CA ALA F 501 -21.09 -30.37 -58.53
C ALA F 501 -21.75 -30.88 -57.26
N ARG F 502 -21.38 -32.09 -56.84
CA ARG F 502 -21.85 -32.69 -55.60
C ARG F 502 -20.69 -32.85 -54.62
N GLU F 503 -19.75 -31.89 -54.65
CA GLU F 503 -18.54 -31.87 -53.82
C GLU F 503 -17.73 -33.17 -53.91
N ALA F 504 -17.96 -33.96 -54.95
CA ALA F 504 -17.28 -35.24 -55.15
C ALA F 504 -16.42 -35.15 -56.41
N LEU F 505 -15.20 -34.65 -56.24
CA LEU F 505 -14.22 -34.65 -57.32
C LEU F 505 -12.82 -35.03 -56.87
N LEU F 506 -12.52 -35.03 -55.58
CA LEU F 506 -11.19 -35.37 -55.07
C LEU F 506 -11.28 -36.25 -53.84
N LEU F 507 -12.29 -37.13 -53.78
CA LEU F 507 -12.51 -37.94 -52.59
C LEU F 507 -11.34 -38.87 -52.31
N LYS F 508 -10.89 -39.58 -53.35
CA LYS F 508 -9.74 -40.50 -53.24
C LYS F 508 -9.93 -41.48 -52.09
N VAL F 509 -11.10 -42.10 -52.05
CA VAL F 509 -11.44 -43.01 -50.96
C VAL F 509 -10.47 -44.19 -50.93
N LYS F 510 -10.09 -44.61 -49.73
CA LYS F 510 -9.22 -45.76 -49.53
C LYS F 510 -9.87 -46.72 -48.54
N ILE F 511 -9.22 -47.86 -48.32
CA ILE F 511 -9.69 -48.86 -47.37
C ILE F 511 -8.48 -49.36 -46.60
N VAL F 512 -8.34 -48.94 -45.35
CA VAL F 512 -7.30 -49.43 -44.45
C VAL F 512 -7.94 -50.34 -43.42
N ASP F 513 -7.30 -51.48 -43.16
CA ASP F 513 -7.87 -52.51 -42.31
C ASP F 513 -8.14 -52.02 -40.88
N GLU F 514 -7.08 -51.67 -40.15
CA GLU F 514 -7.19 -51.32 -38.75
C GLU F 514 -7.22 -49.80 -38.57
N ILE F 515 -8.18 -49.32 -37.80
CA ILE F 515 -8.30 -47.90 -37.47
C ILE F 515 -7.93 -47.74 -36.01
N ALA F 516 -6.92 -46.92 -35.73
CA ALA F 516 -6.48 -46.70 -34.36
C ALA F 516 -7.59 -46.02 -33.54
N LYS F 517 -7.79 -46.51 -32.32
CA LYS F 517 -8.82 -45.99 -31.44
C LYS F 517 -8.20 -45.58 -30.11
N THR F 518 -8.54 -44.38 -29.64
CA THR F 518 -7.98 -43.86 -28.40
C THR F 518 -8.51 -44.64 -27.21
N SER F 519 -8.03 -44.26 -26.01
CA SER F 519 -8.50 -44.89 -24.79
C SER F 519 -9.94 -44.54 -24.46
N VAL F 520 -10.49 -43.50 -25.09
CA VAL F 520 -11.89 -43.13 -24.89
C VAL F 520 -12.81 -43.82 -25.90
N GLY F 521 -12.29 -44.73 -26.72
CA GLY F 521 -13.08 -45.42 -27.71
C GLY F 521 -13.19 -44.71 -29.04
N LYS F 522 -12.72 -43.48 -29.14
CA LYS F 522 -12.81 -42.72 -30.37
C LYS F 522 -11.55 -42.93 -31.20
N VAL F 523 -11.69 -42.74 -32.51
CA VAL F 523 -10.56 -42.93 -33.42
C VAL F 523 -9.62 -41.74 -33.32
N ASP F 524 -8.31 -42.02 -33.33
CA ASP F 524 -7.29 -40.98 -33.23
C ASP F 524 -7.01 -40.45 -34.63
N LYS F 525 -7.69 -39.36 -34.98
CA LYS F 525 -7.55 -38.80 -36.33
C LYS F 525 -6.15 -38.23 -36.56
N LYS F 526 -5.56 -37.63 -35.52
CA LYS F 526 -4.21 -37.10 -35.66
C LYS F 526 -3.20 -38.21 -35.91
N GLU F 527 -3.33 -39.33 -35.19
CA GLU F 527 -2.43 -40.46 -35.42
C GLU F 527 -2.63 -41.05 -36.80
N LEU F 528 -3.88 -41.10 -37.27
CA LEU F 528 -4.15 -41.58 -38.62
C LEU F 528 -3.51 -40.68 -39.66
N ARG F 529 -3.57 -39.36 -39.44
CA ARG F 529 -2.90 -38.42 -40.34
C ARG F 529 -1.39 -38.64 -40.32
N LYS F 530 -0.82 -38.84 -39.12
CA LYS F 530 0.62 -39.05 -39.03
C LYS F 530 1.05 -40.33 -39.75
N LEU F 531 0.26 -41.39 -39.62
CA LEU F 531 0.60 -42.66 -40.28
C LEU F 531 0.40 -42.57 -41.79
N HIS F 532 -0.62 -41.86 -42.25
CA HIS F 532 -0.91 -41.79 -43.67
C HIS F 532 -0.15 -40.68 -44.39
N LEU F 533 0.08 -39.56 -43.74
CA LEU F 533 0.69 -38.43 -44.44
C LEU F 533 1.65 -37.61 -43.61
N TYR G 4 -3.48 6.09 19.57
CA TYR G 4 -2.92 7.24 18.86
C TYR G 4 -1.44 7.40 19.17
N VAL G 5 -0.63 7.60 18.13
CA VAL G 5 0.79 7.86 18.31
C VAL G 5 0.97 9.35 18.59
N ASN G 6 1.49 9.66 19.79
CA ASN G 6 1.49 11.05 20.24
C ASN G 6 2.48 11.90 19.47
N ASP G 7 3.73 11.42 19.34
CA ASP G 7 4.80 12.22 18.74
C ASP G 7 4.90 13.58 19.40
N PRO G 8 5.46 13.66 20.62
CA PRO G 8 5.34 14.89 21.42
C PRO G 8 5.84 16.15 20.73
N SER G 9 6.78 16.03 19.79
CA SER G 9 7.22 17.21 19.05
C SER G 9 6.12 17.73 18.12
N ASN G 10 5.23 16.85 17.68
CA ASN G 10 4.12 17.24 16.81
C ASN G 10 2.95 17.70 17.68
N TYR G 11 2.63 18.99 17.60
CA TYR G 11 1.63 19.60 18.46
C TYR G 11 0.26 19.51 17.82
N GLN G 12 -0.73 19.08 18.60
CA GLN G 12 -2.12 19.05 18.19
C GLN G 12 -2.89 20.14 18.90
N LEU G 13 -3.76 20.83 18.16
CA LEU G 13 -4.54 21.94 18.70
C LEU G 13 -5.85 21.38 19.26
N LEU G 14 -5.91 21.23 20.58
CA LEU G 14 -7.05 20.64 21.26
C LEU G 14 -7.67 21.64 22.22
N ILE G 15 -8.90 21.34 22.65
CA ILE G 15 -9.64 22.21 23.57
C ILE G 15 -9.06 22.14 24.98
N LYS G 16 -8.49 20.98 25.35
CA LYS G 16 -7.84 20.88 26.66
C LYS G 16 -6.68 21.85 26.78
N ASN G 17 -6.06 22.21 25.66
CA ASN G 17 -5.03 23.24 25.69
C ASN G 17 -5.64 24.62 25.91
N LEU G 18 -6.85 24.85 25.42
CA LEU G 18 -7.56 26.08 25.75
C LEU G 18 -7.82 26.17 27.24
N LEU G 19 -8.20 25.05 27.87
CA LEU G 19 -8.50 25.10 29.29
C LEU G 19 -7.26 25.18 30.16
N PHE G 20 -6.23 24.38 29.86
CA PHE G 20 -5.10 24.20 30.75
C PHE G 20 -3.87 24.99 30.35
N SER G 21 -3.89 25.66 29.20
CA SER G 21 -2.82 26.57 28.78
C SER G 21 -3.45 27.89 28.36
N PRO G 22 -4.07 28.61 29.30
CA PRO G 22 -4.80 29.82 28.93
C PRO G 22 -3.86 31.02 28.81
N VAL G 23 -4.43 32.13 28.37
CA VAL G 23 -3.71 33.40 28.40
C VAL G 23 -3.43 33.80 29.84
N ALA G 24 -4.45 33.70 30.70
CA ALA G 24 -4.31 34.02 32.11
C ALA G 24 -5.16 33.07 32.93
N PHE G 25 -4.64 32.67 34.09
CA PHE G 25 -5.37 31.78 34.99
C PHE G 25 -5.28 32.34 36.40
N ASN G 26 -6.42 32.79 36.93
CA ASN G 26 -6.54 33.20 38.32
C ASN G 26 -7.37 32.16 39.07
N PRO G 27 -6.75 31.34 39.93
CA PRO G 27 -7.53 30.29 40.61
C PRO G 27 -8.64 30.82 41.50
N GLU G 28 -8.57 32.08 41.93
CA GLU G 28 -9.57 32.67 42.79
C GLU G 28 -10.62 33.49 42.04
N GLN G 29 -10.53 33.54 40.72
CA GLN G 29 -11.58 34.17 39.93
C GLN G 29 -12.85 33.32 39.97
N GLU G 30 -14.00 33.98 39.99
CA GLU G 30 -15.27 33.33 40.26
C GLU G 30 -16.01 32.96 38.99
N ILE G 31 -16.89 31.96 39.11
CA ILE G 31 -17.86 31.60 38.09
C ILE G 31 -19.22 31.65 38.77
N VAL G 32 -20.11 32.51 38.29
CA VAL G 32 -21.34 32.83 38.99
C VAL G 32 -22.53 32.34 38.19
N TYR G 33 -23.34 31.48 38.80
CA TYR G 33 -24.66 31.11 38.28
C TYR G 33 -25.69 31.93 39.04
N ALA G 34 -26.54 32.64 38.30
CA ALA G 34 -27.35 33.73 38.84
C ALA G 34 -28.08 33.38 40.13
N ASN G 35 -27.66 33.99 41.23
CA ASN G 35 -28.29 33.84 42.54
C ASN G 35 -28.41 32.38 42.98
N HIS G 36 -27.70 31.45 42.34
CA HIS G 36 -27.78 30.04 42.67
C HIS G 36 -26.49 29.51 43.28
N ARG G 37 -25.37 29.62 42.56
CA ARG G 37 -24.10 29.09 43.01
C ARG G 37 -22.98 30.05 42.62
N ARG G 38 -21.87 29.93 43.34
CA ARG G 38 -20.63 30.62 43.04
C ARG G 38 -19.47 29.69 43.36
N HIS G 39 -18.50 29.62 42.47
CA HIS G 39 -17.27 28.88 42.77
C HIS G 39 -16.15 29.47 41.93
N SER G 40 -14.92 29.07 42.27
CA SER G 40 -13.74 29.64 41.64
C SER G 40 -13.31 28.80 40.43
N TYR G 41 -12.27 29.28 39.74
CA TYR G 41 -11.77 28.56 38.57
C TYR G 41 -11.13 27.23 38.98
N LYS G 42 -10.58 27.16 40.19
CA LYS G 42 -10.05 25.89 40.70
C LYS G 42 -11.16 24.86 40.86
N THR G 43 -12.28 25.28 41.44
CA THR G 43 -13.44 24.40 41.55
C THR G 43 -13.97 24.03 40.18
N PHE G 44 -13.93 24.96 39.23
CA PHE G 44 -14.38 24.67 37.87
C PHE G 44 -13.52 23.58 37.22
N HIS G 45 -12.22 23.68 37.37
CA HIS G 45 -11.28 22.69 36.84
C HIS G 45 -11.42 21.36 37.53
N ASP G 46 -11.73 21.30 38.83
CA ASP G 46 -12.04 20.08 39.55
C ASP G 46 -13.34 19.44 39.07
N ARG G 47 -14.37 20.25 38.87
CA ARG G 47 -15.66 19.74 38.42
C ARG G 47 -15.60 19.24 36.99
N VAL G 48 -14.76 19.85 36.14
CA VAL G 48 -14.58 19.33 34.79
C VAL G 48 -13.96 17.94 34.84
N ARG G 49 -12.95 17.75 35.69
CA ARG G 49 -12.35 16.42 35.83
C ARG G 49 -13.33 15.41 36.41
N GLN G 50 -14.15 15.83 37.38
CA GLN G 50 -15.19 14.97 37.93
C GLN G 50 -16.20 14.56 36.86
N PHE G 51 -16.61 15.51 36.01
CA PHE G 51 -17.54 15.20 34.94
C PHE G 51 -16.92 14.22 33.95
N ALA G 52 -15.62 14.36 33.70
CA ALA G 52 -14.92 13.39 32.86
C ALA G 52 -14.98 12.00 33.48
N ASN G 53 -14.75 11.91 34.78
CA ASN G 53 -14.83 10.62 35.47
C ASN G 53 -16.22 10.02 35.37
N ALA G 54 -17.25 10.83 35.59
CA ALA G 54 -18.62 10.33 35.53
C ALA G 54 -18.97 9.85 34.12
N LEU G 55 -18.59 10.62 33.10
CA LEU G 55 -18.87 10.22 31.72
C LEU G 55 -18.17 8.92 31.38
N THR G 56 -16.93 8.75 31.85
CA THR G 56 -16.24 7.48 31.64
C THR G 56 -16.96 6.34 32.35
N LYS G 57 -17.49 6.60 33.55
CA LYS G 57 -18.23 5.58 34.27
C LYS G 57 -19.49 5.15 33.53
N MET G 58 -20.23 6.11 32.96
CA MET G 58 -21.46 5.77 32.26
C MET G 58 -21.21 5.03 30.95
N GLY G 59 -19.97 4.97 30.48
CA GLY G 59 -19.65 4.26 29.26
C GLY G 59 -19.57 5.10 28.01
N VAL G 60 -19.10 6.34 28.10
CA VAL G 60 -18.95 7.19 26.93
C VAL G 60 -17.56 6.95 26.34
N LYS G 61 -17.51 6.54 25.08
CA LYS G 61 -16.28 6.24 24.39
C LYS G 61 -15.79 7.47 23.64
N LYS G 62 -14.81 7.28 22.75
CA LYS G 62 -14.21 8.35 21.97
C LYS G 62 -15.00 8.67 20.71
N GLY G 63 -16.19 8.10 20.53
CA GLY G 63 -16.99 8.42 19.37
C GLY G 63 -18.45 8.61 19.69
N ASP G 64 -18.78 8.58 20.98
CA ASP G 64 -20.16 8.68 21.42
C ASP G 64 -20.65 10.12 21.29
N THR G 65 -21.97 10.29 21.46
CA THR G 65 -22.60 11.59 21.38
C THR G 65 -23.38 11.84 22.66
N VAL G 66 -23.17 13.00 23.27
CA VAL G 66 -23.90 13.42 24.45
C VAL G 66 -24.70 14.67 24.09
N ALA G 67 -26.01 14.62 24.30
CA ALA G 67 -26.90 15.72 23.96
C ALA G 67 -27.29 16.48 25.22
N VAL G 68 -27.44 17.79 25.09
CA VAL G 68 -27.73 18.67 26.22
C VAL G 68 -28.95 19.52 25.89
N MET G 69 -29.90 19.57 26.82
CA MET G 69 -31.07 20.45 26.75
C MET G 69 -31.08 21.26 28.06
N ASP G 70 -30.48 22.45 28.02
CA ASP G 70 -30.28 23.22 29.24
C ASP G 70 -30.40 24.71 28.92
N TYR G 71 -30.35 25.52 29.97
CA TYR G 71 -30.29 26.97 29.87
C TYR G 71 -28.83 27.40 29.92
N ASP G 72 -28.59 28.71 30.03
CA ASP G 72 -27.24 29.24 30.21
C ASP G 72 -26.86 29.10 31.67
N SER G 73 -25.90 28.22 31.96
CA SER G 73 -25.53 27.93 33.34
C SER G 73 -24.08 27.46 33.37
N HIS G 74 -23.60 27.20 34.58
CA HIS G 74 -22.27 26.63 34.76
C HIS G 74 -22.20 25.20 34.25
N ARG G 75 -23.32 24.48 34.27
CA ARG G 75 -23.34 23.11 33.76
C ARG G 75 -23.06 23.08 32.27
N TYR G 76 -23.63 24.02 31.52
CA TYR G 76 -23.37 24.09 30.09
C TYR G 76 -21.91 24.44 29.81
N LEU G 77 -21.33 25.31 30.63
CA LEU G 77 -19.91 25.64 30.48
C LEU G 77 -19.04 24.43 30.77
N GLU G 78 -19.45 23.61 31.74
CA GLU G 78 -18.71 22.39 32.03
C GLU G 78 -18.82 21.38 30.89
N CYS G 79 -20.00 21.29 30.28
CA CYS G 79 -20.20 20.39 29.13
C CYS G 79 -19.42 20.88 27.92
N TYR G 80 -19.26 22.20 27.77
CA TYR G 80 -18.50 22.76 26.66
C TYR G 80 -17.05 22.29 26.66
N PHE G 81 -16.55 21.84 27.80
CA PHE G 81 -15.16 21.38 27.91
C PHE G 81 -15.07 19.87 28.11
N ALA G 82 -15.76 19.33 29.11
CA ALA G 82 -15.51 17.96 29.52
C ALA G 82 -15.81 16.95 28.42
N ILE G 83 -16.93 17.12 27.72
CA ILE G 83 -17.31 16.15 26.69
C ILE G 83 -16.33 16.14 25.51
N PRO G 84 -15.92 17.28 24.94
CA PRO G 84 -14.91 17.22 23.87
C PRO G 84 -13.56 16.64 24.31
N MET G 85 -13.11 16.90 25.53
CA MET G 85 -11.79 16.42 25.95
C MET G 85 -11.76 14.90 26.05
N ILE G 86 -12.87 14.29 26.44
CA ILE G 86 -12.96 12.83 26.50
C ILE G 86 -12.84 12.24 25.10
N GLY G 87 -13.29 12.96 24.09
CA GLY G 87 -13.29 12.48 22.72
C GLY G 87 -14.67 12.32 22.12
N ALA G 88 -15.73 12.59 22.88
CA ALA G 88 -17.09 12.51 22.38
C ALA G 88 -17.49 13.83 21.72
N LYS G 89 -18.59 13.77 20.97
CA LYS G 89 -19.14 14.96 20.34
C LYS G 89 -20.26 15.52 21.20
N LEU G 90 -20.27 16.83 21.35
CA LEU G 90 -21.33 17.53 22.06
C LEU G 90 -22.40 17.96 21.05
N HIS G 91 -23.61 17.46 21.24
CA HIS G 91 -24.75 17.83 20.40
C HIS G 91 -25.59 18.84 21.17
N MET G 92 -25.66 20.06 20.66
CA MET G 92 -26.45 21.13 21.28
C MET G 92 -27.84 21.12 20.69
N ILE G 93 -28.84 20.91 21.54
CA ILE G 93 -30.22 20.81 21.10
C ILE G 93 -30.88 22.17 21.21
N ASN G 94 -31.50 22.60 20.12
CA ASN G 94 -32.25 23.86 20.08
C ASN G 94 -33.62 23.62 20.72
N VAL G 95 -33.82 24.17 21.91
CA VAL G 95 -35.07 23.95 22.63
C VAL G 95 -36.21 24.79 22.07
N ARG G 96 -35.95 25.68 21.12
CA ARG G 96 -36.98 26.48 20.50
C ARG G 96 -37.65 25.79 19.33
N LEU G 97 -37.09 24.69 18.85
CA LEU G 97 -37.69 23.95 17.75
C LEU G 97 -38.94 23.21 18.22
N SER G 98 -39.75 22.79 17.25
CA SER G 98 -40.91 21.97 17.57
C SER G 98 -40.46 20.58 18.03
N PRO G 99 -41.27 19.89 18.82
CA PRO G 99 -40.86 18.56 19.30
C PRO G 99 -40.57 17.57 18.18
N GLU G 100 -41.26 17.67 17.04
CA GLU G 100 -40.96 16.78 15.93
C GLU G 100 -39.57 17.04 15.35
N GLN G 101 -39.20 18.31 15.21
CA GLN G 101 -37.86 18.63 14.73
C GLN G 101 -36.78 18.21 15.74
N ILE G 102 -37.05 18.39 17.03
CA ILE G 102 -36.10 17.95 18.06
C ILE G 102 -35.93 16.44 18.00
N LEU G 103 -37.03 15.71 17.84
CA LEU G 103 -36.96 14.26 17.71
C LEU G 103 -36.18 13.86 16.47
N TYR G 104 -36.40 14.56 15.36
CA TYR G 104 -35.65 14.27 14.15
C TYR G 104 -34.16 14.45 14.38
N THR G 105 -33.76 15.54 15.03
CA THR G 105 -32.34 15.79 15.24
C THR G 105 -31.73 14.77 16.19
N ILE G 106 -32.49 14.34 17.20
CA ILE G 106 -32.00 13.31 18.11
C ILE G 106 -31.80 12.00 17.37
N ASP G 107 -32.76 11.61 16.54
CA ASP G 107 -32.61 10.39 15.75
C ASP G 107 -31.46 10.49 14.76
N HIS G 108 -31.28 11.65 14.14
CA HIS G 108 -30.23 11.83 13.15
C HIS G 108 -28.84 11.79 13.77
N ALA G 109 -28.64 12.48 14.88
CA ALA G 109 -27.33 12.52 15.51
C ALA G 109 -26.99 11.22 16.24
N GLU G 110 -27.98 10.41 16.60
CA GLU G 110 -27.78 9.15 17.31
C GLU G 110 -27.09 9.37 18.64
N ASP G 111 -27.76 10.11 19.52
CA ASP G 111 -27.21 10.42 20.83
C ASP G 111 -27.29 9.21 21.74
N ASP G 112 -26.37 9.16 22.71
CA ASP G 112 -26.30 8.09 23.68
C ASP G 112 -26.81 8.50 25.05
N ILE G 113 -26.41 9.67 25.54
CA ILE G 113 -26.86 10.20 26.82
C ILE G 113 -27.44 11.58 26.58
N ILE G 114 -28.57 11.87 27.23
CA ILE G 114 -29.24 13.16 27.12
C ILE G 114 -29.23 13.81 28.49
N LEU G 115 -28.67 15.02 28.57
CA LEU G 115 -28.73 15.86 29.76
C LEU G 115 -29.82 16.89 29.54
N ILE G 116 -30.90 16.79 30.30
CA ILE G 116 -32.09 17.59 30.06
C ILE G 116 -32.49 18.29 31.35
N HIS G 117 -32.86 19.56 31.24
CA HIS G 117 -33.38 20.29 32.39
C HIS G 117 -34.81 19.85 32.68
N GLU G 118 -35.19 19.93 33.96
CA GLU G 118 -36.51 19.46 34.38
C GLU G 118 -37.64 20.28 33.80
N GLU G 119 -37.37 21.50 33.32
CA GLU G 119 -38.41 22.32 32.72
C GLU G 119 -38.66 21.97 31.25
N PHE G 120 -37.78 21.21 30.62
CA PHE G 120 -37.99 20.71 29.29
C PHE G 120 -38.56 19.30 29.27
N LEU G 121 -38.88 18.75 30.44
CA LEU G 121 -39.45 17.41 30.50
C LEU G 121 -40.77 17.27 29.74
N PRO G 122 -41.70 18.24 29.76
CA PRO G 122 -42.89 18.11 28.91
C PRO G 122 -42.57 17.95 27.44
N ILE G 123 -41.52 18.60 26.93
CA ILE G 123 -41.12 18.39 25.54
C ILE G 123 -40.70 16.95 25.31
N LEU G 124 -39.92 16.39 26.24
CA LEU G 124 -39.50 15.00 26.11
C LEU G 124 -40.65 14.02 26.29
N ASP G 125 -41.73 14.45 26.95
CA ASP G 125 -42.83 13.54 27.24
C ASP G 125 -43.50 13.05 25.95
N GLN G 126 -43.60 13.91 24.94
CA GLN G 126 -44.32 13.57 23.72
C GLN G 126 -43.44 12.95 22.64
N ILE G 127 -42.14 12.78 22.89
CA ILE G 127 -41.25 12.18 21.90
C ILE G 127 -40.40 11.09 22.52
N LYS G 128 -40.65 10.78 23.80
CA LYS G 128 -39.81 9.81 24.49
C LYS G 128 -39.94 8.41 23.92
N GLY G 129 -41.14 8.05 23.44
CA GLY G 129 -41.35 6.71 22.93
C GLY G 129 -40.56 6.42 21.67
N ARG G 130 -40.52 7.37 20.75
CA ARG G 130 -39.92 7.17 19.42
C ARG G 130 -38.47 7.63 19.36
N ILE G 131 -37.59 7.20 20.26
CA ILE G 131 -36.21 7.66 20.29
C ILE G 131 -35.23 6.54 19.97
N ASP G 132 -35.23 5.47 20.77
CA ASP G 132 -34.58 4.22 20.41
C ASP G 132 -33.05 4.28 20.41
N THR G 133 -32.45 5.46 20.57
CA THR G 133 -30.99 5.52 20.66
C THR G 133 -30.50 5.82 22.07
N VAL G 134 -31.23 6.63 22.84
CA VAL G 134 -30.73 7.11 24.12
C VAL G 134 -30.91 6.01 25.17
N THR G 135 -29.86 5.76 25.94
CA THR G 135 -29.89 4.78 27.01
C THR G 135 -30.11 5.39 28.38
N ARG G 136 -29.61 6.59 28.63
CA ARG G 136 -29.73 7.23 29.93
C ARG G 136 -30.19 8.68 29.78
N TYR G 137 -31.02 9.13 30.72
CA TYR G 137 -31.45 10.51 30.81
C TYR G 137 -31.00 11.08 32.14
N VAL G 138 -30.37 12.25 32.11
CA VAL G 138 -29.91 12.94 33.31
C VAL G 138 -30.73 14.21 33.46
N VAL G 139 -31.44 14.35 34.56
CA VAL G 139 -32.31 15.49 34.80
C VAL G 139 -31.54 16.54 35.59
N LEU G 140 -31.48 17.75 35.05
CA LEU G 140 -30.79 18.85 35.68
C LEU G 140 -31.80 19.71 36.42
N ARG G 141 -31.46 20.10 37.65
CA ARG G 141 -32.31 20.92 38.49
C ARG G 141 -31.49 22.07 39.04
N ASP G 142 -32.19 23.08 39.56
CA ASP G 142 -31.55 24.25 40.14
C ASP G 142 -31.36 24.15 41.64
N ASP G 143 -31.60 22.97 42.22
CA ASP G 143 -31.40 22.76 43.64
C ASP G 143 -30.51 21.56 43.89
N GLU G 144 -30.42 21.10 45.14
CA GLU G 144 -29.58 19.98 45.49
C GLU G 144 -30.10 18.65 44.96
N GLU G 145 -31.31 18.62 44.41
CA GLU G 145 -31.90 17.41 43.86
C GLU G 145 -31.39 17.08 42.46
N CYS G 146 -30.53 17.92 41.89
CA CYS G 146 -30.01 17.68 40.55
C CYS G 146 -29.27 16.36 40.49
N GLU G 147 -29.55 15.56 39.46
CA GLU G 147 -28.84 14.30 39.27
C GLU G 147 -27.44 14.53 38.71
N TYR G 148 -27.24 15.63 37.98
CA TYR G 148 -25.90 15.97 37.52
C TYR G 148 -24.97 16.23 38.70
N GLU G 149 -25.45 16.98 39.70
CA GLU G 149 -24.64 17.25 40.88
C GLU G 149 -24.38 15.98 41.67
N ARG G 150 -25.39 15.10 41.78
CA ARG G 150 -25.22 13.85 42.50
C ARG G 150 -24.21 12.94 41.81
N LEU G 151 -24.25 12.89 40.48
CA LEU G 151 -23.27 12.12 39.73
C LEU G 151 -21.87 12.73 39.84
N LEU G 152 -21.70 14.03 39.96
CA LEU G 152 -20.35 14.57 40.00
C LEU G 152 -19.79 14.39 41.38
N GLU G 153 -20.58 14.61 42.42
CA GLU G 153 -20.00 14.53 43.76
C GLU G 153 -19.75 13.10 44.21
N GLN G 154 -19.74 12.14 43.27
CA GLN G 154 -19.42 10.76 43.56
C GLN G 154 -18.14 10.31 42.87
N GLU G 155 -17.33 11.24 42.37
CA GLU G 155 -16.16 10.94 41.58
C GLU G 155 -14.95 11.69 42.12
N SER G 156 -13.78 11.27 41.67
CA SER G 156 -12.54 11.94 42.06
C SER G 156 -12.22 13.08 41.11
N THR G 157 -11.49 14.06 41.62
CA THR G 157 -11.13 15.25 40.85
C THR G 157 -9.79 15.08 40.12
N GLU G 158 -9.39 13.85 39.82
CA GLU G 158 -8.18 13.57 39.09
C GLU G 158 -8.52 12.81 37.81
N TYR G 159 -7.93 13.23 36.70
CA TYR G 159 -8.20 12.62 35.40
C TYR G 159 -7.09 13.01 34.44
N ASN G 160 -6.66 12.06 33.62
CA ASN G 160 -5.63 12.28 32.62
C ASN G 160 -6.31 12.30 31.25
N PHE G 161 -6.44 13.49 30.69
CA PHE G 161 -7.16 13.65 29.43
C PHE G 161 -6.32 13.15 28.27
N PRO G 162 -6.92 12.42 27.33
CA PRO G 162 -6.14 11.79 26.26
C PRO G 162 -5.66 12.80 25.22
N ASP G 163 -4.76 12.32 24.37
CA ASP G 163 -4.28 13.14 23.27
C ASP G 163 -4.67 12.39 22.01
N PHE G 164 -5.34 13.06 21.09
CA PHE G 164 -5.80 12.48 19.84
C PHE G 164 -5.56 13.49 18.72
N ASP G 165 -6.02 13.12 17.53
CA ASP G 165 -5.91 14.00 16.37
C ASP G 165 -6.72 15.27 16.59
N GLU G 166 -6.19 16.38 16.10
CA GLU G 166 -6.91 17.65 16.21
C GLU G 166 -8.11 17.74 15.29
N ASN G 167 -8.26 16.79 14.36
CA ASN G 167 -9.35 16.80 13.40
C ASN G 167 -10.54 15.95 13.84
N THR G 168 -10.52 15.42 15.06
CA THR G 168 -11.68 14.71 15.56
C THR G 168 -12.79 15.71 15.90
N VAL G 169 -14.02 15.31 15.60
CA VAL G 169 -15.17 16.21 15.73
C VAL G 169 -15.44 16.49 17.20
N ALA G 170 -15.67 17.76 17.52
CA ALA G 170 -15.89 18.19 18.89
C ALA G 170 -17.34 18.53 19.19
N THR G 171 -18.00 19.30 18.32
CA THR G 171 -19.37 19.74 18.56
C THR G 171 -20.18 19.58 17.29
N THR G 172 -21.50 19.52 17.46
CA THR G 172 -22.43 19.48 16.35
C THR G 172 -23.76 20.09 16.79
N PHE G 173 -24.42 20.78 15.86
CA PHE G 173 -25.76 21.29 16.09
C PHE G 173 -26.46 21.42 14.76
N TYR G 174 -27.78 21.58 14.81
CA TYR G 174 -28.61 21.53 13.62
C TYR G 174 -29.22 22.90 13.35
N THR G 175 -29.08 23.36 12.11
CA THR G 175 -29.61 24.65 11.69
C THR G 175 -30.90 24.46 10.91
N THR G 176 -31.88 25.31 11.19
CA THR G 176 -33.22 25.18 10.63
C THR G 176 -33.49 26.20 9.53
N GLY G 177 -32.51 26.44 8.66
CA GLY G 177 -32.65 27.40 7.59
C GLY G 177 -33.63 26.97 6.50
N THR G 178 -33.49 27.53 5.31
CA THR G 178 -34.42 27.27 4.21
C THR G 178 -34.09 25.92 3.60
N THR G 179 -34.71 24.87 4.14
CA THR G 179 -34.53 23.51 3.66
C THR G 179 -35.63 22.66 4.29
N GLY G 180 -35.81 21.46 3.73
CA GLY G 180 -36.90 20.60 4.17
C GLY G 180 -36.75 20.12 5.61
N PHE G 181 -35.56 19.69 5.98
CA PHE G 181 -35.26 19.16 7.29
C PHE G 181 -34.07 19.91 7.87
N PRO G 182 -33.90 19.90 9.19
CA PRO G 182 -32.73 20.54 9.79
C PRO G 182 -31.43 19.92 9.29
N LYS G 183 -30.42 20.78 9.13
CA LYS G 183 -29.12 20.39 8.61
C LYS G 183 -28.10 20.42 9.73
N GLY G 184 -27.25 19.38 9.80
CA GLY G 184 -26.29 19.25 10.86
C GLY G 184 -24.91 19.76 10.48
N VAL G 185 -24.44 20.75 11.21
CA VAL G 185 -23.09 21.26 11.07
C VAL G 185 -22.24 20.73 12.22
N PHE G 186 -20.93 20.66 12.00
CA PHE G 186 -20.04 20.11 13.00
C PHE G 186 -18.67 20.75 12.88
N PHE G 187 -17.91 20.70 13.97
CA PHE G 187 -16.61 21.35 14.05
C PHE G 187 -15.64 20.45 14.82
N THR G 188 -14.36 20.62 14.51
CA THR G 188 -13.30 19.86 15.15
C THR G 188 -12.64 20.69 16.25
N HIS G 189 -11.72 20.05 16.97
CA HIS G 189 -10.98 20.74 18.03
C HIS G 189 -10.13 21.86 17.45
N ARG G 190 -9.46 21.59 16.33
CA ARG G 190 -8.58 22.56 15.72
C ARG G 190 -9.35 23.80 15.29
N GLN G 191 -10.55 23.60 14.72
CA GLN G 191 -11.34 24.73 14.25
C GLN G 191 -11.78 25.62 15.40
N LEU G 192 -12.19 25.03 16.52
CA LEU G 192 -12.62 25.83 17.67
C LEU G 192 -11.45 26.58 18.30
N VAL G 193 -10.30 25.91 18.43
CA VAL G 193 -9.13 26.59 18.98
C VAL G 193 -8.69 27.74 18.07
N LEU G 194 -8.72 27.52 16.75
CA LEU G 194 -8.33 28.57 15.82
C LEU G 194 -9.33 29.72 15.83
N HIS G 195 -10.62 29.41 15.98
CA HIS G 195 -11.63 30.46 16.06
C HIS G 195 -11.39 31.33 17.29
N THR G 196 -11.10 30.70 18.43
CA THR G 196 -10.79 31.46 19.64
C THR G 196 -9.57 32.36 19.43
N MET G 197 -8.49 31.78 18.89
CA MET G 197 -7.27 32.56 18.68
C MET G 197 -7.50 33.72 17.72
N GLY G 198 -8.19 33.47 16.61
CA GLY G 198 -8.39 34.50 15.62
C GLY G 198 -9.26 35.64 16.10
N ILE G 199 -10.37 35.32 16.77
CA ILE G 199 -11.23 36.40 17.26
C ILE G 199 -10.54 37.17 18.38
N LEU G 200 -9.76 36.48 19.23
CA LEU G 200 -9.01 37.20 20.25
C LEU G 200 -8.00 38.15 19.63
N SER G 201 -7.28 37.70 18.60
CA SER G 201 -6.34 38.58 17.91
C SER G 201 -7.04 39.75 17.24
N THR G 202 -8.27 39.55 16.76
CA THR G 202 -8.94 40.63 16.05
C THR G 202 -9.52 41.66 17.00
N ILE G 203 -10.29 41.23 18.01
CA ILE G 203 -11.00 42.18 18.87
C ILE G 203 -10.26 42.51 20.15
N GLY G 204 -9.12 41.88 20.43
CA GLY G 204 -8.34 42.24 21.59
C GLY G 204 -7.36 43.35 21.30
N THR G 205 -6.93 43.44 20.05
CA THR G 205 -5.91 44.41 19.64
C THR G 205 -6.49 45.75 19.22
N ASN G 206 -7.80 45.94 19.38
CA ASN G 206 -8.38 47.24 19.06
C ASN G 206 -7.84 48.29 20.02
N ALA G 207 -7.69 49.52 19.51
CA ALA G 207 -7.08 50.58 20.28
C ALA G 207 -7.87 50.91 21.54
N SER G 208 -9.10 51.39 21.40
CA SER G 208 -9.86 51.83 22.56
C SER G 208 -11.35 51.55 22.52
N GLN G 209 -11.87 50.91 21.48
CA GLN G 209 -13.32 50.74 21.32
C GLN G 209 -13.64 49.28 21.08
N GLY G 210 -14.62 48.76 21.81
CA GLY G 210 -15.14 47.43 21.55
C GLY G 210 -14.14 46.31 21.67
N ARG G 211 -13.28 46.37 22.68
CA ARG G 211 -12.26 45.35 22.88
C ARG G 211 -12.59 44.51 24.10
N LEU G 212 -12.35 43.21 23.98
CA LEU G 212 -12.50 42.27 25.08
C LEU G 212 -11.13 41.96 25.64
N HIS G 213 -10.89 42.33 26.90
CA HIS G 213 -9.58 42.11 27.50
C HIS G 213 -9.69 41.37 28.82
N GLN G 214 -8.57 41.27 29.54
CA GLN G 214 -8.46 40.43 30.71
C GLN G 214 -9.10 41.02 31.96
N GLY G 215 -9.57 42.26 31.90
CA GLY G 215 -10.28 42.85 33.01
C GLY G 215 -11.79 42.91 32.88
N ASP G 216 -12.36 42.28 31.85
CA ASP G 216 -13.79 42.36 31.61
C ASP G 216 -14.54 41.33 32.44
N ILE G 217 -15.86 41.53 32.53
CA ILE G 217 -16.76 40.59 33.18
C ILE G 217 -17.81 40.19 32.15
N TYR G 218 -17.86 38.91 31.82
CA TYR G 218 -18.63 38.40 30.70
C TYR G 218 -19.93 37.77 31.18
N MET G 219 -21.04 38.13 30.53
CA MET G 219 -22.30 37.44 30.77
C MET G 219 -23.07 37.27 29.47
N PRO G 220 -23.30 36.03 29.03
CA PRO G 220 -24.01 35.81 27.76
C PRO G 220 -25.49 36.15 27.88
N ILE G 221 -26.04 36.67 26.78
CA ILE G 221 -27.49 36.84 26.64
C ILE G 221 -27.90 36.19 25.33
N THR G 222 -27.10 35.23 24.86
CA THR G 222 -27.37 34.40 23.70
C THR G 222 -27.51 32.96 24.16
N PRO G 223 -28.53 32.23 23.69
CA PRO G 223 -28.95 30.99 24.37
C PRO G 223 -27.95 29.84 24.43
N MET G 224 -26.74 30.01 23.89
CA MET G 224 -25.61 29.13 24.19
C MET G 224 -25.75 27.75 23.54
N PHE G 225 -26.89 27.46 22.92
CA PHE G 225 -27.04 26.25 22.13
C PHE G 225 -27.13 26.54 20.64
N HIS G 226 -26.83 27.76 20.22
CA HIS G 226 -27.03 28.14 18.82
C HIS G 226 -25.75 27.96 17.99
N VAL G 227 -24.72 28.74 18.29
CA VAL G 227 -23.49 28.70 17.51
C VAL G 227 -22.27 28.63 18.42
N HIS G 228 -22.40 27.96 19.56
CA HIS G 228 -21.42 27.94 20.65
C HIS G 228 -21.45 29.25 21.41
N ALA G 229 -22.60 29.92 21.43
CA ALA G 229 -22.72 31.26 22.00
C ALA G 229 -21.67 32.20 21.40
N TRP G 230 -21.49 32.08 20.07
CA TRP G 230 -20.53 32.86 19.29
C TRP G 230 -19.09 32.59 19.72
N GLY G 231 -18.83 31.42 20.30
CA GLY G 231 -17.49 31.09 20.76
C GLY G 231 -16.98 31.91 21.92
N LEU G 232 -17.85 32.67 22.57
CA LEU G 232 -17.47 33.60 23.63
C LEU G 232 -17.16 32.93 24.96
N PRO G 233 -17.87 31.88 25.37
CA PRO G 233 -17.45 31.17 26.59
C PRO G 233 -16.03 30.62 26.50
N TYR G 234 -15.62 30.12 25.34
CA TYR G 234 -14.24 29.66 25.17
C TYR G 234 -13.26 30.82 25.33
N MET G 235 -13.56 31.97 24.71
CA MET G 235 -12.67 33.11 24.78
C MET G 235 -12.57 33.64 26.20
N ALA G 236 -13.71 33.68 26.91
CA ALA G 236 -13.73 34.16 28.28
C ALA G 236 -12.98 33.23 29.21
N THR G 237 -13.09 31.92 28.99
CA THR G 237 -12.30 30.98 29.79
C THR G 237 -10.82 31.11 29.50
N MET G 238 -10.47 31.33 28.23
CA MET G 238 -9.07 31.52 27.86
C MET G 238 -8.51 32.78 28.52
N LEU G 239 -9.30 33.85 28.60
CA LEU G 239 -8.84 35.06 29.26
C LEU G 239 -8.86 34.94 30.78
N GLY G 240 -9.57 33.97 31.33
CA GLY G 240 -9.67 33.80 32.77
C GLY G 240 -10.43 34.92 33.46
N VAL G 241 -11.46 35.45 32.82
CA VAL G 241 -12.23 36.55 33.37
C VAL G 241 -13.40 36.01 34.19
N LYS G 242 -13.99 36.89 35.00
CA LYS G 242 -15.19 36.54 35.74
C LYS G 242 -16.35 36.32 34.78
N GLN G 243 -17.08 35.22 34.98
CA GLN G 243 -18.18 34.82 34.11
C GLN G 243 -19.46 34.76 34.93
N VAL G 244 -20.54 35.32 34.38
CA VAL G 244 -21.83 35.35 35.04
C VAL G 244 -22.86 34.73 34.10
N TYR G 245 -23.60 33.74 34.61
CA TYR G 245 -24.61 33.05 33.82
C TYR G 245 -25.98 33.34 34.39
N PRO G 246 -26.91 33.87 33.61
CA PRO G 246 -28.19 34.31 34.17
C PRO G 246 -29.25 33.21 34.26
N GLY G 247 -29.13 32.18 33.45
CA GLY G 247 -30.16 31.17 33.35
C GLY G 247 -31.21 31.58 32.33
N LYS G 248 -32.48 31.47 32.71
CA LYS G 248 -33.56 31.94 31.85
C LYS G 248 -33.53 33.47 31.76
N TYR G 249 -33.78 33.99 30.57
CA TYR G 249 -33.64 35.42 30.30
C TYR G 249 -34.90 36.16 30.74
N VAL G 250 -34.80 36.92 31.82
CA VAL G 250 -35.86 37.80 32.28
C VAL G 250 -35.27 39.19 32.39
N PRO G 251 -35.86 40.21 31.77
CA PRO G 251 -35.20 41.53 31.72
C PRO G 251 -34.82 42.08 33.08
N ASP G 252 -35.69 41.95 34.08
CA ASP G 252 -35.38 42.50 35.40
C ASP G 252 -34.23 41.74 36.06
N VAL G 253 -34.22 40.41 35.92
CA VAL G 253 -33.13 39.61 36.45
C VAL G 253 -31.81 39.98 35.76
N LEU G 254 -31.85 40.15 34.44
CA LEU G 254 -30.65 40.52 33.71
C LEU G 254 -30.13 41.89 34.15
N LEU G 255 -31.04 42.85 34.33
CA LEU G 255 -30.60 44.17 34.77
C LEU G 255 -30.02 44.13 36.18
N ASN G 256 -30.62 43.34 37.06
CA ASN G 256 -30.08 43.18 38.40
C ASN G 256 -28.70 42.55 38.36
N LEU G 257 -28.49 41.56 37.49
CA LEU G 257 -27.19 40.91 37.37
C LEU G 257 -26.15 41.89 36.82
N ILE G 258 -26.54 42.70 35.84
CA ILE G 258 -25.62 43.70 35.29
C ILE G 258 -25.21 44.70 36.36
N GLU G 259 -26.17 45.14 37.18
CA GLU G 259 -25.84 46.07 38.26
C GLU G 259 -24.95 45.41 39.30
N GLN G 260 -25.33 44.26 39.84
CA GLN G 260 -24.59 43.64 40.94
C GLN G 260 -23.25 43.07 40.61
N GLU G 261 -23.15 42.41 39.46
CA GLU G 261 -21.90 41.76 39.10
C GLU G 261 -20.94 42.66 38.35
N LYS G 262 -21.34 43.89 38.04
CA LYS G 262 -20.52 44.84 37.29
C LYS G 262 -20.11 44.26 35.93
N VAL G 263 -21.09 43.71 35.21
CA VAL G 263 -20.83 43.11 33.91
C VAL G 263 -20.40 44.18 32.92
N THR G 264 -19.40 43.87 32.11
CA THR G 264 -18.89 44.80 31.12
C THR G 264 -19.04 44.32 29.67
N PHE G 265 -19.04 43.02 29.42
CA PHE G 265 -19.12 42.48 28.07
C PHE G 265 -20.29 41.52 27.95
N SER G 266 -21.11 41.71 26.93
CA SER G 266 -22.24 40.83 26.68
C SER G 266 -22.46 40.71 25.18
N HIS G 267 -23.30 39.75 24.80
CA HIS G 267 -23.77 39.61 23.44
C HIS G 267 -25.23 39.21 23.46
N CYS G 268 -26.04 39.81 22.61
CA CYS G 268 -27.46 39.51 22.56
C CYS G 268 -27.99 39.77 21.16
N VAL G 269 -29.31 39.81 21.03
CA VAL G 269 -29.99 40.05 19.77
C VAL G 269 -30.79 41.34 19.92
N PRO G 270 -31.19 41.97 18.81
CA PRO G 270 -31.89 43.26 18.92
C PRO G 270 -33.15 43.23 19.78
N THR G 271 -33.90 42.12 19.77
CA THR G 271 -35.13 42.07 20.56
C THR G 271 -34.85 42.12 22.05
N ILE G 272 -33.87 41.34 22.52
CA ILE G 272 -33.51 41.34 23.93
C ILE G 272 -32.98 42.71 24.35
N LEU G 273 -32.15 43.33 23.51
CA LEU G 273 -31.62 44.66 23.83
C LEU G 273 -32.73 45.69 23.90
N HIS G 274 -33.70 45.64 22.98
CA HIS G 274 -34.82 46.55 23.04
C HIS G 274 -35.64 46.33 24.30
N LEU G 275 -35.85 45.07 24.70
CA LEU G 275 -36.58 44.79 25.93
C LEU G 275 -35.84 45.34 27.15
N LEU G 276 -34.51 45.19 27.18
CA LEU G 276 -33.75 45.68 28.31
C LEU G 276 -33.75 47.20 28.37
N LEU G 277 -33.67 47.87 27.22
CA LEU G 277 -33.65 49.32 27.22
C LEU G 277 -35.03 49.91 27.50
N SER G 278 -36.10 49.19 27.16
CA SER G 278 -37.45 49.67 27.40
C SER G 278 -37.98 49.30 28.77
N SER G 279 -37.26 48.48 29.53
CA SER G 279 -37.74 48.08 30.85
C SER G 279 -37.74 49.28 31.79
N PRO G 280 -38.78 49.44 32.60
CA PRO G 280 -38.82 50.58 33.53
C PRO G 280 -37.71 50.56 34.57
N LYS G 281 -37.13 49.39 34.85
CA LYS G 281 -36.07 49.27 35.84
C LYS G 281 -34.74 49.81 35.32
N SER G 282 -34.60 50.00 34.01
CA SER G 282 -33.34 50.37 33.40
C SER G 282 -33.14 51.88 33.27
N LYS G 283 -34.14 52.69 33.62
CA LYS G 283 -34.02 54.13 33.40
C LYS G 283 -33.03 54.77 34.37
N ALA G 284 -32.93 54.25 35.58
CA ALA G 284 -32.05 54.82 36.60
C ALA G 284 -30.77 54.02 36.77
N MET G 285 -30.50 53.06 35.90
CA MET G 285 -29.37 52.15 36.10
C MET G 285 -28.21 52.58 35.21
N ASP G 286 -27.00 52.50 35.75
CA ASP G 286 -25.81 52.95 35.05
C ASP G 286 -25.44 51.97 33.94
N PHE G 287 -25.11 52.51 32.77
CA PHE G 287 -24.81 51.69 31.60
C PHE G 287 -23.46 52.00 30.97
N SER G 288 -22.73 52.99 31.46
CA SER G 288 -21.54 53.45 30.75
C SER G 288 -20.31 52.63 31.07
N GLY G 289 -20.45 51.31 31.04
CA GLY G 289 -19.30 50.41 31.08
C GLY G 289 -19.56 49.16 30.27
N TRP G 290 -20.69 49.14 29.57
CA TRP G 290 -21.22 47.94 28.94
C TRP G 290 -20.87 47.94 27.45
N LYS G 291 -20.61 46.74 26.92
CA LYS G 291 -20.04 46.54 25.60
C LYS G 291 -20.77 45.44 24.84
N VAL G 292 -22.09 45.56 24.73
CA VAL G 292 -22.87 44.59 23.96
C VAL G 292 -22.42 44.54 22.52
N VAL G 293 -22.41 43.35 21.95
CA VAL G 293 -22.24 43.13 20.52
C VAL G 293 -23.52 42.47 20.00
N ILE G 294 -24.12 43.08 18.98
CA ILE G 294 -25.39 42.64 18.42
C ILE G 294 -25.09 41.85 17.15
N GLY G 295 -25.43 40.58 17.15
CA GLY G 295 -25.07 39.74 16.02
C GLY G 295 -26.16 38.81 15.55
N GLY G 296 -27.32 38.88 16.18
CA GLY G 296 -28.42 38.03 15.77
C GLY G 296 -28.83 38.26 14.33
N ALA G 297 -29.44 39.41 14.06
CA ALA G 297 -29.74 39.81 12.69
C ALA G 297 -30.10 41.28 12.59
N ALA G 298 -29.33 42.06 11.83
CA ALA G 298 -29.76 43.37 11.33
C ALA G 298 -30.13 44.31 12.47
N LEU G 299 -29.12 44.71 13.23
CA LEU G 299 -29.31 45.71 14.27
C LEU G 299 -29.86 46.99 13.65
N PRO G 300 -31.05 47.45 14.05
CA PRO G 300 -31.61 48.67 13.47
C PRO G 300 -30.87 49.91 13.92
N LYS G 301 -31.00 50.96 13.10
CA LYS G 301 -30.32 52.23 13.39
C LYS G 301 -30.94 52.96 14.57
N ALA G 302 -32.26 52.86 14.75
CA ALA G 302 -32.91 53.57 15.84
C ALA G 302 -32.57 52.96 17.20
N LEU G 303 -32.56 51.64 17.29
CA LEU G 303 -32.15 50.99 18.53
C LEU G 303 -30.70 51.29 18.86
N CYS G 304 -29.84 51.30 17.84
CA CYS G 304 -28.44 51.68 18.05
C CYS G 304 -28.32 53.11 18.55
N LYS G 305 -29.10 54.02 17.98
CA LYS G 305 -29.06 55.41 18.42
C LYS G 305 -29.51 55.55 19.87
N SER G 306 -30.57 54.84 20.25
CA SER G 306 -31.04 54.90 21.63
C SER G 306 -30.01 54.33 22.59
N ALA G 307 -29.39 53.20 22.22
CA ALA G 307 -28.36 52.59 23.07
C ALA G 307 -27.17 53.53 23.22
N LEU G 308 -26.76 54.19 22.14
CA LEU G 308 -25.67 55.14 22.24
C LEU G 308 -26.04 56.33 23.13
N GLU G 309 -27.30 56.77 23.05
CA GLU G 309 -27.74 57.84 23.94
C GLU G 309 -27.74 57.40 25.39
N ARG G 310 -27.92 56.10 25.65
CA ARG G 310 -27.74 55.57 26.99
C ARG G 310 -26.29 55.27 27.33
N ASP G 311 -25.35 55.67 26.44
CA ASP G 311 -23.92 55.55 26.68
C ASP G 311 -23.46 54.08 26.78
N ILE G 312 -23.83 53.30 25.77
CA ILE G 312 -23.45 51.90 25.68
C ILE G 312 -22.57 51.72 24.45
N ASP G 313 -21.45 51.02 24.62
CA ASP G 313 -20.59 50.63 23.51
C ASP G 313 -21.26 49.46 22.80
N VAL G 314 -22.13 49.78 21.85
CA VAL G 314 -22.90 48.80 21.10
C VAL G 314 -22.37 48.75 19.68
N PHE G 315 -22.13 47.54 19.19
CA PHE G 315 -21.59 47.34 17.85
C PHE G 315 -22.09 46.01 17.32
N ALA G 316 -21.96 45.81 16.02
CA ALA G 316 -22.57 44.67 15.34
C ALA G 316 -21.53 43.65 14.92
N GLY G 317 -22.02 42.47 14.58
CA GLY G 317 -21.18 41.38 14.10
C GLY G 317 -22.01 40.43 13.28
N TYR G 318 -21.34 39.66 12.44
CA TYR G 318 -22.00 38.82 11.45
C TYR G 318 -21.49 37.39 11.52
N GLY G 319 -22.41 36.45 11.40
CA GLY G 319 -22.04 35.04 11.39
C GLY G 319 -23.27 34.18 11.16
N MET G 320 -23.04 32.88 11.04
CA MET G 320 -24.12 31.91 10.90
C MET G 320 -23.63 30.56 11.41
N SER G 321 -24.51 29.57 11.33
CA SER G 321 -24.22 28.25 11.89
C SER G 321 -23.04 27.58 11.19
N GLU G 322 -22.93 27.76 9.88
CA GLU G 322 -21.91 27.08 9.10
C GLU G 322 -20.54 27.74 9.18
N THR G 323 -20.42 28.90 9.81
CA THR G 323 -19.23 29.73 9.65
C THR G 323 -18.42 29.97 10.93
N GLY G 324 -18.69 29.24 12.00
CA GLY G 324 -17.80 29.30 13.14
C GLY G 324 -18.33 29.78 14.49
N PRO G 325 -19.15 30.85 14.54
CA PRO G 325 -19.82 31.63 13.49
C PRO G 325 -19.14 32.90 13.02
N ILE G 326 -18.26 33.53 13.79
CA ILE G 326 -17.91 34.93 13.57
C ILE G 326 -17.13 35.06 12.26
N LEU G 327 -17.63 35.91 11.37
CA LEU G 327 -16.96 36.24 10.13
C LEU G 327 -16.59 37.71 10.01
N SER G 328 -17.30 38.60 10.69
CA SER G 328 -17.11 40.03 10.55
C SER G 328 -17.56 40.73 11.81
N ILE G 329 -16.88 41.82 12.16
CA ILE G 329 -17.16 42.62 13.34
C ILE G 329 -17.02 44.09 12.97
N VAL G 330 -17.86 44.93 13.55
CA VAL G 330 -17.74 46.38 13.37
C VAL G 330 -16.61 46.89 14.27
N GLN G 331 -15.56 47.42 13.64
CA GLN G 331 -14.47 48.09 14.35
C GLN G 331 -14.34 49.50 13.80
N LEU G 332 -14.27 50.48 14.71
CA LEU G 332 -14.22 51.89 14.35
C LEU G 332 -12.82 52.43 14.53
N THR G 333 -12.29 53.05 13.47
CA THR G 333 -11.01 53.73 13.55
C THR G 333 -11.13 54.93 14.48
N PRO G 334 -10.02 55.39 15.08
CA PRO G 334 -10.15 56.40 16.13
C PRO G 334 -10.56 57.78 15.65
N GLU G 335 -10.62 58.01 14.34
CA GLU G 335 -11.25 59.22 13.82
C GLU G 335 -12.77 59.14 13.83
N GLN G 336 -13.33 57.93 13.88
CA GLN G 336 -14.77 57.76 13.80
C GLN G 336 -15.47 57.87 15.15
N LEU G 337 -14.73 57.89 16.26
CA LEU G 337 -15.34 58.14 17.55
C LEU G 337 -15.57 59.62 17.82
N GLU G 338 -15.13 60.51 16.94
CA GLU G 338 -15.43 61.93 17.07
C GLU G 338 -16.71 62.33 16.34
N LEU G 339 -17.32 61.43 15.58
CA LEU G 339 -18.55 61.75 14.89
C LEU G 339 -19.70 61.84 15.89
N ASP G 340 -20.77 62.52 15.47
CA ASP G 340 -21.93 62.67 16.33
C ASP G 340 -22.69 61.34 16.43
N VAL G 341 -23.79 61.38 17.17
CA VAL G 341 -24.51 60.15 17.50
C VAL G 341 -25.11 59.51 16.26
N ASP G 342 -25.58 60.32 15.30
CA ASP G 342 -26.26 59.77 14.14
C ASP G 342 -25.29 59.04 13.21
N GLN G 343 -24.15 59.67 12.89
CA GLN G 343 -23.18 59.04 12.02
C GLN G 343 -22.52 57.84 12.70
N GLN G 344 -22.28 57.94 14.00
CA GLN G 344 -21.79 56.79 14.74
C GLN G 344 -22.79 55.64 14.71
N ALA G 345 -24.08 55.96 14.85
CA ALA G 345 -25.12 54.92 14.79
C ALA G 345 -25.15 54.26 13.43
N GLU G 346 -24.98 55.06 12.37
CA GLU G 346 -24.91 54.50 11.03
C GLU G 346 -23.70 53.58 10.88
N TYR G 347 -22.56 53.98 11.44
CA TYR G 347 -21.36 53.17 11.31
C TYR G 347 -21.47 51.87 12.10
N ARG G 348 -22.04 51.93 13.29
CA ARG G 348 -22.12 50.77 14.18
C ARG G 348 -23.19 49.76 13.79
N SER G 349 -24.08 50.12 12.88
CA SER G 349 -25.13 49.21 12.44
C SER G 349 -24.74 48.34 11.27
N LYS G 350 -23.58 48.60 10.65
CA LYS G 350 -23.18 47.86 9.48
C LYS G 350 -22.79 46.43 9.84
N THR G 351 -22.57 45.62 8.80
CA THR G 351 -22.13 44.25 9.01
C THR G 351 -20.71 44.21 9.57
N GLY G 352 -19.85 45.10 9.10
CA GLY G 352 -18.49 45.22 9.60
C GLY G 352 -17.47 44.73 8.60
N LYS G 353 -16.21 44.78 9.03
CA LYS G 353 -15.11 44.27 8.23
C LYS G 353 -14.80 42.83 8.65
N LYS G 354 -14.27 42.06 7.70
CA LYS G 354 -13.96 40.67 7.97
C LYS G 354 -12.81 40.55 8.96
N VAL G 355 -12.88 39.53 9.80
CA VAL G 355 -11.91 39.30 10.87
C VAL G 355 -10.68 38.60 10.31
N ALA G 356 -9.63 38.48 11.12
CA ALA G 356 -8.37 37.92 10.68
C ALA G 356 -8.55 36.51 10.11
N LEU G 357 -7.84 36.23 9.02
CA LEU G 357 -7.80 34.94 8.34
C LEU G 357 -9.10 34.61 7.61
N VAL G 358 -9.89 35.61 7.26
CA VAL G 358 -11.16 35.42 6.57
C VAL G 358 -11.07 36.10 5.21
N GLU G 359 -11.39 35.36 4.16
CA GLU G 359 -11.48 35.89 2.80
C GLU G 359 -12.94 35.93 2.38
N ALA G 360 -13.43 37.11 2.02
CA ALA G 360 -14.82 37.28 1.65
C ALA G 360 -14.93 38.06 0.35
N TYR G 361 -15.71 37.54 -0.59
CA TYR G 361 -16.02 38.21 -1.83
C TYR G 361 -17.52 38.21 -2.07
N ILE G 362 -17.95 39.06 -2.99
CA ILE G 362 -19.32 39.05 -3.49
C ILE G 362 -19.29 38.63 -4.95
N VAL G 363 -20.15 37.67 -5.30
CA VAL G 363 -20.16 37.07 -6.63
C VAL G 363 -21.57 37.10 -7.19
N ASP G 364 -21.67 36.78 -8.47
CA ASP G 364 -22.95 36.59 -9.14
C ASP G 364 -23.24 35.10 -9.26
N GLU G 365 -24.32 34.74 -9.96
CA GLU G 365 -24.65 33.33 -10.14
C GLU G 365 -23.61 32.60 -10.98
N ASP G 366 -22.78 33.33 -11.73
CA ASP G 366 -21.67 32.75 -12.46
C ASP G 366 -20.36 32.80 -11.69
N MET G 367 -20.37 33.33 -10.47
CA MET G 367 -19.18 33.42 -9.61
C MET G 367 -18.08 34.24 -10.28
N ASN G 368 -18.37 35.53 -10.48
CA ASN G 368 -17.48 36.40 -11.23
C ASN G 368 -16.84 37.50 -10.37
N LYS G 369 -17.07 37.50 -9.06
CA LYS G 369 -16.37 38.39 -8.13
C LYS G 369 -16.56 39.86 -8.51
N LEU G 370 -17.80 40.31 -8.34
CA LEU G 370 -18.22 41.70 -8.54
C LEU G 370 -17.30 42.68 -7.82
N PRO G 371 -17.18 43.91 -8.30
CA PRO G 371 -16.29 44.88 -7.65
C PRO G 371 -16.81 45.35 -6.30
N HIS G 372 -15.89 45.83 -5.48
CA HIS G 372 -16.20 46.40 -4.17
C HIS G 372 -16.26 47.91 -4.32
N ASP G 373 -17.44 48.43 -4.66
CA ASP G 373 -17.64 49.85 -4.86
C ASP G 373 -18.67 50.47 -3.93
N GLY G 374 -19.36 49.67 -3.12
CA GLY G 374 -20.39 50.18 -2.25
C GLY G 374 -21.79 50.22 -2.86
N GLU G 375 -21.93 49.86 -4.13
CA GLU G 375 -23.23 49.83 -4.78
C GLU G 375 -23.55 48.48 -5.40
N THR G 376 -22.57 47.82 -6.03
CA THR G 376 -22.80 46.53 -6.66
C THR G 376 -23.07 45.48 -5.59
N ALA G 377 -24.13 44.69 -5.79
CA ALA G 377 -24.57 43.72 -4.80
C ALA G 377 -24.51 42.31 -5.37
N GLY G 378 -23.98 41.39 -4.58
CA GLY G 378 -23.91 39.99 -4.93
C GLY G 378 -23.90 39.16 -3.67
N GLU G 379 -23.83 37.84 -3.84
CA GLU G 379 -23.83 36.95 -2.71
C GLU G 379 -22.43 36.83 -2.11
N ILE G 380 -22.37 36.85 -0.78
CA ILE G 380 -21.11 36.71 -0.06
C ILE G 380 -20.67 35.25 -0.09
N VAL G 381 -19.41 35.03 -0.44
CA VAL G 381 -18.79 33.70 -0.40
C VAL G 381 -17.47 33.83 0.35
N VAL G 382 -17.21 32.90 1.26
CA VAL G 382 -16.13 33.09 2.23
C VAL G 382 -15.21 31.87 2.25
N ARG G 383 -14.00 32.11 2.76
CA ARG G 383 -13.06 31.07 3.14
C ARG G 383 -12.50 31.44 4.51
N ALA G 384 -12.41 30.46 5.39
CA ALA G 384 -11.99 30.71 6.76
C ALA G 384 -11.49 29.40 7.35
N PRO G 385 -10.69 29.45 8.42
CA PRO G 385 -10.20 28.22 9.04
C PRO G 385 -11.22 27.49 9.91
N TRP G 386 -12.46 27.97 10.00
CA TRP G 386 -13.44 27.39 10.93
C TRP G 386 -14.80 27.24 10.27
N LEU G 387 -14.83 26.78 9.03
CA LEU G 387 -16.07 26.52 8.31
C LEU G 387 -16.37 25.03 8.30
N THR G 388 -17.64 24.67 8.38
CA THR G 388 -18.01 23.28 8.29
C THR G 388 -17.78 22.77 6.87
N PRO G 389 -17.17 21.60 6.70
CA PRO G 389 -16.84 21.13 5.35
C PRO G 389 -18.04 20.65 4.56
N ASN G 390 -19.09 20.20 5.24
CA ASN G 390 -20.32 19.75 4.60
C ASN G 390 -21.41 19.67 5.65
N TYR G 391 -22.58 19.21 5.24
CA TYR G 391 -23.65 18.87 6.16
C TYR G 391 -23.55 17.40 6.52
N TYR G 392 -23.83 17.08 7.77
CA TYR G 392 -23.71 15.70 8.24
C TYR G 392 -24.72 14.82 7.53
N LYS G 393 -24.24 13.69 7.00
CA LYS G 393 -25.08 12.71 6.31
C LYS G 393 -25.84 13.34 5.15
N ASP G 394 -25.17 14.19 4.39
CA ASP G 394 -25.80 14.90 3.28
C ASP G 394 -24.79 15.06 2.16
N ASN G 395 -25.28 14.95 0.92
CA ASN G 395 -24.42 15.07 -0.26
C ASN G 395 -24.80 16.24 -1.15
N LYS G 396 -26.06 16.35 -1.55
CA LYS G 396 -26.44 17.36 -2.54
C LYS G 396 -26.43 18.75 -1.95
N ASN G 397 -26.98 18.91 -0.74
CA ASN G 397 -26.92 20.21 -0.06
C ASN G 397 -25.48 20.55 0.28
N SER G 398 -24.68 19.56 0.63
CA SER G 398 -23.26 19.78 0.88
C SER G 398 -22.56 20.26 -0.37
N LYS G 399 -22.90 19.68 -1.53
CA LYS G 399 -22.30 20.11 -2.79
C LYS G 399 -22.72 21.52 -3.14
N ALA G 400 -23.98 21.86 -2.88
CA ALA G 400 -24.45 23.22 -3.18
C ALA G 400 -23.86 24.24 -2.21
N LEU G 401 -23.47 23.81 -1.01
CA LEU G 401 -22.90 24.74 -0.04
C LEU G 401 -21.52 25.23 -0.45
N TRP G 402 -20.70 24.33 -1.01
CA TRP G 402 -19.32 24.64 -1.35
C TRP G 402 -19.12 24.74 -2.86
N ARG G 403 -20.10 25.32 -3.56
CA ARG G 403 -20.01 25.47 -5.00
C ARG G 403 -18.87 26.38 -5.40
N GLY G 404 -18.04 25.92 -6.34
CA GLY G 404 -16.98 26.75 -6.86
C GLY G 404 -15.80 26.94 -5.94
N GLY G 405 -15.69 26.18 -4.86
CA GLY G 405 -14.59 26.30 -3.94
C GLY G 405 -14.75 27.32 -2.85
N TYR G 406 -15.94 27.91 -2.69
CA TYR G 406 -16.22 28.85 -1.62
C TYR G 406 -17.51 28.45 -0.92
N LEU G 407 -17.64 28.89 0.31
CA LEU G 407 -18.84 28.62 1.09
C LEU G 407 -19.86 29.73 0.85
N HIS G 408 -21.04 29.35 0.35
CA HIS G 408 -22.09 30.32 0.03
C HIS G 408 -22.93 30.56 1.27
N THR G 409 -22.96 31.81 1.74
CA THR G 409 -23.68 32.16 2.94
C THR G 409 -25.16 32.44 2.70
N GLY G 410 -25.59 32.56 1.44
CA GLY G 410 -26.97 32.86 1.15
C GLY G 410 -27.39 34.28 1.45
N ASP G 411 -26.45 35.21 1.53
CA ASP G 411 -26.73 36.61 1.83
C ASP G 411 -26.19 37.50 0.73
N VAL G 412 -26.93 38.56 0.42
CA VAL G 412 -26.58 39.49 -0.64
C VAL G 412 -26.12 40.80 0.00
N ALA G 413 -24.95 41.28 -0.40
CA ALA G 413 -24.36 42.45 0.22
C ALA G 413 -23.54 43.22 -0.79
N HIS G 414 -23.27 44.48 -0.46
CA HIS G 414 -22.31 45.30 -1.18
C HIS G 414 -21.21 45.72 -0.22
N ILE G 415 -19.97 45.69 -0.69
CA ILE G 415 -18.80 45.94 0.14
C ILE G 415 -18.21 47.29 -0.25
N ASP G 416 -17.93 48.11 0.76
CA ASP G 416 -17.38 49.44 0.57
C ASP G 416 -15.97 49.34 -0.04
N ASP G 417 -15.45 50.51 -0.45
CA ASP G 417 -14.09 50.56 -0.93
C ASP G 417 -13.09 50.34 0.19
N GLU G 418 -13.43 50.74 1.41
CA GLU G 418 -12.58 50.56 2.57
C GLU G 418 -12.81 49.24 3.29
N GLY G 419 -13.80 48.45 2.87
CA GLY G 419 -14.00 47.12 3.41
C GLY G 419 -15.25 46.92 4.23
N PHE G 420 -16.06 47.95 4.41
CA PHE G 420 -17.27 47.82 5.23
C PHE G 420 -18.36 47.12 4.44
N ILE G 421 -18.83 45.99 4.97
CA ILE G 421 -19.85 45.18 4.32
C ILE G 421 -21.22 45.63 4.77
N LYS G 422 -22.18 45.66 3.84
CA LYS G 422 -23.55 46.04 4.13
C LYS G 422 -24.49 44.99 3.53
N ILE G 423 -25.07 44.16 4.38
CA ILE G 423 -25.94 43.08 3.92
C ILE G 423 -27.31 43.65 3.55
N THR G 424 -27.79 43.29 2.37
CA THR G 424 -29.06 43.80 1.88
C THR G 424 -30.23 42.89 2.24
N ASP G 425 -30.20 41.64 1.80
CA ASP G 425 -31.18 40.63 2.20
C ASP G 425 -30.68 39.26 1.75
N ARG G 426 -31.52 38.24 1.93
CA ARG G 426 -31.18 36.86 1.61
C ARG G 426 -31.22 36.62 0.10
N VAL G 427 -30.57 35.53 -0.31
CA VAL G 427 -30.58 35.14 -1.72
C VAL G 427 -31.96 34.63 -2.12
N LYS G 428 -32.59 33.84 -1.26
CA LYS G 428 -33.90 33.27 -1.57
C LYS G 428 -35.03 34.27 -1.45
N ASP G 429 -34.79 35.45 -0.89
CA ASP G 429 -35.80 36.50 -0.80
C ASP G 429 -35.73 37.48 -1.97
N MET G 430 -34.89 37.19 -2.96
CA MET G 430 -34.65 38.12 -4.06
C MET G 430 -35.92 38.37 -4.87
N ILE G 431 -36.02 39.56 -5.46
CA ILE G 431 -37.13 39.94 -6.31
C ILE G 431 -36.57 40.18 -7.71
N LYS G 432 -36.86 39.25 -8.62
CA LYS G 432 -36.35 39.30 -10.00
C LYS G 432 -37.47 39.79 -10.91
N ILE G 433 -37.42 41.06 -11.28
CA ILE G 433 -38.35 41.65 -12.23
C ILE G 433 -37.64 41.77 -13.57
N SER G 434 -38.16 41.07 -14.59
CA SER G 434 -37.58 41.10 -15.92
C SER G 434 -36.09 40.77 -15.89
N GLY G 435 -35.25 41.79 -15.90
CA GLY G 435 -33.81 41.59 -15.85
C GLY G 435 -33.10 42.44 -14.82
N GLU G 436 -33.78 42.78 -13.72
CA GLU G 436 -33.21 43.59 -12.66
C GLU G 436 -33.43 42.89 -11.33
N TRP G 437 -32.65 43.31 -10.33
CA TRP G 437 -32.52 42.56 -9.08
C TRP G 437 -32.70 43.53 -7.92
N VAL G 438 -33.78 43.37 -7.16
CA VAL G 438 -34.08 44.27 -6.04
C VAL G 438 -34.37 43.44 -4.79
N SER G 439 -34.19 44.08 -3.64
CA SER G 439 -34.38 43.47 -2.34
C SER G 439 -35.82 43.65 -1.87
N SER G 440 -36.18 42.91 -0.82
CA SER G 440 -37.50 43.06 -0.21
C SER G 440 -37.46 43.82 1.11
N LEU G 441 -36.30 43.87 1.78
CA LEU G 441 -36.25 44.45 3.12
C LEU G 441 -36.41 45.97 3.07
N GLU G 442 -35.82 46.64 2.07
CA GLU G 442 -35.97 48.09 1.99
C GLU G 442 -37.40 48.46 1.64
N LEU G 443 -38.06 47.68 0.78
CA LEU G 443 -39.47 47.92 0.50
C LEU G 443 -40.32 47.68 1.74
N GLU G 444 -40.00 46.63 2.51
CA GLU G 444 -40.72 46.38 3.75
C GLU G 444 -40.58 47.54 4.71
N ASP G 445 -39.37 48.07 4.86
CA ASP G 445 -39.17 49.21 5.76
C ASP G 445 -39.89 50.46 5.25
N ILE G 446 -39.85 50.71 3.94
CA ILE G 446 -40.52 51.87 3.38
C ILE G 446 -42.03 51.79 3.63
N LEU G 447 -42.62 50.61 3.41
CA LEU G 447 -44.04 50.45 3.66
C LEU G 447 -44.35 50.47 5.15
N HIS G 448 -43.42 50.01 5.98
CA HIS G 448 -43.58 50.06 7.43
C HIS G 448 -43.51 51.49 7.96
N GLN G 449 -42.88 52.40 7.22
CA GLN G 449 -42.89 53.81 7.62
C GLN G 449 -44.28 54.42 7.54
N HIS G 450 -45.22 53.77 6.86
CA HIS G 450 -46.60 54.23 6.86
C HIS G 450 -47.18 54.19 8.26
N GLN G 451 -48.13 55.09 8.53
CA GLN G 451 -48.72 55.20 9.85
C GLN G 451 -49.88 54.24 10.06
N SER G 452 -50.09 53.29 9.16
CA SER G 452 -51.21 52.35 9.24
C SER G 452 -50.74 50.93 8.94
N VAL G 453 -49.61 50.53 9.54
CA VAL G 453 -49.06 49.19 9.34
C VAL G 453 -48.37 48.76 10.63
N SER G 454 -48.52 47.48 10.98
CA SER G 454 -47.82 46.89 12.12
C SER G 454 -46.62 46.06 11.68
N GLU G 455 -46.84 45.05 10.84
CA GLU G 455 -45.77 44.23 10.30
C GLU G 455 -45.95 44.11 8.78
N VAL G 456 -44.85 44.17 8.05
CA VAL G 456 -44.84 44.20 6.60
C VAL G 456 -44.10 42.98 6.08
N ALA G 457 -44.71 42.28 5.12
CA ALA G 457 -44.10 41.14 4.45
C ALA G 457 -44.19 41.35 2.95
N VAL G 458 -43.05 41.28 2.27
CA VAL G 458 -42.98 41.52 0.83
C VAL G 458 -42.43 40.27 0.17
N ILE G 459 -43.22 39.68 -0.73
CA ILE G 459 -42.83 38.48 -1.45
C ILE G 459 -43.17 38.65 -2.93
N GLY G 460 -42.64 37.74 -3.75
CA GLY G 460 -42.77 37.85 -5.19
C GLY G 460 -43.93 37.06 -5.77
N MET G 461 -44.35 37.51 -6.96
CA MET G 461 -45.47 36.90 -7.66
C MET G 461 -45.14 36.82 -9.19
N PRO G 462 -44.99 35.60 -9.82
CA PRO G 462 -44.57 35.49 -11.23
C PRO G 462 -45.53 36.20 -12.17
N HIS G 463 -44.95 36.76 -13.24
CA HIS G 463 -45.71 37.38 -14.31
C HIS G 463 -45.08 37.00 -15.64
N ASN G 464 -45.82 37.25 -16.72
CA ASN G 464 -45.39 36.80 -18.04
C ASN G 464 -44.22 37.62 -18.57
N LYS G 465 -44.41 38.93 -18.72
CA LYS G 465 -43.40 39.76 -19.38
C LYS G 465 -42.28 40.16 -18.43
N TRP G 466 -42.64 40.70 -17.27
CA TRP G 466 -41.66 41.23 -16.33
C TRP G 466 -41.16 40.19 -15.35
N GLY G 467 -41.52 38.92 -15.54
CA GLY G 467 -41.11 37.91 -14.58
C GLY G 467 -41.80 38.12 -13.24
N GLU G 468 -41.15 37.64 -12.19
CA GLU G 468 -41.71 37.78 -10.85
C GLU G 468 -41.79 39.25 -10.45
N VAL G 469 -42.91 39.63 -9.83
CA VAL G 469 -43.13 41.00 -9.41
C VAL G 469 -43.35 41.01 -7.90
N PRO G 470 -43.03 42.10 -7.20
CA PRO G 470 -43.20 42.11 -5.75
C PRO G 470 -44.67 42.18 -5.36
N LEU G 471 -44.97 41.66 -4.18
CA LEU G 471 -46.29 41.78 -3.56
C LEU G 471 -46.09 42.01 -2.07
N ALA G 472 -46.90 42.91 -1.51
CA ALA G 472 -46.76 43.34 -0.12
C ALA G 472 -47.92 42.79 0.71
N LEU G 473 -47.58 42.19 1.85
CA LEU G 473 -48.56 41.70 2.81
C LEU G 473 -48.31 42.41 4.14
N VAL G 474 -49.31 43.18 4.59
CA VAL G 474 -49.20 43.99 5.80
C VAL G 474 -50.45 43.79 6.64
N THR G 475 -50.42 44.35 7.85
CA THR G 475 -51.56 44.43 8.74
C THR G 475 -51.78 45.89 9.11
N LEU G 476 -53.03 46.35 9.00
CA LEU G 476 -53.34 47.77 9.10
C LEU G 476 -53.36 48.23 10.57
N LYS G 477 -53.72 49.49 10.78
CA LYS G 477 -53.74 50.09 12.11
C LYS G 477 -55.16 50.51 12.48
N GLU G 478 -55.29 51.18 13.63
CA GLU G 478 -56.59 51.45 14.23
C GLU G 478 -57.40 52.44 13.40
N ASP G 479 -58.67 52.10 13.16
CA ASP G 479 -59.62 52.94 12.43
C ASP G 479 -59.09 53.38 11.08
N ALA G 480 -58.14 52.64 10.53
CA ALA G 480 -57.53 52.95 9.23
C ALA G 480 -57.80 51.77 8.29
N GLN G 481 -58.97 51.80 7.66
CA GLN G 481 -59.32 50.79 6.66
C GLN G 481 -58.72 51.13 5.31
N VAL G 482 -57.42 51.37 5.31
CA VAL G 482 -56.72 51.83 4.10
C VAL G 482 -56.51 50.65 3.18
N THR G 483 -57.11 50.70 1.99
CA THR G 483 -57.08 49.60 1.05
C THR G 483 -55.74 49.58 0.32
N GLU G 484 -55.64 48.75 -0.72
CA GLU G 484 -54.40 48.64 -1.48
C GLU G 484 -54.06 49.94 -2.20
N LYS G 485 -55.07 50.73 -2.57
CA LYS G 485 -54.82 51.97 -3.29
C LYS G 485 -54.04 52.96 -2.42
N GLU G 486 -54.39 53.06 -1.14
CA GLU G 486 -53.69 53.99 -0.26
C GLU G 486 -52.23 53.58 -0.07
N LEU G 487 -51.97 52.28 0.12
CA LEU G 487 -50.59 51.82 0.25
C LEU G 487 -49.82 52.03 -1.04
N LEU G 488 -50.46 51.80 -2.18
CA LEU G 488 -49.82 52.08 -3.46
C LEU G 488 -49.44 53.55 -3.58
N GLY G 489 -50.36 54.45 -3.22
CA GLY G 489 -50.07 55.87 -3.27
C GLY G 489 -48.94 56.27 -2.33
N PHE G 490 -48.93 55.69 -1.13
CA PHE G 490 -47.86 55.97 -0.18
C PHE G 490 -46.52 55.51 -0.73
N ALA G 491 -46.48 54.33 -1.35
CA ALA G 491 -45.24 53.88 -1.98
C ALA G 491 -44.82 54.82 -3.09
N LYS G 492 -45.77 55.27 -3.91
CA LYS G 492 -45.46 56.21 -4.97
C LYS G 492 -44.96 57.55 -4.43
N ASP G 493 -45.35 57.90 -3.21
CA ASP G 493 -44.95 59.18 -2.63
C ASP G 493 -43.46 59.24 -2.31
N PHE G 494 -42.80 58.09 -2.34
CA PHE G 494 -41.38 58.07 -2.06
C PHE G 494 -40.52 58.45 -3.25
N ILE G 495 -39.21 58.40 -3.09
CA ILE G 495 -38.27 58.69 -4.16
C ILE G 495 -37.12 57.71 -4.09
N ASN G 496 -36.12 57.91 -4.95
CA ASN G 496 -34.87 57.16 -4.94
C ASN G 496 -35.10 55.67 -5.22
N LYS G 497 -35.64 55.39 -6.40
CA LYS G 497 -35.85 54.01 -6.84
C LYS G 497 -35.58 53.93 -8.34
N GLY G 498 -35.13 52.76 -8.77
CA GLY G 498 -34.80 52.49 -10.17
C GLY G 498 -35.91 51.76 -10.88
N ILE G 499 -35.52 50.95 -11.87
CA ILE G 499 -36.43 50.13 -12.66
C ILE G 499 -37.49 51.03 -13.29
N LEU G 500 -38.73 50.54 -13.38
CA LEU G 500 -39.82 51.28 -14.01
C LEU G 500 -40.17 52.52 -13.21
N ALA G 501 -39.79 53.70 -13.72
CA ALA G 501 -40.01 54.96 -13.02
C ALA G 501 -39.44 54.89 -11.62
N ARG G 502 -40.30 54.59 -10.63
CA ARG G 502 -39.89 54.39 -9.26
C ARG G 502 -40.09 52.95 -8.84
N GLU G 503 -39.88 52.02 -9.78
CA GLU G 503 -40.06 50.57 -9.60
C GLU G 503 -41.44 50.21 -9.04
N ALA G 504 -42.40 51.12 -9.15
CA ALA G 504 -43.75 50.91 -8.64
C ALA G 504 -44.73 50.88 -9.81
N LEU G 505 -44.88 49.70 -10.42
CA LEU G 505 -45.90 49.50 -11.44
C LEU G 505 -46.66 48.18 -11.31
N LEU G 506 -46.17 47.22 -10.52
CA LEU G 506 -46.82 45.93 -10.36
C LEU G 506 -46.81 45.49 -8.90
N LEU G 507 -46.92 46.44 -7.98
CA LEU G 507 -46.81 46.12 -6.55
C LEU G 507 -47.93 45.19 -6.10
N LYS G 508 -49.16 45.52 -6.46
CA LYS G 508 -50.34 44.69 -6.13
C LYS G 508 -50.39 44.40 -4.63
N VAL G 509 -50.24 45.45 -3.83
CA VAL G 509 -50.20 45.29 -2.38
C VAL G 509 -51.51 44.71 -1.87
N LYS G 510 -51.42 43.82 -0.90
CA LYS G 510 -52.58 43.21 -0.25
C LYS G 510 -52.46 43.38 1.25
N ILE G 511 -53.48 42.94 1.97
CA ILE G 511 -53.53 42.98 3.43
C ILE G 511 -54.11 41.66 3.91
N VAL G 512 -53.26 40.79 4.44
CA VAL G 512 -53.69 39.54 5.06
C VAL G 512 -53.52 39.66 6.56
N ASP G 513 -54.54 39.21 7.30
CA ASP G 513 -54.58 39.41 8.75
C ASP G 513 -53.41 38.75 9.47
N GLU G 514 -53.31 37.42 9.40
CA GLU G 514 -52.32 36.67 10.16
C GLU G 514 -51.14 36.31 9.27
N ILE G 515 -49.94 36.58 9.76
CA ILE G 515 -48.70 36.24 9.08
C ILE G 515 -48.04 35.10 9.85
N ALA G 516 -47.81 33.97 9.19
CA ALA G 516 -47.21 32.83 9.84
C ALA G 516 -45.78 33.15 10.27
N LYS G 517 -45.44 32.74 11.49
CA LYS G 517 -44.12 32.99 12.06
C LYS G 517 -43.49 31.68 12.50
N THR G 518 -42.23 31.47 12.11
CA THR G 518 -41.52 30.24 12.44
C THR G 518 -41.24 30.16 13.93
N SER G 519 -40.62 29.05 14.34
CA SER G 519 -40.25 28.87 15.73
C SER G 519 -39.13 29.81 16.17
N VAL G 520 -38.40 30.40 15.21
CA VAL G 520 -37.37 31.36 15.53
C VAL G 520 -37.89 32.79 15.58
N GLY G 521 -39.20 32.99 15.48
CA GLY G 521 -39.80 34.31 15.51
C GLY G 521 -39.88 35.00 14.17
N LYS G 522 -39.26 34.45 13.13
CA LYS G 522 -39.27 35.05 11.81
C LYS G 522 -40.45 34.51 11.00
N VAL G 523 -40.89 35.32 10.03
CA VAL G 523 -42.02 34.93 9.20
C VAL G 523 -41.58 33.88 8.18
N ASP G 524 -42.44 32.88 7.97
CA ASP G 524 -42.14 31.80 7.03
C ASP G 524 -42.57 32.24 5.64
N LYS G 525 -41.62 32.78 4.88
CA LYS G 525 -41.96 33.30 3.55
C LYS G 525 -42.33 32.18 2.58
N LYS G 526 -41.69 31.02 2.71
CA LYS G 526 -42.04 29.90 1.85
C LYS G 526 -43.46 29.42 2.11
N GLU G 527 -43.86 29.34 3.39
CA GLU G 527 -45.22 28.94 3.72
C GLU G 527 -46.23 29.98 3.22
N LEU G 528 -45.87 31.27 3.33
CA LEU G 528 -46.75 32.32 2.81
C LEU G 528 -46.91 32.19 1.30
N ARG G 529 -45.83 31.88 0.60
CA ARG G 529 -45.92 31.65 -0.84
C ARG G 529 -46.81 30.45 -1.15
N LYS G 530 -46.66 29.37 -0.37
CA LYS G 530 -47.48 28.18 -0.61
C LYS G 530 -48.95 28.46 -0.38
N LEU G 531 -49.28 29.24 0.66
CA LEU G 531 -50.67 29.55 0.96
C LEU G 531 -51.25 30.52 -0.07
N HIS G 532 -50.45 31.48 -0.54
CA HIS G 532 -50.96 32.49 -1.47
C HIS G 532 -50.88 32.06 -2.92
N LEU G 533 -49.87 31.30 -3.30
CA LEU G 533 -49.69 30.98 -4.72
C LEU G 533 -49.17 29.59 -5.00
N SER H 2 84.20 31.25 12.83
CA SER H 2 84.23 31.89 14.15
C SER H 2 82.93 32.62 14.43
N THR H 3 82.55 33.53 13.54
CA THR H 3 81.31 34.29 13.67
C THR H 3 80.25 33.89 12.68
N ILE H 4 80.64 33.43 11.49
CA ILE H 4 79.67 33.01 10.48
C ILE H 4 78.89 31.81 10.97
N GLU H 5 79.60 30.78 11.44
CA GLU H 5 78.94 29.56 11.90
C GLU H 5 78.06 29.83 13.12
N GLU H 6 78.41 30.83 13.92
CA GLU H 6 77.63 31.15 15.10
C GLU H 6 76.21 31.59 14.74
N ARG H 7 76.09 32.45 13.72
CA ARG H 7 74.81 33.04 13.36
C ARG H 7 73.93 32.14 12.50
N VAL H 8 74.48 31.08 11.91
CA VAL H 8 73.62 30.09 11.27
C VAL H 8 72.85 29.29 12.31
N LYS H 9 73.44 29.07 13.49
CA LYS H 9 72.70 28.50 14.61
C LYS H 9 71.65 29.46 15.13
N LYS H 10 71.70 30.72 14.71
CA LYS H 10 70.72 31.71 15.16
C LYS H 10 69.46 31.66 14.30
N ILE H 11 69.61 31.65 12.98
CA ILE H 11 68.49 31.75 12.04
C ILE H 11 67.48 30.63 12.27
N ILE H 12 67.94 29.39 12.18
CA ILE H 12 67.03 28.24 12.29
C ILE H 12 66.45 28.17 13.69
N GLY H 13 67.09 28.83 14.66
CA GLY H 13 66.54 28.92 16.00
C GLY H 13 65.52 30.01 16.18
N GLU H 14 65.54 31.04 15.32
CA GLU H 14 64.63 32.18 15.45
C GLU H 14 63.18 31.79 15.20
N GLN H 15 62.90 31.30 13.99
CA GLN H 15 61.51 31.06 13.60
C GLN H 15 60.88 29.92 14.39
N LEU H 16 61.67 28.94 14.80
CA LEU H 16 61.16 27.78 15.53
C LEU H 16 61.24 27.94 17.03
N GLY H 17 61.71 29.08 17.53
CA GLY H 17 61.71 29.35 18.95
C GLY H 17 62.52 28.38 19.78
N VAL H 18 63.74 28.07 19.34
CA VAL H 18 64.61 27.13 20.02
C VAL H 18 65.95 27.78 20.30
N LYS H 19 66.48 27.52 21.50
CA LYS H 19 67.69 28.19 21.96
C LYS H 19 68.91 27.75 21.15
N GLN H 20 69.95 28.58 21.21
CA GLN H 20 71.16 28.41 20.41
C GLN H 20 72.14 27.40 21.00
N GLU H 21 72.03 27.08 22.30
CA GLU H 21 72.93 26.09 22.88
C GLU H 21 72.64 24.69 22.34
N GLU H 22 71.36 24.30 22.33
CA GLU H 22 70.95 23.01 21.78
C GLU H 22 71.05 23.00 20.26
N VAL H 23 70.70 24.12 19.63
CA VAL H 23 70.68 24.22 18.18
C VAL H 23 72.08 24.59 17.70
N THR H 24 72.74 23.64 17.03
CA THR H 24 74.13 23.82 16.62
C THR H 24 74.34 23.28 15.22
N ASN H 25 75.61 23.12 14.82
CA ASN H 25 75.92 22.54 13.52
C ASN H 25 75.40 21.11 13.42
N ASN H 26 75.58 20.33 14.48
CA ASN H 26 75.16 18.94 14.46
C ASN H 26 73.63 18.82 14.37
N ALA H 27 72.92 19.73 15.01
CA ALA H 27 71.45 19.71 14.99
C ALA H 27 70.94 19.88 13.57
N SER H 28 70.18 18.89 13.09
CA SER H 28 69.73 18.85 11.71
C SER H 28 68.58 19.84 11.47
N PHE H 29 68.14 19.90 10.22
CA PHE H 29 67.00 20.72 9.85
C PHE H 29 65.70 20.23 10.48
N VAL H 30 65.67 18.98 10.95
CA VAL H 30 64.43 18.32 11.37
C VAL H 30 64.59 17.75 12.77
N GLU H 31 63.59 16.97 13.20
CA GLU H 31 63.44 16.39 14.53
C GLU H 31 63.57 17.44 15.64
N ASP H 32 64.75 17.58 16.24
CA ASP H 32 64.94 18.39 17.45
C ASP H 32 64.35 19.79 17.35
N LEU H 33 64.30 20.35 16.13
CA LEU H 33 63.69 21.66 15.96
C LEU H 33 62.17 21.59 16.00
N GLY H 34 61.58 20.50 15.50
CA GLY H 34 60.15 20.39 15.41
C GLY H 34 59.59 21.11 14.20
N ALA H 35 60.18 20.83 13.03
CA ALA H 35 59.81 21.50 11.80
C ALA H 35 59.20 20.50 10.82
N ASP H 36 58.19 20.95 10.10
CA ASP H 36 57.55 20.14 9.07
C ASP H 36 58.26 20.35 7.74
O 4HH H 37 59.30 22.10 4.59
C 4HH H 37 58.25 21.58 5.00
CA 4HH H 37 58.21 20.09 5.33
N 4HH H 37 57.64 19.87 6.66
CB 4HH H 37 57.40 19.33 4.28
OG 4HH H 37 57.43 17.93 4.52
CJ 4HH H 37 55.61 15.15 3.69
CK 4HH H 37 56.71 14.34 3.00
CL1 4HH H 37 57.37 13.43 4.02
CL2 4HH H 37 57.74 15.29 2.41
CL3 4HH H 37 56.91 12.27 1.57
CM 4HH H 37 56.08 13.51 1.88
OM 4HH H 37 55.96 14.30 0.73
NN 4HH H 37 56.39 10.95 1.88
ON 4HH H 37 57.99 12.38 1.09
P 4HH H 37 55.89 17.66 4.39
O1P 4HH H 37 54.58 17.99 5.06
O2P 4HH H 37 55.81 17.97 2.91
O3P 4HH H 37 56.21 16.05 4.57
CO 4HH H 37 55.08 10.80 2.47
CP 4HH H 37 54.10 10.28 1.42
CQ 4HH H 37 52.89 9.46 1.88
CS 4HH H 37 50.49 8.79 1.57
CT 4HH H 37 49.76 8.20 0.37
NR 4HH H 37 51.64 9.56 1.16
OR 4HH H 37 52.98 8.73 2.82
SU 4HH H 37 48.34 9.24 -0.08
N LEU H 38 57.12 22.27 5.19
CA LEU H 38 57.07 23.70 4.90
C LEU H 38 57.99 24.50 5.80
N ASP H 39 58.05 24.16 7.09
CA ASP H 39 58.96 24.85 7.99
C ASP H 39 60.41 24.64 7.58
N THR H 40 60.76 23.42 7.19
CA THR H 40 62.13 23.15 6.75
C THR H 40 62.49 23.92 5.49
N VAL H 41 61.59 23.95 4.49
CA VAL H 41 61.93 24.64 3.25
C VAL H 41 62.00 26.14 3.50
N GLU H 42 61.14 26.67 4.39
CA GLU H 42 61.21 28.11 4.67
C GLU H 42 62.44 28.47 5.48
N LEU H 43 62.92 27.58 6.35
CA LEU H 43 64.21 27.80 7.01
C LEU H 43 65.34 27.81 5.99
N VAL H 44 65.30 26.87 5.04
CA VAL H 44 66.30 26.84 3.97
C VAL H 44 66.26 28.13 3.16
N MET H 45 65.07 28.67 2.93
CA MET H 45 64.95 29.95 2.23
C MET H 45 65.50 31.10 3.06
N ALA H 46 65.11 31.18 4.33
CA ALA H 46 65.61 32.24 5.21
C ALA H 46 67.12 32.24 5.33
N LEU H 47 67.74 31.07 5.20
CA LEU H 47 69.20 31.02 5.12
C LEU H 47 69.74 31.95 4.04
N GLU H 48 69.16 31.92 2.84
CA GLU H 48 69.59 32.80 1.76
C GLU H 48 68.99 34.19 1.85
N GLU H 49 67.84 34.36 2.50
CA GLU H 49 67.32 35.70 2.75
C GLU H 49 68.13 36.46 3.78
N GLU H 50 68.97 35.78 4.57
CA GLU H 50 69.87 36.49 5.46
C GLU H 50 71.31 36.51 4.96
N PHE H 51 71.91 35.36 4.68
CA PHE H 51 73.30 35.36 4.23
C PHE H 51 73.45 35.61 2.74
N ASP H 52 72.35 35.83 2.01
CA ASP H 52 72.39 36.24 0.60
C ASP H 52 73.03 35.17 -0.28
N THR H 53 72.66 33.91 -0.03
CA THR H 53 72.98 32.85 -0.97
C THR H 53 71.81 32.68 -1.93
N GLU H 54 71.83 31.65 -2.77
CA GLU H 54 70.78 31.49 -3.76
C GLU H 54 70.31 30.03 -3.85
N ILE H 55 69.96 29.42 -2.72
CA ILE H 55 69.72 27.98 -2.63
C ILE H 55 68.72 27.50 -3.68
N PRO H 56 69.03 26.41 -4.39
CA PRO H 56 68.14 25.92 -5.45
C PRO H 56 67.20 24.80 -5.01
N ASP H 57 67.31 24.40 -3.74
CA ASP H 57 66.63 23.23 -3.18
C ASP H 57 67.21 21.94 -3.73
N GLU H 58 68.10 22.05 -4.72
CA GLU H 58 68.78 20.87 -5.27
C GLU H 58 69.97 20.47 -4.40
N GLU H 59 70.61 21.45 -3.76
CA GLU H 59 71.52 21.13 -2.66
C GLU H 59 70.76 20.71 -1.41
N ALA H 60 69.54 21.21 -1.23
CA ALA H 60 68.73 20.84 -0.07
C ALA H 60 68.16 19.44 -0.17
N GLU H 61 68.08 18.87 -1.37
CA GLU H 61 67.68 17.48 -1.53
C GLU H 61 68.69 16.51 -0.93
N LYS H 62 69.92 16.96 -0.65
CA LYS H 62 70.95 16.08 -0.12
C LYS H 62 71.49 16.51 1.24
N ILE H 63 71.13 17.68 1.75
CA ILE H 63 71.61 18.12 3.06
C ILE H 63 70.51 17.87 4.08
N THR H 64 70.87 17.17 5.17
CA THR H 64 69.91 16.86 6.22
C THR H 64 70.54 16.98 7.60
N THR H 65 71.54 17.85 7.75
CA THR H 65 72.24 18.01 9.01
C THR H 65 72.52 19.45 9.41
N VAL H 66 72.08 20.44 8.63
CA VAL H 66 72.34 21.86 8.87
C VAL H 66 73.83 22.16 8.70
N GLN H 67 74.68 21.35 9.33
CA GLN H 67 76.13 21.49 9.25
C GLN H 67 76.59 21.56 7.79
N ALA H 68 75.96 20.78 6.92
CA ALA H 68 76.30 20.80 5.50
C ALA H 68 76.08 22.19 4.91
N ALA H 69 74.94 22.81 5.25
CA ALA H 69 74.68 24.17 4.76
C ALA H 69 75.62 25.18 5.41
N ILE H 70 75.88 25.04 6.70
CA ILE H 70 76.71 26.01 7.42
C ILE H 70 78.07 26.07 6.78
N ASP H 71 78.62 24.91 6.47
CA ASP H 71 79.93 24.87 5.86
C ASP H 71 79.83 25.25 4.40
N TYR H 72 78.70 24.96 3.76
CA TYR H 72 78.48 25.31 2.35
C TYR H 72 78.66 26.80 2.16
N ILE H 73 78.28 27.62 3.15
CA ILE H 73 78.33 29.06 3.01
C ILE H 73 79.75 29.54 2.71
N SER I 2 33.35 -72.70 -42.47
CA SER I 2 32.42 -73.06 -43.53
C SER I 2 30.98 -72.80 -43.10
N THR I 3 30.58 -73.39 -41.99
CA THR I 3 29.24 -73.22 -41.44
C THR I 3 29.21 -72.39 -40.18
N ILE I 4 30.27 -72.42 -39.38
CA ILE I 4 30.30 -71.63 -38.15
C ILE I 4 30.27 -70.14 -38.48
N GLU I 5 31.14 -69.71 -39.39
CA GLU I 5 31.23 -68.29 -39.75
C GLU I 5 29.94 -67.82 -40.41
N GLU I 6 29.22 -68.72 -41.08
CA GLU I 6 27.99 -68.34 -41.74
C GLU I 6 26.94 -67.88 -40.73
N ARG I 7 26.80 -68.59 -39.63
CA ARG I 7 25.73 -68.33 -38.65
C ARG I 7 26.06 -67.20 -37.69
N VAL I 8 27.33 -66.77 -37.59
CA VAL I 8 27.62 -65.55 -36.85
C VAL I 8 27.10 -64.32 -37.59
N LYS I 9 27.11 -64.37 -38.93
CA LYS I 9 26.46 -63.34 -39.72
C LYS I 9 24.94 -63.37 -39.55
N LYS I 10 24.42 -64.46 -38.97
CA LYS I 10 22.98 -64.58 -38.77
C LYS I 10 22.53 -63.88 -37.50
N ILE I 11 23.24 -64.12 -36.39
CA ILE I 11 22.83 -63.64 -35.07
C ILE I 11 22.71 -62.13 -35.05
N ILE I 12 23.80 -61.43 -35.40
CA ILE I 12 23.81 -59.97 -35.32
C ILE I 12 22.84 -59.39 -36.34
N GLY I 13 22.46 -60.17 -37.34
CA GLY I 13 21.44 -59.73 -38.28
C GLY I 13 20.02 -59.96 -37.81
N GLU I 14 19.81 -60.88 -36.87
CA GLU I 14 18.47 -61.20 -36.39
C GLU I 14 17.84 -60.05 -35.63
N GLN I 15 18.46 -59.64 -34.53
CA GLN I 15 17.84 -58.66 -33.64
C GLN I 15 17.74 -57.29 -34.29
N LEU I 16 18.68 -56.95 -35.17
CA LEU I 16 18.70 -55.64 -35.81
C LEU I 16 17.99 -55.63 -37.16
N GLY I 17 17.41 -56.74 -37.58
CA GLY I 17 16.63 -56.78 -38.80
C GLY I 17 17.39 -56.41 -40.06
N VAL I 18 18.58 -56.97 -40.23
CA VAL I 18 19.43 -56.66 -41.38
C VAL I 18 19.82 -57.96 -42.07
N LYS I 19 19.79 -57.93 -43.41
CA LYS I 19 20.01 -59.13 -44.19
C LYS I 19 21.45 -59.63 -44.07
N GLN I 20 21.63 -60.90 -44.42
CA GLN I 20 22.89 -61.60 -44.25
C GLN I 20 23.90 -61.33 -45.37
N GLU I 21 23.43 -60.86 -46.53
CA GLU I 21 24.38 -60.55 -47.61
C GLU I 21 25.24 -59.34 -47.26
N GLU I 22 24.61 -58.26 -46.79
CA GLU I 22 25.36 -57.07 -46.37
C GLU I 22 26.10 -57.32 -45.06
N VAL I 23 25.47 -58.06 -44.15
CA VAL I 23 26.04 -58.31 -42.83
C VAL I 23 26.98 -59.50 -42.93
N THR I 24 28.29 -59.25 -42.79
CA THR I 24 29.29 -60.28 -42.97
C THR I 24 30.38 -60.16 -41.92
N ASN I 25 31.50 -60.85 -42.13
CA ASN I 25 32.64 -60.76 -41.21
C ASN I 25 33.17 -59.33 -41.17
N ASN I 26 33.29 -58.69 -42.33
CA ASN I 26 33.83 -57.34 -42.38
C ASN I 26 32.92 -56.33 -41.69
N ALA I 27 31.61 -56.54 -41.79
CA ALA I 27 30.65 -55.64 -41.16
C ALA I 27 30.83 -55.63 -39.64
N SER I 28 31.11 -54.45 -39.10
CA SER I 28 31.46 -54.32 -37.68
C SER I 28 30.20 -54.42 -36.82
N PHE I 29 30.42 -54.36 -35.50
CA PHE I 29 29.32 -54.36 -34.54
C PHE I 29 28.47 -53.10 -34.64
N VAL I 30 28.98 -52.05 -35.27
CA VAL I 30 28.34 -50.73 -35.25
C VAL I 30 28.17 -50.20 -36.67
N GLU I 31 27.77 -48.93 -36.77
CA GLU I 31 27.42 -48.22 -38.00
C GLU I 31 26.39 -48.98 -38.85
N ASP I 32 26.83 -49.74 -39.85
CA ASP I 32 25.96 -50.34 -40.86
C ASP I 32 24.76 -51.08 -40.25
N LEU I 33 24.94 -51.64 -39.05
CA LEU I 33 23.84 -52.32 -38.40
C LEU I 33 22.83 -51.34 -37.80
N GLY I 34 23.31 -50.20 -37.32
CA GLY I 34 22.44 -49.24 -36.66
C GLY I 34 22.18 -49.61 -35.21
N ALA I 35 23.25 -49.90 -34.48
CA ALA I 35 23.16 -50.35 -33.09
C ALA I 35 23.77 -49.32 -32.16
N ASP I 36 23.14 -49.15 -31.01
CA ASP I 36 23.64 -48.25 -29.98
C ASP I 36 24.60 -49.01 -29.06
O 4HH I 37 25.64 -51.41 -26.38
C 4HH I 37 25.07 -50.31 -26.39
CA 4HH I 37 25.77 -49.08 -26.95
N 4HH I 37 24.94 -48.39 -27.93
CB 4HH I 37 26.14 -48.12 -25.82
OG 4HH I 37 26.88 -47.01 -26.29
CJ 4HH I 37 27.67 -43.83 -25.31
CK 4HH I 37 29.20 -43.95 -25.31
CL1 4HH I 37 29.73 -43.51 -26.67
CL2 4HH I 37 29.59 -45.39 -25.04
CL3 4HH I 37 31.19 -42.63 -24.51
CM 4HH I 37 29.76 -43.05 -24.20
OM 4HH I 37 29.73 -43.73 -22.98
NN 4HH I 37 31.49 -41.23 -24.81
ON 4HH I 37 32.07 -43.42 -24.52
P 4HH I 37 26.08 -45.88 -25.58
O1P 4HH I 37 26.48 -46.26 -24.18
O2P 4HH I 37 24.70 -45.27 -25.56
O3P 4HH I 37 27.16 -44.80 -26.18
CO 4HH I 37 30.43 -40.25 -24.80
CP 4HH I 37 30.55 -39.37 -23.56
CQ 4HH I 37 30.02 -37.94 -23.61
CS 4HH I 37 28.92 -35.99 -22.45
CT 4HH I 37 29.32 -35.24 -21.19
NR 4HH I 37 29.43 -37.35 -22.42
OR 4HH I 37 30.09 -37.31 -24.62
SU 4HH I 37 27.95 -35.24 -20.00
N LEU I 38 23.82 -50.15 -25.96
CA LEU I 38 23.06 -51.27 -25.41
C LEU I 38 22.82 -52.35 -26.46
N ASP I 39 22.49 -51.95 -27.68
CA ASP I 39 22.29 -52.95 -28.74
C ASP I 39 23.58 -53.71 -29.02
N THR I 40 24.71 -53.01 -29.05
CA THR I 40 25.98 -53.68 -29.29
C THR I 40 26.32 -54.67 -28.17
N VAL I 41 26.15 -54.26 -26.91
CA VAL I 41 26.50 -55.18 -25.82
C VAL I 41 25.55 -56.36 -25.80
N GLU I 42 24.27 -56.14 -26.11
CA GLU I 42 23.35 -57.27 -26.13
C GLU I 42 23.59 -58.20 -27.31
N LEU I 43 24.07 -57.69 -28.45
CA LEU I 43 24.51 -58.56 -29.52
C LEU I 43 25.72 -59.39 -29.10
N VAL I 44 26.67 -58.75 -28.41
CA VAL I 44 27.83 -59.46 -27.89
C VAL I 44 27.40 -60.54 -26.91
N MET I 45 26.37 -60.28 -26.10
CA MET I 45 25.86 -61.30 -25.20
C MET I 45 25.18 -62.43 -25.95
N ALA I 46 24.30 -62.10 -26.90
CA ALA I 46 23.62 -63.12 -27.69
C ALA I 46 24.59 -64.02 -28.44
N LEU I 47 25.76 -63.51 -28.80
CA LEU I 47 26.81 -64.35 -29.35
C LEU I 47 27.09 -65.55 -28.46
N GLU I 48 27.25 -65.33 -27.15
CA GLU I 48 27.50 -66.41 -26.20
C GLU I 48 26.22 -67.13 -25.77
N GLU I 49 25.07 -66.47 -25.83
CA GLU I 49 23.82 -67.18 -25.58
C GLU I 49 23.46 -68.15 -26.70
N GLU I 50 24.07 -68.02 -27.88
CA GLU I 50 23.87 -69.01 -28.92
C GLU I 50 25.04 -69.97 -29.08
N PHE I 51 26.26 -69.46 -29.29
CA PHE I 51 27.39 -70.37 -29.48
C PHE I 51 28.00 -70.84 -28.17
N ASP I 52 27.46 -70.44 -27.03
CA ASP I 52 27.86 -70.94 -25.72
C ASP I 52 29.31 -70.61 -25.40
N THR I 53 29.70 -69.36 -25.70
CA THR I 53 30.96 -68.84 -25.20
C THR I 53 30.70 -68.13 -23.88
N GLU I 54 31.70 -67.44 -23.34
CA GLU I 54 31.52 -66.80 -22.03
C GLU I 54 32.10 -65.37 -22.04
N ILE I 55 31.73 -64.54 -23.00
CA ILE I 55 32.38 -63.25 -23.26
C ILE I 55 32.46 -62.40 -21.99
N PRO I 56 33.63 -61.83 -21.68
CA PRO I 56 33.78 -61.03 -20.46
C PRO I 56 33.62 -59.53 -20.66
N ASP I 57 33.38 -59.11 -21.91
CA ASP I 57 33.36 -57.71 -22.35
C ASP I 57 34.76 -57.13 -22.35
N GLU I 58 35.73 -57.86 -21.81
CA GLU I 58 37.12 -57.43 -21.84
C GLU I 58 37.77 -57.73 -23.17
N GLU I 59 37.34 -58.81 -23.84
CA GLU I 59 37.67 -58.98 -25.25
C GLU I 59 36.85 -58.04 -26.12
N ALA I 60 35.65 -57.66 -25.69
CA ALA I 60 34.81 -56.73 -26.43
C ALA I 60 35.31 -55.30 -26.36
N GLU I 61 36.11 -54.95 -25.37
CA GLU I 61 36.74 -53.63 -25.32
C GLU I 61 37.73 -53.42 -26.46
N LYS I 62 38.17 -54.49 -27.14
CA LYS I 62 39.14 -54.35 -28.21
C LYS I 62 38.66 -54.85 -29.56
N ILE I 63 37.49 -55.49 -29.64
CA ILE I 63 36.97 -55.97 -30.92
C ILE I 63 35.93 -54.98 -31.42
N THR I 64 36.11 -54.50 -32.67
CA THR I 64 35.18 -53.54 -33.25
C THR I 64 34.92 -53.86 -34.72
N THR I 65 35.02 -55.13 -35.12
CA THR I 65 34.84 -55.52 -36.51
C THR I 65 33.99 -56.77 -36.70
N VAL I 66 33.44 -57.37 -35.64
CA VAL I 66 32.68 -58.62 -35.70
C VAL I 66 33.58 -59.78 -36.12
N GLN I 67 34.35 -59.59 -37.20
CA GLN I 67 35.29 -60.59 -37.70
C GLN I 67 36.20 -61.10 -36.59
N ALA I 68 36.62 -60.22 -35.69
CA ALA I 68 37.47 -60.61 -34.59
C ALA I 68 36.75 -61.63 -33.70
N ALA I 69 35.48 -61.41 -33.41
CA ALA I 69 34.72 -62.36 -32.61
C ALA I 69 34.46 -63.65 -33.39
N ILE I 70 34.15 -63.53 -34.68
CA ILE I 70 33.81 -64.71 -35.49
C ILE I 70 34.97 -65.66 -35.48
N ASP I 71 36.16 -65.13 -35.65
CA ASP I 71 37.34 -65.96 -35.67
C ASP I 71 37.69 -66.39 -34.25
N TYR I 72 37.39 -65.54 -33.27
CA TYR I 72 37.66 -65.87 -31.86
C TYR I 72 36.99 -67.17 -31.49
N ILE I 73 35.81 -67.45 -32.07
CA ILE I 73 35.04 -68.63 -31.69
C ILE I 73 35.86 -69.91 -31.92
N SER J 2 -12.52 -81.04 -38.45
CA SER J 2 -11.42 -81.90 -38.04
C SER J 2 -10.12 -81.11 -37.92
N THR J 3 -9.75 -80.44 -39.00
CA THR J 3 -8.54 -79.61 -39.04
C THR J 3 -8.83 -78.12 -39.07
N ILE J 4 -9.95 -77.72 -39.67
CA ILE J 4 -10.30 -76.29 -39.73
C ILE J 4 -10.53 -75.76 -38.33
N GLU J 5 -11.36 -76.45 -37.54
CA GLU J 5 -11.69 -75.99 -36.20
C GLU J 5 -10.46 -75.99 -35.30
N GLU J 6 -9.50 -76.87 -35.58
CA GLU J 6 -8.29 -76.94 -34.76
C GLU J 6 -7.49 -75.64 -34.85
N ARG J 7 -7.34 -75.10 -36.06
CA ARG J 7 -6.48 -73.94 -36.28
C ARG J 7 -7.15 -72.61 -35.95
N VAL J 8 -8.47 -72.57 -35.79
CA VAL J 8 -9.10 -71.37 -35.25
C VAL J 8 -8.76 -71.21 -33.77
N LYS J 9 -8.60 -72.32 -33.05
CA LYS J 9 -8.09 -72.25 -31.68
C LYS J 9 -6.63 -71.82 -31.66
N LYS J 10 -5.97 -71.81 -32.81
CA LYS J 10 -4.56 -71.40 -32.88
C LYS J 10 -4.43 -69.90 -32.99
N ILE J 11 -5.20 -69.28 -33.90
CA ILE J 11 -5.07 -67.86 -34.22
C ILE J 11 -5.26 -67.00 -32.98
N ILE J 12 -6.42 -67.13 -32.34
CA ILE J 12 -6.75 -66.29 -31.19
C ILE J 12 -5.80 -66.58 -30.03
N GLY J 13 -5.14 -67.75 -30.06
CA GLY J 13 -4.14 -68.05 -29.06
C GLY J 13 -2.77 -67.48 -29.36
N GLU J 14 -2.48 -67.17 -30.63
CA GLU J 14 -1.17 -66.67 -31.03
C GLU J 14 -0.89 -65.29 -30.45
N GLN J 15 -1.71 -64.31 -30.82
CA GLN J 15 -1.42 -62.92 -30.46
C GLN J 15 -1.53 -62.68 -28.96
N LEU J 16 -2.41 -63.41 -28.28
CA LEU J 16 -2.62 -63.23 -26.85
C LEU J 16 -1.78 -64.16 -25.99
N GLY J 17 -0.93 -64.99 -26.61
CA GLY J 17 -0.01 -65.83 -25.85
C GLY J 17 -0.68 -66.81 -24.92
N VAL J 18 -1.70 -67.51 -25.39
CA VAL J 18 -2.45 -68.47 -24.58
C VAL J 18 -2.48 -69.81 -25.28
N LYS J 19 -2.30 -70.88 -24.49
CA LYS J 19 -2.16 -72.22 -25.03
C LYS J 19 -3.47 -72.69 -25.66
N GLN J 20 -3.35 -73.70 -26.52
CA GLN J 20 -4.45 -74.22 -27.32
C GLN J 20 -5.34 -75.20 -26.56
N GLU J 21 -4.86 -75.78 -25.47
CA GLU J 21 -5.70 -76.69 -24.70
C GLU J 21 -6.83 -75.95 -24.00
N GLU J 22 -6.51 -74.85 -23.33
CA GLU J 22 -7.53 -74.02 -22.67
C GLU J 22 -8.35 -73.24 -23.70
N VAL J 23 -7.70 -72.78 -24.76
CA VAL J 23 -8.36 -71.96 -25.78
C VAL J 23 -9.01 -72.89 -26.78
N THR J 24 -10.35 -72.92 -26.78
CA THR J 24 -11.09 -73.85 -27.63
C THR J 24 -12.29 -73.16 -28.26
N ASN J 25 -13.22 -73.95 -28.81
CA ASN J 25 -14.44 -73.40 -29.37
C ASN J 25 -15.26 -72.70 -28.29
N ASN J 26 -15.37 -73.33 -27.11
CA ASN J 26 -16.17 -72.75 -26.04
C ASN J 26 -15.57 -71.45 -25.53
N ALA J 27 -14.25 -71.35 -25.50
CA ALA J 27 -13.58 -70.15 -25.02
C ALA J 27 -13.94 -68.95 -25.90
N SER J 28 -14.52 -67.93 -25.29
CA SER J 28 -15.05 -66.79 -26.02
C SER J 28 -13.92 -65.87 -26.48
N PHE J 29 -14.30 -64.81 -27.20
CA PHE J 29 -13.34 -63.79 -27.63
C PHE J 29 -12.76 -63.01 -26.46
N VAL J 30 -13.40 -63.06 -25.30
CA VAL J 30 -13.07 -62.19 -24.17
C VAL J 30 -12.85 -63.02 -22.91
N GLU J 31 -12.70 -62.32 -21.77
CA GLU J 31 -12.36 -62.87 -20.45
C GLU J 31 -11.10 -63.74 -20.49
N ASP J 32 -11.26 -65.06 -20.58
CA ASP J 32 -10.16 -66.01 -20.40
C ASP J 32 -8.92 -65.67 -21.23
N LEU J 33 -9.12 -65.04 -22.39
CA LEU J 33 -7.98 -64.64 -23.20
C LEU J 33 -7.29 -63.40 -22.64
N GLY J 34 -8.03 -62.50 -22.03
CA GLY J 34 -7.47 -61.25 -21.55
C GLY J 34 -7.32 -60.23 -22.64
N ALA J 35 -8.38 -60.02 -23.41
CA ALA J 35 -8.36 -59.11 -24.56
C ALA J 35 -9.29 -57.94 -24.31
N ASP J 36 -8.85 -56.77 -24.77
CA ASP J 36 -9.65 -55.56 -24.68
C ASP J 36 -10.52 -55.42 -25.93
O 4HH J 37 -11.36 -54.78 -29.51
C 4HH J 37 -11.03 -54.07 -28.55
CA 4HH J 37 -11.91 -54.00 -27.30
N 4HH J 37 -11.13 -54.25 -26.10
CB 4HH J 37 -12.60 -52.63 -27.21
OG 4HH J 37 -13.49 -52.59 -26.11
CJ 4HH J 37 -15.03 -50.23 -24.16
CK 4HH J 37 -16.49 -50.62 -24.42
CL1 4HH J 37 -16.94 -51.61 -23.34
CL2 4HH J 37 -16.60 -51.28 -25.79
CL3 4HH J 37 -18.80 -49.70 -24.00
CM 4HH J 37 -17.36 -49.36 -24.37
OM 4HH J 37 -17.33 -48.73 -25.63
NN 4HH J 37 -19.33 -49.25 -22.73
ON 4HH J 37 -19.49 -50.32 -24.74
P 4HH J 37 -13.03 -51.23 -25.51
O1P 4HH J 37 -11.82 -50.58 -24.87
O2P 4HH J 37 -13.51 -50.38 -26.66
O3P 4HH J 37 -14.23 -51.34 -24.39
CO 4HH J 37 -18.51 -48.47 -21.81
CP 4HH J 37 -18.95 -47.01 -21.83
CQ 4HH J 37 -18.73 -46.17 -20.57
CS 4HH J 37 -18.21 -43.93 -19.54
CT 4HH J 37 -18.91 -42.58 -19.70
NR 4HH J 37 -18.43 -44.76 -20.72
OR 4HH J 37 -18.82 -46.65 -19.50
SU 4HH J 37 -17.71 -41.33 -20.23
N LEU J 38 -9.91 -53.35 -28.54
CA LEU J 38 -9.00 -53.35 -29.68
C LEU J 38 -8.42 -54.74 -29.94
N ASP J 39 -8.02 -55.45 -28.89
CA ASP J 39 -7.50 -56.80 -29.06
C ASP J 39 -8.56 -57.72 -29.66
N THR J 40 -9.81 -57.61 -29.19
CA THR J 40 -10.87 -58.45 -29.74
C THR J 40 -11.13 -58.14 -31.21
N VAL J 41 -11.21 -56.86 -31.58
CA VAL J 41 -11.49 -56.55 -32.98
C VAL J 41 -10.32 -56.97 -33.87
N GLU J 42 -9.08 -56.83 -33.38
CA GLU J 42 -7.95 -57.26 -34.19
C GLU J 42 -7.85 -58.77 -34.30
N LEU J 43 -8.29 -59.52 -33.28
CA LEU J 43 -8.41 -60.97 -33.42
C LEU J 43 -9.46 -61.32 -34.47
N VAL J 44 -10.60 -60.63 -34.44
CA VAL J 44 -11.64 -60.84 -35.43
C VAL J 44 -11.11 -60.55 -36.83
N MET J 45 -10.27 -59.52 -36.97
CA MET J 45 -9.66 -59.22 -38.27
C MET J 45 -8.68 -60.31 -38.68
N ALA J 46 -7.78 -60.71 -37.78
CA ALA J 46 -6.81 -61.76 -38.08
C ALA J 46 -7.48 -63.07 -38.49
N LEU J 47 -8.69 -63.32 -37.99
CA LEU J 47 -9.46 -64.47 -38.47
C LEU J 47 -9.60 -64.44 -39.99
N GLU J 48 -9.95 -63.29 -40.57
CA GLU J 48 -10.08 -63.17 -42.02
C GLU J 48 -8.75 -62.93 -42.72
N GLU J 49 -7.76 -62.37 -42.03
CA GLU J 49 -6.42 -62.29 -42.62
C GLU J 49 -5.73 -63.65 -42.73
N GLU J 50 -6.22 -64.66 -42.02
CA GLU J 50 -5.69 -66.01 -42.21
C GLU J 50 -6.61 -66.90 -43.02
N PHE J 51 -7.87 -67.07 -42.61
CA PHE J 51 -8.76 -67.95 -43.36
C PHE J 51 -9.42 -67.28 -44.55
N ASP J 52 -9.11 -66.01 -44.83
CA ASP J 52 -9.55 -65.31 -46.03
C ASP J 52 -11.07 -65.19 -46.09
N THR J 53 -11.67 -64.84 -44.95
CA THR J 53 -13.06 -64.42 -44.93
C THR J 53 -13.11 -62.90 -45.08
N GLU J 54 -14.29 -62.30 -44.93
CA GLU J 54 -14.41 -60.86 -45.13
C GLU J 54 -15.26 -60.22 -44.04
N ILE J 55 -14.96 -60.47 -42.77
CA ILE J 55 -15.83 -60.12 -41.64
C ILE J 55 -16.23 -58.65 -41.67
N PRO J 56 -17.52 -58.33 -41.50
CA PRO J 56 -17.98 -56.94 -41.57
C PRO J 56 -18.10 -56.26 -40.21
N ASP J 57 -17.81 -56.99 -39.14
CA ASP J 57 -18.03 -56.59 -37.75
C ASP J 57 -19.52 -56.56 -37.41
N GLU J 58 -20.36 -56.74 -38.43
CA GLU J 58 -21.81 -56.83 -38.20
C GLU J 58 -22.22 -58.22 -37.75
N GLU J 59 -21.50 -59.25 -38.20
CA GLU J 59 -21.60 -60.56 -37.56
C GLU J 59 -20.91 -60.58 -36.21
N ALA J 60 -19.87 -59.75 -36.02
CA ALA J 60 -19.16 -59.68 -34.77
C ALA J 60 -19.94 -58.94 -33.69
N GLU J 61 -20.92 -58.12 -34.06
CA GLU J 61 -21.81 -57.52 -33.09
C GLU J 61 -22.67 -58.53 -32.35
N LYS J 62 -22.80 -59.75 -32.88
CA LYS J 62 -23.65 -60.77 -32.26
C LYS J 62 -22.90 -62.03 -31.85
N ILE J 63 -21.63 -62.19 -32.19
CA ILE J 63 -20.87 -63.38 -31.80
C ILE J 63 -20.00 -63.02 -30.59
N THR J 64 -20.12 -63.81 -29.53
CA THR J 64 -19.36 -63.57 -28.31
C THR J 64 -18.86 -64.88 -27.70
N THR J 65 -18.66 -65.90 -28.52
CA THR J 65 -18.22 -67.21 -28.02
C THR J 65 -17.13 -67.87 -28.84
N VAL J 66 -16.60 -67.21 -29.88
CA VAL J 66 -15.59 -67.77 -30.78
C VAL J 66 -16.18 -68.94 -31.58
N GLN J 67 -16.84 -69.87 -30.89
CA GLN J 67 -17.48 -71.02 -31.52
C GLN J 67 -18.38 -70.60 -32.66
N ALA J 68 -19.08 -69.48 -32.50
CA ALA J 68 -19.96 -68.97 -33.55
C ALA J 68 -19.17 -68.66 -34.80
N ALA J 69 -18.00 -68.02 -34.65
CA ALA J 69 -17.16 -67.73 -35.81
C ALA J 69 -16.55 -69.00 -36.37
N ILE J 70 -16.12 -69.92 -35.52
CA ILE J 70 -15.46 -71.14 -35.98
C ILE J 70 -16.38 -71.90 -36.89
N ASP J 71 -17.63 -72.01 -36.47
CA ASP J 71 -18.60 -72.73 -37.26
C ASP J 71 -19.03 -71.89 -38.46
N TYR J 72 -19.02 -70.56 -38.30
CA TYR J 72 -19.38 -69.66 -39.40
C TYR J 72 -18.50 -69.91 -40.60
N ILE J 73 -17.23 -70.28 -40.38
CA ILE J 73 -16.29 -70.45 -41.48
C ILE J 73 -16.78 -71.50 -42.47
N SER K 2 -89.55 9.65 9.46
CA SER K 2 -89.87 11.06 9.27
C SER K 2 -88.77 11.95 9.84
N THR K 3 -88.46 11.76 11.12
CA THR K 3 -87.41 12.52 11.79
C THR K 3 -86.17 11.70 12.09
N ILE K 4 -86.32 10.40 12.32
CA ILE K 4 -85.18 9.54 12.61
C ILE K 4 -84.24 9.48 11.41
N GLU K 5 -84.82 9.20 10.24
CA GLU K 5 -84.00 9.08 9.03
C GLU K 5 -83.34 10.41 8.66
N GLU K 6 -83.97 11.52 9.03
CA GLU K 6 -83.41 12.82 8.72
C GLU K 6 -82.07 13.04 9.41
N ARG K 7 -81.98 12.67 10.69
CA ARG K 7 -80.80 12.94 11.50
C ARG K 7 -79.67 11.94 11.30
N VAL K 8 -79.93 10.79 10.68
CA VAL K 8 -78.83 9.92 10.28
C VAL K 8 -78.06 10.54 9.12
N LYS K 9 -78.74 11.27 8.24
CA LYS K 9 -78.07 12.05 7.23
C LYS K 9 -77.27 13.20 7.84
N LYS K 10 -77.50 13.49 9.11
CA LYS K 10 -76.78 14.58 9.78
C LYS K 10 -75.44 14.11 10.31
N ILE K 11 -75.43 12.97 11.00
CA ILE K 11 -74.23 12.48 11.70
C ILE K 11 -73.07 12.30 10.74
N ILE K 12 -73.28 11.48 9.71
CA ILE K 12 -72.20 11.16 8.79
C ILE K 12 -71.78 12.40 8.00
N GLY K 13 -72.65 13.42 7.98
CA GLY K 13 -72.30 14.68 7.36
C GLY K 13 -71.53 15.62 8.27
N GLU K 14 -71.63 15.44 9.58
CA GLU K 14 -70.99 16.32 10.54
C GLU K 14 -69.47 16.21 10.48
N GLN K 15 -68.94 15.02 10.77
CA GLN K 15 -67.50 14.85 10.90
C GLN K 15 -66.77 15.04 9.58
N LEU K 16 -67.41 14.71 8.46
CA LEU K 16 -66.79 14.81 7.15
C LEU K 16 -67.08 16.12 6.45
N GLY K 17 -67.82 17.03 7.10
CA GLY K 17 -68.05 18.36 6.54
C GLY K 17 -68.77 18.36 5.21
N VAL K 18 -69.84 17.59 5.08
CA VAL K 18 -70.60 17.48 3.84
C VAL K 18 -72.06 17.79 4.12
N LYS K 19 -72.67 18.53 3.20
CA LYS K 19 -74.03 19.02 3.40
C LYS K 19 -75.03 17.86 3.37
N GLN K 20 -76.21 18.13 3.93
CA GLN K 20 -77.26 17.14 4.12
C GLN K 20 -78.10 16.89 2.87
N GLU K 21 -78.10 17.82 1.91
CA GLU K 21 -78.86 17.60 0.68
C GLU K 21 -78.25 16.49 -0.17
N GLU K 22 -76.93 16.54 -0.37
CA GLU K 22 -76.23 15.49 -1.11
C GLU K 22 -76.13 14.21 -0.29
N VAL K 23 -75.92 14.35 1.02
CA VAL K 23 -75.73 13.20 1.90
C VAL K 23 -77.11 12.70 2.33
N THR K 24 -77.50 11.53 1.85
CA THR K 24 -78.83 10.99 2.10
C THR K 24 -78.76 9.50 2.40
N ASN K 25 -79.92 8.83 2.36
CA ASN K 25 -79.96 7.39 2.56
C ASN K 25 -79.17 6.67 1.48
N ASN K 26 -79.33 7.10 0.22
CA ASN K 26 -78.65 6.44 -0.88
C ASN K 26 -77.14 6.62 -0.79
N ALA K 27 -76.68 7.78 -0.32
CA ALA K 27 -75.25 8.04 -0.19
C ALA K 27 -74.61 7.06 0.76
N SER K 28 -73.62 6.32 0.26
CA SER K 28 -73.01 5.24 1.03
C SER K 28 -72.04 5.79 2.07
N PHE K 29 -71.46 4.87 2.85
CA PHE K 29 -70.46 5.24 3.84
C PHE K 29 -69.18 5.76 3.20
N VAL K 30 -68.98 5.51 1.92
CA VAL K 30 -67.70 5.77 1.24
C VAL K 30 -67.93 6.60 -0.01
N GLU K 31 -66.86 6.75 -0.81
CA GLU K 31 -66.77 7.60 -2.00
C GLU K 31 -67.23 9.03 -1.74
N ASP K 32 -68.48 9.36 -2.06
CA ASP K 32 -68.97 10.74 -2.06
C ASP K 32 -68.64 11.50 -0.79
N LEU K 33 -68.54 10.80 0.35
CA LEU K 33 -68.17 11.47 1.59
C LEU K 33 -66.68 11.77 1.65
N GLY K 34 -65.85 10.91 1.06
CA GLY K 34 -64.42 11.08 1.14
C GLY K 34 -63.86 10.56 2.45
N ALA K 35 -64.23 9.33 2.81
CA ALA K 35 -63.84 8.73 4.08
C ALA K 35 -62.94 7.53 3.81
N ASP K 36 -61.94 7.37 4.68
CA ASP K 36 -61.04 6.23 4.63
C ASP K 36 -61.61 5.09 5.46
O 4HH K 37 -62.55 3.18 8.55
C 4HH K 37 -61.48 3.46 7.97
CA 4HH K 37 -61.21 2.97 6.56
N 4HH K 37 -60.79 4.06 5.70
CB 4HH K 37 -60.14 1.87 6.57
OG 4HH K 37 -59.94 1.33 5.28
CJ 4HH K 37 -57.55 -0.43 3.58
CK 4HH K 37 -58.39 -1.65 3.18
CL1 4HH K 37 -59.00 -1.41 1.80
CL2 4HH K 37 -59.49 -1.86 4.21
CL3 4HH K 37 -58.02 -3.95 2.21
CM 4HH K 37 -57.47 -2.88 3.15
OM 4HH K 37 -57.36 -3.41 4.45
NN 4HH K 37 -57.30 -4.27 1.00
ON 4HH K 37 -59.03 -4.52 2.47
P 4HH K 37 -58.39 1.39 5.26
O1P 4HH K 37 -58.17 0.35 6.33
O2P 4HH K 37 -57.25 2.39 5.29
O3P 4HH K 37 -58.42 0.65 3.79
CO 4HH K 37 -56.07 -3.59 0.67
CP 4HH K 37 -54.88 -4.54 0.89
CQ 4HH K 37 -53.62 -4.34 0.06
CS 4HH K 37 -51.11 -4.44 -0.11
CT 4HH K 37 -50.14 -5.60 0.12
NR 4HH K 37 -52.32 -4.62 0.66
OR 4HH K 37 -53.69 -3.95 -1.06
SU 4HH K 37 -48.90 -5.13 1.36
N LEU K 38 -60.54 4.20 8.56
CA LEU K 38 -60.72 4.71 9.91
C LEU K 38 -61.88 5.70 10.01
N ASP K 39 -62.03 6.57 9.01
CA ASP K 39 -63.16 7.49 9.01
C ASP K 39 -64.48 6.75 8.93
N THR K 40 -64.55 5.71 8.10
CA THR K 40 -65.78 4.93 7.99
C THR K 40 -66.11 4.21 9.29
N VAL K 41 -65.12 3.58 9.93
CA VAL K 41 -65.43 2.85 11.16
C VAL K 41 -65.79 3.82 12.27
N GLU K 42 -65.17 5.01 12.31
CA GLU K 42 -65.54 5.96 13.34
C GLU K 42 -66.91 6.59 13.09
N LEU K 43 -67.32 6.74 11.82
CA LEU K 43 -68.70 7.13 11.54
C LEU K 43 -69.68 6.07 12.01
N VAL K 44 -69.34 4.79 11.75
CA VAL K 44 -70.19 3.69 12.21
C VAL K 44 -70.28 3.69 13.74
N MET K 45 -69.19 4.03 14.42
CA MET K 45 -69.23 4.13 15.88
C MET K 45 -70.08 5.32 16.33
N ALA K 46 -69.87 6.50 15.75
CA ALA K 46 -70.66 7.67 16.10
C ALA K 46 -72.15 7.46 15.89
N LEU K 47 -72.53 6.60 14.94
CA LEU K 47 -73.92 6.21 14.80
C LEU K 47 -74.49 5.69 16.12
N GLU K 48 -73.78 4.81 16.81
CA GLU K 48 -74.22 4.28 18.09
C GLU K 48 -73.90 5.20 19.26
N GLU K 49 -72.89 6.06 19.14
CA GLU K 49 -72.67 7.07 20.17
C GLU K 49 -73.73 8.16 20.18
N GLU K 50 -74.51 8.29 19.11
CA GLU K 50 -75.64 9.21 19.12
C GLU K 50 -76.98 8.51 19.29
N PHE K 51 -77.32 7.55 18.43
CA PHE K 51 -78.62 6.89 18.55
C PHE K 51 -78.63 5.75 19.56
N ASP K 52 -77.51 5.50 20.23
CA ASP K 52 -77.44 4.54 21.34
C ASP K 52 -77.76 3.11 20.88
N THR K 53 -77.19 2.75 19.72
CA THR K 53 -77.19 1.34 19.32
C THR K 53 -75.90 0.71 19.81
N GLU K 54 -75.63 -0.54 19.41
CA GLU K 54 -74.45 -1.23 19.91
C GLU K 54 -73.70 -1.96 18.78
N ILE K 55 -73.40 -1.27 17.69
CA ILE K 55 -72.90 -1.88 16.45
C ILE K 55 -71.71 -2.81 16.72
N PRO K 56 -71.72 -4.03 16.18
CA PRO K 56 -70.62 -4.98 16.43
C PRO K 56 -69.56 -5.01 15.34
N ASP K 57 -69.74 -4.19 14.29
CA ASP K 57 -68.93 -4.18 13.07
C ASP K 57 -69.20 -5.43 12.24
N GLU K 58 -69.95 -6.39 12.80
CA GLU K 58 -70.33 -7.58 12.05
C GLU K 58 -71.53 -7.32 11.15
N GLU K 59 -72.41 -6.41 11.54
CA GLU K 59 -73.37 -5.86 10.60
C GLU K 59 -72.72 -4.88 9.64
N ALA K 60 -71.64 -4.22 10.06
CA ALA K 60 -70.92 -3.29 9.20
C ALA K 60 -70.09 -3.99 8.13
N GLU K 61 -69.76 -5.26 8.33
CA GLU K 61 -69.09 -6.03 7.29
C GLU K 61 -69.98 -6.24 6.06
N LYS K 62 -71.29 -6.04 6.18
CA LYS K 62 -72.20 -6.26 5.06
C LYS K 62 -72.97 -5.03 4.63
N ILE K 63 -72.91 -3.91 5.36
CA ILE K 63 -73.62 -2.70 4.98
C ILE K 63 -72.62 -1.76 4.29
N THR K 64 -72.98 -1.29 3.09
CA THR K 64 -72.11 -0.39 2.34
C THR K 64 -72.93 0.70 1.64
N THR K 65 -74.09 1.06 2.19
CA THR K 65 -74.96 2.05 1.56
C THR K 65 -75.55 3.07 2.53
N VAL K 66 -75.20 3.03 3.82
CA VAL K 66 -75.75 3.92 4.86
C VAL K 66 -77.23 3.62 5.05
N GLN K 67 -77.99 3.56 3.97
CA GLN K 67 -79.43 3.26 4.00
C GLN K 67 -79.70 2.00 4.81
N ALA K 68 -78.84 0.99 4.69
CA ALA K 68 -79.00 -0.24 5.44
C ALA K 68 -78.96 0.03 6.95
N ALA K 69 -78.01 0.88 7.39
CA ALA K 69 -77.95 1.23 8.81
C ALA K 69 -79.13 2.10 9.21
N ILE K 70 -79.53 3.04 8.36
CA ILE K 70 -80.60 3.97 8.71
C ILE K 70 -81.86 3.20 9.00
N ASP K 71 -82.14 2.22 8.14
CA ASP K 71 -83.34 1.43 8.32
C ASP K 71 -83.12 0.44 9.45
N TYR K 72 -81.89 -0.02 9.65
CA TYR K 72 -81.57 -0.95 10.74
C TYR K 72 -82.00 -0.37 12.07
N ILE K 73 -81.90 0.95 12.23
CA ILE K 73 -82.20 1.58 13.51
C ILE K 73 -83.63 1.28 13.95
N SER L 2 -70.92 46.44 31.91
CA SER L 2 -71.88 45.48 32.44
C SER L 2 -71.90 44.21 31.60
N THR L 3 -72.14 44.37 30.30
CA THR L 3 -72.17 43.26 29.36
C THR L 3 -70.98 43.22 28.43
N ILE L 4 -70.42 44.39 28.09
CA ILE L 4 -69.26 44.44 27.19
C ILE L 4 -68.06 43.75 27.85
N GLU L 5 -67.77 44.13 29.09
CA GLU L 5 -66.62 43.57 29.80
C GLU L 5 -66.79 42.08 30.03
N GLU L 6 -68.03 41.61 30.15
CA GLU L 6 -68.28 40.19 30.38
C GLU L 6 -67.80 39.34 29.22
N ARG L 7 -68.09 39.78 27.99
CA ARG L 7 -67.79 38.99 26.80
C ARG L 7 -66.34 39.09 26.33
N VAL L 8 -65.57 40.07 26.80
CA VAL L 8 -64.14 40.05 26.55
C VAL L 8 -63.47 38.93 27.34
N LYS L 9 -63.99 38.62 28.53
CA LYS L 9 -63.53 37.43 29.26
C LYS L 9 -63.93 36.16 28.55
N LYS L 10 -64.83 36.25 27.55
CA LYS L 10 -65.27 35.07 26.82
C LYS L 10 -64.32 34.73 25.69
N ILE L 11 -63.93 35.74 24.89
CA ILE L 11 -63.14 35.54 23.68
C ILE L 11 -61.82 34.86 23.99
N ILE L 12 -61.02 35.47 24.88
CA ILE L 12 -59.70 34.93 25.16
C ILE L 12 -59.81 33.58 25.87
N GLY L 13 -60.98 33.29 26.43
CA GLY L 13 -61.22 31.98 27.02
C GLY L 13 -61.64 30.92 26.02
N GLU L 14 -62.18 31.34 24.87
CA GLU L 14 -62.68 30.39 23.87
C GLU L 14 -61.55 29.58 23.24
N GLN L 15 -60.62 30.26 22.59
CA GLN L 15 -59.60 29.57 21.80
C GLN L 15 -58.63 28.78 22.68
N LEU L 16 -58.38 29.26 23.90
CA LEU L 16 -57.45 28.61 24.82
C LEU L 16 -58.12 27.63 25.76
N GLY L 17 -59.42 27.44 25.65
CA GLY L 17 -60.13 26.44 26.45
C GLY L 17 -60.03 26.65 27.95
N VAL L 18 -60.25 27.88 28.40
CA VAL L 18 -60.16 28.22 29.82
C VAL L 18 -61.46 28.88 30.26
N LYS L 19 -61.92 28.52 31.45
CA LYS L 19 -63.21 28.97 31.94
C LYS L 19 -63.20 30.46 32.24
N GLN L 20 -64.41 31.03 32.30
CA GLN L 20 -64.61 32.46 32.43
C GLN L 20 -64.50 32.95 33.87
N GLU L 21 -64.63 32.07 34.86
CA GLU L 21 -64.48 32.51 36.25
C GLU L 21 -63.04 32.89 36.56
N GLU L 22 -62.08 32.05 36.18
CA GLU L 22 -60.66 32.36 36.36
C GLU L 22 -60.20 33.44 35.40
N VAL L 23 -60.71 33.41 34.18
CA VAL L 23 -60.30 34.35 33.13
C VAL L 23 -61.13 35.61 33.27
N THR L 24 -60.49 36.70 33.68
CA THR L 24 -61.19 37.95 33.96
C THR L 24 -60.39 39.14 33.45
N ASN L 25 -60.78 40.34 33.88
CA ASN L 25 -60.04 41.54 33.50
C ASN L 25 -58.61 41.49 34.00
N ASN L 26 -58.42 41.05 35.25
CA ASN L 26 -57.09 41.00 35.83
C ASN L 26 -56.20 39.98 35.11
N ALA L 27 -56.79 38.87 34.68
CA ALA L 27 -56.02 37.84 33.98
C ALA L 27 -55.42 38.39 32.70
N SER L 28 -54.09 38.32 32.60
CA SER L 28 -53.38 38.94 31.49
C SER L 28 -53.50 38.09 30.23
N PHE L 29 -52.90 38.60 29.14
CA PHE L 29 -52.88 37.87 27.88
C PHE L 29 -52.03 36.60 27.97
N VAL L 30 -51.18 36.48 28.98
CA VAL L 30 -50.17 35.43 29.06
C VAL L 30 -50.27 34.71 30.40
N GLU L 31 -49.28 33.84 30.66
CA GLU L 31 -49.19 32.93 31.81
C GLU L 31 -50.46 32.10 32.00
N ASP L 32 -51.37 32.53 32.88
CA ASP L 32 -52.51 31.73 33.31
C ASP L 32 -53.29 31.11 32.15
N LEU L 33 -53.31 31.79 31.00
CA LEU L 33 -54.00 31.23 29.83
C LEU L 33 -53.18 30.12 29.18
N GLY L 34 -51.86 30.23 29.20
CA GLY L 34 -51.01 29.26 28.52
C GLY L 34 -50.90 29.54 27.05
N ALA L 35 -50.59 30.79 26.70
CA ALA L 35 -50.52 31.24 25.32
C ALA L 35 -49.09 31.62 24.97
N ASP L 36 -48.70 31.29 23.74
CA ASP L 36 -47.39 31.67 23.23
C ASP L 36 -47.47 33.04 22.56
O 4HH L 37 -48.33 35.57 19.94
C 4HH L 37 -47.53 34.63 20.02
CA 4HH L 37 -46.43 34.65 21.08
N 4HH L 37 -46.41 33.39 21.83
CB 4HH L 37 -45.07 34.90 20.44
OG 4HH L 37 -44.05 35.01 21.41
CJ 4HH L 37 -40.64 34.74 21.60
CK 4HH L 37 -40.32 36.14 22.13
CL1 4HH L 37 -40.28 36.10 23.67
CL2 4HH L 37 -41.40 37.11 21.68
CL3 4HH L 37 -38.30 37.61 22.49
CM 4HH L 37 -38.97 36.58 21.58
OM 4HH L 37 -39.14 37.13 20.30
NN 4HH L 37 -37.08 37.25 23.20
ON 4HH L 37 -38.76 38.69 22.61
P 4HH L 37 -43.02 34.04 20.76
O1P 4HH L 37 -42.84 32.58 20.39
O2P 4HH L 37 -42.73 34.90 19.56
O3P 4HH L 37 -41.95 34.43 21.96
CO 4HH L 37 -36.50 35.94 23.06
CP 4HH L 37 -35.24 36.03 22.20
CQ 4HH L 37 -34.13 35.00 22.41
CS 4HH L 37 -32.28 33.58 21.46
CT 4HH L 37 -31.05 33.97 20.64
NR 4HH L 37 -33.34 34.56 21.27
OR 4HH L 37 -33.91 34.56 23.49
SU 4HH L 37 -31.01 33.05 19.07
N LEU L 38 -47.58 33.57 19.22
CA LEU L 38 -48.58 33.48 18.16
C LEU L 38 -50.00 33.40 18.74
N ASP L 39 -50.18 32.64 19.83
CA ASP L 39 -51.49 32.57 20.46
C ASP L 39 -51.92 33.93 20.99
N THR L 40 -50.99 34.67 21.60
CA THR L 40 -51.32 35.99 22.12
C THR L 40 -51.70 36.95 21.00
N VAL L 41 -50.93 36.97 19.90
CA VAL L 41 -51.25 37.92 18.84
C VAL L 41 -52.56 37.53 18.16
N GLU L 42 -52.84 36.23 18.03
CA GLU L 42 -54.11 35.84 17.43
C GLU L 42 -55.29 36.11 18.35
N LEU L 43 -55.11 36.05 19.67
CA LEU L 43 -56.15 36.50 20.58
C LEU L 43 -56.39 38.00 20.43
N VAL L 44 -55.31 38.77 20.32
CA VAL L 44 -55.43 40.21 20.10
C VAL L 44 -56.17 40.50 18.81
N MET L 45 -55.93 39.69 17.76
CA MET L 45 -56.65 39.85 16.50
C MET L 45 -58.12 39.48 16.66
N ALA L 46 -58.42 38.34 17.27
CA ALA L 46 -59.80 37.92 17.47
C ALA L 46 -60.60 38.94 18.28
N LEU L 47 -59.93 39.69 19.17
CA LEU L 47 -60.61 40.80 19.84
C LEU L 47 -61.26 41.75 18.83
N GLU L 48 -60.55 42.12 17.77
CA GLU L 48 -61.10 43.01 16.75
C GLU L 48 -61.94 42.26 15.72
N GLU L 49 -61.70 40.97 15.51
CA GLU L 49 -62.60 40.20 14.66
C GLU L 49 -63.96 39.96 15.28
N GLU L 50 -64.10 40.15 16.59
CA GLU L 50 -65.42 40.09 17.21
C GLU L 50 -65.99 41.45 17.54
N PHE L 51 -65.28 42.29 18.30
CA PHE L 51 -65.83 43.59 18.67
C PHE L 51 -65.61 44.65 17.60
N ASP L 52 -64.99 44.29 16.47
CA ASP L 52 -64.87 45.20 15.32
C ASP L 52 -64.04 46.43 15.65
N THR L 53 -62.94 46.23 16.37
CA THR L 53 -61.93 47.28 16.51
C THR L 53 -60.90 47.10 15.41
N GLU L 54 -59.81 47.86 15.46
CA GLU L 54 -58.81 47.80 14.39
C GLU L 54 -57.39 47.76 14.96
N ILE L 55 -57.10 46.87 15.89
CA ILE L 55 -55.87 46.88 16.68
C ILE L 55 -54.63 46.95 15.78
N PRO L 56 -53.68 47.85 16.08
CA PRO L 56 -52.49 47.99 15.23
C PRO L 56 -51.26 47.22 15.73
N ASP L 57 -51.41 46.52 16.86
CA ASP L 57 -50.34 45.86 17.59
C ASP L 57 -49.41 46.88 18.25
N GLU L 58 -49.61 48.17 17.94
CA GLU L 58 -48.85 49.22 18.58
C GLU L 58 -49.42 49.59 19.94
N GLU L 59 -50.73 49.44 20.11
CA GLU L 59 -51.30 49.42 21.46
C GLU L 59 -51.00 48.12 22.18
N ALA L 60 -50.84 47.02 21.43
CA ALA L 60 -50.52 45.73 22.03
C ALA L 60 -49.08 45.63 22.50
N GLU L 61 -48.19 46.48 21.99
CA GLU L 61 -46.83 46.54 22.50
C GLU L 61 -46.77 47.04 23.95
N LYS L 62 -47.84 47.67 24.45
CA LYS L 62 -47.83 48.21 25.80
C LYS L 62 -48.91 47.62 26.71
N ILE L 63 -49.82 46.81 26.20
CA ILE L 63 -50.86 46.20 27.04
C ILE L 63 -50.45 44.77 27.35
N THR L 64 -50.43 44.42 28.65
CA THR L 64 -50.05 43.08 29.07
C THR L 64 -50.92 42.59 30.22
N THR L 65 -52.17 43.07 30.30
CA THR L 65 -53.08 42.70 31.38
C THR L 65 -54.49 42.39 30.93
N VAL L 66 -54.79 42.40 29.63
CA VAL L 66 -56.15 42.18 29.09
C VAL L 66 -57.07 43.32 29.51
N GLN L 67 -57.07 43.66 30.81
CA GLN L 67 -57.88 44.74 31.35
C GLN L 67 -57.69 46.03 30.57
N ALA L 68 -56.46 46.29 30.13
CA ALA L 68 -56.17 47.48 29.35
C ALA L 68 -56.96 47.47 28.05
N ALA L 69 -57.01 46.32 27.37
CA ALA L 69 -57.78 46.22 26.15
C ALA L 69 -59.28 46.28 26.43
N ILE L 70 -59.74 45.63 27.49
CA ILE L 70 -61.17 45.57 27.80
C ILE L 70 -61.69 46.98 27.98
N ASP L 71 -60.94 47.78 28.71
CA ASP L 71 -61.36 49.14 28.95
C ASP L 71 -61.12 49.99 27.71
N TYR L 72 -60.11 49.64 26.92
CA TYR L 72 -59.82 50.37 25.68
C TYR L 72 -61.03 50.36 24.77
N ILE L 73 -61.81 49.29 24.80
CA ILE L 73 -62.95 49.15 23.89
C ILE L 73 -63.94 50.29 24.07
P AMP M . -42.10 -6.00 7.09
O1P AMP M . -42.23 -6.50 5.70
O2P AMP M . -42.89 -4.69 7.21
O3P AMP M . -40.63 -5.73 7.40
O5' AMP M . -42.72 -7.14 8.17
C5' AMP M . -43.01 -8.42 7.73
C4' AMP M . -43.71 -9.19 8.86
O4' AMP M . -44.81 -9.80 8.40
C3' AMP M . -42.76 -10.36 9.40
O3' AMP M . -41.85 -9.85 10.39
C2' AMP M . -43.58 -11.28 9.94
O2' AMP M . -43.75 -11.04 11.38
C1' AMP M . -44.93 -11.11 9.21
N9 AMP M . -45.17 -12.15 8.40
C8 AMP M . -44.79 -12.27 7.14
N7 AMP M . -45.19 -13.44 6.65
C5 AMP M . -45.84 -14.08 7.63
C6 AMP M . -46.46 -15.30 7.71
N6 AMP M . -46.52 -16.21 6.57
N1 AMP M . -47.03 -15.63 8.88
C2 AMP M . -46.99 -14.83 9.90
N3 AMP M . -46.40 -13.65 9.84
C4 AMP M . -45.82 -13.26 8.74
C1 OLA N . -47.90 -6.70 1.60
O1 OLA N . -47.48 -6.73 0.27
C2 OLA N . -46.95 -7.59 2.40
C3 OLA N . -45.52 -7.05 2.41
C4 OLA N . -44.97 -6.92 3.82
C5 OLA N . -44.60 -8.25 4.46
C6 OLA N . -43.75 -9.13 3.53
C7 OLA N . -44.48 -10.42 3.16
C8 OLA N . -43.56 -11.63 3.09
C9 OLA N . -43.01 -11.83 1.68
C10 OLA N . -43.14 -12.98 1.06
C11 OLA N . -43.83 -14.17 1.71
C12 OLA N . -43.25 -15.49 1.19
C13 OLA N . -44.05 -16.10 0.05
C14 OLA N . -43.26 -16.07 -1.26
C15 OLA N . -43.98 -16.72 -2.43
C16 OLA N . -43.02 -17.44 -3.39
C17 OLA N . -43.75 -18.37 -4.34
C18 OLA N . -44.19 -19.68 -3.68
P AMP O . 41.36 11.30 -4.29
O1P AMP O . 39.85 11.38 -4.42
O2P AMP O . 41.84 12.27 -3.22
O3P AMP O . 41.75 9.92 -3.89
O5' AMP O . 42.09 11.69 -5.77
C5' AMP O . 42.69 10.68 -6.52
C4' AMP O . 43.40 11.33 -7.72
O4' AMP O . 44.65 10.85 -7.84
C3' AMP O . 42.67 10.93 -9.09
O3' AMP O . 41.57 11.83 -9.35
C2' AMP O . 43.59 11.04 -10.05
O2' AMP O . 43.55 12.38 -10.67
C1' AMP O . 44.95 10.83 -9.34
N9 AMP O . 45.49 9.64 -9.71
C8 AMP O . 45.28 8.48 -9.12
N7 AMP O . 45.98 7.54 -9.76
C5 AMP O . 46.64 8.11 -10.76
C6 AMP O . 47.49 7.65 -11.73
N6 AMP O . 47.85 6.24 -11.80
N1 AMP O . 47.97 8.54 -12.61
C2 AMP O . 47.66 9.79 -12.55
N3 AMP O . 46.84 10.26 -11.62
C4 AMP O . 46.32 9.46 -10.73
C1 OLA P . 47.75 7.67 -1.09
O1 OLA P . 47.50 6.47 -0.38
C2 OLA P . 46.93 7.63 -2.37
C3 OLA P . 45.43 7.62 -2.10
C4 OLA P . 44.71 8.75 -2.85
C5 OLA P . 44.56 8.45 -4.35
C6 OLA P . 44.02 7.04 -4.63
C7 OLA P . 45.04 6.20 -5.38
C8 OLA P . 44.41 5.28 -6.42
C9 OLA P . 44.07 3.91 -5.84
C10 OLA P . 44.50 2.81 -6.41
C11 OLA P . 45.36 2.83 -7.67
C12 OLA P . 45.12 1.58 -8.51
C13 OLA P . 46.15 0.49 -8.27
C14 OLA P . 45.52 -0.72 -7.57
C15 OLA P . 46.48 -1.89 -7.36
C16 OLA P . 45.81 -3.25 -7.50
C17 OLA P . 46.81 -4.39 -7.63
C18 OLA P . 47.45 -4.46 -9.02
C1 OLA Q . 19.56 39.37 20.17
O1 OLA Q . 18.68 39.77 19.14
C2 OLA Q . 18.83 38.33 21.02
C3 OLA Q . 18.53 37.07 20.23
C4 OLA Q . 19.05 35.81 20.93
C5 OLA Q . 18.20 35.42 22.13
C6 OLA Q . 16.71 35.39 21.84
C7 OLA Q . 15.96 36.43 22.67
C8 OLA Q . 14.59 35.95 23.15
C9 OLA Q . 13.49 36.31 22.16
C10 OLA Q . 12.42 36.97 22.55
C11 OLA Q . 12.22 37.40 23.99
C12 OLA Q . 10.74 37.45 24.35
C13 OLA Q . 10.13 38.84 24.22
C14 OLA Q . 9.13 38.91 23.07
C15 OLA Q . 8.44 40.27 22.93
C16 OLA Q . 6.99 40.14 22.47
C17 OLA Q . 6.20 41.43 22.66
C18 OLA Q . 5.81 41.68 24.12
P AMP R . 19.89 31.52 21.65
O1P AMP R . 18.91 32.47 21.08
O2P AMP R . 21.28 31.84 21.10
O3P AMP R . 19.50 30.10 21.24
O5' AMP R . 19.90 31.64 23.34
C5' AMP R . 18.90 32.35 23.97
C4' AMP R . 19.24 32.44 25.48
O4' AMP R . 19.12 33.71 25.91
C3' AMP R . 18.19 31.60 26.34
O3' AMP R . 18.59 30.21 26.40
C2' AMP R . 18.20 32.14 27.57
O2' AMP R . 19.16 31.44 28.44
C1' AMP R . 18.63 33.61 27.37
N9 AMP R . 17.60 34.44 27.60
C8 AMP R . 16.71 34.84 26.70
N7 AMP R . 15.84 35.66 27.28
C5 AMP R . 16.17 35.77 28.55
C6 AMP R . 15.64 36.46 29.63
N6 AMP R . 14.45 37.31 29.47
N1 AMP R . 16.24 36.34 30.80
C2 AMP R . 17.30 35.60 30.96
N3 AMP R . 17.83 34.92 29.95
C4 AMP R . 17.29 34.99 28.76
P AMP S . 23.45 -33.96 -12.41
O1P AMP S . 24.35 -33.03 -13.14
O2P AMP S . 22.75 -34.85 -13.43
O3P AMP S . 22.43 -33.16 -11.63
O5' AMP S . 24.36 -34.92 -11.34
C5' AMP S . 25.68 -34.59 -11.10
C4' AMP S . 26.32 -35.71 -10.23
O4' AMP S . 27.50 -36.09 -10.75
C3' AMP S . 26.64 -35.17 -8.77
O3' AMP S . 25.47 -35.27 -7.92
C2' AMP S . 27.63 -35.94 -8.29
O2' AMP S . 27.08 -37.08 -7.52
C1' AMP S . 28.37 -36.47 -9.54
N9 AMP S . 29.59 -35.90 -9.64
C8 AMP S . 29.88 -34.76 -10.23
N7 AMP S . 31.18 -34.53 -10.12
C5 AMP S . 31.73 -35.50 -9.43
C6 AMP S . 33.00 -35.79 -9.00
N6 AMP S . 34.12 -34.90 -9.31
N1 AMP S . 33.19 -36.92 -8.31
C2 AMP S . 32.22 -37.72 -8.03
N3 AMP S . 30.98 -37.48 -8.43
C4 AMP S . 30.71 -36.40 -9.11
C1 OLA T . 28.56 -34.35 -18.57
O1 OLA T . 28.78 -33.15 -19.27
C2 OLA T . 28.58 -34.04 -17.08
C3 OLA T . 27.44 -33.11 -16.67
C4 OLA T . 26.62 -33.69 -15.52
C5 OLA T . 27.34 -33.59 -14.18
C6 OLA T . 27.91 -32.20 -13.90
C7 OLA T . 29.44 -32.24 -13.81
C8 OLA T . 30.00 -31.30 -12.75
C9 OLA T . 30.32 -29.93 -13.32
C10 OLA T . 31.51 -29.38 -13.18
C11 OLA T . 32.62 -30.10 -12.43
C12 OLA T . 33.55 -29.09 -11.76
C13 OLA T . 34.80 -28.80 -12.60
C14 OLA T . 34.78 -27.35 -13.12
C15 OLA T . 36.03 -26.97 -13.90
C16 OLA T . 36.43 -25.51 -13.69
C17 OLA T . 37.85 -25.22 -14.19
C18 OLA T . 38.92 -25.74 -13.23
P AMP U . -14.34 -33.46 -23.09
O1P AMP U . -13.60 -32.18 -22.77
O2P AMP U . -13.35 -34.62 -23.15
O3P AMP U . -15.32 -33.74 -22.01
O5' AMP U . -15.14 -33.31 -24.57
C5' AMP U . -16.52 -33.20 -24.60
C4' AMP U . -16.99 -33.24 -26.06
O4' AMP U . -18.01 -34.11 -26.21
C3' AMP U . -17.58 -31.82 -26.50
O3' AMP U . -16.51 -30.96 -26.94
C2' AMP U . -18.43 -32.07 -27.51
O2' AMP U . -17.75 -31.95 -28.81
C1' AMP U . -18.91 -33.52 -27.31
N9 AMP U . -20.20 -33.54 -26.92
C8 AMP U . -20.66 -33.48 -25.69
N7 AMP U . -21.99 -33.52 -25.70
C5 AMP U . -22.39 -33.61 -26.96
C6 AMP U . -23.61 -33.69 -27.57
N6 AMP U . -24.84 -33.68 -26.80
N1 AMP U . -23.63 -33.77 -28.91
C2 AMP U . -22.55 -33.78 -29.61
N3 AMP U . -21.36 -33.71 -29.05
C4 AMP U . -21.24 -33.63 -27.75
C1 OLA V . -18.54 -39.75 -20.43
O1 OLA V . -18.93 -39.70 -19.09
C2 OLA V . -18.79 -38.37 -21.03
C3 OLA V . -17.92 -37.29 -20.39
C4 OLA V . -17.13 -36.50 -21.43
C5 OLA V . -18.00 -35.51 -22.20
C6 OLA V . -18.88 -34.65 -21.28
C7 OLA V . -20.36 -34.91 -21.54
C8 OLA V . -21.22 -33.66 -21.45
C9 OLA V . -21.75 -33.44 -20.04
C10 OLA V . -23.03 -33.28 -19.82
C11 OLA V . -24.06 -33.28 -20.94
C12 OLA V . -25.24 -32.40 -20.61
C13 OLA V . -26.43 -33.17 -20.02
C14 OLA V . -26.65 -32.81 -18.56
C15 OLA V . -27.86 -33.49 -17.93
C16 OLA V . -28.57 -32.62 -16.91
C17 OLA V . -29.95 -33.15 -16.55
C18 OLA V . -30.99 -32.89 -17.63
P AMP W . -28.30 30.58 11.05
O1P AMP W . -27.58 29.56 10.17
O2P AMP W . -29.66 30.02 11.47
O3P AMP W . -27.49 30.84 12.27
O5' AMP W . -28.52 32.01 10.18
C5' AMP W . -27.77 33.12 10.52
C4' AMP W . -28.29 34.32 9.69
O4' AMP W . -28.48 35.39 10.48
C3' AMP W . -27.19 34.78 8.62
O3' AMP W . -27.29 34.00 7.42
C2' AMP W . -27.44 36.08 8.36
O2' AMP W . -28.32 36.20 7.18
C1' AMP W . -28.14 36.62 9.62
N9 AMP W . -27.34 37.47 10.28
C8 AMP W . -26.47 37.15 11.22
N7 AMP W . -25.85 38.24 11.64
C5 AMP W . -26.33 39.28 10.97
C6 AMP W . -26.08 40.63 10.98
N6 AMP W . -25.09 41.21 11.89
N1 AMP W . -26.78 41.40 10.13
C2 AMP W . -27.66 40.90 9.33
N3 AMP W . -27.93 39.60 9.30
C4 AMP W . -27.29 38.79 10.10
C1 OLA X . -29.47 33.71 18.33
O1 OLA X . -28.58 33.28 19.33
C2 OLA X . -28.64 33.98 17.07
C3 OLA X . -27.98 32.72 16.53
C4 OLA X . -28.31 32.51 15.06
C5 OLA X . -27.53 33.45 14.13
C6 OLA X . -26.04 33.50 14.44
C7 OLA X . -25.62 34.90 14.90
C8 OLA X . -24.24 35.31 14.39
C9 OLA X . -23.15 34.93 15.36
C10 OLA X . -22.29 35.82 15.79
C11 OLA X . -22.34 37.27 15.34
C12 OLA X . -20.95 37.90 15.34
C13 OLA X . -20.64 38.68 16.61
C14 OLA X . -19.55 38.00 17.44
C15 OLA X . -19.15 38.76 18.69
C16 OLA X . -17.66 38.63 19.02
C17 OLA X . -17.19 39.65 20.05
C18 OLA X . -17.01 41.04 19.45
#